data_9OOP
#
_entry.id   9OOP
#
_cell.length_a   1.00
_cell.length_b   1.00
_cell.length_c   1.00
_cell.angle_alpha   90.00
_cell.angle_beta   90.00
_cell.angle_gamma   90.00
#
_symmetry.space_group_name_H-M   'P 1'
#
_entity_poly.entity_id   1
_entity_poly.type   'polypeptide(L)'
_entity_poly.pdbx_seq_one_letter_code
;IHIGAIFDESAKKDDEVFRTAVGDLNQNEEILQTEKITFSVTFVDGNNPFQAVQEACELMNQGILALVSSIGCTSAGSLQ
SLADAMHIPHLFIQRSTAGTPRSGCGLTRSNRNDDYTLSVRPPVYLHDVILRVVTEYAWQKFIIFYDSEYDIRGIQEFLD
KVSQQGMDVALQKVENNINKMITTLFDTMRIEELNRYRDTLRRAILVMNPATAKSFITEVVETNLVAFDCHWIIINEEIN
DVDVQELVRRSIGRLTIIRQTFPVPQNISQRCFRGNHRISSTLCDPKDPFAQNMEISNLYIYDTVLLLANAFHKKLEDRK
WHSMASLSCIRKNSKPWQGGRSMLETIKKGGVSGLTGELEFGENGGNPNVHFEILGTNYGEELGRGVRKLGCWNPVTGLN
GSLTDKKLENNMRGVVLRVVTVLEEPFVMVSENVLGKPKKYQGFSIDVLDALSNYLGFNYEIYVAPDHKYGSPQEDGTWN
GLVGELVFKRADIGISALTITPDRENVVDFTTRYMDYSVGVLLRTLATRMMMGAWWLFALIVISSYTANLAAFLTITRIE
SSIQSLQDLSKQTEIPYGTVLDSAVYEHVRMKGLNPFERDSMYSQMWWMINRSNGSENNVLESQAGIQKVKYGNYAFVWD
AAVLEYVAINDPDCSFYTIGNTVADRGYGIALQHGSPYRDVFSQRILELQQNGDMDILKHKWWPKNGQCD
;
_entity_poly.pdbx_strand_id   A,B,C,D
#
# COMPACT_ATOMS: atom_id res chain seq x y z
N ILE A 1 38.72 31.59 35.14
CA ILE A 1 38.60 30.60 34.07
C ILE A 1 37.68 31.11 32.96
N HIS A 2 38.22 31.20 31.75
CA HIS A 2 37.46 31.69 30.60
C HIS A 2 37.75 30.81 29.39
N ILE A 3 36.70 30.56 28.61
CA ILE A 3 36.78 29.72 27.41
C ILE A 3 36.40 30.56 26.20
N GLY A 4 37.14 30.38 25.11
CA GLY A 4 36.83 31.02 23.83
C GLY A 4 36.30 29.99 22.85
N ALA A 5 35.22 30.34 22.17
CA ALA A 5 34.64 29.45 21.18
C ALA A 5 34.25 30.21 19.92
N ILE A 6 34.57 29.64 18.76
CA ILE A 6 34.40 30.26 17.46
C ILE A 6 33.59 29.31 16.60
N PHE A 7 32.58 29.83 15.91
CA PHE A 7 31.67 28.98 15.14
C PHE A 7 31.40 29.58 13.76
N ASP A 8 31.19 28.68 12.80
CA ASP A 8 30.58 29.05 11.54
C ASP A 8 29.19 29.62 11.79
N GLU A 9 28.85 30.67 11.04
CA GLU A 9 27.60 31.41 11.21
C GLU A 9 26.36 30.53 11.26
N SER A 10 26.42 29.30 10.74
CA SER A 10 25.28 28.39 10.79
C SER A 10 25.20 27.56 12.07
N ALA A 11 26.24 27.61 12.92
CA ALA A 11 26.42 26.62 13.98
C ALA A 11 25.51 26.85 15.19
N LYS A 12 24.29 27.35 14.97
CA LYS A 12 23.40 27.72 16.06
C LYS A 12 23.18 26.56 17.04
N LYS A 13 22.99 25.35 16.53
CA LYS A 13 22.82 24.20 17.40
C LYS A 13 24.10 23.86 18.16
N ASP A 14 25.26 24.14 17.57
CA ASP A 14 26.51 23.98 18.31
C ASP A 14 26.58 24.98 19.44
N ASP A 15 26.15 26.22 19.21
CA ASP A 15 26.18 27.23 20.26
C ASP A 15 25.26 26.82 21.41
N GLU A 16 24.01 26.50 21.09
CA GLU A 16 23.02 26.14 22.10
C GLU A 16 23.46 24.93 22.93
N VAL A 17 24.05 23.93 22.30
CA VAL A 17 24.58 22.80 23.07
C VAL A 17 25.81 23.19 23.87
N PHE A 18 26.68 24.03 23.30
CA PHE A 18 27.87 24.45 24.04
C PHE A 18 27.47 25.16 25.33
N ARG A 19 26.47 26.03 25.26
CA ARG A 19 26.00 26.70 26.47
C ARG A 19 25.32 25.73 27.44
N THR A 20 24.50 24.81 26.93
CA THR A 20 23.85 23.83 27.82
C THR A 20 24.88 22.99 28.56
N ALA A 21 25.98 22.64 27.91
CA ALA A 21 27.03 21.85 28.56
C ALA A 21 27.69 22.62 29.70
N VAL A 22 28.02 23.90 29.49
CA VAL A 22 28.57 24.69 30.59
C VAL A 22 27.54 24.88 31.70
N GLY A 23 26.26 24.99 31.35
CA GLY A 23 25.21 24.96 32.35
C GLY A 23 25.27 23.76 33.26
N ASP A 24 25.28 22.57 32.66
CA ASP A 24 25.40 21.33 33.43
C ASP A 24 26.68 21.30 34.26
N LEU A 25 27.81 21.67 33.68
CA LEU A 25 29.07 21.59 34.42
C LEU A 25 29.10 22.57 35.58
N ASN A 26 28.51 23.76 35.42
CA ASN A 26 28.37 24.71 36.51
C ASN A 26 27.32 24.28 37.51
N GLN A 27 26.49 23.30 37.17
CA GLN A 27 25.61 22.69 38.17
C GLN A 27 26.21 21.44 38.81
N ASN A 28 27.09 20.73 38.11
CA ASN A 28 27.83 19.61 38.70
C ASN A 28 28.94 20.15 39.59
N GLU A 29 28.54 20.62 40.77
CA GLU A 29 29.42 21.32 41.71
C GLU A 29 30.41 20.40 42.42
N GLU A 30 30.43 19.10 42.10
CA GLU A 30 31.42 18.21 42.68
C GLU A 30 32.83 18.54 42.22
N ILE A 31 32.98 19.05 41.01
CA ILE A 31 34.26 19.24 40.35
C ILE A 31 34.32 20.65 39.81
N LEU A 32 35.47 21.30 39.96
CA LEU A 32 35.59 22.77 39.93
C LEU A 32 34.61 23.40 40.92
N GLN A 33 34.96 23.24 42.20
CA GLN A 33 34.05 23.52 43.30
C GLN A 33 33.98 25.01 43.62
N THR A 34 35.12 25.68 43.67
CA THR A 34 35.22 27.03 44.19
C THR A 34 35.26 28.09 43.10
N GLU A 35 35.32 27.71 41.83
CA GLU A 35 35.36 28.63 40.71
C GLU A 35 34.53 28.02 39.59
N LYS A 36 33.92 28.87 38.76
CA LYS A 36 32.99 28.38 37.75
C LYS A 36 33.37 28.89 36.37
N ILE A 37 33.02 28.08 35.37
CA ILE A 37 33.44 28.30 33.99
C ILE A 37 32.64 29.44 33.37
N THR A 38 33.32 30.25 32.55
CA THR A 38 32.73 31.37 31.83
C THR A 38 33.26 31.35 30.40
N PHE A 39 32.46 31.86 29.47
CA PHE A 39 32.79 31.73 28.06
C PHE A 39 32.44 32.99 27.30
N SER A 40 33.09 33.15 26.14
CA SER A 40 32.76 34.15 25.15
C SER A 40 32.59 33.49 23.78
N VAL A 41 31.55 33.89 23.06
CA VAL A 41 31.18 33.26 21.80
C VAL A 41 31.21 34.32 20.71
N THR A 42 31.72 33.93 19.53
CA THR A 42 31.76 34.81 18.37
C THR A 42 31.42 34.01 17.12
N PHE A 43 30.35 34.40 16.43
CA PHE A 43 30.11 33.91 15.08
C PHE A 43 31.01 34.63 14.09
N VAL A 44 31.45 33.91 13.06
CA VAL A 44 32.15 34.51 11.93
C VAL A 44 31.70 33.85 10.64
N ASP A 45 31.90 34.57 9.54
CA ASP A 45 31.58 34.03 8.22
C ASP A 45 32.58 32.96 7.82
N GLY A 46 32.07 31.87 7.24
CA GLY A 46 32.87 30.66 7.08
C GLY A 46 34.06 30.81 6.16
N ASN A 47 33.83 31.26 4.94
CA ASN A 47 34.88 31.37 3.91
C ASN A 47 35.45 32.78 3.87
N ASN A 48 35.95 33.26 5.01
CA ASN A 48 36.65 34.54 5.08
C ASN A 48 37.76 34.46 6.13
N PRO A 49 38.84 33.74 5.81
CA PRO A 49 39.81 33.35 6.84
C PRO A 49 40.38 34.51 7.65
N PHE A 50 40.58 35.67 7.02
CA PHE A 50 41.12 36.81 7.73
C PHE A 50 40.18 37.29 8.83
N GLN A 51 38.88 37.22 8.60
CA GLN A 51 37.93 37.58 9.65
C GLN A 51 38.05 36.67 10.87
N ALA A 52 38.22 35.37 10.65
CA ALA A 52 38.47 34.46 11.77
C ALA A 52 39.79 34.77 12.47
N VAL A 53 40.84 35.08 11.72
CA VAL A 53 42.09 35.49 12.35
C VAL A 53 41.87 36.74 13.18
N GLN A 54 41.13 37.70 12.64
CA GLN A 54 40.90 38.97 13.29
C GLN A 54 40.21 38.75 14.64
N GLU A 55 39.14 37.95 14.64
CA GLU A 55 38.41 37.72 15.88
C GLU A 55 39.23 36.92 16.90
N ALA A 56 39.98 35.92 16.46
CA ALA A 56 40.73 35.11 17.41
C ALA A 56 41.77 35.93 18.19
N CYS A 57 42.29 36.99 17.58
CA CYS A 57 43.16 37.89 18.32
C CYS A 57 42.43 38.69 19.40
N GLU A 58 41.13 38.96 19.22
CA GLU A 58 40.38 39.58 20.30
C GLU A 58 40.34 38.68 21.53
N LEU A 59 40.04 37.39 21.32
CA LEU A 59 39.96 36.47 22.45
C LEU A 59 41.33 36.25 23.09
N MET A 60 42.39 36.24 22.27
CA MET A 60 43.73 36.14 22.83
C MET A 60 44.21 37.43 23.50
N ASN A 61 43.62 38.58 23.14
CA ASN A 61 43.84 39.79 23.92
C ASN A 61 43.14 39.72 25.26
N GLN A 62 41.85 39.35 25.26
CA GLN A 62 41.11 39.26 26.52
C GLN A 62 41.64 38.15 27.41
N GLY A 63 42.17 37.08 26.82
CA GLY A 63 42.69 35.96 27.60
C GLY A 63 41.73 34.80 27.67
N ILE A 64 42.27 33.59 27.42
CA ILE A 64 41.51 32.35 27.45
C ILE A 64 42.46 31.23 27.87
N LEU A 65 41.89 30.16 28.40
CA LEU A 65 42.65 28.97 28.70
C LEU A 65 42.67 27.96 27.56
N ALA A 66 41.63 27.94 26.73
CA ALA A 66 41.54 26.99 25.63
C ALA A 66 40.67 27.59 24.54
N LEU A 67 40.91 27.15 23.31
CA LEU A 67 40.14 27.63 22.16
C LEU A 67 39.42 26.45 21.50
N VAL A 68 38.13 26.62 21.28
CA VAL A 68 37.29 25.64 20.60
C VAL A 68 36.82 26.27 19.29
N SER A 69 36.74 25.47 18.23
CA SER A 69 36.26 25.98 16.95
C SER A 69 35.48 24.90 16.23
N SER A 70 34.56 25.34 15.37
CA SER A 70 33.67 24.45 14.63
C SER A 70 33.58 24.91 13.18
N ILE A 71 34.70 24.90 12.48
CA ILE A 71 34.83 25.60 11.21
C ILE A 71 35.40 24.67 10.16
N GLY A 72 34.95 24.85 8.92
CA GLY A 72 35.40 24.03 7.80
C GLY A 72 36.89 24.21 7.51
N CYS A 73 37.37 23.34 6.62
CA CYS A 73 38.79 23.27 6.31
C CYS A 73 39.34 24.55 5.70
N THR A 74 38.47 25.35 5.07
CA THR A 74 38.92 26.55 4.38
C THR A 74 39.64 27.53 5.29
N SER A 75 39.26 27.59 6.57
CA SER A 75 39.87 28.51 7.51
C SER A 75 40.71 27.86 8.61
N ALA A 76 40.53 26.56 8.86
CA ALA A 76 41.23 25.90 9.96
C ALA A 76 42.74 25.97 9.85
N GLY A 77 43.29 26.12 8.65
CA GLY A 77 44.72 26.30 8.52
C GLY A 77 45.23 27.60 9.12
N SER A 78 44.40 28.65 9.09
CA SER A 78 44.78 29.91 9.72
C SER A 78 44.76 29.77 11.23
N LEU A 79 43.65 29.29 11.79
CA LEU A 79 43.56 29.18 13.24
C LEU A 79 44.61 28.23 13.79
N GLN A 80 44.88 27.13 13.10
CA GLN A 80 45.96 26.22 13.48
C GLN A 80 47.32 26.92 13.47
N SER A 81 47.63 27.65 12.41
CA SER A 81 48.95 28.27 12.34
C SER A 81 49.09 29.42 13.33
N LEU A 82 47.98 30.08 13.66
CA LEU A 82 47.99 31.06 14.75
C LEU A 82 48.28 30.39 16.08
N ALA A 83 47.54 29.33 16.40
CA ALA A 83 47.67 28.69 17.70
C ALA A 83 49.07 28.11 17.89
N ASP A 84 49.65 27.55 16.83
CA ASP A 84 51.03 27.09 16.92
C ASP A 84 52.00 28.23 17.21
N ALA A 85 51.64 29.46 16.87
CA ALA A 85 52.48 30.61 17.23
C ALA A 85 52.22 31.07 18.67
N MET A 86 50.96 30.99 19.12
CA MET A 86 50.60 31.52 20.44
C MET A 86 50.66 30.48 21.55
N HIS A 87 50.77 29.20 21.21
CA HIS A 87 50.72 28.09 22.16
C HIS A 87 49.41 28.01 22.94
N ILE A 88 48.37 28.68 22.47
CA ILE A 88 47.03 28.39 23.00
C ILE A 88 46.61 27.01 22.54
N PRO A 89 46.23 26.11 23.46
CA PRO A 89 45.68 24.81 23.03
C PRO A 89 44.43 25.02 22.18
N HIS A 90 44.41 24.37 21.02
CA HIS A 90 43.32 24.48 20.06
C HIS A 90 42.67 23.12 19.87
N LEU A 91 41.38 23.04 20.18
CA LEU A 91 40.58 21.85 19.93
C LEU A 91 39.69 22.10 18.72
N PHE A 92 39.72 21.19 17.75
CA PHE A 92 39.15 21.43 16.44
C PHE A 92 38.10 20.38 16.13
N ILE A 93 36.92 20.84 15.70
CA ILE A 93 35.76 19.97 15.49
C ILE A 93 35.20 20.24 14.09
N GLN A 94 35.79 19.59 13.10
CA GLN A 94 35.50 19.87 11.70
C GLN A 94 34.02 19.70 11.36
N ARG A 95 33.52 20.61 10.52
CA ARG A 95 32.19 20.54 9.92
C ARG A 95 32.33 20.17 8.44
N SER A 96 31.20 19.98 7.77
CA SER A 96 31.22 19.90 6.32
C SER A 96 29.99 20.57 5.72
N THR A 97 30.16 21.06 4.50
CA THR A 97 29.13 21.86 3.84
C THR A 97 27.87 21.06 3.54
N ALA A 98 26.72 21.60 3.94
CA ALA A 98 25.40 21.08 3.57
C ALA A 98 25.20 19.61 3.92
N GLY A 99 25.98 19.06 4.84
CA GLY A 99 25.89 17.64 5.13
C GLY A 99 26.55 16.72 4.13
N THR A 100 27.35 17.24 3.21
CA THR A 100 28.08 16.40 2.26
C THR A 100 29.12 15.57 3.02
N PRO A 101 29.37 14.33 2.62
CA PRO A 101 30.24 13.46 3.42
C PRO A 101 31.63 14.04 3.57
N ARG A 102 32.17 13.90 4.76
CA ARG A 102 33.40 14.59 5.15
C ARG A 102 34.60 14.05 4.37
N SER A 103 35.47 14.96 3.95
CA SER A 103 36.77 14.62 3.40
C SER A 103 37.89 15.29 4.19
N GLY A 104 39.03 14.62 4.25
CA GLY A 104 40.12 15.10 5.09
C GLY A 104 40.65 16.44 4.63
N CYS A 105 40.93 17.33 5.59
CA CYS A 105 41.32 18.70 5.30
C CYS A 105 42.70 18.82 4.67
N GLY A 106 43.51 17.76 4.66
CA GLY A 106 44.83 17.84 4.09
C GLY A 106 45.77 18.74 4.88
N LEU A 107 45.80 18.53 6.20
CA LEU A 107 46.58 19.35 7.12
C LEU A 107 48.09 19.17 6.91
N THR A 108 48.61 19.69 5.80
CA THR A 108 49.99 19.43 5.37
C THR A 108 50.93 20.33 6.17
N ARG A 109 50.97 20.05 7.47
CA ARG A 109 51.65 20.92 8.43
C ARG A 109 53.15 20.96 8.21
N SER A 110 53.72 22.16 8.34
CA SER A 110 55.16 22.34 8.32
C SER A 110 55.78 21.79 9.60
N ASN A 111 56.82 20.97 9.44
CA ASN A 111 57.38 20.18 10.53
C ASN A 111 58.20 21.01 11.51
N ARG A 112 58.41 22.30 11.24
CA ARG A 112 59.41 23.09 11.95
C ARG A 112 59.05 23.38 13.39
N ASN A 113 57.80 23.19 13.81
CA ASN A 113 57.33 23.76 15.06
C ASN A 113 56.56 22.73 15.88
N ASP A 114 56.48 23.02 17.19
CA ASP A 114 55.63 22.26 18.09
C ASP A 114 54.16 22.40 17.72
N ASP A 115 53.39 21.34 18.00
CA ASP A 115 52.03 21.20 17.53
C ASP A 115 51.08 21.41 18.71
N TYR A 116 50.13 22.32 18.54
CA TYR A 116 49.15 22.65 19.58
C TYR A 116 47.71 22.41 19.15
N THR A 117 47.47 21.76 18.01
CA THR A 117 46.12 21.48 17.54
C THR A 117 45.81 19.99 17.66
N LEU A 118 44.72 19.67 18.35
CA LEU A 118 44.30 18.30 18.60
C LEU A 118 43.02 18.01 17.82
N SER A 119 43.03 16.95 17.02
CA SER A 119 41.91 16.63 16.14
C SER A 119 40.93 15.74 16.89
N VAL A 120 39.71 16.22 17.11
CA VAL A 120 38.76 15.49 17.93
C VAL A 120 37.89 14.50 17.16
N ARG A 121 37.53 14.80 15.90
CA ARG A 121 36.88 13.77 15.10
C ARG A 121 37.87 12.73 14.56
N PRO A 122 37.41 11.49 14.35
CA PRO A 122 38.32 10.46 13.87
C PRO A 122 38.68 10.65 12.41
N PRO A 123 39.86 10.20 12.00
CA PRO A 123 40.23 10.22 10.58
C PRO A 123 39.20 9.54 9.67
N VAL A 124 39.11 10.05 8.44
CA VAL A 124 38.14 9.55 7.46
C VAL A 124 38.55 8.16 6.98
N TYR A 125 37.55 7.26 6.84
CA TYR A 125 37.80 5.91 6.37
C TYR A 125 36.83 5.43 5.29
N LEU A 126 36.03 6.31 4.70
CA LEU A 126 35.11 5.92 3.63
C LEU A 126 35.77 5.29 2.41
N HIS A 127 37.07 5.52 2.19
CA HIS A 127 37.78 4.84 1.10
C HIS A 127 38.31 3.46 1.46
N ASP A 128 38.07 2.95 2.66
CA ASP A 128 38.25 1.53 2.97
C ASP A 128 36.95 0.73 2.99
N VAL A 129 35.92 1.21 3.69
CA VAL A 129 34.68 0.47 3.82
C VAL A 129 34.06 0.14 2.46
N ILE A 130 34.12 1.07 1.52
CA ILE A 130 33.57 0.74 0.20
C ILE A 130 34.44 -0.24 -0.55
N LEU A 131 35.74 -0.26 -0.30
CA LEU A 131 36.58 -1.23 -1.00
C LEU A 131 36.41 -2.63 -0.44
N ARG A 132 36.12 -2.73 0.86
CA ARG A 132 35.77 -4.01 1.44
C ARG A 132 34.40 -4.50 0.95
N VAL A 133 33.38 -3.67 1.05
CA VAL A 133 32.05 -4.12 0.64
C VAL A 133 31.96 -4.40 -0.86
N VAL A 134 32.74 -3.70 -1.69
CA VAL A 134 32.82 -4.08 -3.10
C VAL A 134 33.78 -5.24 -3.37
N THR A 135 34.65 -5.59 -2.43
CA THR A 135 35.32 -6.88 -2.52
C THR A 135 34.36 -8.04 -2.26
N GLU A 136 33.52 -7.93 -1.23
CA GLU A 136 32.64 -9.05 -0.88
C GLU A 136 31.58 -9.33 -1.93
N TYR A 137 30.87 -8.31 -2.42
CA TYR A 137 29.95 -8.56 -3.53
C TYR A 137 30.66 -8.93 -4.82
N ALA A 138 31.98 -8.71 -4.92
CA ALA A 138 32.76 -9.02 -6.11
C ALA A 138 32.10 -8.52 -7.39
N TRP A 139 31.63 -7.27 -7.37
CA TRP A 139 31.25 -6.61 -8.61
C TRP A 139 32.45 -6.49 -9.54
N GLN A 140 32.15 -6.13 -10.78
CA GLN A 140 33.22 -5.91 -11.77
C GLN A 140 33.01 -4.69 -12.65
N LYS A 141 31.78 -4.25 -12.89
CA LYS A 141 31.53 -2.96 -13.57
C LYS A 141 30.45 -2.18 -12.84
N PHE A 142 30.74 -0.93 -12.51
CA PHE A 142 29.87 -0.16 -11.63
C PHE A 142 30.20 1.32 -11.78
N ILE A 143 29.25 2.16 -11.38
CA ILE A 143 29.27 3.60 -11.63
C ILE A 143 29.20 4.35 -10.31
N ILE A 144 29.98 5.44 -10.20
CA ILE A 144 29.99 6.28 -9.01
C ILE A 144 29.29 7.60 -9.31
N PHE A 145 28.54 8.10 -8.34
CA PHE A 145 27.86 9.39 -8.42
C PHE A 145 28.24 10.21 -7.20
N TYR A 146 28.64 11.46 -7.42
CA TYR A 146 28.95 12.35 -6.32
C TYR A 146 28.25 13.69 -6.53
N ASP A 147 27.98 14.39 -5.43
CA ASP A 147 27.22 15.63 -5.51
C ASP A 147 28.16 16.83 -5.64
N SER A 148 27.58 17.97 -5.99
CA SER A 148 28.37 19.12 -6.39
C SER A 148 29.39 19.57 -5.35
N GLU A 149 29.16 19.28 -4.07
CA GLU A 149 30.06 19.73 -3.01
C GLU A 149 31.14 18.73 -2.63
N TYR A 150 31.10 17.49 -3.12
CA TYR A 150 32.10 16.52 -2.70
C TYR A 150 33.48 16.91 -3.21
N ASP A 151 34.51 16.46 -2.48
CA ASP A 151 35.91 16.68 -2.81
C ASP A 151 36.51 15.34 -3.21
N ILE A 152 36.63 15.10 -4.52
CA ILE A 152 37.15 13.85 -5.07
C ILE A 152 38.66 13.70 -4.91
N ARG A 153 39.21 14.21 -3.82
CA ARG A 153 40.45 13.67 -3.27
C ARG A 153 40.18 12.73 -2.10
N GLY A 154 38.92 12.42 -1.83
CA GLY A 154 38.54 11.34 -0.93
C GLY A 154 38.68 9.99 -1.58
N ILE A 155 37.76 9.67 -2.49
CA ILE A 155 37.79 8.45 -3.29
C ILE A 155 38.81 8.51 -4.41
N GLN A 156 40.02 8.98 -4.10
CA GLN A 156 41.14 8.80 -5.01
C GLN A 156 41.71 7.39 -4.92
N GLU A 157 42.04 6.93 -3.71
CA GLU A 157 42.73 5.65 -3.55
C GLU A 157 41.81 4.46 -3.80
N PHE A 158 40.50 4.65 -3.66
CA PHE A 158 39.53 3.68 -4.15
C PHE A 158 39.50 3.61 -5.67
N LEU A 159 40.03 4.61 -6.37
CA LEU A 159 40.08 4.51 -7.82
C LEU A 159 41.41 3.96 -8.29
N ASP A 160 42.48 4.20 -7.53
CA ASP A 160 43.75 3.54 -7.79
C ASP A 160 43.63 2.04 -7.60
N LYS A 161 43.36 1.61 -6.36
CA LYS A 161 43.32 0.17 -6.06
C LYS A 161 42.34 -0.60 -6.94
N VAL A 162 41.20 0.02 -7.28
CA VAL A 162 40.30 -0.55 -8.28
C VAL A 162 40.82 -0.24 -9.68
N SER A 163 42.04 -0.69 -9.98
CA SER A 163 42.55 -0.73 -11.34
C SER A 163 43.57 -1.85 -11.49
N GLN A 164 44.39 -2.03 -10.45
CA GLN A 164 45.24 -3.21 -10.36
C GLN A 164 44.42 -4.49 -10.23
N GLN A 165 43.26 -4.42 -9.59
CA GLN A 165 42.29 -5.51 -9.59
C GLN A 165 41.42 -5.54 -10.85
N GLY A 166 41.70 -4.71 -11.84
CA GLY A 166 41.14 -4.89 -13.17
C GLY A 166 39.67 -4.58 -13.35
N MET A 167 39.00 -3.98 -12.37
CA MET A 167 37.64 -3.52 -12.61
C MET A 167 37.66 -2.29 -13.53
N ASP A 168 36.49 -1.95 -14.08
CA ASP A 168 36.31 -0.75 -14.89
C ASP A 168 35.19 0.13 -14.33
N VAL A 169 35.51 1.40 -14.07
CA VAL A 169 34.71 2.26 -13.21
C VAL A 169 34.37 3.53 -13.99
N ALA A 170 33.22 4.14 -13.64
CA ALA A 170 32.80 5.39 -14.26
C ALA A 170 32.26 6.34 -13.20
N LEU A 171 32.62 7.62 -13.31
CA LEU A 171 32.09 8.67 -12.44
C LEU A 171 30.92 9.37 -13.12
N GLN A 172 30.17 10.16 -12.34
CA GLN A 172 29.36 11.22 -12.91
C GLN A 172 28.85 12.20 -11.85
N LYS A 173 29.01 13.50 -12.08
CA LYS A 173 28.46 14.52 -11.20
C LYS A 173 26.95 14.67 -11.41
N VAL A 174 26.22 14.85 -10.32
CA VAL A 174 24.78 15.11 -10.38
C VAL A 174 24.52 16.61 -10.38
N GLU A 175 23.94 17.12 -11.46
CA GLU A 175 23.76 18.55 -11.63
C GLU A 175 22.84 19.12 -10.55
N ASN A 176 22.76 20.45 -10.52
CA ASN A 176 21.82 21.13 -9.64
C ASN A 176 20.37 20.94 -10.05
N ASN A 177 20.10 20.57 -11.30
CA ASN A 177 18.77 20.72 -11.92
C ASN A 177 18.42 19.40 -12.60
N ILE A 178 18.08 18.39 -11.78
CA ILE A 178 18.12 17.00 -12.19
C ILE A 178 17.31 16.76 -13.46
N ASN A 179 16.11 17.34 -13.54
CA ASN A 179 15.26 17.13 -14.72
C ASN A 179 15.86 17.73 -15.99
N LYS A 180 16.67 18.78 -15.87
CA LYS A 180 17.40 19.30 -17.01
C LYS A 180 18.55 18.39 -17.41
N MET A 181 19.20 17.75 -16.45
CA MET A 181 20.24 16.77 -16.76
C MET A 181 19.70 15.61 -17.58
N ILE A 182 18.67 14.93 -17.10
CA ILE A 182 18.21 13.70 -17.74
C ILE A 182 17.73 13.95 -19.17
N THR A 183 16.98 15.03 -19.38
CA THR A 183 16.57 15.36 -20.75
C THR A 183 17.75 15.63 -21.68
N THR A 184 18.90 16.03 -21.14
CA THR A 184 20.08 16.20 -21.98
C THR A 184 20.60 14.87 -22.53
N LEU A 185 20.37 13.76 -21.82
CA LEU A 185 20.74 12.45 -22.34
C LEU A 185 19.89 12.05 -23.53
N PHE A 186 18.57 12.00 -23.36
CA PHE A 186 17.70 11.50 -24.41
C PHE A 186 17.77 12.35 -25.66
N ASP A 187 17.98 13.66 -25.50
CA ASP A 187 18.10 14.54 -26.66
C ASP A 187 19.45 14.47 -27.36
N THR A 188 20.40 13.64 -26.89
CA THR A 188 21.72 13.63 -27.52
C THR A 188 22.34 12.26 -27.71
N MET A 189 22.13 11.28 -26.83
CA MET A 189 22.72 9.97 -27.05
C MET A 189 21.96 9.19 -28.13
N ARG A 190 22.66 8.22 -28.71
CA ARG A 190 22.03 7.23 -29.58
C ARG A 190 21.32 6.15 -28.76
N ILE A 191 20.27 5.58 -29.36
CA ILE A 191 19.63 4.40 -28.79
C ILE A 191 20.62 3.24 -28.71
N GLU A 192 21.54 3.18 -29.69
CA GLU A 192 22.69 2.29 -29.67
C GLU A 192 23.49 2.43 -28.39
N GLU A 193 23.53 3.63 -27.82
CA GLU A 193 24.31 3.85 -26.61
C GLU A 193 23.45 3.67 -25.38
N LEU A 194 22.23 4.22 -25.38
CA LEU A 194 21.38 4.17 -24.20
C LEU A 194 21.08 2.73 -23.79
N ASN A 195 20.85 1.84 -24.77
CA ASN A 195 20.65 0.44 -24.44
C ASN A 195 21.84 -0.22 -23.74
N ARG A 196 23.03 0.37 -23.83
CA ARG A 196 24.16 -0.09 -23.02
C ARG A 196 24.38 0.73 -21.75
N TYR A 197 24.07 2.02 -21.80
CA TYR A 197 24.08 2.86 -20.60
C TYR A 197 23.19 2.27 -19.50
N ARG A 198 21.99 1.84 -19.85
CA ARG A 198 21.10 1.22 -18.87
C ARG A 198 21.73 0.02 -18.17
N ASP A 199 22.69 -0.66 -18.80
CA ASP A 199 23.39 -1.73 -18.12
C ASP A 199 24.42 -1.21 -17.12
N THR A 200 25.11 -0.12 -17.45
CA THR A 200 26.02 0.49 -16.49
C THR A 200 25.31 0.95 -15.21
N LEU A 201 24.08 1.44 -15.32
CA LEU A 201 23.36 1.89 -14.13
C LEU A 201 22.99 0.77 -13.16
N ARG A 202 23.14 -0.51 -13.54
CA ARG A 202 22.68 -1.58 -12.67
C ARG A 202 23.37 -1.59 -11.31
N ARG A 203 24.55 -0.99 -11.20
CA ARG A 203 25.37 -1.11 -9.99
C ARG A 203 26.07 0.21 -9.71
N ALA A 204 25.68 0.88 -8.62
CA ALA A 204 26.08 2.27 -8.41
C ALA A 204 26.39 2.49 -6.93
N ILE A 205 27.26 3.47 -6.67
CA ILE A 205 27.63 3.82 -5.29
C ILE A 205 27.33 5.28 -5.00
N LEU A 206 26.07 5.62 -4.76
CA LEU A 206 25.72 7.00 -4.46
C LEU A 206 26.52 7.50 -3.25
N VAL A 207 27.24 8.60 -3.42
CA VAL A 207 28.01 9.20 -2.33
C VAL A 207 27.39 10.50 -1.86
N MET A 208 26.32 10.96 -2.50
CA MET A 208 25.70 12.24 -2.19
C MET A 208 25.07 12.24 -0.80
N ASN A 209 24.64 13.43 -0.36
CA ASN A 209 23.94 13.65 0.90
C ASN A 209 22.57 12.96 0.95
N PRO A 210 21.95 12.86 2.13
CA PRO A 210 20.64 12.20 2.21
C PRO A 210 19.52 12.89 1.46
N ALA A 211 19.60 14.21 1.25
CA ALA A 211 18.46 14.95 0.69
C ALA A 211 18.47 15.03 -0.83
N THR A 212 19.60 14.86 -1.49
CA THR A 212 19.62 14.76 -2.94
C THR A 212 19.34 13.34 -3.42
N ALA A 213 19.72 12.35 -2.62
CA ALA A 213 19.51 10.95 -2.98
C ALA A 213 18.03 10.64 -3.22
N LYS A 214 17.15 11.08 -2.31
CA LYS A 214 15.73 10.84 -2.50
C LYS A 214 15.19 11.43 -3.80
N SER A 215 15.70 12.58 -4.24
CA SER A 215 15.23 13.13 -5.49
C SER A 215 15.81 12.40 -6.68
N PHE A 216 17.08 12.01 -6.59
CA PHE A 216 17.69 11.32 -7.71
C PHE A 216 17.03 9.96 -7.92
N ILE A 217 16.89 9.19 -6.85
CA ILE A 217 16.17 7.91 -6.90
C ILE A 217 14.75 8.10 -7.45
N THR A 218 14.02 9.09 -6.93
CA THR A 218 12.64 9.28 -7.36
C THR A 218 12.55 9.69 -8.83
N GLU A 219 13.60 10.28 -9.39
CA GLU A 219 13.57 10.62 -10.80
C GLU A 219 14.01 9.45 -11.68
N VAL A 220 15.01 8.69 -11.24
CA VAL A 220 15.50 7.56 -12.02
C VAL A 220 14.48 6.44 -12.08
N VAL A 221 13.77 6.19 -10.98
CA VAL A 221 12.74 5.14 -10.98
C VAL A 221 11.53 5.54 -11.81
N GLU A 222 11.12 6.80 -11.75
CA GLU A 222 9.92 7.22 -12.48
C GLU A 222 10.16 7.30 -13.98
N THR A 223 11.36 7.67 -14.42
CA THR A 223 11.68 7.62 -15.85
C THR A 223 11.90 6.22 -16.38
N ASN A 224 11.77 5.19 -15.52
CA ASN A 224 11.86 3.78 -15.90
C ASN A 224 13.26 3.36 -16.31
N LEU A 225 14.28 4.11 -15.89
CA LEU A 225 15.67 3.82 -16.24
C LEU A 225 16.24 2.63 -15.48
N VAL A 226 15.51 2.05 -14.54
CA VAL A 226 15.92 0.80 -13.90
C VAL A 226 14.72 -0.10 -13.68
N ALA A 227 15.01 -1.37 -13.41
CA ALA A 227 14.04 -2.39 -13.04
C ALA A 227 14.56 -3.13 -11.80
N PHE A 228 13.83 -4.17 -11.41
CA PHE A 228 13.90 -4.82 -10.09
C PHE A 228 15.22 -5.55 -9.84
N ASP A 229 16.25 -5.38 -10.67
CA ASP A 229 17.48 -6.14 -10.58
C ASP A 229 18.68 -5.34 -10.08
N CYS A 230 18.58 -4.02 -9.99
CA CYS A 230 19.72 -3.19 -9.62
C CYS A 230 19.95 -3.19 -8.11
N HIS A 231 21.21 -2.90 -7.73
CA HIS A 231 21.68 -3.04 -6.35
C HIS A 231 22.48 -1.82 -5.91
N TRP A 232 21.86 -0.64 -5.96
CA TRP A 232 22.57 0.59 -5.60
C TRP A 232 22.94 0.58 -4.14
N ILE A 233 24.23 0.78 -3.84
CA ILE A 233 24.70 0.97 -2.46
C ILE A 233 24.29 2.38 -2.04
N ILE A 234 24.71 2.81 -0.85
CA ILE A 234 24.80 4.21 -0.45
C ILE A 234 25.96 4.28 0.56
N ILE A 235 26.46 5.48 0.83
CA ILE A 235 27.34 5.69 1.98
C ILE A 235 27.20 7.13 2.45
N ASN A 236 27.52 7.35 3.72
CA ASN A 236 27.58 8.67 4.34
C ASN A 236 28.38 8.52 5.62
N GLU A 237 28.34 9.54 6.48
CA GLU A 237 28.59 9.32 7.90
C GLU A 237 27.35 9.45 8.77
N GLU A 238 26.31 10.10 8.28
CA GLU A 238 25.13 10.37 9.08
C GLU A 238 23.90 10.15 8.21
N ILE A 239 22.90 9.44 8.75
CA ILE A 239 21.56 9.38 8.18
C ILE A 239 20.58 9.18 9.34
N ASN A 240 19.67 10.13 9.52
CA ASN A 240 18.70 10.02 10.60
C ASN A 240 17.68 8.94 10.30
N ASP A 241 16.93 8.57 11.35
CA ASP A 241 16.00 7.45 11.29
C ASP A 241 14.71 7.76 10.53
N VAL A 242 14.50 9.00 10.10
CA VAL A 242 13.44 9.27 9.13
C VAL A 242 13.91 9.01 7.71
N ASP A 243 15.12 9.45 7.38
CA ASP A 243 15.65 9.28 6.02
C ASP A 243 15.88 7.82 5.69
N VAL A 244 16.37 7.04 6.66
CA VAL A 244 16.50 5.59 6.49
C VAL A 244 15.17 4.96 6.08
N GLN A 245 14.05 5.51 6.52
CA GLN A 245 12.77 4.99 6.09
C GLN A 245 12.39 5.46 4.69
N GLU A 246 12.53 6.75 4.40
CA GLU A 246 12.13 7.26 3.08
C GLU A 246 12.95 6.66 1.95
N LEU A 247 14.24 6.36 2.20
CA LEU A 247 15.06 5.67 1.20
C LEU A 247 14.50 4.29 0.88
N VAL A 248 14.13 3.52 1.91
CA VAL A 248 13.67 2.16 1.68
C VAL A 248 12.23 2.13 1.20
N ARG A 249 11.46 3.18 1.48
CA ARG A 249 10.12 3.29 0.90
C ARG A 249 10.18 3.60 -0.59
N ARG A 250 11.08 4.51 -1.00
CA ARG A 250 11.05 4.94 -2.40
C ARG A 250 11.76 3.98 -3.34
N SER A 251 12.74 3.22 -2.86
CA SER A 251 13.63 2.48 -3.74
C SER A 251 13.09 1.08 -4.05
N ILE A 252 13.54 0.54 -5.18
CA ILE A 252 13.21 -0.80 -5.63
C ILE A 252 14.50 -1.58 -5.85
N GLY A 253 14.43 -2.89 -5.68
CA GLY A 253 15.62 -3.72 -5.68
C GLY A 253 16.41 -3.60 -4.40
N ARG A 254 17.47 -4.40 -4.32
CA ARG A 254 18.30 -4.44 -3.12
C ARG A 254 18.97 -3.10 -2.88
N LEU A 255 19.15 -2.78 -1.60
CA LEU A 255 19.78 -1.52 -1.17
C LEU A 255 20.56 -1.81 0.11
N THR A 256 21.57 -0.99 0.39
CA THR A 256 22.56 -1.34 1.41
C THR A 256 23.19 -0.12 2.07
N ILE A 257 22.37 0.72 2.70
CA ILE A 257 22.78 1.91 3.45
C ILE A 257 23.96 1.63 4.39
N ILE A 258 24.74 2.67 4.71
CA ILE A 258 25.78 2.61 5.72
C ILE A 258 25.68 3.89 6.56
N ARG A 259 26.11 3.82 7.82
CA ARG A 259 26.22 5.01 8.66
C ARG A 259 27.08 4.70 9.87
N GLN A 260 27.47 5.76 10.58
CA GLN A 260 28.16 5.64 11.86
C GLN A 260 27.14 5.35 12.97
N THR A 261 27.60 4.70 14.03
CA THR A 261 26.74 4.35 15.16
C THR A 261 27.47 4.53 16.49
N PHE A 262 26.67 4.71 17.55
CA PHE A 262 27.18 5.07 18.87
C PHE A 262 26.68 4.10 19.93
N PRO A 263 27.56 3.63 20.82
CA PRO A 263 27.13 2.72 21.88
C PRO A 263 26.50 3.48 23.05
N VAL A 264 25.70 2.75 23.83
CA VAL A 264 25.06 3.31 25.02
C VAL A 264 24.97 2.25 26.12
N PRO A 265 24.89 2.66 27.39
CA PRO A 265 24.59 1.69 28.46
C PRO A 265 23.25 1.00 28.27
N GLN A 266 23.19 -0.25 28.75
CA GLN A 266 21.97 -1.03 28.65
C GLN A 266 20.86 -0.49 29.56
N ASN A 267 21.17 -0.31 30.84
CA ASN A 267 20.15 0.10 31.80
C ASN A 267 19.76 1.57 31.61
N ILE A 268 18.44 1.81 31.62
CA ILE A 268 17.92 3.15 31.37
C ILE A 268 18.43 4.14 32.41
N SER A 269 18.46 3.74 33.68
CA SER A 269 18.90 4.64 34.74
C SER A 269 20.37 5.03 34.63
N GLN A 270 21.18 4.25 33.93
CA GLN A 270 22.58 4.62 33.74
C GLN A 270 22.73 5.69 32.66
N ARG A 271 21.84 5.70 31.67
CA ARG A 271 22.13 6.37 30.40
C ARG A 271 22.28 7.87 30.56
N CYS A 272 21.57 8.49 31.51
CA CYS A 272 21.72 9.92 31.74
C CYS A 272 22.88 10.25 32.68
N PHE A 273 23.63 9.26 33.16
CA PHE A 273 24.77 9.49 34.03
C PHE A 273 26.05 8.99 33.37
N ARG A 274 27.17 9.58 33.79
CA ARG A 274 28.50 9.13 33.39
C ARG A 274 29.38 9.23 34.65
N GLY A 275 29.20 8.27 35.55
CA GLY A 275 29.84 8.32 36.85
C GLY A 275 29.41 9.49 37.72
N ASN A 276 30.34 10.40 37.95
CA ASN A 276 30.03 11.63 38.68
C ASN A 276 29.06 12.52 37.92
N HIS A 277 29.16 12.55 36.59
CA HIS A 277 28.47 13.54 35.78
C HIS A 277 27.06 13.11 35.42
N ARG A 278 26.21 14.10 35.17
CA ARG A 278 24.83 13.92 34.73
C ARG A 278 24.56 14.80 33.52
N ILE A 279 23.84 14.25 32.55
CA ILE A 279 23.52 14.92 31.30
C ILE A 279 22.09 15.44 31.37
N SER A 280 21.88 16.67 30.90
CA SER A 280 20.56 17.28 30.87
C SER A 280 19.53 16.35 30.25
N SER A 281 18.34 16.32 30.86
CA SER A 281 17.22 15.56 30.31
C SER A 281 16.88 15.99 28.89
N THR A 282 17.04 17.28 28.58
CA THR A 282 16.80 17.79 27.23
C THR A 282 17.76 17.21 26.20
N LEU A 283 18.79 16.47 26.62
CA LEU A 283 19.66 15.75 25.70
C LEU A 283 19.57 14.24 25.86
N CYS A 284 19.60 13.74 27.10
CA CYS A 284 19.64 12.31 27.35
C CYS A 284 18.29 11.63 27.25
N ASP A 285 17.20 12.40 27.09
CA ASP A 285 15.90 11.82 26.81
C ASP A 285 15.72 11.67 25.30
N PRO A 286 15.73 10.44 24.75
CA PRO A 286 15.51 10.25 23.32
C PRO A 286 14.07 10.53 22.87
N LYS A 287 13.18 10.88 23.79
CA LYS A 287 11.82 11.30 23.46
C LYS A 287 11.70 12.80 23.27
N ASP A 288 12.72 13.57 23.59
CA ASP A 288 12.70 15.00 23.33
C ASP A 288 12.89 15.23 21.83
N PRO A 289 11.95 15.90 21.17
CA PRO A 289 12.08 16.13 19.72
C PRO A 289 13.38 16.79 19.28
N PHE A 290 14.03 17.58 20.13
CA PHE A 290 15.34 18.12 19.79
C PHE A 290 16.39 17.02 19.77
N ALA A 291 16.43 16.20 20.83
CA ALA A 291 17.39 15.11 20.91
C ALA A 291 17.20 14.10 19.79
N GLN A 292 15.99 14.02 19.22
CA GLN A 292 15.73 13.20 18.06
C GLN A 292 16.32 13.76 16.76
N ASN A 293 16.78 15.00 16.74
CA ASN A 293 17.10 15.68 15.49
C ASN A 293 18.39 16.49 15.65
N MET A 294 19.35 15.97 16.40
CA MET A 294 20.64 16.61 16.54
C MET A 294 21.55 16.29 15.36
N GLU A 295 22.64 17.05 15.26
CA GLU A 295 23.71 16.81 14.31
C GLU A 295 24.94 16.26 15.03
N ILE A 296 25.63 15.30 14.38
CA ILE A 296 26.77 14.62 14.97
C ILE A 296 27.81 15.60 15.52
N SER A 297 27.93 16.78 14.90
CA SER A 297 28.86 17.79 15.42
C SER A 297 28.52 18.21 16.85
N ASN A 298 27.23 18.23 17.21
CA ASN A 298 26.82 18.67 18.54
C ASN A 298 27.40 17.79 19.65
N LEU A 299 27.43 16.47 19.44
CA LEU A 299 27.83 15.54 20.49
C LEU A 299 29.31 15.67 20.85
N TYR A 300 30.16 15.87 19.85
CA TYR A 300 31.56 16.18 20.14
C TYR A 300 31.72 17.52 20.83
N ILE A 301 30.87 18.50 20.50
CA ILE A 301 30.92 19.77 21.22
C ILE A 301 30.65 19.54 22.70
N TYR A 302 29.56 18.83 23.01
CA TYR A 302 29.23 18.57 24.41
C TYR A 302 30.38 17.86 25.12
N ASP A 303 30.87 16.77 24.53
CA ASP A 303 31.94 16.01 25.19
C ASP A 303 33.25 16.78 25.34
N THR A 304 33.46 17.83 24.54
CA THR A 304 34.74 18.55 24.62
C THR A 304 34.88 19.34 25.92
N VAL A 305 33.79 19.98 26.35
CA VAL A 305 33.86 20.81 27.55
C VAL A 305 34.10 19.96 28.80
N LEU A 306 33.52 18.76 28.83
CA LEU A 306 33.77 17.86 29.96
C LEU A 306 35.26 17.57 30.11
N LEU A 307 35.93 17.26 29.01
CA LEU A 307 37.36 16.98 29.04
C LEU A 307 38.16 18.20 29.48
N LEU A 308 37.83 19.37 28.92
CA LEU A 308 38.50 20.59 29.36
C LEU A 308 38.32 20.82 30.85
N ALA A 309 37.10 20.69 31.36
CA ALA A 309 36.81 20.87 32.77
C ALA A 309 37.62 19.92 33.65
N ASN A 310 37.75 18.66 33.22
CA ASN A 310 38.55 17.69 33.97
C ASN A 310 40.03 18.04 33.95
N ALA A 311 40.56 18.44 32.79
CA ALA A 311 41.96 18.85 32.73
C ALA A 311 42.24 20.07 33.62
N PHE A 312 41.32 21.03 33.63
CA PHE A 312 41.45 22.17 34.54
C PHE A 312 41.43 21.73 35.99
N HIS A 313 40.47 20.88 36.36
CA HIS A 313 40.39 20.43 37.75
C HIS A 313 41.67 19.70 38.17
N LYS A 314 42.19 18.82 37.32
CA LYS A 314 43.43 18.13 37.64
C LYS A 314 44.62 19.08 37.77
N LYS A 315 44.69 20.11 36.92
CA LYS A 315 45.75 21.10 37.05
C LYS A 315 45.60 21.96 38.30
N LEU A 316 44.37 22.16 38.78
CA LEU A 316 44.20 22.76 40.10
C LEU A 316 44.65 21.82 41.22
N GLU A 317 44.30 20.54 41.13
CA GLU A 317 44.77 19.58 42.12
C GLU A 317 46.28 19.39 42.08
N ASP A 318 46.88 19.44 40.88
CA ASP A 318 48.34 19.48 40.79
C ASP A 318 48.94 20.66 41.54
N ARG A 319 48.19 21.75 41.70
CA ARG A 319 48.69 22.99 42.29
C ARG A 319 49.88 23.55 41.50
N LYS A 320 49.93 23.24 40.22
CA LYS A 320 50.88 23.82 39.27
C LYS A 320 50.24 24.91 38.43
N TRP A 321 49.03 25.34 38.81
CA TRP A 321 48.23 26.25 38.01
C TRP A 321 48.94 27.57 37.76
N HIS A 322 48.73 28.11 36.55
CA HIS A 322 49.14 29.47 36.20
C HIS A 322 47.93 30.23 35.69
N SER A 323 47.95 31.54 35.89
CA SER A 323 46.83 32.39 35.50
C SER A 323 46.70 32.46 33.98
N MET A 324 45.56 33.02 33.56
CA MET A 324 45.41 33.62 32.24
C MET A 324 46.37 34.78 32.04
N ALA A 325 46.51 35.19 30.78
CA ALA A 325 47.35 36.32 30.42
C ALA A 325 46.72 37.04 29.24
N SER A 326 47.22 38.25 28.97
CA SER A 326 46.81 39.04 27.81
C SER A 326 47.95 39.07 26.78
N LEU A 327 47.64 38.68 25.55
CA LEU A 327 48.59 38.60 24.46
C LEU A 327 48.33 39.73 23.46
N SER A 328 49.25 39.89 22.53
CA SER A 328 49.06 40.84 21.43
C SER A 328 49.58 40.27 20.12
N CYS A 329 48.86 40.58 19.05
CA CYS A 329 49.14 40.09 17.70
C CYS A 329 49.94 41.13 16.92
N ILE A 330 50.24 40.80 15.67
CA ILE A 330 51.01 41.64 14.74
C ILE A 330 52.41 41.89 15.29
N ARG A 331 52.96 40.92 16.01
CA ARG A 331 54.15 41.21 16.82
C ARG A 331 55.02 39.96 16.89
N LYS A 332 56.18 40.00 16.24
CA LYS A 332 57.32 39.17 16.64
C LYS A 332 57.75 39.48 18.06
N ASN A 333 57.39 40.65 18.58
CA ASN A 333 57.72 41.04 19.95
C ASN A 333 56.97 40.24 21.00
N SER A 334 55.84 39.63 20.64
CA SER A 334 55.02 38.95 21.62
C SER A 334 55.57 37.56 21.91
N LYS A 335 55.20 37.03 23.08
CA LYS A 335 55.64 35.73 23.55
C LYS A 335 54.43 34.84 23.84
N PRO A 336 54.56 33.52 23.64
CA PRO A 336 53.44 32.63 23.94
C PRO A 336 53.14 32.57 25.42
N TRP A 337 51.88 32.26 25.73
CA TRP A 337 51.46 32.03 27.11
C TRP A 337 52.17 30.81 27.70
N GLN A 338 52.96 31.05 28.74
CA GLN A 338 53.82 30.03 29.32
C GLN A 338 53.04 28.88 29.92
N GLY A 339 51.82 29.15 30.44
CA GLY A 339 50.98 28.09 30.94
C GLY A 339 50.46 27.14 29.88
N GLY A 340 50.40 27.58 28.63
CA GLY A 340 49.85 26.73 27.58
C GLY A 340 50.62 25.42 27.39
N ARG A 341 51.94 25.48 27.51
CA ARG A 341 52.77 24.30 27.27
C ARG A 341 52.43 23.16 28.23
N SER A 342 52.35 23.45 29.52
CA SER A 342 51.95 22.41 30.46
C SER A 342 50.45 22.18 30.44
N MET A 343 49.65 23.19 30.09
CA MET A 343 48.22 22.97 29.94
C MET A 343 47.94 21.99 28.82
N LEU A 344 48.57 22.18 27.66
CA LEU A 344 48.49 21.22 26.58
C LEU A 344 49.01 19.86 27.00
N GLU A 345 50.21 19.82 27.60
CA GLU A 345 50.79 18.57 28.06
C GLU A 345 49.87 17.81 29.01
N THR A 346 49.01 18.52 29.75
CA THR A 346 47.95 17.86 30.52
C THR A 346 46.80 17.38 29.65
N ILE A 347 46.20 18.30 28.88
CA ILE A 347 44.99 17.98 28.12
C ILE A 347 45.24 16.81 27.17
N LYS A 348 46.43 16.74 26.60
CA LYS A 348 46.79 15.64 25.71
C LYS A 348 46.79 14.29 26.40
N LYS A 349 46.91 14.26 27.73
CA LYS A 349 46.98 13.01 28.49
C LYS A 349 45.65 12.58 29.09
N GLY A 350 44.64 13.45 29.13
CA GLY A 350 43.37 13.08 29.74
C GLY A 350 42.58 12.08 28.91
N GLY A 351 41.39 11.76 29.41
CA GLY A 351 40.45 10.93 28.67
C GLY A 351 39.20 10.58 29.46
N VAL A 352 38.03 10.66 28.83
CA VAL A 352 36.74 10.53 29.51
C VAL A 352 35.73 9.92 28.55
N SER A 353 34.69 9.33 29.12
CA SER A 353 33.50 8.88 28.42
C SER A 353 32.49 10.01 28.27
N GLY A 354 31.57 9.83 27.31
CA GLY A 354 30.49 10.76 27.10
C GLY A 354 29.36 10.23 26.24
N LEU A 355 28.68 11.14 25.52
CA LEU A 355 27.65 10.73 24.57
C LEU A 355 28.23 9.95 23.40
N THR A 356 29.51 10.16 23.07
CA THR A 356 30.15 9.61 21.89
C THR A 356 30.81 8.27 22.15
N GLY A 357 30.66 7.70 23.34
CA GLY A 357 31.46 6.56 23.75
C GLY A 357 32.57 6.99 24.69
N GLU A 358 33.82 6.90 24.27
CA GLU A 358 34.92 7.50 25.02
C GLU A 358 35.82 8.32 24.10
N LEU A 359 36.18 9.49 24.59
CA LEU A 359 37.03 10.44 23.87
C LEU A 359 38.40 10.47 24.53
N GLU A 360 39.45 10.26 23.73
CA GLU A 360 40.80 10.19 24.27
C GLU A 360 41.76 10.50 23.13
N PHE A 361 43.01 10.80 23.49
CA PHE A 361 44.04 11.06 22.51
C PHE A 361 45.21 10.13 22.72
N GLY A 362 45.69 9.53 21.63
CA GLY A 362 47.02 8.97 21.58
C GLY A 362 48.07 10.05 21.44
N GLU A 363 49.33 9.63 21.44
CA GLU A 363 50.41 10.59 21.27
C GLU A 363 50.32 11.31 19.92
N ASN A 364 49.66 10.70 18.93
CA ASN A 364 49.45 11.33 17.63
C ASN A 364 48.31 12.35 17.64
N GLY A 365 47.53 12.42 18.70
CA GLY A 365 46.49 13.43 18.79
C GLY A 365 45.26 13.21 17.93
N GLY A 366 44.74 11.98 17.88
CA GLY A 366 43.49 11.74 17.19
C GLY A 366 42.63 10.65 17.82
N ASN A 367 41.33 10.91 17.91
CA ASN A 367 40.38 9.95 18.48
C ASN A 367 40.18 8.78 17.51
N PRO A 368 40.49 7.56 17.91
CA PRO A 368 40.42 6.40 17.00
C PRO A 368 39.09 5.65 16.99
N ASN A 369 38.14 6.00 17.85
CA ASN A 369 37.01 5.13 18.20
C ASN A 369 35.80 5.39 17.31
N VAL A 370 35.69 4.64 16.22
CA VAL A 370 34.66 4.86 15.20
C VAL A 370 34.07 3.51 14.80
N HIS A 371 32.74 3.48 14.59
CA HIS A 371 32.04 2.27 14.22
C HIS A 371 31.03 2.54 13.10
N PHE A 372 30.95 1.61 12.14
CA PHE A 372 29.95 1.65 11.08
C PHE A 372 29.01 0.45 11.20
N GLU A 373 27.75 0.65 10.82
CA GLU A 373 26.69 -0.35 11.04
C GLU A 373 26.01 -0.70 9.72
N ILE A 374 26.70 -1.45 8.86
CA ILE A 374 26.19 -1.82 7.54
C ILE A 374 24.77 -2.36 7.65
N LEU A 375 23.80 -1.61 7.13
CA LEU A 375 22.43 -2.10 7.04
C LEU A 375 22.20 -2.96 5.81
N GLY A 376 20.93 -3.18 5.50
CA GLY A 376 20.53 -3.97 4.34
C GLY A 376 19.02 -3.92 4.25
N THR A 377 18.49 -4.48 3.17
CA THR A 377 17.05 -4.45 2.98
C THR A 377 16.50 -5.77 2.48
N ASN A 378 15.36 -6.17 3.05
CA ASN A 378 14.52 -7.24 2.56
C ASN A 378 13.73 -6.81 1.33
N TYR A 379 13.00 -7.75 0.74
CA TYR A 379 12.09 -7.46 -0.35
C TYR A 379 10.99 -8.51 -0.35
N GLY A 380 9.91 -8.22 -1.09
CA GLY A 380 8.71 -9.03 -1.04
C GLY A 380 7.74 -8.58 0.03
N GLU A 381 6.57 -8.12 -0.41
CA GLU A 381 5.66 -7.33 0.43
C GLU A 381 4.79 -8.17 1.35
N GLU A 382 5.39 -9.08 2.13
CA GLU A 382 4.65 -9.70 3.22
C GLU A 382 4.22 -8.64 4.23
N LEU A 383 5.11 -7.69 4.52
CA LEU A 383 4.82 -6.55 5.37
C LEU A 383 5.35 -5.26 4.74
N GLY A 384 5.50 -5.26 3.42
CA GLY A 384 6.26 -4.26 2.71
C GLY A 384 7.76 -4.46 2.81
N ARG A 385 8.49 -3.54 2.19
CA ARG A 385 9.95 -3.56 2.28
C ARG A 385 10.40 -3.30 3.72
N GLY A 386 11.51 -3.91 4.09
CA GLY A 386 11.98 -3.80 5.45
C GLY A 386 13.50 -3.78 5.52
N VAL A 387 14.00 -3.54 6.73
CA VAL A 387 15.42 -3.30 6.97
C VAL A 387 15.88 -4.26 8.06
N ARG A 388 17.11 -4.75 7.94
CA ARG A 388 17.73 -5.52 9.00
C ARG A 388 19.23 -5.24 9.05
N LYS A 389 19.77 -5.21 10.27
CA LYS A 389 21.20 -5.07 10.46
C LYS A 389 21.94 -6.28 9.89
N LEU A 390 23.04 -6.02 9.17
CA LEU A 390 23.87 -7.11 8.67
C LEU A 390 25.24 -7.22 9.32
N GLY A 391 25.73 -6.19 10.01
CA GLY A 391 27.09 -6.30 10.49
C GLY A 391 27.69 -5.15 11.27
N CYS A 392 29.01 -5.05 11.21
CA CYS A 392 29.79 -3.99 11.83
C CYS A 392 31.10 -3.86 11.08
N TRP A 393 31.68 -2.65 11.10
CA TRP A 393 33.04 -2.45 10.64
C TRP A 393 33.77 -1.51 11.59
N ASN A 394 35.05 -1.77 11.80
CA ASN A 394 35.84 -1.07 12.79
C ASN A 394 37.28 -1.01 12.30
N PRO A 395 38.09 -0.08 12.82
CA PRO A 395 39.43 0.11 12.26
C PRO A 395 40.42 -0.98 12.65
N VAL A 396 40.08 -1.80 13.65
CA VAL A 396 41.04 -2.75 14.23
C VAL A 396 40.94 -4.11 13.56
N THR A 397 39.74 -4.56 13.20
CA THR A 397 39.52 -5.96 12.87
C THR A 397 38.83 -6.19 11.54
N GLY A 398 38.26 -5.17 10.91
CA GLY A 398 37.53 -5.40 9.68
C GLY A 398 36.16 -6.06 9.85
N LEU A 399 35.61 -6.44 8.70
CA LEU A 399 34.20 -6.77 8.57
C LEU A 399 33.79 -7.87 9.53
N ASN A 400 32.60 -7.72 10.11
CA ASN A 400 32.00 -8.71 11.00
C ASN A 400 30.54 -8.88 10.63
N GLY A 401 30.03 -10.10 10.80
CA GLY A 401 28.89 -10.55 10.05
C GLY A 401 29.27 -11.11 8.69
N SER A 402 28.24 -11.36 7.88
CA SER A 402 28.46 -11.63 6.46
C SER A 402 27.24 -11.20 5.66
N LEU A 403 27.50 -10.75 4.44
CA LEU A 403 26.65 -9.80 3.73
C LEU A 403 25.87 -10.41 2.58
N THR A 404 26.02 -11.72 2.33
CA THR A 404 25.28 -12.36 1.24
C THR A 404 23.78 -12.38 1.55
N ASP A 405 23.02 -11.61 0.77
CA ASP A 405 21.58 -11.47 0.94
C ASP A 405 20.86 -12.78 0.59
N LYS A 406 19.64 -12.90 1.12
CA LYS A 406 18.80 -14.09 1.08
C LYS A 406 19.38 -15.31 1.78
N LYS A 407 20.67 -15.59 1.54
CA LYS A 407 21.37 -16.83 1.87
C LYS A 407 20.63 -18.08 1.38
N LEU A 408 21.19 -19.24 1.68
CA LEU A 408 20.60 -20.52 1.29
C LEU A 408 19.23 -20.72 1.95
N GLU A 409 18.25 -21.15 1.17
CA GLU A 409 16.96 -21.48 1.75
C GLU A 409 17.03 -22.79 2.54
N ASN A 410 15.97 -23.04 3.32
CA ASN A 410 15.68 -24.36 3.89
C ASN A 410 15.29 -25.33 2.78
N ASN A 411 16.29 -25.81 2.04
CA ASN A 411 16.03 -26.76 0.97
C ASN A 411 15.44 -28.06 1.51
N MET A 412 14.17 -28.32 1.19
CA MET A 412 13.39 -29.36 1.85
C MET A 412 13.79 -30.76 1.40
N ARG A 413 15.03 -30.92 0.93
CA ARG A 413 15.44 -32.06 0.12
C ARG A 413 15.15 -33.40 0.78
N GLY A 414 14.26 -34.20 0.19
CA GLY A 414 13.93 -35.50 0.71
C GLY A 414 12.86 -35.57 1.78
N VAL A 415 12.16 -34.47 2.07
CA VAL A 415 11.00 -34.54 2.95
C VAL A 415 9.78 -35.05 2.18
N VAL A 416 8.90 -35.76 2.86
CA VAL A 416 7.77 -36.44 2.26
C VAL A 416 6.48 -35.68 2.59
N LEU A 417 5.74 -35.32 1.56
CA LEU A 417 4.43 -34.68 1.70
C LEU A 417 3.40 -35.42 0.86
N ARG A 418 2.18 -35.51 1.37
CA ARG A 418 1.09 -36.22 0.71
C ARG A 418 0.06 -35.21 0.25
N VAL A 419 -0.13 -35.11 -1.06
CA VAL A 419 -0.87 -34.01 -1.67
C VAL A 419 -2.25 -34.50 -2.11
N VAL A 420 -3.29 -33.82 -1.63
CA VAL A 420 -4.65 -34.03 -2.12
C VAL A 420 -4.85 -33.14 -3.33
N THR A 421 -5.63 -33.60 -4.30
CA THR A 421 -6.01 -32.74 -5.42
C THR A 421 -7.42 -33.02 -5.88
N VAL A 422 -7.95 -32.05 -6.63
CA VAL A 422 -9.30 -32.06 -7.18
C VAL A 422 -9.19 -31.73 -8.66
N LEU A 423 -10.00 -32.38 -9.48
CA LEU A 423 -9.70 -32.61 -10.89
C LEU A 423 -10.53 -31.65 -11.73
N GLU A 424 -9.87 -30.81 -12.51
CA GLU A 424 -10.52 -29.72 -13.21
C GLU A 424 -9.69 -29.36 -14.44
N GLU A 425 -10.37 -28.88 -15.47
CA GLU A 425 -9.76 -28.54 -16.75
C GLU A 425 -8.67 -27.47 -16.58
N PRO A 426 -7.71 -27.37 -17.55
CA PRO A 426 -6.35 -26.89 -17.25
C PRO A 426 -5.69 -27.31 -15.95
N PHE A 427 -6.33 -27.07 -14.81
CA PHE A 427 -5.62 -27.07 -13.55
C PHE A 427 -5.15 -28.47 -13.13
N VAL A 428 -5.94 -29.51 -13.42
CA VAL A 428 -5.49 -30.89 -13.27
C VAL A 428 -6.24 -31.80 -14.23
N MET A 429 -5.50 -32.44 -15.15
CA MET A 429 -6.05 -33.39 -16.08
C MET A 429 -5.30 -34.72 -15.96
N VAL A 430 -6.02 -35.82 -16.20
CA VAL A 430 -5.38 -37.14 -16.23
C VAL A 430 -4.56 -37.27 -17.51
N SER A 431 -3.40 -37.94 -17.40
CA SER A 431 -2.52 -38.14 -18.54
C SER A 431 -2.18 -39.59 -18.85
N GLU A 432 -2.30 -40.50 -17.88
CA GLU A 432 -1.83 -41.86 -18.09
C GLU A 432 -2.70 -42.83 -17.30
N ASN A 433 -3.53 -43.61 -17.99
CA ASN A 433 -4.24 -44.75 -17.41
C ASN A 433 -3.46 -46.03 -17.69
N VAL A 434 -2.57 -46.39 -16.76
CA VAL A 434 -1.73 -47.57 -16.89
C VAL A 434 -1.74 -48.35 -15.58
N LEU A 435 -1.72 -49.68 -15.68
CA LEU A 435 -2.00 -50.60 -14.58
C LEU A 435 -3.41 -50.43 -14.04
N GLY A 436 -4.34 -50.03 -14.89
CA GLY A 436 -5.75 -50.00 -14.56
C GLY A 436 -6.25 -48.77 -13.84
N LYS A 437 -5.38 -47.82 -13.52
CA LYS A 437 -5.78 -46.64 -12.76
C LYS A 437 -5.06 -45.42 -13.29
N PRO A 438 -5.60 -44.21 -13.02
CA PRO A 438 -4.89 -42.99 -13.44
C PRO A 438 -3.61 -42.79 -12.65
N LYS A 439 -2.47 -43.01 -13.30
CA LYS A 439 -1.19 -43.06 -12.62
C LYS A 439 -0.43 -41.75 -12.65
N LYS A 440 -0.71 -40.85 -13.59
CA LYS A 440 -0.05 -39.56 -13.63
C LYS A 440 -1.02 -38.48 -14.06
N TYR A 441 -0.73 -37.25 -13.63
CA TYR A 441 -1.54 -36.06 -13.89
C TYR A 441 -0.63 -34.96 -14.42
N GLN A 442 -1.20 -34.08 -15.24
CA GLN A 442 -0.47 -32.94 -15.75
C GLN A 442 -1.42 -31.77 -15.93
N GLY A 443 -0.84 -30.57 -15.94
CA GLY A 443 -1.61 -29.34 -15.99
C GLY A 443 -0.93 -28.24 -15.21
N PHE A 444 -1.45 -27.03 -15.39
CA PHE A 444 -0.75 -25.81 -14.94
C PHE A 444 -0.40 -25.88 -13.47
N SER A 445 -1.37 -26.23 -12.62
CA SER A 445 -1.07 -26.25 -11.18
C SER A 445 -0.10 -27.37 -10.85
N ILE A 446 -0.15 -28.46 -11.62
CA ILE A 446 0.83 -29.52 -11.48
C ILE A 446 2.20 -29.05 -11.95
N ASP A 447 2.24 -28.26 -13.02
CA ASP A 447 3.51 -27.67 -13.44
C ASP A 447 4.11 -26.76 -12.38
N VAL A 448 3.27 -25.97 -11.69
CA VAL A 448 3.78 -25.14 -10.60
C VAL A 448 4.28 -25.99 -9.44
N LEU A 449 3.57 -27.06 -9.12
CA LEU A 449 4.06 -27.96 -8.07
C LEU A 449 5.39 -28.60 -8.48
N ASP A 450 5.49 -29.07 -9.72
CA ASP A 450 6.74 -29.66 -10.19
C ASP A 450 7.87 -28.64 -10.17
N ALA A 451 7.58 -27.38 -10.55
CA ALA A 451 8.58 -26.32 -10.49
C ALA A 451 9.09 -26.10 -9.07
N LEU A 452 8.21 -26.23 -8.08
CA LEU A 452 8.68 -26.18 -6.69
C LEU A 452 9.42 -27.45 -6.28
N SER A 453 8.97 -28.61 -6.75
CA SER A 453 9.60 -29.88 -6.37
C SER A 453 11.01 -30.03 -6.94
N ASN A 454 11.23 -29.55 -8.17
CA ASN A 454 12.58 -29.53 -8.72
C ASN A 454 13.53 -28.67 -7.90
N TYR A 455 13.04 -27.57 -7.34
CA TYR A 455 13.94 -26.65 -6.66
C TYR A 455 14.15 -27.04 -5.20
N LEU A 456 13.07 -27.22 -4.44
CA LEU A 456 13.17 -27.52 -3.02
C LEU A 456 13.45 -28.98 -2.74
N GLY A 457 13.18 -29.88 -3.68
CA GLY A 457 13.58 -31.27 -3.56
C GLY A 457 12.73 -32.14 -2.67
N PHE A 458 11.56 -31.68 -2.25
CA PHE A 458 10.55 -32.59 -1.73
C PHE A 458 9.98 -33.46 -2.84
N ASN A 459 9.65 -34.70 -2.52
CA ASN A 459 9.33 -35.72 -3.52
C ASN A 459 7.84 -35.86 -3.79
N TYR A 460 7.01 -35.73 -2.75
CA TYR A 460 5.54 -35.71 -2.79
C TYR A 460 4.87 -36.95 -3.41
N GLU A 461 3.66 -37.22 -2.94
CA GLU A 461 2.76 -38.24 -3.48
C GLU A 461 1.36 -37.64 -3.58
N ILE A 462 0.65 -37.90 -4.68
CA ILE A 462 -0.56 -37.16 -5.02
C ILE A 462 -1.72 -38.13 -5.21
N TYR A 463 -2.91 -37.70 -4.77
CA TYR A 463 -4.12 -38.49 -4.90
C TYR A 463 -5.33 -37.58 -5.02
N VAL A 464 -6.41 -38.12 -5.62
CA VAL A 464 -7.60 -37.35 -5.95
C VAL A 464 -8.61 -37.41 -4.81
N ALA A 465 -9.20 -36.25 -4.50
CA ALA A 465 -10.10 -36.12 -3.36
C ALA A 465 -11.29 -37.08 -3.49
N PRO A 466 -11.78 -37.64 -2.38
CA PRO A 466 -12.67 -38.81 -2.47
C PRO A 466 -14.02 -38.52 -3.10
N ASP A 467 -14.49 -37.26 -3.13
CA ASP A 467 -15.84 -37.00 -3.61
C ASP A 467 -15.95 -35.77 -4.50
N HIS A 468 -14.86 -35.35 -5.14
CA HIS A 468 -14.88 -34.30 -6.16
C HIS A 468 -15.48 -32.98 -5.66
N LYS A 469 -15.36 -32.68 -4.38
CA LYS A 469 -15.87 -31.43 -3.83
C LYS A 469 -14.76 -30.67 -3.13
N TYR A 470 -14.79 -29.34 -3.25
CA TYR A 470 -13.87 -28.50 -2.49
C TYR A 470 -14.20 -28.54 -1.00
N GLY A 471 -15.41 -28.16 -0.64
CA GLY A 471 -15.88 -28.32 0.73
C GLY A 471 -16.91 -27.27 1.09
N SER A 472 -17.79 -27.63 2.02
CA SER A 472 -18.78 -26.73 2.60
C SER A 472 -18.89 -27.03 4.09
N PRO A 473 -19.25 -26.03 4.90
CA PRO A 473 -19.51 -26.29 6.32
C PRO A 473 -20.83 -27.03 6.51
N GLN A 474 -20.75 -28.21 7.11
CA GLN A 474 -21.92 -29.06 7.25
C GLN A 474 -22.69 -28.72 8.52
N GLU A 475 -23.93 -29.23 8.59
CA GLU A 475 -24.83 -28.93 9.70
C GLU A 475 -24.23 -29.28 11.05
N ASP A 476 -23.38 -30.31 11.11
CA ASP A 476 -22.77 -30.71 12.37
C ASP A 476 -21.48 -29.95 12.71
N GLY A 477 -20.99 -29.10 11.81
CA GLY A 477 -19.72 -28.43 12.03
C GLY A 477 -18.50 -29.10 11.48
N THR A 478 -18.64 -30.16 10.69
CA THR A 478 -17.51 -30.72 9.97
C THR A 478 -17.42 -30.11 8.57
N TRP A 479 -16.27 -30.33 7.94
CA TRP A 479 -16.04 -29.93 6.56
C TRP A 479 -15.87 -31.17 5.70
N ASN A 480 -16.59 -31.23 4.59
CA ASN A 480 -16.43 -32.28 3.61
C ASN A 480 -15.37 -31.88 2.58
N GLY A 481 -15.11 -32.77 1.63
CA GLY A 481 -14.29 -32.45 0.48
C GLY A 481 -12.81 -32.23 0.75
N LEU A 482 -12.17 -31.59 -0.23
CA LEU A 482 -10.74 -31.26 -0.13
C LEU A 482 -10.42 -30.42 1.10
N VAL A 483 -11.33 -29.55 1.55
CA VAL A 483 -11.07 -28.84 2.79
C VAL A 483 -11.23 -29.77 3.98
N GLY A 484 -12.09 -30.79 3.86
CA GLY A 484 -12.20 -31.78 4.91
C GLY A 484 -10.95 -32.62 5.07
N GLU A 485 -10.36 -33.02 3.95
CA GLU A 485 -9.17 -33.88 3.96
C GLU A 485 -8.00 -33.25 4.73
N LEU A 486 -7.98 -31.92 4.88
CA LEU A 486 -6.95 -31.25 5.66
C LEU A 486 -7.31 -31.14 7.14
N VAL A 487 -8.59 -30.98 7.47
CA VAL A 487 -8.99 -30.83 8.87
C VAL A 487 -8.72 -32.10 9.67
N PHE A 488 -8.95 -33.27 9.07
CA PHE A 488 -8.63 -34.54 9.73
C PHE A 488 -7.18 -34.97 9.55
N LYS A 489 -6.33 -34.11 9.01
CA LYS A 489 -4.91 -34.41 8.80
C LYS A 489 -4.71 -35.69 7.99
N ARG A 490 -5.39 -35.78 6.85
CA ARG A 490 -5.05 -36.81 5.87
C ARG A 490 -3.95 -36.36 4.93
N ALA A 491 -4.17 -35.26 4.22
CA ALA A 491 -3.13 -34.66 3.39
C ALA A 491 -2.36 -33.60 4.18
N ASP A 492 -1.23 -33.17 3.62
CA ASP A 492 -0.49 -32.05 4.16
C ASP A 492 -0.49 -30.83 3.26
N ILE A 493 -0.78 -30.98 1.97
CA ILE A 493 -0.96 -29.86 1.06
C ILE A 493 -2.16 -30.15 0.18
N GLY A 494 -2.95 -29.13 -0.10
CA GLY A 494 -3.96 -29.18 -1.15
C GLY A 494 -3.67 -28.19 -2.24
N ILE A 495 -3.89 -28.61 -3.49
CA ILE A 495 -3.61 -27.75 -4.63
C ILE A 495 -4.57 -28.04 -5.79
N SER A 496 -5.37 -27.04 -6.13
CA SER A 496 -6.32 -27.11 -7.24
C SER A 496 -6.82 -25.71 -7.53
N ALA A 497 -7.99 -25.60 -8.16
CA ALA A 497 -8.56 -24.28 -8.44
C ALA A 497 -9.11 -23.63 -7.17
N LEU A 498 -8.37 -23.71 -6.06
CA LEU A 498 -8.91 -23.47 -4.73
C LEU A 498 -8.85 -21.97 -4.42
N THR A 499 -9.92 -21.27 -4.79
CA THR A 499 -10.04 -19.85 -4.47
C THR A 499 -9.94 -19.61 -2.97
N ILE A 500 -9.21 -18.56 -2.59
CA ILE A 500 -9.20 -18.10 -1.20
C ILE A 500 -10.50 -17.39 -0.88
N THR A 501 -11.10 -17.72 0.27
CA THR A 501 -12.31 -17.08 0.76
C THR A 501 -12.25 -16.95 2.27
N PRO A 502 -12.94 -15.96 2.84
CA PRO A 502 -12.90 -15.78 4.31
C PRO A 502 -13.39 -16.97 5.13
N ASP A 503 -14.38 -17.70 4.65
CA ASP A 503 -14.87 -18.86 5.39
C ASP A 503 -13.97 -20.09 5.30
N ARG A 504 -13.13 -20.21 4.27
CA ARG A 504 -12.10 -21.23 4.32
C ARG A 504 -10.97 -20.85 5.26
N GLU A 505 -10.57 -19.59 5.25
CA GLU A 505 -9.44 -19.08 6.03
C GLU A 505 -9.62 -19.26 7.54
N ASN A 506 -10.78 -19.77 7.97
CA ASN A 506 -10.90 -20.21 9.36
C ASN A 506 -10.15 -21.51 9.66
N VAL A 507 -9.97 -22.39 8.67
CA VAL A 507 -9.63 -23.78 8.95
C VAL A 507 -8.47 -24.30 8.11
N VAL A 508 -7.90 -23.50 7.21
CA VAL A 508 -6.69 -23.86 6.49
C VAL A 508 -5.86 -22.59 6.32
N ASP A 509 -4.56 -22.77 6.08
CA ASP A 509 -3.63 -21.68 5.85
C ASP A 509 -3.20 -21.63 4.39
N PHE A 510 -3.35 -20.47 3.77
CA PHE A 510 -3.04 -20.28 2.36
C PHE A 510 -1.69 -19.60 2.18
N THR A 511 -0.93 -20.07 1.19
CA THR A 511 0.17 -19.31 0.62
C THR A 511 -0.35 -18.10 -0.15
N THR A 512 0.52 -17.13 -0.38
CA THR A 512 0.17 -15.98 -1.20
C THR A 512 -0.16 -16.43 -2.62
N ARG A 513 -1.13 -15.74 -3.22
CA ARG A 513 -1.72 -16.20 -4.47
C ARG A 513 -0.74 -16.12 -5.63
N TYR A 514 -0.89 -17.05 -6.58
CA TYR A 514 -0.02 -17.16 -7.74
C TYR A 514 -0.71 -16.77 -9.05
N MET A 515 -2.00 -16.42 -9.02
CA MET A 515 -2.74 -16.06 -10.23
C MET A 515 -4.12 -15.56 -9.85
N ASP A 516 -4.55 -14.44 -10.43
CA ASP A 516 -5.78 -13.78 -10.02
C ASP A 516 -7.03 -14.35 -10.70
N TYR A 517 -8.14 -14.26 -9.97
CA TYR A 517 -9.44 -14.80 -10.35
C TYR A 517 -10.26 -13.77 -11.10
N SER A 518 -11.12 -14.23 -12.00
CA SER A 518 -12.05 -13.34 -12.68
C SER A 518 -13.28 -14.09 -13.14
N VAL A 519 -14.44 -13.45 -13.01
CA VAL A 519 -15.71 -13.97 -13.51
C VAL A 519 -15.89 -13.53 -14.95
N GLY A 520 -16.20 -14.48 -15.84
CA GLY A 520 -16.37 -14.17 -17.24
C GLY A 520 -17.58 -14.87 -17.83
N VAL A 521 -17.86 -14.53 -19.09
CA VAL A 521 -19.05 -15.00 -19.79
C VAL A 521 -18.61 -15.76 -21.04
N LEU A 522 -19.37 -16.78 -21.40
CA LEU A 522 -19.16 -17.50 -22.66
C LEU A 522 -20.23 -17.11 -23.68
N LEU A 523 -19.78 -16.79 -24.89
CA LEU A 523 -20.68 -16.44 -25.98
C LEU A 523 -20.18 -17.07 -27.27
N ARG A 524 -21.08 -17.21 -28.23
CA ARG A 524 -20.76 -17.87 -29.49
C ARG A 524 -20.48 -16.85 -30.59
N THR A 525 -63.81 14.43 -68.99
CA THR A 525 -63.42 13.04 -69.13
C THR A 525 -61.91 12.87 -68.97
N LEU A 526 -61.22 13.97 -68.66
CA LEU A 526 -59.77 13.99 -68.56
C LEU A 526 -59.26 13.36 -67.28
N ALA A 527 -60.16 13.10 -66.31
CA ALA A 527 -59.76 12.72 -64.96
C ALA A 527 -58.87 11.48 -64.94
N THR A 528 -59.10 10.54 -65.85
CA THR A 528 -58.27 9.34 -65.91
C THR A 528 -56.85 9.64 -66.37
N ARG A 529 -56.69 10.51 -67.38
CA ARG A 529 -55.36 10.97 -67.73
C ARG A 529 -54.74 11.80 -66.62
N MET A 530 -55.56 12.63 -65.95
CA MET A 530 -55.08 13.42 -64.81
C MET A 530 -54.61 12.52 -63.67
N MET A 531 -55.33 11.43 -63.41
CA MET A 531 -54.87 10.48 -62.41
C MET A 531 -53.54 9.84 -62.79
N MET A 532 -53.38 9.43 -64.05
CA MET A 532 -52.07 8.96 -64.48
C MET A 532 -51.03 10.07 -64.41
N GLY A 533 -51.44 11.31 -64.74
CA GLY A 533 -50.61 12.47 -64.52
C GLY A 533 -50.10 12.64 -63.10
N ALA A 534 -50.85 12.14 -62.12
CA ALA A 534 -50.32 12.05 -60.76
C ALA A 534 -49.47 10.79 -60.58
N TRP A 535 -50.01 9.63 -60.98
CA TRP A 535 -49.37 8.34 -60.78
C TRP A 535 -47.90 8.33 -61.21
N TRP A 536 -47.61 8.88 -62.40
CA TRP A 536 -46.26 8.83 -62.94
C TRP A 536 -45.22 9.43 -62.01
N LEU A 537 -45.60 10.36 -61.14
CA LEU A 537 -44.68 10.85 -60.11
C LEU A 537 -44.94 10.24 -58.74
N PHE A 538 -46.21 10.05 -58.36
CA PHE A 538 -46.54 9.50 -57.05
C PHE A 538 -45.91 8.13 -56.82
N ALA A 539 -45.95 7.26 -57.83
CA ALA A 539 -45.28 5.97 -57.73
C ALA A 539 -43.80 6.13 -57.41
N LEU A 540 -43.11 7.00 -58.16
CA LEU A 540 -41.69 7.24 -57.92
C LEU A 540 -41.44 7.79 -56.52
N ILE A 541 -42.34 8.64 -56.02
CA ILE A 541 -42.22 9.16 -54.66
C ILE A 541 -42.33 8.05 -53.62
N VAL A 542 -43.30 7.16 -53.80
CA VAL A 542 -43.45 6.01 -52.89
C VAL A 542 -42.23 5.09 -52.97
N ILE A 543 -41.74 4.83 -54.19
CA ILE A 543 -40.51 4.06 -54.36
C ILE A 543 -39.34 4.71 -53.65
N SER A 544 -39.23 6.04 -53.72
CA SER A 544 -38.16 6.73 -53.00
C SER A 544 -38.29 6.57 -51.49
N SER A 545 -39.52 6.69 -50.99
CA SER A 545 -39.77 6.51 -49.56
C SER A 545 -39.36 5.11 -49.10
N TYR A 546 -39.79 4.08 -49.82
CA TYR A 546 -39.36 2.72 -49.52
C TYR A 546 -37.85 2.57 -49.58
N THR A 547 -37.22 3.06 -50.66
CA THR A 547 -35.79 2.87 -50.85
C THR A 547 -35.00 3.51 -49.71
N ALA A 548 -35.36 4.75 -49.35
CA ALA A 548 -34.67 5.43 -48.26
C ALA A 548 -34.92 4.76 -46.91
N ASN A 549 -36.15 4.32 -46.65
CA ASN A 549 -36.42 3.62 -45.41
C ASN A 549 -35.63 2.33 -45.30
N LEU A 550 -35.54 1.57 -46.40
CA LEU A 550 -34.75 0.34 -46.40
C LEU A 550 -33.27 0.63 -46.22
N ALA A 551 -32.75 1.63 -46.93
CA ALA A 551 -31.35 2.02 -46.76
C ALA A 551 -31.04 2.41 -45.31
N ALA A 552 -31.94 3.17 -44.69
CA ALA A 552 -31.79 3.51 -43.28
C ALA A 552 -31.79 2.28 -42.38
N PHE A 553 -32.75 1.38 -42.59
CA PHE A 553 -32.78 0.13 -41.83
C PHE A 553 -31.48 -0.66 -41.97
N LEU A 554 -30.99 -0.81 -43.22
CA LEU A 554 -29.74 -1.51 -43.46
C LEU A 554 -28.55 -0.80 -42.83
N THR A 555 -28.62 0.53 -42.70
CA THR A 555 -27.54 1.24 -42.03
C THR A 555 -27.60 1.07 -40.52
N ILE A 556 -28.80 0.95 -39.96
CA ILE A 556 -28.91 0.61 -38.54
C ILE A 556 -28.49 -0.84 -38.31
N THR A 557 -28.91 -1.73 -39.22
CA THR A 557 -28.54 -3.13 -39.13
C THR A 557 -27.02 -3.27 -39.22
N ARG A 558 -26.48 -4.29 -38.54
CA ARG A 558 -25.08 -4.63 -38.23
C ARG A 558 -24.46 -3.80 -37.10
N ILE A 559 -25.10 -2.70 -36.71
CA ILE A 559 -24.63 -1.92 -35.57
C ILE A 559 -25.77 -1.65 -34.60
N GLU A 560 -26.91 -2.31 -34.82
CA GLU A 560 -28.05 -2.12 -33.93
C GLU A 560 -27.81 -2.79 -32.58
N SER A 561 -26.97 -3.84 -32.55
CA SER A 561 -26.68 -4.56 -31.32
C SER A 561 -25.25 -5.09 -31.26
N SER A 562 -24.34 -4.59 -32.10
CA SER A 562 -23.02 -5.20 -32.24
C SER A 562 -22.23 -5.11 -30.95
N ILE A 563 -21.56 -6.22 -30.60
CA ILE A 563 -20.65 -6.42 -29.46
C ILE A 563 -21.34 -6.14 -28.14
N GLN A 564 -20.68 -6.54 -27.04
CA GLN A 564 -21.22 -6.40 -25.69
C GLN A 564 -20.08 -6.46 -24.70
N SER A 565 -20.37 -6.03 -23.47
CA SER A 565 -19.49 -6.20 -22.33
C SER A 565 -20.36 -6.44 -21.11
N LEU A 566 -19.73 -6.60 -19.95
CA LEU A 566 -20.49 -6.68 -18.72
C LEU A 566 -21.30 -5.40 -18.50
N GLN A 567 -22.36 -5.54 -17.71
CA GLN A 567 -23.59 -4.74 -17.72
C GLN A 567 -24.43 -5.00 -18.97
N ASP A 568 -23.81 -5.02 -20.15
CA ASP A 568 -24.59 -5.05 -21.38
C ASP A 568 -25.42 -6.33 -21.49
N LEU A 569 -24.84 -7.45 -21.03
CA LEU A 569 -25.59 -8.69 -20.92
C LEU A 569 -26.80 -8.54 -20.03
N SER A 570 -26.75 -7.64 -19.04
CA SER A 570 -27.92 -7.37 -18.22
C SER A 570 -28.84 -6.33 -18.86
N LYS A 571 -28.35 -5.58 -19.83
CA LYS A 571 -29.16 -4.54 -20.47
C LYS A 571 -29.83 -5.02 -21.75
N GLN A 572 -29.21 -5.92 -22.49
CA GLN A 572 -29.93 -6.75 -23.43
C GLN A 572 -30.79 -7.77 -22.69
N THR A 573 -31.72 -8.39 -23.43
CA THR A 573 -32.56 -9.45 -22.89
C THR A 573 -32.85 -10.55 -23.90
N GLU A 574 -32.35 -10.44 -25.14
CA GLU A 574 -32.60 -11.45 -26.16
C GLU A 574 -31.83 -12.74 -25.90
N ILE A 575 -30.77 -12.69 -25.11
CA ILE A 575 -30.00 -13.88 -24.74
C ILE A 575 -30.31 -14.23 -23.29
N PRO A 576 -30.83 -15.43 -23.01
CA PRO A 576 -30.88 -15.93 -21.64
C PRO A 576 -29.51 -16.42 -21.17
N TYR A 577 -29.26 -16.23 -19.88
CA TYR A 577 -27.97 -16.59 -19.29
C TYR A 577 -28.16 -16.99 -17.83
N GLY A 578 -27.23 -17.79 -17.34
CA GLY A 578 -27.31 -18.31 -16.00
C GLY A 578 -26.05 -19.05 -15.63
N THR A 579 -26.18 -19.96 -14.66
CA THR A 579 -25.02 -20.59 -14.05
C THR A 579 -25.42 -21.95 -13.47
N VAL A 580 -24.41 -22.68 -13.01
CA VAL A 580 -24.64 -23.91 -12.26
C VAL A 580 -25.16 -23.57 -10.87
N LEU A 581 -26.30 -24.17 -10.50
CA LEU A 581 -26.92 -23.90 -9.22
C LEU A 581 -25.96 -24.17 -8.06
N ASP A 582 -26.08 -23.34 -7.02
CA ASP A 582 -25.36 -23.47 -5.76
C ASP A 582 -23.85 -23.45 -5.92
N SER A 583 -23.34 -23.06 -7.08
CA SER A 583 -21.92 -22.81 -7.22
C SER A 583 -21.51 -21.59 -6.40
N ALA A 584 -20.21 -21.45 -6.18
CA ALA A 584 -19.68 -20.24 -5.57
C ALA A 584 -20.04 -19.01 -6.39
N VAL A 585 -20.11 -19.16 -7.72
CA VAL A 585 -20.59 -18.10 -8.59
C VAL A 585 -22.03 -17.73 -8.28
N TYR A 586 -22.90 -18.74 -8.14
CA TYR A 586 -24.29 -18.50 -7.81
C TYR A 586 -24.45 -17.77 -6.48
N GLU A 587 -23.81 -18.28 -5.42
CA GLU A 587 -23.90 -17.61 -4.12
C GLU A 587 -23.29 -16.21 -4.15
N HIS A 588 -22.20 -16.03 -4.89
CA HIS A 588 -21.62 -14.71 -5.10
C HIS A 588 -22.65 -13.74 -5.70
N VAL A 589 -23.29 -14.14 -6.80
CA VAL A 589 -24.29 -13.29 -7.44
C VAL A 589 -25.48 -13.04 -6.52
N ARG A 590 -25.92 -14.05 -5.76
CA ARG A 590 -27.01 -13.86 -4.81
C ARG A 590 -26.65 -12.87 -3.70
N MET A 591 -25.43 -12.96 -3.18
CA MET A 591 -24.94 -11.98 -2.22
C MET A 591 -24.92 -10.58 -2.79
N LYS A 592 -24.38 -10.42 -4.01
CA LYS A 592 -24.33 -9.10 -4.63
C LYS A 592 -25.71 -8.56 -4.97
N GLY A 593 -26.65 -9.42 -5.34
CA GLY A 593 -27.92 -8.97 -5.88
C GLY A 593 -28.81 -8.24 -4.88
N LEU A 594 -28.68 -8.57 -3.60
CA LEU A 594 -29.59 -8.03 -2.59
C LEU A 594 -29.02 -6.86 -1.82
N ASN A 595 -27.71 -6.81 -1.62
CA ASN A 595 -27.10 -5.82 -0.73
C ASN A 595 -27.46 -4.42 -1.19
N PRO A 596 -28.22 -3.65 -0.40
CA PRO A 596 -28.66 -2.32 -0.86
C PRO A 596 -27.58 -1.26 -0.76
N PHE A 597 -26.43 -1.58 -0.18
CA PHE A 597 -25.34 -0.64 0.01
C PHE A 597 -24.25 -0.75 -1.05
N GLU A 598 -24.38 -1.70 -1.99
CA GLU A 598 -23.34 -1.90 -2.98
C GLU A 598 -23.38 -0.82 -4.05
N ARG A 599 -22.19 -0.41 -4.48
CA ARG A 599 -21.99 0.79 -5.30
C ARG A 599 -22.19 0.57 -6.79
N ASP A 600 -22.12 -0.67 -7.27
CA ASP A 600 -22.46 -0.99 -8.65
C ASP A 600 -23.72 -1.84 -8.67
N SER A 601 -24.77 -1.30 -9.31
CA SER A 601 -26.06 -1.97 -9.41
C SER A 601 -26.02 -3.21 -10.29
N MET A 602 -24.99 -3.33 -11.15
CA MET A 602 -24.95 -4.30 -12.25
C MET A 602 -25.50 -5.67 -11.86
N TYR A 603 -24.96 -6.25 -10.79
CA TYR A 603 -25.30 -7.63 -10.44
C TYR A 603 -26.79 -7.82 -10.15
N SER A 604 -27.42 -6.82 -9.51
CA SER A 604 -28.84 -6.95 -9.19
C SER A 604 -29.71 -7.18 -10.42
N GLN A 605 -29.39 -6.57 -11.56
CA GLN A 605 -30.18 -6.81 -12.76
C GLN A 605 -30.11 -8.26 -13.19
N MET A 606 -28.93 -8.87 -13.09
CA MET A 606 -28.78 -10.27 -13.45
C MET A 606 -29.55 -11.18 -12.51
N TRP A 607 -29.67 -10.80 -11.24
CA TRP A 607 -30.42 -11.61 -10.29
C TRP A 607 -31.88 -11.76 -10.68
N TRP A 608 -32.46 -10.74 -11.32
CA TRP A 608 -33.83 -10.85 -11.83
C TRP A 608 -33.99 -11.86 -12.96
N MET A 609 -32.89 -12.34 -13.54
CA MET A 609 -32.93 -13.46 -14.47
C MET A 609 -32.52 -14.79 -13.82
N ILE A 610 -31.49 -14.78 -12.99
CA ILE A 610 -30.97 -16.01 -12.42
C ILE A 610 -31.94 -16.60 -11.40
N ASN A 611 -32.69 -15.75 -10.70
CA ASN A 611 -33.53 -16.21 -9.60
C ASN A 611 -34.89 -16.77 -10.06
N ARG A 612 -35.25 -16.61 -11.34
CA ARG A 612 -36.61 -16.84 -11.78
C ARG A 612 -37.05 -18.27 -11.50
N SER A 613 -38.26 -18.41 -10.96
CA SER A 613 -38.87 -19.68 -10.59
C SER A 613 -37.95 -20.50 -9.68
N ASN A 614 -37.57 -19.88 -8.57
CA ASN A 614 -36.56 -20.40 -7.64
C ASN A 614 -35.27 -20.78 -8.37
N GLY A 615 -34.92 -19.99 -9.39
CA GLY A 615 -33.74 -20.25 -10.18
C GLY A 615 -33.85 -21.39 -11.17
N SER A 616 -35.02 -22.02 -11.30
CA SER A 616 -35.16 -23.20 -12.15
C SER A 616 -35.40 -22.85 -13.62
N GLU A 617 -35.61 -21.58 -13.94
CA GLU A 617 -35.88 -21.21 -15.33
C GLU A 617 -34.64 -21.31 -16.21
N ASN A 618 -33.51 -20.78 -15.74
CA ASN A 618 -32.36 -20.53 -16.60
C ASN A 618 -31.08 -21.24 -16.19
N ASN A 619 -31.05 -21.94 -15.06
CA ASN A 619 -29.85 -22.60 -14.60
C ASN A 619 -29.84 -24.06 -15.02
N VAL A 620 -28.67 -24.69 -14.88
CA VAL A 620 -28.41 -26.02 -15.41
C VAL A 620 -27.65 -26.82 -14.36
N LEU A 621 -27.63 -28.15 -14.54
CA LEU A 621 -26.93 -29.02 -13.61
C LEU A 621 -25.41 -28.92 -13.74
N GLU A 622 -24.89 -28.80 -14.96
CA GLU A 622 -23.45 -28.83 -15.14
C GLU A 622 -23.04 -27.96 -16.32
N SER A 623 -21.74 -27.59 -16.30
CA SER A 623 -21.15 -26.76 -17.36
C SER A 623 -21.35 -27.36 -18.75
N GLN A 624 -21.26 -28.69 -18.87
CA GLN A 624 -21.40 -29.33 -20.17
C GLN A 624 -22.71 -28.96 -20.85
N ALA A 625 -23.82 -29.05 -20.12
CA ALA A 625 -25.13 -28.74 -20.69
C ALA A 625 -25.24 -27.27 -21.08
N GLY A 626 -24.73 -26.37 -20.25
CA GLY A 626 -24.68 -24.96 -20.58
C GLY A 626 -23.93 -24.70 -21.86
N ILE A 627 -22.67 -25.17 -21.91
CA ILE A 627 -21.83 -24.97 -23.09
C ILE A 627 -22.52 -25.48 -24.34
N GLN A 628 -23.07 -26.69 -24.27
CA GLN A 628 -23.75 -27.28 -25.42
C GLN A 628 -24.99 -26.48 -25.84
N LYS A 629 -25.75 -25.96 -24.88
CA LYS A 629 -26.87 -25.09 -25.22
C LYS A 629 -26.40 -23.78 -25.85
N VAL A 630 -25.26 -23.25 -25.40
CA VAL A 630 -24.68 -22.08 -26.06
C VAL A 630 -24.31 -22.42 -27.50
N LYS A 631 -23.73 -23.60 -27.73
CA LYS A 631 -23.30 -23.97 -29.08
C LYS A 631 -24.49 -24.34 -29.97
N TYR A 632 -25.52 -24.95 -29.40
CA TYR A 632 -26.60 -25.56 -30.17
C TYR A 632 -27.96 -24.94 -29.86
N GLY A 633 -27.98 -23.63 -29.61
CA GLY A 633 -29.23 -22.94 -29.32
C GLY A 633 -29.06 -21.44 -29.18
N ASN A 634 -29.73 -20.84 -28.21
CA ASN A 634 -29.48 -19.46 -27.81
C ASN A 634 -29.39 -19.41 -26.28
N TYR A 635 -28.17 -19.23 -25.78
CA TYR A 635 -27.93 -19.20 -24.34
C TYR A 635 -26.60 -18.51 -24.11
N ALA A 636 -26.38 -18.10 -22.86
CA ALA A 636 -25.06 -17.70 -22.41
C ALA A 636 -24.80 -18.26 -21.03
N PHE A 637 -23.52 -18.33 -20.66
CA PHE A 637 -23.09 -19.15 -19.54
C PHE A 637 -22.03 -18.40 -18.76
N VAL A 638 -22.08 -18.52 -17.43
CA VAL A 638 -21.20 -17.77 -16.54
C VAL A 638 -20.39 -18.75 -15.70
N TRP A 639 -19.08 -18.57 -15.68
CA TRP A 639 -18.16 -19.48 -15.00
C TRP A 639 -16.81 -18.78 -14.89
N ASP A 640 -15.78 -19.53 -14.48
CA ASP A 640 -14.43 -18.99 -14.50
C ASP A 640 -14.05 -18.55 -15.91
N ALA A 641 -13.65 -17.28 -16.05
CA ALA A 641 -13.12 -16.82 -17.32
C ALA A 641 -11.92 -17.65 -17.76
N ALA A 642 -11.05 -17.99 -16.81
CA ALA A 642 -9.85 -18.78 -17.06
C ALA A 642 -10.11 -20.20 -17.53
N VAL A 643 -11.35 -20.70 -17.43
CA VAL A 643 -11.71 -21.96 -18.06
C VAL A 643 -12.46 -21.76 -19.37
N LEU A 644 -13.37 -20.78 -19.43
CA LEU A 644 -14.09 -20.52 -20.66
C LEU A 644 -13.16 -20.11 -21.80
N GLU A 645 -12.10 -19.36 -21.49
CA GLU A 645 -11.06 -19.09 -22.48
C GLU A 645 -10.50 -20.38 -23.05
N TYR A 646 -10.06 -21.29 -22.17
CA TYR A 646 -9.49 -22.56 -22.61
C TYR A 646 -10.47 -23.36 -23.46
N VAL A 647 -11.77 -23.28 -23.13
CA VAL A 647 -12.77 -23.95 -23.97
C VAL A 647 -12.84 -23.31 -25.35
N ALA A 648 -12.95 -21.98 -25.40
CA ALA A 648 -13.00 -21.29 -26.69
C ALA A 648 -11.73 -21.54 -27.51
N ILE A 649 -10.57 -21.48 -26.89
CA ILE A 649 -9.28 -21.60 -27.58
C ILE A 649 -9.06 -23.04 -28.01
N ASN A 650 -10.01 -23.93 -27.72
CA ASN A 650 -9.98 -25.27 -28.27
C ASN A 650 -11.32 -25.69 -28.87
N ASP A 651 -12.17 -24.73 -29.17
CA ASP A 651 -13.34 -25.00 -30.00
C ASP A 651 -12.90 -25.21 -31.45
N PRO A 652 -13.17 -26.36 -32.07
CA PRO A 652 -12.72 -26.58 -33.45
C PRO A 652 -13.37 -25.65 -34.46
N ASP A 653 -14.53 -25.07 -34.14
CA ASP A 653 -15.11 -24.03 -34.98
C ASP A 653 -14.52 -22.65 -34.71
N CYS A 654 -13.76 -22.49 -33.62
CA CYS A 654 -13.30 -21.19 -33.14
C CYS A 654 -14.44 -20.18 -33.04
N SER A 655 -15.65 -20.67 -32.73
CA SER A 655 -16.85 -19.87 -32.79
C SER A 655 -17.16 -19.16 -31.48
N PHE A 656 -16.60 -19.64 -30.36
CA PHE A 656 -16.80 -19.03 -29.06
C PHE A 656 -15.90 -17.82 -28.86
N TYR A 657 -16.38 -16.90 -28.02
CA TYR A 657 -15.60 -15.75 -27.55
C TYR A 657 -16.08 -15.39 -26.16
N THR A 658 -15.30 -14.54 -25.47
CA THR A 658 -15.50 -14.35 -24.04
C THR A 658 -15.09 -12.95 -23.62
N ILE A 659 -15.53 -12.57 -22.42
CA ILE A 659 -15.38 -11.22 -21.86
C ILE A 659 -15.30 -11.35 -20.35
N GLY A 660 -14.80 -10.31 -19.70
CA GLY A 660 -14.84 -10.25 -18.24
C GLY A 660 -13.98 -9.14 -17.71
N ASN A 661 -13.94 -9.05 -16.37
CA ASN A 661 -12.97 -8.19 -15.70
C ASN A 661 -12.58 -8.78 -14.35
N THR A 662 -11.42 -8.34 -13.88
CA THR A 662 -10.71 -8.96 -12.76
C THR A 662 -11.44 -8.74 -11.43
N VAL A 663 -11.58 -9.82 -10.65
CA VAL A 663 -12.11 -9.72 -9.29
C VAL A 663 -10.99 -9.29 -8.35
N ALA A 664 -11.35 -8.46 -7.36
CA ALA A 664 -10.37 -7.88 -6.45
C ALA A 664 -9.71 -8.92 -5.55
N ASP A 665 -8.39 -9.06 -5.72
CA ASP A 665 -7.47 -9.80 -4.84
C ASP A 665 -7.74 -11.29 -4.63
N ARG A 666 -8.96 -11.77 -4.86
CA ARG A 666 -9.19 -13.22 -4.79
C ARG A 666 -8.43 -13.93 -5.90
N GLY A 667 -7.72 -14.98 -5.52
CA GLY A 667 -6.97 -15.76 -6.49
C GLY A 667 -6.52 -17.07 -5.89
N TYR A 668 -6.11 -17.97 -6.78
CA TYR A 668 -5.75 -19.33 -6.41
C TYR A 668 -4.62 -19.33 -5.39
N GLY A 669 -4.48 -20.45 -4.68
CA GLY A 669 -3.44 -20.56 -3.67
C GLY A 669 -3.21 -21.99 -3.27
N ILE A 670 -1.96 -22.28 -2.90
CA ILE A 670 -1.62 -23.53 -2.24
C ILE A 670 -2.08 -23.46 -0.79
N ALA A 671 -2.85 -24.45 -0.35
CA ALA A 671 -3.38 -24.50 1.00
C ALA A 671 -2.70 -25.61 1.79
N LEU A 672 -2.29 -25.29 3.01
CA LEU A 672 -1.60 -26.22 3.91
C LEU A 672 -2.42 -26.43 5.17
N GLN A 673 -2.08 -27.50 5.89
CA GLN A 673 -2.68 -27.73 7.20
C GLN A 673 -2.46 -26.53 8.11
N HIS A 674 -3.41 -26.33 9.03
CA HIS A 674 -3.36 -25.16 9.91
C HIS A 674 -2.17 -25.27 10.84
N GLY A 675 -1.28 -24.27 10.79
CA GLY A 675 -0.05 -24.31 11.55
C GLY A 675 1.12 -25.01 10.90
N SER A 676 1.03 -25.33 9.61
CA SER A 676 2.14 -25.99 8.93
C SER A 676 3.33 -25.04 8.78
N PRO A 677 4.56 -25.53 8.88
CA PRO A 677 5.74 -24.66 8.83
C PRO A 677 6.12 -24.23 7.42
N TYR A 678 5.78 -25.06 6.42
CA TYR A 678 6.31 -24.91 5.07
C TYR A 678 5.75 -23.70 4.32
N ARG A 679 4.71 -23.05 4.86
CA ARG A 679 4.04 -21.97 4.13
C ARG A 679 5.01 -20.86 3.72
N ASP A 680 5.90 -20.45 4.63
CA ASP A 680 6.74 -19.28 4.41
C ASP A 680 7.74 -19.49 3.28
N VAL A 681 8.35 -20.67 3.21
CA VAL A 681 9.21 -21.01 2.09
C VAL A 681 8.46 -20.97 0.77
N PHE A 682 7.26 -21.56 0.74
CA PHE A 682 6.48 -21.50 -0.50
C PHE A 682 6.07 -20.08 -0.85
N SER A 683 5.82 -19.24 0.16
CA SER A 683 5.49 -17.85 -0.12
C SER A 683 6.67 -17.12 -0.76
N GLN A 684 7.85 -17.26 -0.16
CA GLN A 684 9.05 -16.66 -0.73
C GLN A 684 9.27 -17.13 -2.16
N ARG A 685 9.30 -18.45 -2.37
CA ARG A 685 9.66 -18.95 -3.68
C ARG A 685 8.62 -18.63 -4.74
N ILE A 686 7.36 -18.41 -4.34
CA ILE A 686 6.38 -17.89 -5.30
C ILE A 686 6.67 -16.44 -5.62
N LEU A 687 7.00 -15.64 -4.61
CA LEU A 687 7.28 -14.23 -4.87
C LEU A 687 8.49 -14.05 -5.78
N GLU A 688 9.50 -14.92 -5.64
CA GLU A 688 10.60 -14.97 -6.59
C GLU A 688 10.15 -15.39 -7.99
N LEU A 689 9.45 -16.54 -8.10
CA LEU A 689 9.03 -17.03 -9.40
C LEU A 689 8.13 -16.04 -10.16
N GLN A 690 7.37 -15.24 -9.43
CA GLN A 690 6.50 -14.25 -10.08
C GLN A 690 7.26 -13.12 -10.76
N GLN A 691 8.48 -12.82 -10.32
CA GLN A 691 9.25 -11.75 -10.95
C GLN A 691 10.07 -12.19 -12.16
N ASN A 692 10.56 -13.43 -12.18
CA ASN A 692 11.41 -13.89 -13.28
C ASN A 692 10.70 -13.88 -14.62
N GLY A 693 9.37 -13.95 -14.64
CA GLY A 693 8.63 -14.28 -15.84
C GLY A 693 8.47 -15.76 -16.12
N ASP A 694 9.16 -16.62 -15.37
CA ASP A 694 8.94 -18.06 -15.48
C ASP A 694 7.48 -18.40 -15.25
N MET A 695 6.89 -17.84 -14.19
CA MET A 695 5.47 -18.00 -13.95
C MET A 695 4.67 -17.57 -15.18
N ASP A 696 5.00 -16.43 -15.76
CA ASP A 696 4.16 -15.91 -16.84
C ASP A 696 4.39 -16.70 -18.14
N ILE A 697 5.52 -17.40 -18.23
CA ILE A 697 5.72 -18.33 -19.32
C ILE A 697 4.83 -19.56 -19.15
N LEU A 698 4.80 -20.12 -17.94
CA LEU A 698 3.87 -21.21 -17.69
C LEU A 698 2.42 -20.76 -17.91
N LYS A 699 2.10 -19.54 -17.48
CA LYS A 699 0.81 -18.89 -17.68
C LYS A 699 0.46 -18.64 -19.14
N HIS A 700 1.43 -18.73 -20.04
CA HIS A 700 1.14 -18.66 -21.47
C HIS A 700 1.21 -20.00 -22.18
N LYS A 701 1.99 -20.94 -21.64
CA LYS A 701 2.12 -22.28 -22.20
C LYS A 701 0.76 -22.98 -22.35
N TRP A 702 0.00 -23.06 -21.25
CA TRP A 702 -1.12 -24.00 -21.19
C TRP A 702 -2.36 -23.53 -21.93
N TRP A 703 -2.57 -22.23 -22.06
CA TRP A 703 -3.56 -21.72 -23.02
C TRP A 703 -3.07 -20.39 -23.56
N PRO A 704 -2.55 -20.39 -24.79
CA PRO A 704 -1.86 -19.21 -25.31
C PRO A 704 -2.82 -18.10 -25.69
N LYS A 705 -2.42 -16.86 -25.40
CA LYS A 705 -3.26 -15.71 -25.70
C LYS A 705 -3.09 -15.23 -27.14
N ASN A 706 -2.23 -15.88 -27.92
CA ASN A 706 -1.88 -15.43 -29.26
C ASN A 706 -1.67 -16.63 -30.17
N GLY A 707 -1.97 -16.44 -31.45
CA GLY A 707 -1.73 -17.48 -32.43
C GLY A 707 -2.91 -18.37 -32.71
N GLN A 708 -4.12 -17.79 -32.73
CA GLN A 708 -5.31 -18.52 -33.13
C GLN A 708 -6.24 -17.56 -33.84
N CYS A 709 -7.12 -18.11 -34.68
CA CYS A 709 -8.05 -17.31 -35.46
C CYS A 709 -9.33 -17.00 -34.71
N ASP A 710 -9.43 -17.38 -33.44
CA ASP A 710 -10.54 -17.03 -32.56
C ASP A 710 -11.92 -17.12 -33.22
N ILE B 1 57.08 56.59 -3.96
CA ILE B 1 56.48 55.35 -4.43
C ILE B 1 57.15 54.16 -3.74
N HIS B 2 56.37 53.45 -2.92
CA HIS B 2 56.86 52.28 -2.19
C HIS B 2 56.02 51.07 -2.59
N ILE B 3 56.69 50.03 -3.08
CA ILE B 3 56.04 48.84 -3.61
C ILE B 3 56.39 47.65 -2.73
N GLY B 4 55.38 46.88 -2.33
CA GLY B 4 55.58 45.71 -1.51
C GLY B 4 55.64 44.45 -2.35
N ALA B 5 56.47 43.50 -1.91
CA ALA B 5 56.51 42.18 -2.53
C ALA B 5 56.63 41.11 -1.46
N ILE B 6 55.84 40.05 -1.61
CA ILE B 6 55.94 38.85 -0.78
C ILE B 6 56.26 37.68 -1.68
N PHE B 7 57.34 36.96 -1.37
CA PHE B 7 57.81 35.87 -2.20
C PHE B 7 58.02 34.62 -1.37
N ASP B 8 57.77 33.47 -2.00
CA ASP B 8 58.11 32.19 -1.40
C ASP B 8 59.62 32.02 -1.32
N GLU B 9 60.07 31.33 -0.27
CA GLU B 9 61.49 31.08 -0.07
C GLU B 9 62.19 30.50 -1.30
N SER B 10 61.45 29.79 -2.17
CA SER B 10 62.05 29.24 -3.37
C SER B 10 62.24 30.28 -4.48
N ALA B 11 61.57 31.42 -4.41
CA ALA B 11 61.42 32.30 -5.56
C ALA B 11 62.64 33.18 -5.83
N LYS B 12 63.82 32.77 -5.34
CA LYS B 12 64.99 33.65 -5.36
C LYS B 12 65.36 34.15 -6.75
N LYS B 13 64.96 33.44 -7.82
CA LYS B 13 65.11 33.98 -9.16
C LYS B 13 64.09 35.09 -9.44
N ASP B 14 62.87 34.95 -8.92
CA ASP B 14 61.86 35.98 -9.13
C ASP B 14 62.30 37.30 -8.49
N ASP B 15 62.94 37.24 -7.32
CA ASP B 15 63.47 38.45 -6.69
C ASP B 15 64.44 39.17 -7.62
N GLU B 16 65.43 38.44 -8.13
CA GLU B 16 66.43 39.02 -9.02
C GLU B 16 65.82 39.58 -10.30
N VAL B 17 64.78 38.91 -10.83
CA VAL B 17 64.09 39.47 -11.99
C VAL B 17 63.33 40.75 -11.63
N PHE B 18 62.71 40.78 -10.45
CA PHE B 18 62.04 41.99 -9.99
C PHE B 18 63.02 43.16 -9.89
N ARG B 19 64.19 42.92 -9.28
CA ARG B 19 65.21 43.95 -9.20
C ARG B 19 65.69 44.38 -10.58
N THR B 20 65.93 43.42 -11.48
CA THR B 20 66.34 43.76 -12.84
C THR B 20 65.31 44.65 -13.53
N ALA B 21 64.03 44.34 -13.37
CA ALA B 21 62.97 45.14 -13.95
C ALA B 21 62.92 46.56 -13.39
N VAL B 22 63.11 46.70 -12.08
CA VAL B 22 63.19 48.05 -11.51
C VAL B 22 64.43 48.78 -12.02
N GLY B 23 65.56 48.09 -12.15
CA GLY B 23 66.73 48.71 -12.74
C GLY B 23 66.50 49.21 -14.16
N ASP B 24 65.89 48.37 -15.00
CA ASP B 24 65.51 48.77 -16.35
C ASP B 24 64.52 49.92 -16.37
N LEU B 25 63.70 50.07 -15.32
CA LEU B 25 62.77 51.19 -15.34
C LEU B 25 63.38 52.49 -14.84
N ASN B 26 64.25 52.44 -13.84
CA ASN B 26 64.97 53.62 -13.38
C ASN B 26 65.87 54.22 -14.45
N GLN B 27 66.26 53.43 -15.45
CA GLN B 27 67.00 53.95 -16.61
C GLN B 27 66.10 54.50 -17.70
N ASN B 28 64.80 54.23 -17.67
CA ASN B 28 63.91 54.73 -18.71
C ASN B 28 63.69 56.22 -18.53
N GLU B 29 64.14 57.01 -19.50
CA GLU B 29 64.12 58.47 -19.44
C GLU B 29 62.71 59.05 -19.56
N GLU B 30 61.71 58.24 -19.88
CA GLU B 30 60.38 58.73 -20.19
C GLU B 30 59.33 58.37 -19.14
N ILE B 31 59.71 57.71 -18.06
CA ILE B 31 58.77 57.22 -17.05
C ILE B 31 59.25 57.64 -15.67
N LEU B 32 58.34 58.23 -14.90
CA LEU B 32 58.59 58.67 -13.52
C LEU B 32 59.86 59.53 -13.44
N GLN B 33 59.98 60.46 -14.38
CA GLN B 33 61.23 61.19 -14.58
C GLN B 33 61.67 61.94 -13.34
N THR B 34 60.73 62.33 -12.47
CA THR B 34 61.05 63.05 -11.25
C THR B 34 61.31 62.16 -10.04
N GLU B 35 61.16 60.84 -10.17
CA GLU B 35 61.09 59.97 -9.01
C GLU B 35 62.07 58.82 -9.19
N LYS B 36 62.29 58.08 -8.10
CA LYS B 36 62.76 56.71 -8.15
C LYS B 36 61.82 55.79 -7.38
N ILE B 37 61.51 54.64 -7.98
CA ILE B 37 60.76 53.60 -7.29
C ILE B 37 61.58 53.03 -6.15
N THR B 38 60.91 52.74 -5.03
CA THR B 38 61.52 52.01 -3.92
C THR B 38 60.63 50.82 -3.57
N PHE B 39 61.24 49.78 -3.00
CA PHE B 39 60.50 48.57 -2.73
C PHE B 39 61.08 47.85 -1.51
N SER B 40 60.26 46.98 -0.93
CA SER B 40 60.65 46.09 0.15
C SER B 40 60.24 44.66 -0.20
N VAL B 41 61.09 43.70 0.17
CA VAL B 41 60.89 42.30 -0.19
C VAL B 41 60.96 41.46 1.09
N THR B 42 60.17 40.39 1.13
CA THR B 42 60.17 39.51 2.27
C THR B 42 59.87 38.08 1.81
N PHE B 43 60.46 37.11 2.50
CA PHE B 43 60.31 35.70 2.18
C PHE B 43 59.55 34.99 3.28
N VAL B 44 58.67 34.07 2.89
CA VAL B 44 57.83 33.33 3.83
C VAL B 44 57.66 31.90 3.33
N ASP B 45 57.43 30.98 4.27
CA ASP B 45 57.05 29.61 3.95
C ASP B 45 55.59 29.60 3.49
N GLY B 46 55.38 29.26 2.23
CA GLY B 46 54.04 29.29 1.63
C GLY B 46 53.01 28.42 2.33
N ASN B 47 53.44 27.46 3.14
CA ASN B 47 52.53 26.61 3.90
C ASN B 47 52.08 27.22 5.23
N ASN B 48 52.61 28.38 5.62
CA ASN B 48 52.36 28.95 6.94
C ASN B 48 51.65 30.30 6.79
N PRO B 49 50.33 30.29 6.58
CA PRO B 49 49.67 31.51 6.06
C PRO B 49 49.63 32.64 7.07
N PHE B 50 49.54 32.33 8.37
CA PHE B 50 49.54 33.37 9.39
C PHE B 50 50.79 34.24 9.28
N GLN B 51 51.95 33.61 9.11
CA GLN B 51 53.18 34.37 8.95
C GLN B 51 53.12 35.30 7.76
N ALA B 52 52.47 34.88 6.68
CA ALA B 52 52.35 35.75 5.51
C ALA B 52 51.42 36.93 5.79
N VAL B 53 50.32 36.69 6.53
CA VAL B 53 49.44 37.78 6.93
C VAL B 53 50.20 38.80 7.78
N GLN B 54 50.93 38.29 8.78
CA GLN B 54 51.70 39.17 9.66
C GLN B 54 52.76 39.97 8.89
N GLU B 55 53.54 39.31 8.05
CA GLU B 55 54.53 40.03 7.25
C GLU B 55 53.89 41.03 6.28
N ALA B 56 52.67 40.75 5.80
CA ALA B 56 51.99 41.74 4.98
C ALA B 56 51.60 42.97 5.79
N CYS B 57 51.05 42.77 6.99
CA CYS B 57 50.72 43.92 7.82
C CYS B 57 51.96 44.69 8.26
N GLU B 58 53.09 44.02 8.45
CA GLU B 58 54.34 44.71 8.69
C GLU B 58 54.83 45.52 7.50
N LEU B 59 54.29 45.29 6.30
CA LEU B 59 54.44 46.25 5.21
C LEU B 59 53.41 47.38 5.34
N MET B 60 52.16 47.02 5.55
CA MET B 60 51.10 48.02 5.64
C MET B 60 51.29 48.98 6.81
N ASN B 61 52.03 48.57 7.84
CA ASN B 61 52.43 49.51 8.88
C ASN B 61 53.24 50.66 8.29
N GLN B 62 54.06 50.38 7.28
CA GLN B 62 54.81 51.42 6.59
C GLN B 62 54.01 52.04 5.45
N GLY B 63 53.11 51.29 4.84
CA GLY B 63 52.31 51.78 3.73
C GLY B 63 52.88 51.47 2.37
N ILE B 64 52.00 51.13 1.44
CA ILE B 64 52.37 50.75 0.07
C ILE B 64 51.27 51.21 -0.86
N LEU B 65 51.63 51.43 -2.13
CA LEU B 65 50.62 51.70 -3.15
C LEU B 65 50.03 50.44 -3.74
N ALA B 66 50.80 49.35 -3.81
CA ALA B 66 50.30 48.11 -4.38
C ALA B 66 51.13 46.96 -3.83
N LEU B 67 50.56 45.75 -3.91
CA LEU B 67 51.18 44.54 -3.38
C LEU B 67 51.31 43.52 -4.51
N VAL B 68 52.55 43.12 -4.80
CA VAL B 68 52.81 42.07 -5.78
C VAL B 68 53.18 40.80 -5.02
N SER B 69 52.53 39.70 -5.37
CA SER B 69 52.71 38.47 -4.61
C SER B 69 52.87 37.29 -5.54
N SER B 70 53.63 36.29 -5.06
CA SER B 70 53.86 35.04 -5.79
C SER B 70 53.96 33.94 -4.74
N ILE B 71 52.87 33.20 -4.55
CA ILE B 71 52.80 32.22 -3.48
C ILE B 71 51.69 31.23 -3.81
N GLY B 72 51.87 29.98 -3.40
CA GLY B 72 50.95 28.93 -3.79
C GLY B 72 49.59 29.06 -3.12
N CYS B 73 48.62 28.32 -3.68
CA CYS B 73 47.22 28.49 -3.32
C CYS B 73 46.95 28.27 -1.83
N THR B 74 47.85 27.58 -1.13
CA THR B 74 47.68 27.38 0.32
C THR B 74 47.63 28.69 1.09
N SER B 75 48.33 29.73 0.61
CA SER B 75 48.30 31.03 1.26
C SER B 75 47.39 32.06 0.61
N ALA B 76 47.05 31.90 -0.66
CA ALA B 76 46.36 32.96 -1.38
C ALA B 76 44.96 33.23 -0.86
N GLY B 77 44.36 32.28 -0.14
CA GLY B 77 43.10 32.55 0.54
C GLY B 77 43.18 33.46 1.73
N SER B 78 44.35 33.56 2.38
CA SER B 78 44.58 34.49 3.46
C SER B 78 45.26 35.79 3.02
N LEU B 79 45.36 36.05 1.72
CA LEU B 79 45.81 37.34 1.23
C LEU B 79 44.81 37.96 0.27
N GLN B 80 44.11 37.14 -0.52
CA GLN B 80 42.94 37.60 -1.25
C GLN B 80 41.91 38.25 -0.33
N SER B 81 41.86 37.85 0.93
CA SER B 81 40.89 38.38 1.87
C SER B 81 41.48 39.41 2.82
N LEU B 82 42.73 39.81 2.61
CA LEU B 82 43.32 40.96 3.29
C LEU B 82 43.05 42.25 2.51
N ALA B 83 43.38 42.24 1.22
CA ALA B 83 43.19 43.41 0.37
C ALA B 83 41.77 43.97 0.46
N ASP B 84 40.76 43.09 0.41
CA ASP B 84 39.38 43.56 0.51
C ASP B 84 39.12 44.35 1.79
N ALA B 85 39.84 44.04 2.87
CA ALA B 85 39.62 44.78 4.11
C ALA B 85 40.38 46.10 4.14
N MET B 86 41.22 46.36 3.14
CA MET B 86 42.14 47.50 3.18
C MET B 86 42.21 48.22 1.83
N HIS B 87 41.52 47.74 0.81
CA HIS B 87 41.50 48.33 -0.52
C HIS B 87 42.88 48.49 -1.14
N ILE B 88 43.88 47.78 -0.61
CA ILE B 88 45.21 47.73 -1.20
C ILE B 88 45.13 46.89 -2.48
N PRO B 89 45.49 47.43 -3.64
CA PRO B 89 45.33 46.65 -4.88
C PRO B 89 46.37 45.55 -4.98
N HIS B 90 45.89 44.33 -5.19
CA HIS B 90 46.71 43.12 -5.09
C HIS B 90 46.82 42.45 -6.46
N LEU B 91 48.06 42.23 -6.91
CA LEU B 91 48.32 41.51 -8.15
C LEU B 91 48.98 40.17 -7.80
N PHE B 92 48.33 39.08 -8.19
CA PHE B 92 48.69 37.75 -7.75
C PHE B 92 49.28 36.97 -8.92
N ILE B 93 50.45 36.38 -8.73
CA ILE B 93 51.09 35.50 -9.70
C ILE B 93 51.11 34.08 -9.13
N GLN B 94 50.31 33.19 -9.70
CA GLN B 94 50.16 31.85 -9.14
C GLN B 94 51.41 31.02 -9.37
N ARG B 95 51.89 30.38 -8.30
CA ARG B 95 53.05 29.51 -8.30
C ARG B 95 52.63 28.13 -7.80
N SER B 96 53.28 27.08 -8.30
CA SER B 96 52.88 25.73 -7.93
C SER B 96 54.08 24.83 -7.73
N THR B 97 53.89 23.81 -6.89
CA THR B 97 54.99 23.03 -6.33
C THR B 97 55.78 22.27 -7.38
N ALA B 98 57.11 22.38 -7.30
CA ALA B 98 58.04 21.55 -8.08
C ALA B 98 57.73 21.52 -9.58
N GLY B 99 57.09 22.56 -10.10
CA GLY B 99 56.76 22.59 -11.50
C GLY B 99 55.60 21.71 -11.93
N THR B 100 54.93 21.03 -11.00
CA THR B 100 53.84 20.15 -11.37
C THR B 100 52.75 20.96 -12.09
N PRO B 101 51.99 20.34 -12.97
CA PRO B 101 51.00 21.10 -13.75
C PRO B 101 50.01 21.81 -12.84
N ARG B 102 49.66 23.03 -13.23
CA ARG B 102 48.90 23.93 -12.39
C ARG B 102 47.43 23.50 -12.30
N SER B 103 46.78 23.91 -11.21
CA SER B 103 45.33 23.80 -11.09
C SER B 103 44.81 24.95 -10.25
N GLY B 104 43.53 25.28 -10.47
CA GLY B 104 42.97 26.50 -9.89
C GLY B 104 42.72 26.37 -8.40
N CYS B 105 42.93 27.47 -7.67
CA CYS B 105 42.78 27.42 -6.22
C CYS B 105 41.35 27.10 -5.82
N GLY B 106 40.37 27.43 -6.66
CA GLY B 106 38.99 27.10 -6.36
C GLY B 106 38.35 27.90 -5.26
N LEU B 107 38.79 29.15 -5.07
CA LEU B 107 38.19 30.05 -4.09
C LEU B 107 37.31 31.09 -4.75
N THR B 108 36.06 31.17 -4.30
CA THR B 108 35.16 32.28 -4.65
C THR B 108 34.85 33.08 -3.38
N ARG B 109 35.91 33.55 -2.72
CA ARG B 109 35.89 34.30 -1.47
C ARG B 109 34.68 35.21 -1.30
N SER B 110 34.02 35.08 -0.15
CA SER B 110 32.64 35.51 0.07
C SER B 110 32.39 36.93 -0.43
N ASN B 111 31.40 37.07 -1.31
CA ASN B 111 31.12 38.22 -2.17
C ASN B 111 30.51 39.40 -1.41
N ARG B 112 30.51 39.36 -0.07
CA ARG B 112 30.09 40.48 0.76
C ARG B 112 31.12 41.61 0.76
N ASN B 113 31.91 41.69 -0.30
CA ASN B 113 33.11 42.52 -0.37
C ASN B 113 33.35 42.88 -1.82
N ASP B 114 34.34 43.74 -2.06
CA ASP B 114 34.70 44.07 -3.43
C ASP B 114 35.57 43.00 -4.09
N ASP B 115 36.54 43.41 -4.90
CA ASP B 115 37.27 42.47 -5.75
C ASP B 115 38.68 42.99 -6.05
N TYR B 116 39.48 43.20 -5.00
CA TYR B 116 40.75 43.88 -5.12
C TYR B 116 41.90 42.96 -5.54
N THR B 117 41.63 41.72 -5.93
CA THR B 117 42.65 40.82 -6.44
C THR B 117 42.45 40.59 -7.93
N LEU B 118 43.52 40.76 -8.70
CA LEU B 118 43.57 40.43 -10.13
C LEU B 118 44.57 39.32 -10.40
N SER B 119 44.12 38.27 -11.08
CA SER B 119 44.96 37.09 -11.33
C SER B 119 45.69 37.28 -12.65
N VAL B 120 47.02 37.28 -12.61
CA VAL B 120 47.80 37.62 -13.79
C VAL B 120 47.87 36.46 -14.78
N ARG B 121 48.24 35.27 -14.32
CA ARG B 121 48.29 34.12 -15.21
C ARG B 121 46.90 33.69 -15.67
N PRO B 122 46.76 33.25 -16.92
CA PRO B 122 45.43 32.94 -17.47
C PRO B 122 44.79 31.75 -16.80
N PRO B 123 43.51 31.49 -17.09
CA PRO B 123 42.86 30.26 -16.61
C PRO B 123 43.55 28.99 -17.05
N VAL B 124 43.35 27.93 -16.26
CA VAL B 124 43.85 26.60 -16.57
C VAL B 124 42.99 25.96 -17.64
N TYR B 125 43.60 25.49 -18.73
CA TYR B 125 42.87 24.90 -19.86
C TYR B 125 43.30 23.47 -20.22
N LEU B 126 44.11 22.81 -19.37
CA LEU B 126 44.54 21.43 -19.66
C LEU B 126 43.39 20.53 -20.08
N HIS B 127 42.32 20.48 -19.29
CA HIS B 127 41.24 19.52 -19.49
C HIS B 127 40.39 19.78 -20.71
N ASP B 128 40.69 20.81 -21.50
CA ASP B 128 39.99 21.08 -22.75
C ASP B 128 40.86 20.78 -23.96
N VAL B 129 42.14 21.17 -23.88
CA VAL B 129 43.10 20.74 -24.90
C VAL B 129 43.15 19.23 -24.96
N ILE B 130 43.37 18.57 -23.81
CA ILE B 130 43.51 17.12 -23.82
C ILE B 130 42.15 16.44 -23.99
N LEU B 131 41.11 17.21 -24.29
CA LEU B 131 39.84 16.64 -24.73
C LEU B 131 39.48 17.07 -26.15
N ARG B 132 40.38 17.77 -26.82
CA ARG B 132 40.38 17.78 -28.28
C ARG B 132 41.44 16.87 -28.89
N VAL B 133 42.63 16.84 -28.29
CA VAL B 133 43.71 16.01 -28.82
C VAL B 133 43.34 14.53 -28.76
N VAL B 134 42.92 14.04 -27.59
CA VAL B 134 42.40 12.67 -27.53
C VAL B 134 40.95 12.71 -27.98
N THR B 135 40.72 13.19 -29.19
CA THR B 135 39.47 12.97 -29.89
C THR B 135 39.76 13.01 -31.38
N GLU B 136 40.75 13.83 -31.79
CA GLU B 136 41.28 13.68 -33.13
C GLU B 136 41.87 12.29 -33.36
N TYR B 137 42.64 11.77 -32.40
CA TYR B 137 43.11 10.39 -32.49
C TYR B 137 42.01 9.35 -32.29
N ALA B 138 40.81 9.76 -31.89
CA ALA B 138 39.66 8.86 -31.74
C ALA B 138 39.95 7.61 -30.91
N TRP B 139 40.64 7.78 -29.78
CA TRP B 139 41.00 6.64 -28.94
C TRP B 139 39.76 5.99 -28.33
N GLN B 140 39.98 4.88 -27.62
CA GLN B 140 38.90 4.12 -27.00
C GLN B 140 39.26 3.52 -25.64
N LYS B 141 40.50 3.12 -25.37
CA LYS B 141 40.90 2.80 -24.01
C LYS B 141 42.33 3.25 -23.74
N PHE B 142 42.55 3.87 -22.57
CA PHE B 142 43.84 4.45 -22.25
C PHE B 142 43.94 4.59 -20.73
N ILE B 143 45.15 4.92 -20.27
CA ILE B 143 45.46 5.06 -18.84
C ILE B 143 46.08 6.43 -18.58
N ILE B 144 45.78 7.00 -17.42
CA ILE B 144 46.22 8.32 -17.00
C ILE B 144 47.13 8.22 -15.79
N PHE B 145 48.25 8.93 -15.80
CA PHE B 145 49.20 8.91 -14.71
C PHE B 145 49.44 10.33 -14.21
N TYR B 146 49.82 10.47 -12.94
CA TYR B 146 50.29 11.75 -12.43
C TYR B 146 51.33 11.51 -11.33
N ASP B 147 52.22 12.48 -11.15
CA ASP B 147 53.06 12.46 -9.96
C ASP B 147 52.21 12.81 -8.73
N SER B 148 52.76 12.56 -7.54
CA SER B 148 51.98 12.70 -6.32
C SER B 148 51.53 14.13 -6.06
N GLU B 149 52.20 15.12 -6.63
CA GLU B 149 51.94 16.53 -6.29
C GLU B 149 50.73 17.11 -7.00
N TYR B 150 50.16 16.43 -7.99
CA TYR B 150 49.04 16.98 -8.75
C TYR B 150 47.74 16.92 -7.97
N ASP B 151 46.90 17.94 -8.16
CA ASP B 151 45.59 18.04 -7.54
C ASP B 151 44.58 17.42 -8.52
N ILE B 152 44.14 16.20 -8.23
CA ILE B 152 43.31 15.41 -9.14
C ILE B 152 42.07 16.16 -9.63
N ARG B 153 41.59 17.16 -8.89
CA ARG B 153 40.39 17.87 -9.32
C ARG B 153 40.56 18.61 -10.64
N GLY B 154 41.79 18.89 -11.06
CA GLY B 154 42.04 19.46 -12.37
C GLY B 154 41.53 18.64 -13.55
N ILE B 155 41.18 17.37 -13.34
CA ILE B 155 40.53 16.57 -14.37
C ILE B 155 39.16 16.06 -13.93
N GLN B 156 38.65 16.54 -12.79
CA GLN B 156 37.28 16.23 -12.38
C GLN B 156 36.26 16.56 -13.46
N GLU B 157 36.58 17.51 -14.34
CA GLU B 157 35.67 17.97 -15.39
C GLU B 157 35.81 17.19 -16.68
N PHE B 158 36.83 16.34 -16.79
CA PHE B 158 37.15 15.57 -17.98
C PHE B 158 36.72 14.11 -17.89
N LEU B 159 36.89 13.48 -16.73
CA LEU B 159 36.41 12.13 -16.48
C LEU B 159 34.89 11.97 -16.50
N ASP B 160 34.11 13.04 -16.55
CA ASP B 160 32.71 12.90 -16.95
C ASP B 160 32.58 12.52 -18.42
N LYS B 161 33.07 13.37 -19.31
CA LYS B 161 32.69 13.28 -20.71
C LYS B 161 33.28 12.03 -21.36
N VAL B 162 34.44 11.58 -20.89
CA VAL B 162 34.97 10.29 -21.29
C VAL B 162 34.09 9.13 -20.81
N SER B 163 33.39 9.31 -19.69
CA SER B 163 32.44 8.29 -19.26
C SER B 163 31.21 8.29 -20.15
N GLN B 164 30.59 9.46 -20.36
CA GLN B 164 29.37 9.49 -21.16
C GLN B 164 29.64 9.14 -22.62
N GLN B 165 30.86 9.35 -23.12
CA GLN B 165 31.25 8.84 -24.42
C GLN B 165 31.66 7.37 -24.40
N GLY B 166 31.57 6.70 -23.25
CA GLY B 166 31.71 5.26 -23.20
C GLY B 166 33.12 4.73 -23.35
N MET B 167 34.13 5.58 -23.36
CA MET B 167 35.50 5.11 -23.21
C MET B 167 35.69 4.51 -21.83
N ASP B 168 36.79 3.77 -21.66
CA ASP B 168 37.19 3.25 -20.36
C ASP B 168 38.56 3.79 -19.98
N VAL B 169 38.68 4.29 -18.75
CA VAL B 169 39.88 4.96 -18.27
C VAL B 169 40.17 4.47 -16.86
N ALA B 170 41.47 4.37 -16.54
CA ALA B 170 41.90 4.14 -15.18
C ALA B 170 43.17 4.94 -14.92
N LEU B 171 43.46 5.18 -13.65
CA LEU B 171 44.54 6.07 -13.27
C LEU B 171 45.35 5.47 -12.13
N GLN B 172 46.62 5.89 -12.03
CA GLN B 172 47.54 5.36 -11.03
C GLN B 172 48.45 6.46 -10.51
N LYS B 173 48.87 6.32 -9.25
CA LYS B 173 49.77 7.27 -8.62
C LYS B 173 51.20 6.77 -8.82
N VAL B 174 52.05 7.61 -9.41
CA VAL B 174 53.42 7.24 -9.72
C VAL B 174 54.33 7.70 -8.58
N GLU B 175 54.53 6.83 -7.60
CA GLU B 175 55.40 7.13 -6.47
C GLU B 175 56.78 7.57 -6.98
N ASN B 176 57.46 8.38 -6.18
CA ASN B 176 58.77 8.89 -6.59
C ASN B 176 59.83 7.79 -6.67
N ASN B 177 59.75 6.75 -5.84
CA ASN B 177 60.55 5.54 -6.02
C ASN B 177 59.90 4.63 -7.07
N ILE B 178 60.17 4.95 -8.34
CA ILE B 178 59.54 4.23 -9.45
C ILE B 178 59.90 2.74 -9.39
N ASN B 179 61.19 2.46 -9.20
CA ASN B 179 61.70 1.10 -9.29
C ASN B 179 61.03 0.19 -8.29
N LYS B 180 60.78 0.68 -7.07
CA LYS B 180 60.08 -0.13 -6.08
C LYS B 180 58.70 -0.52 -6.57
N MET B 181 58.04 0.37 -7.30
CA MET B 181 56.72 0.06 -7.84
C MET B 181 56.82 -1.02 -8.91
N ILE B 182 57.67 -0.80 -9.93
CA ILE B 182 57.72 -1.73 -11.04
C ILE B 182 58.19 -3.10 -10.60
N THR B 183 59.20 -3.14 -9.71
CA THR B 183 59.63 -4.42 -9.14
C THR B 183 58.53 -5.08 -8.32
N THR B 184 57.76 -4.31 -7.53
CA THR B 184 56.64 -4.92 -6.82
C THR B 184 55.59 -5.45 -7.78
N LEU B 185 55.39 -4.78 -8.90
CA LEU B 185 54.47 -5.29 -9.93
C LEU B 185 54.93 -6.64 -10.45
N PHE B 186 56.21 -6.77 -10.79
CA PHE B 186 56.74 -8.08 -11.17
C PHE B 186 56.63 -9.11 -10.05
N ASP B 187 56.84 -8.69 -8.81
CA ASP B 187 56.68 -9.57 -7.65
C ASP B 187 55.25 -9.91 -7.29
N THR B 188 54.25 -9.27 -7.89
CA THR B 188 52.87 -9.45 -7.45
C THR B 188 51.86 -9.73 -8.56
N MET B 189 52.22 -9.61 -9.82
CA MET B 189 51.41 -10.17 -10.90
C MET B 189 52.11 -11.33 -11.57
N ARG B 190 51.41 -12.47 -11.63
CA ARG B 190 51.85 -13.60 -12.43
C ARG B 190 51.69 -13.29 -13.92
N ILE B 191 52.33 -14.12 -14.75
CA ILE B 191 52.39 -13.85 -16.19
C ILE B 191 51.00 -13.65 -16.77
N GLU B 192 50.04 -14.49 -16.36
CA GLU B 192 48.65 -14.30 -16.78
C GLU B 192 48.13 -12.93 -16.34
N GLU B 193 48.39 -12.57 -15.08
CA GLU B 193 47.94 -11.29 -14.57
C GLU B 193 48.71 -10.13 -15.18
N LEU B 194 50.03 -10.30 -15.34
CA LEU B 194 50.86 -9.26 -15.95
C LEU B 194 50.45 -9.00 -17.40
N ASN B 195 50.05 -10.04 -18.13
CA ASN B 195 49.56 -9.84 -19.49
C ASN B 195 48.22 -9.11 -19.56
N ARG B 196 47.52 -8.93 -18.45
CA ARG B 196 46.41 -7.96 -18.43
C ARG B 196 46.90 -6.55 -18.73
N TYR B 197 48.13 -6.24 -18.36
CA TYR B 197 48.59 -4.88 -18.10
C TYR B 197 49.65 -4.41 -19.06
N ARG B 198 50.56 -5.29 -19.49
CA ARG B 198 51.51 -4.98 -20.55
C ARG B 198 50.83 -4.60 -21.86
N ASP B 199 49.55 -4.90 -22.02
CA ASP B 199 48.77 -4.36 -23.13
C ASP B 199 48.43 -2.88 -22.94
N THR B 200 47.75 -2.54 -21.86
CA THR B 200 47.09 -1.24 -21.77
C THR B 200 48.07 -0.07 -21.79
N LEU B 201 49.25 -0.22 -21.22
CA LEU B 201 50.29 0.82 -21.29
C LEU B 201 50.73 1.18 -22.71
N ARG B 202 50.18 0.53 -23.73
CA ARG B 202 50.40 0.99 -25.09
C ARG B 202 49.79 2.35 -25.40
N ARG B 203 48.84 2.84 -24.61
CA ARG B 203 48.24 4.14 -24.86
C ARG B 203 48.00 4.87 -23.54
N ALA B 204 48.83 5.88 -23.25
CA ALA B 204 48.84 6.48 -21.92
C ALA B 204 49.05 7.98 -22.02
N ILE B 205 48.62 8.68 -20.97
CA ILE B 205 48.85 10.10 -20.78
C ILE B 205 49.71 10.28 -19.54
N LEU B 206 50.76 11.08 -19.65
CA LEU B 206 51.52 11.49 -18.46
C LEU B 206 51.23 12.94 -18.14
N VAL B 207 50.88 13.21 -16.89
CA VAL B 207 50.63 14.57 -16.42
C VAL B 207 51.50 14.82 -15.20
N MET B 208 52.80 15.01 -15.40
CA MET B 208 53.70 15.12 -14.25
C MET B 208 54.90 15.98 -14.61
N ASN B 209 55.69 16.31 -13.58
CA ASN B 209 56.91 17.08 -13.77
C ASN B 209 57.90 16.31 -14.62
N PRO B 210 58.57 16.98 -15.56
CA PRO B 210 59.42 16.24 -16.53
C PRO B 210 60.52 15.41 -15.89
N ALA B 211 61.14 15.91 -14.81
CA ALA B 211 62.21 15.18 -14.15
C ALA B 211 61.77 13.83 -13.60
N THR B 212 60.48 13.62 -13.36
CA THR B 212 59.98 12.29 -13.06
C THR B 212 59.66 11.51 -14.34
N ALA B 213 59.13 12.20 -15.35
CA ALA B 213 58.74 11.53 -16.59
C ALA B 213 59.94 10.87 -17.27
N LYS B 214 61.10 11.52 -17.23
CA LYS B 214 62.31 10.92 -17.78
C LYS B 214 62.65 9.59 -17.10
N SER B 215 62.64 9.57 -15.78
CA SER B 215 62.99 8.36 -15.04
C SER B 215 61.94 7.27 -15.24
N PHE B 216 60.66 7.65 -15.30
CA PHE B 216 59.60 6.67 -15.56
C PHE B 216 59.72 6.06 -16.94
N ILE B 217 59.95 6.88 -17.98
CA ILE B 217 60.19 6.33 -19.31
C ILE B 217 61.43 5.45 -19.34
N THR B 218 62.47 5.82 -18.61
CA THR B 218 63.68 5.00 -18.54
C THR B 218 63.39 3.63 -17.96
N GLU B 219 62.68 3.59 -16.83
CA GLU B 219 62.36 2.30 -16.20
C GLU B 219 61.41 1.46 -17.05
N VAL B 220 60.41 2.08 -17.66
CA VAL B 220 59.48 1.36 -18.53
C VAL B 220 60.20 0.78 -19.75
N VAL B 221 61.19 1.49 -20.28
CA VAL B 221 61.97 0.98 -21.41
C VAL B 221 62.89 -0.16 -20.98
N GLU B 222 63.63 0.02 -19.88
CA GLU B 222 64.59 -0.99 -19.48
C GLU B 222 63.95 -2.31 -19.05
N THR B 223 62.65 -2.32 -18.76
CA THR B 223 61.94 -3.58 -18.52
C THR B 223 61.21 -4.08 -19.77
N ASN B 224 61.22 -3.32 -20.85
CA ASN B 224 60.52 -3.64 -22.09
C ASN B 224 59.04 -3.95 -21.84
N LEU B 225 58.38 -3.05 -21.11
CA LEU B 225 56.93 -3.08 -20.98
C LEU B 225 56.20 -2.54 -22.20
N VAL B 226 56.93 -1.96 -23.16
CA VAL B 226 56.33 -1.29 -24.31
C VAL B 226 57.08 -1.69 -25.58
N ALA B 227 56.40 -1.54 -26.71
CA ALA B 227 56.92 -1.95 -28.00
C ALA B 227 56.59 -0.89 -29.03
N PHE B 228 56.95 -1.17 -30.28
CA PHE B 228 57.03 -0.17 -31.34
C PHE B 228 55.69 0.49 -31.68
N ASP B 229 54.58 -0.01 -31.14
CA ASP B 229 53.29 0.64 -31.36
C ASP B 229 52.83 1.53 -30.21
N CYS B 230 53.56 1.57 -29.09
CA CYS B 230 53.12 2.37 -27.96
C CYS B 230 53.10 3.85 -28.31
N HIS B 231 52.16 4.58 -27.71
CA HIS B 231 51.90 5.98 -28.07
C HIS B 231 51.55 6.76 -26.80
N TRP B 232 52.48 7.56 -26.31
CA TRP B 232 52.36 8.21 -25.00
C TRP B 232 52.30 9.72 -25.18
N ILE B 233 51.22 10.33 -24.72
CA ILE B 233 51.09 11.79 -24.73
C ILE B 233 51.64 12.34 -23.43
N ILE B 234 52.44 13.40 -23.51
CA ILE B 234 52.82 14.22 -22.36
C ILE B 234 52.16 15.58 -22.51
N ILE B 235 51.49 16.05 -21.47
CA ILE B 235 50.96 17.42 -21.45
C ILE B 235 51.42 18.14 -20.18
N ASN B 236 51.90 19.37 -20.35
CA ASN B 236 52.37 20.20 -19.26
C ASN B 236 52.35 21.64 -19.74
N GLU B 237 52.28 22.57 -18.79
CA GLU B 237 52.44 23.97 -19.17
C GLU B 237 53.88 24.34 -19.50
N GLU B 238 54.86 23.59 -19.01
CA GLU B 238 56.25 24.06 -18.98
C GLU B 238 57.17 22.89 -19.28
N ILE B 239 57.66 22.79 -20.53
CA ILE B 239 58.82 21.97 -20.85
C ILE B 239 59.78 22.80 -21.70
N ASN B 240 61.03 22.89 -21.25
CA ASN B 240 62.06 23.64 -21.95
C ASN B 240 62.58 22.85 -23.14
N ASP B 241 63.21 23.58 -24.07
CA ASP B 241 63.63 22.98 -25.34
C ASP B 241 64.65 21.87 -25.17
N VAL B 242 65.42 21.90 -24.08
CA VAL B 242 66.37 20.81 -23.80
C VAL B 242 65.62 19.54 -23.42
N ASP B 243 64.66 19.65 -22.49
CA ASP B 243 63.93 18.47 -22.05
C ASP B 243 63.07 17.87 -23.15
N VAL B 244 62.57 18.69 -24.09
CA VAL B 244 61.90 18.13 -25.27
C VAL B 244 62.81 17.17 -26.01
N GLN B 245 64.06 17.59 -26.24
CA GLN B 245 64.97 16.76 -27.01
C GLN B 245 65.40 15.54 -26.22
N GLU B 246 65.63 15.69 -24.91
CA GLU B 246 66.00 14.53 -24.10
C GLU B 246 64.87 13.51 -24.04
N LEU B 247 63.61 13.96 -23.99
CA LEU B 247 62.49 13.03 -24.01
C LEU B 247 62.34 12.33 -25.36
N VAL B 248 62.48 13.08 -26.46
CA VAL B 248 62.48 12.47 -27.78
C VAL B 248 63.61 11.44 -27.92
N ARG B 249 64.77 11.73 -27.32
CA ARG B 249 65.89 10.80 -27.39
C ARG B 249 65.65 9.56 -26.53
N ARG B 250 65.06 9.72 -25.35
CA ARG B 250 64.87 8.57 -24.46
C ARG B 250 63.67 7.72 -24.85
N SER B 251 62.61 8.33 -25.38
CA SER B 251 61.43 7.55 -25.71
C SER B 251 61.67 6.67 -26.93
N ILE B 252 61.02 5.51 -26.93
CA ILE B 252 60.74 4.76 -28.15
C ILE B 252 59.41 5.23 -28.72
N GLY B 253 58.86 4.47 -29.66
CA GLY B 253 57.48 4.66 -30.08
C GLY B 253 57.22 6.04 -30.64
N ARG B 254 55.96 6.48 -30.53
CA ARG B 254 55.52 7.76 -31.07
C ARG B 254 55.05 8.66 -29.95
N LEU B 255 55.71 9.80 -29.81
CA LEU B 255 55.45 10.76 -28.75
C LEU B 255 54.52 11.88 -29.24
N THR B 256 54.01 12.66 -28.28
CA THR B 256 53.41 13.95 -28.61
C THR B 256 53.53 14.84 -27.39
N ILE B 257 54.23 15.97 -27.52
CA ILE B 257 54.44 16.92 -26.44
C ILE B 257 53.58 18.15 -26.68
N ILE B 258 52.91 18.63 -25.63
CA ILE B 258 52.17 19.89 -25.68
C ILE B 258 52.80 20.84 -24.66
N ARG B 259 52.86 22.12 -25.01
CA ARG B 259 53.36 23.13 -24.07
C ARG B 259 52.88 24.50 -24.50
N GLN B 260 52.98 25.44 -23.56
CA GLN B 260 52.68 26.85 -23.82
C GLN B 260 53.71 27.46 -24.76
N THR B 261 53.29 28.46 -25.53
CA THR B 261 54.19 29.16 -26.43
C THR B 261 53.79 30.63 -26.55
N PHE B 262 54.77 31.47 -26.90
CA PHE B 262 54.63 32.92 -26.81
C PHE B 262 54.97 33.57 -28.15
N PRO B 263 54.21 34.58 -28.55
CA PRO B 263 54.61 35.41 -29.70
C PRO B 263 55.79 36.30 -29.36
N VAL B 264 56.63 36.55 -30.35
CA VAL B 264 57.83 37.38 -30.18
C VAL B 264 58.11 38.17 -31.45
N PRO B 265 58.81 39.30 -31.35
CA PRO B 265 59.21 40.05 -32.57
C PRO B 265 59.97 39.19 -33.57
N GLN B 266 59.75 39.49 -34.85
CA GLN B 266 60.28 38.67 -35.93
C GLN B 266 61.77 38.85 -36.15
N ASN B 267 62.36 39.96 -35.72
CA ASN B 267 63.78 40.22 -35.92
C ASN B 267 64.54 40.11 -34.60
N ILE B 268 65.55 39.24 -34.57
CA ILE B 268 66.25 38.94 -33.33
C ILE B 268 66.85 40.21 -32.72
N SER B 269 67.46 41.05 -33.55
CA SER B 269 68.06 42.29 -33.06
C SER B 269 67.04 43.22 -32.41
N GLN B 270 65.77 43.11 -32.79
CA GLN B 270 64.76 44.01 -32.26
C GLN B 270 64.04 43.45 -31.03
N ARG B 271 64.29 42.19 -30.69
CA ARG B 271 63.55 41.55 -29.60
C ARG B 271 63.88 42.15 -28.23
N CYS B 272 64.97 42.89 -28.11
CA CYS B 272 65.27 43.62 -26.88
C CYS B 272 64.42 44.86 -26.68
N PHE B 273 63.56 45.23 -27.63
CA PHE B 273 62.80 46.45 -27.56
C PHE B 273 61.30 46.14 -27.48
N ARG B 274 60.58 47.03 -26.80
CA ARG B 274 59.11 47.02 -26.79
C ARG B 274 58.65 48.46 -26.80
N GLY B 275 58.09 48.90 -27.92
CA GLY B 275 57.89 50.32 -28.14
C GLY B 275 59.21 51.06 -28.06
N ASN B 276 59.24 52.12 -27.25
CA ASN B 276 60.48 52.82 -26.95
C ASN B 276 61.33 52.09 -25.92
N HIS B 277 60.73 51.22 -25.11
CA HIS B 277 61.45 50.59 -24.00
C HIS B 277 62.45 49.56 -24.53
N ARG B 278 63.51 49.36 -23.76
CA ARG B 278 64.55 48.39 -24.09
C ARG B 278 64.83 47.50 -22.88
N ILE B 279 64.88 46.19 -23.12
CA ILE B 279 65.05 45.18 -22.07
C ILE B 279 66.53 44.94 -21.88
N SER B 280 66.92 44.61 -20.64
CA SER B 280 68.29 44.19 -20.37
C SER B 280 68.67 42.96 -21.21
N SER B 281 69.91 42.98 -21.69
CA SER B 281 70.48 41.85 -22.43
C SER B 281 70.36 40.54 -21.66
N THR B 282 70.46 40.58 -20.33
CA THR B 282 70.37 39.38 -19.51
C THR B 282 69.07 38.62 -19.68
N LEU B 283 68.03 39.26 -20.20
CA LEU B 283 66.79 38.57 -20.55
C LEU B 283 66.52 38.51 -22.04
N CYS B 284 66.83 39.58 -22.79
CA CYS B 284 66.45 39.66 -24.19
C CYS B 284 67.43 38.95 -25.13
N ASP B 285 68.62 38.60 -24.67
CA ASP B 285 69.53 37.82 -25.50
C ASP B 285 69.13 36.35 -25.46
N PRO B 286 68.71 35.77 -26.58
CA PRO B 286 68.30 34.35 -26.57
C PRO B 286 69.45 33.38 -26.38
N LYS B 287 70.70 33.84 -26.47
CA LYS B 287 71.86 32.98 -26.34
C LYS B 287 72.45 32.95 -24.93
N ASP B 288 72.03 33.86 -24.05
CA ASP B 288 72.63 33.92 -22.72
C ASP B 288 72.18 32.73 -21.88
N PRO B 289 73.10 32.08 -21.16
CA PRO B 289 72.72 30.95 -20.28
C PRO B 289 71.59 31.26 -19.31
N PHE B 290 71.44 32.51 -18.89
CA PHE B 290 70.37 32.86 -17.96
C PHE B 290 69.01 32.92 -18.66
N ALA B 291 68.96 33.57 -19.82
CA ALA B 291 67.70 33.76 -20.53
C ALA B 291 67.12 32.46 -21.07
N GLN B 292 67.94 31.42 -21.21
CA GLN B 292 67.46 30.09 -21.61
C GLN B 292 66.97 29.26 -20.43
N ASN B 293 67.15 29.73 -19.20
CA ASN B 293 66.86 28.96 -17.99
C ASN B 293 65.94 29.75 -17.08
N MET B 294 64.83 30.22 -17.65
CA MET B 294 63.89 31.10 -16.97
C MET B 294 62.61 30.36 -16.62
N GLU B 295 62.20 30.46 -15.36
CA GLU B 295 60.86 30.03 -14.97
C GLU B 295 59.81 30.97 -15.54
N ILE B 296 58.67 30.41 -15.93
CA ILE B 296 57.61 31.18 -16.58
C ILE B 296 57.08 32.30 -15.71
N SER B 297 57.18 32.18 -14.39
CA SER B 297 56.81 33.28 -13.50
C SER B 297 57.66 34.53 -13.70
N ASN B 298 58.91 34.39 -14.13
CA ASN B 298 59.78 35.56 -14.31
C ASN B 298 59.19 36.57 -15.29
N LEU B 299 58.72 36.07 -16.44
CA LEU B 299 58.17 36.97 -17.45
C LEU B 299 56.92 37.69 -16.97
N TYR B 300 56.13 37.05 -16.11
CA TYR B 300 54.95 37.75 -15.61
C TYR B 300 55.28 38.69 -14.47
N ILE B 301 56.35 38.42 -13.73
CA ILE B 301 56.84 39.41 -12.77
C ILE B 301 57.22 40.68 -13.51
N TYR B 302 58.05 40.52 -14.54
CA TYR B 302 58.55 41.68 -15.29
C TYR B 302 57.40 42.47 -15.92
N ASP B 303 56.48 41.77 -16.61
CA ASP B 303 55.30 42.43 -17.16
C ASP B 303 54.34 42.98 -16.12
N THR B 304 54.43 42.51 -14.87
CA THR B 304 53.64 43.14 -13.81
C THR B 304 54.25 44.49 -13.41
N VAL B 305 55.55 44.48 -13.15
CA VAL B 305 56.23 45.70 -12.71
C VAL B 305 56.09 46.79 -13.77
N LEU B 306 56.31 46.43 -15.03
CA LEU B 306 56.16 47.40 -16.12
C LEU B 306 54.76 48.02 -16.15
N LEU B 307 53.73 47.21 -15.92
CA LEU B 307 52.36 47.72 -15.87
C LEU B 307 52.12 48.66 -14.69
N LEU B 308 52.64 48.31 -13.52
CA LEU B 308 52.52 49.23 -12.38
C LEU B 308 53.23 50.55 -12.67
N ALA B 309 54.40 50.49 -13.28
CA ALA B 309 55.14 51.71 -13.62
C ALA B 309 54.33 52.59 -14.57
N ASN B 310 53.79 51.99 -15.64
CA ASN B 310 52.92 52.72 -16.57
C ASN B 310 51.72 53.34 -15.87
N ALA B 311 51.06 52.59 -14.99
CA ALA B 311 49.89 53.12 -14.29
C ALA B 311 50.23 54.27 -13.34
N PHE B 312 51.32 54.16 -12.59
CA PHE B 312 51.75 55.28 -11.75
C PHE B 312 52.15 56.49 -12.57
N HIS B 313 52.82 56.27 -13.71
CA HIS B 313 53.17 57.38 -14.58
C HIS B 313 51.93 58.10 -15.08
N LYS B 314 50.93 57.36 -15.55
CA LYS B 314 49.71 58.00 -16.02
C LYS B 314 48.92 58.65 -14.88
N LYS B 315 49.02 58.11 -13.65
CA LYS B 315 48.47 58.80 -12.48
C LYS B 315 49.11 60.16 -12.26
N LEU B 316 50.44 60.23 -12.33
CA LEU B 316 51.13 61.50 -12.11
C LEU B 316 50.96 62.46 -13.28
N GLU B 317 50.85 61.96 -14.50
CA GLU B 317 50.55 62.82 -15.64
C GLU B 317 49.19 63.50 -15.53
N ASP B 318 48.21 62.85 -14.90
CA ASP B 318 46.95 63.52 -14.59
C ASP B 318 46.97 64.22 -13.23
N ARG B 319 48.09 64.15 -12.50
CA ARG B 319 48.25 64.83 -11.22
C ARG B 319 47.15 64.50 -10.21
N LYS B 320 46.66 63.26 -10.25
CA LYS B 320 45.78 62.74 -9.21
C LYS B 320 46.58 61.78 -8.34
N TRP B 321 46.55 61.99 -7.03
CA TRP B 321 47.46 61.25 -6.16
C TRP B 321 46.89 61.21 -4.75
N HIS B 322 47.42 60.28 -3.96
CA HIS B 322 47.11 60.18 -2.54
C HIS B 322 48.35 59.76 -1.78
N SER B 323 48.36 60.03 -0.48
CA SER B 323 49.47 59.62 0.36
C SER B 323 49.46 58.11 0.59
N MET B 324 50.65 57.57 0.81
CA MET B 324 50.85 56.19 1.27
C MET B 324 50.51 56.08 2.76
N ALA B 325 49.21 56.16 3.06
CA ALA B 325 48.75 56.20 4.43
C ALA B 325 49.31 55.05 5.26
N SER B 326 49.63 55.34 6.52
CA SER B 326 49.91 54.31 7.50
C SER B 326 48.64 53.61 7.97
N LEU B 327 48.71 52.28 8.09
CA LEU B 327 47.54 51.45 8.29
C LEU B 327 47.84 50.42 9.37
N SER B 328 46.78 49.82 9.92
CA SER B 328 46.90 48.82 10.97
C SER B 328 45.79 47.79 10.82
N CYS B 329 46.03 46.58 11.31
CA CYS B 329 45.21 45.43 10.99
C CYS B 329 44.48 44.91 12.23
N ILE B 330 43.72 43.83 12.03
CA ILE B 330 43.19 42.96 13.06
C ILE B 330 42.34 43.73 14.08
N ARG B 331 41.56 44.69 13.58
CA ARG B 331 40.58 45.40 14.39
C ARG B 331 39.44 45.81 13.47
N LYS B 332 38.24 45.94 14.04
CA LYS B 332 37.17 46.61 13.33
C LYS B 332 37.47 48.10 13.15
N ASN B 333 38.34 48.66 13.98
CA ASN B 333 38.76 50.05 13.90
C ASN B 333 39.73 50.31 12.76
N SER B 334 40.11 49.30 11.99
CA SER B 334 40.96 49.52 10.83
C SER B 334 40.30 50.47 9.84
N LYS B 335 41.15 51.22 9.14
CA LYS B 335 40.70 52.30 8.26
C LYS B 335 41.01 51.94 6.81
N PRO B 336 40.02 51.85 5.93
CA PRO B 336 40.32 51.54 4.52
C PRO B 336 40.99 52.72 3.84
N TRP B 337 42.03 52.43 3.07
CA TRP B 337 42.77 53.48 2.38
C TRP B 337 41.89 54.17 1.34
N GLN B 338 41.73 55.48 1.51
CA GLN B 338 40.83 56.26 0.65
C GLN B 338 41.29 56.35 -0.78
N GLY B 339 42.57 56.08 -1.05
CA GLY B 339 43.07 56.03 -2.42
C GLY B 339 42.61 54.83 -3.22
N GLY B 340 41.96 53.86 -2.58
CA GLY B 340 41.68 52.57 -3.18
C GLY B 340 41.03 52.59 -4.55
N ARG B 341 39.74 52.89 -4.59
CA ARG B 341 38.93 52.68 -5.80
C ARG B 341 39.51 53.37 -7.02
N SER B 342 39.96 54.61 -6.88
CA SER B 342 40.53 55.33 -8.02
C SER B 342 41.82 54.69 -8.53
N MET B 343 42.62 54.11 -7.64
CA MET B 343 43.84 53.44 -8.12
C MET B 343 43.48 52.10 -8.75
N LEU B 344 42.65 51.31 -8.06
CA LEU B 344 42.32 49.98 -8.54
C LEU B 344 41.68 50.05 -9.92
N GLU B 345 40.77 51.00 -10.14
CA GLU B 345 40.10 51.07 -11.43
C GLU B 345 41.07 51.50 -12.54
N THR B 346 42.03 52.37 -12.21
CA THR B 346 43.06 52.74 -13.18
C THR B 346 43.90 51.54 -13.59
N ILE B 347 44.33 50.74 -12.62
CA ILE B 347 45.11 49.54 -12.92
C ILE B 347 44.28 48.55 -13.72
N LYS B 348 43.04 48.30 -13.28
CA LYS B 348 42.16 47.34 -13.91
C LYS B 348 41.86 47.70 -15.37
N LYS B 349 41.84 48.99 -15.70
CA LYS B 349 41.68 49.41 -17.08
C LYS B 349 43.01 49.58 -17.80
N GLY B 350 44.12 49.19 -17.19
CA GLY B 350 45.43 49.40 -17.77
C GLY B 350 45.77 48.38 -18.85
N GLY B 351 47.05 48.37 -19.21
CA GLY B 351 47.59 47.37 -20.12
C GLY B 351 48.93 47.78 -20.68
N VAL B 352 49.85 46.83 -20.81
CA VAL B 352 51.14 47.05 -21.47
C VAL B 352 51.50 45.84 -22.31
N SER B 353 52.20 46.09 -23.41
CA SER B 353 52.93 45.04 -24.10
C SER B 353 54.15 44.62 -23.29
N GLY B 354 54.67 43.44 -23.60
CA GLY B 354 55.77 42.91 -22.84
C GLY B 354 56.35 41.67 -23.46
N LEU B 355 57.16 40.97 -22.65
CA LEU B 355 57.75 39.70 -23.07
C LEU B 355 56.68 38.65 -23.38
N THR B 356 55.55 38.71 -22.69
CA THR B 356 54.47 37.75 -22.87
C THR B 356 53.44 38.22 -23.89
N GLY B 357 53.83 39.10 -24.80
CA GLY B 357 52.86 39.65 -25.75
C GLY B 357 52.06 40.75 -25.11
N GLU B 358 50.74 40.64 -25.17
CA GLU B 358 49.85 41.70 -24.70
C GLU B 358 49.16 41.26 -23.42
N LEU B 359 49.30 42.08 -22.38
CA LEU B 359 48.77 41.79 -21.05
C LEU B 359 47.63 42.75 -20.76
N GLU B 360 46.48 42.21 -20.37
CA GLU B 360 45.26 42.98 -20.24
C GLU B 360 44.33 42.25 -19.29
N PHE B 361 43.28 42.94 -18.85
CA PHE B 361 42.36 42.38 -17.88
C PHE B 361 40.95 42.53 -18.40
N GLY B 362 40.17 41.45 -18.31
CA GLY B 362 38.76 41.49 -18.59
C GLY B 362 37.96 42.10 -17.46
N GLU B 363 36.63 42.07 -17.63
CA GLU B 363 35.75 42.66 -16.64
C GLU B 363 35.83 41.90 -15.32
N ASN B 364 35.92 40.58 -15.38
CA ASN B 364 36.07 39.76 -14.18
C ASN B 364 37.52 39.64 -13.71
N GLY B 365 38.43 40.42 -14.28
CA GLY B 365 39.80 40.44 -13.80
C GLY B 365 40.70 39.31 -14.23
N GLY B 366 40.30 38.48 -15.19
CA GLY B 366 41.17 37.44 -15.73
C GLY B 366 41.89 37.87 -17.00
N ASN B 367 43.15 37.50 -17.10
CA ASN B 367 43.89 37.64 -18.35
C ASN B 367 43.45 36.55 -19.32
N PRO B 368 43.14 36.89 -20.57
CA PRO B 368 42.66 35.87 -21.53
C PRO B 368 43.67 35.33 -22.53
N ASN B 369 44.92 35.77 -22.54
CA ASN B 369 45.85 35.50 -23.63
C ASN B 369 46.75 34.31 -23.35
N VAL B 370 46.47 33.18 -24.00
CA VAL B 370 47.27 31.96 -23.85
C VAL B 370 47.25 31.19 -25.17
N HIS B 371 48.40 30.59 -25.52
CA HIS B 371 48.52 29.79 -26.74
C HIS B 371 49.32 28.53 -26.45
N PHE B 372 48.87 27.39 -26.99
CA PHE B 372 49.52 26.10 -26.80
C PHE B 372 50.06 25.59 -28.14
N GLU B 373 51.23 24.94 -28.10
CA GLU B 373 51.84 24.35 -29.29
C GLU B 373 51.88 22.82 -29.19
N ILE B 374 51.55 22.15 -30.29
CA ILE B 374 51.43 20.69 -30.31
C ILE B 374 52.70 20.17 -30.97
N LEU B 375 53.72 19.88 -30.16
CA LEU B 375 55.00 19.39 -30.66
C LEU B 375 54.90 17.91 -31.00
N GLY B 376 54.27 17.63 -32.13
CA GLY B 376 54.13 16.27 -32.60
C GLY B 376 55.45 15.70 -33.10
N THR B 377 55.40 14.46 -33.58
CA THR B 377 56.60 13.76 -34.00
C THR B 377 56.39 13.04 -35.33
N ASN B 378 57.45 13.05 -36.14
CA ASN B 378 57.55 12.27 -37.36
C ASN B 378 58.97 11.76 -37.49
N TYR B 379 59.13 10.58 -38.08
CA TYR B 379 60.38 9.86 -37.98
C TYR B 379 60.76 9.22 -39.31
N GLY B 380 62.04 8.92 -39.44
CA GLY B 380 62.59 8.28 -40.61
C GLY B 380 64.01 7.80 -40.36
N GLU B 381 64.45 6.76 -41.07
CA GLU B 381 65.70 6.10 -40.72
C GLU B 381 66.93 6.98 -40.89
N GLU B 382 66.85 8.01 -41.74
CA GLU B 382 67.92 8.98 -41.85
C GLU B 382 67.95 9.96 -40.69
N LEU B 383 66.84 10.09 -39.97
CA LEU B 383 66.64 11.18 -39.02
C LEU B 383 66.96 10.79 -37.58
N GLY B 384 66.96 9.50 -37.26
CA GLY B 384 66.85 9.08 -35.88
C GLY B 384 65.47 9.35 -35.33
N ARG B 385 65.35 10.31 -34.40
CA ARG B 385 64.05 10.73 -33.89
C ARG B 385 64.00 12.25 -33.90
N GLY B 386 63.21 12.81 -34.81
CA GLY B 386 62.99 14.23 -34.89
C GLY B 386 61.72 14.68 -34.19
N VAL B 387 61.42 15.98 -34.33
CA VAL B 387 60.21 16.57 -33.79
C VAL B 387 59.82 17.74 -34.70
N ARG B 388 58.51 17.98 -34.82
CA ARG B 388 58.05 19.12 -35.60
C ARG B 388 56.73 19.65 -35.05
N LYS B 389 56.54 20.95 -35.20
CA LYS B 389 55.36 21.68 -34.72
C LYS B 389 54.17 21.38 -35.62
N LEU B 390 53.26 20.51 -35.16
CA LEU B 390 52.11 20.15 -35.97
C LEU B 390 51.03 21.22 -36.05
N GLY B 391 50.94 22.10 -35.05
CA GLY B 391 49.80 22.99 -34.96
C GLY B 391 49.70 23.62 -33.60
N CYS B 392 48.65 24.42 -33.44
CA CYS B 392 48.44 25.18 -32.21
C CYS B 392 46.95 25.21 -31.88
N TRP B 393 46.66 25.50 -30.61
CA TRP B 393 45.30 25.65 -30.12
C TRP B 393 45.20 26.94 -29.33
N ASN B 394 44.08 27.64 -29.48
CA ASN B 394 43.75 28.79 -28.66
C ASN B 394 42.27 28.76 -28.28
N PRO B 395 41.93 29.28 -27.10
CA PRO B 395 40.54 29.14 -26.62
C PRO B 395 39.51 29.87 -27.46
N VAL B 396 39.94 30.83 -28.28
CA VAL B 396 39.01 31.61 -29.09
C VAL B 396 38.49 30.80 -30.28
N THR B 397 39.36 30.04 -30.93
CA THR B 397 39.08 29.50 -32.26
C THR B 397 39.29 28.01 -32.37
N GLY B 398 39.80 27.34 -31.33
CA GLY B 398 39.99 25.91 -31.39
C GLY B 398 41.26 25.49 -32.08
N LEU B 399 41.23 24.25 -32.57
CA LEU B 399 42.43 23.61 -33.10
C LEU B 399 42.75 24.10 -34.50
N ASN B 400 44.03 24.37 -34.73
CA ASN B 400 44.55 24.72 -36.06
C ASN B 400 45.68 23.77 -36.40
N GLY B 401 45.82 23.48 -37.69
CA GLY B 401 46.54 22.31 -38.13
C GLY B 401 45.66 21.06 -38.14
N SER B 402 46.27 19.94 -38.48
CA SER B 402 45.58 18.66 -38.48
C SER B 402 46.48 17.57 -37.91
N LEU B 403 45.93 16.76 -37.01
CA LEU B 403 46.71 15.86 -36.18
C LEU B 403 46.82 14.47 -36.79
N THR B 404 45.79 14.02 -37.50
CA THR B 404 45.87 12.89 -38.41
C THR B 404 46.62 13.26 -39.67
N ASP B 405 47.92 13.50 -39.55
CA ASP B 405 48.66 14.39 -40.44
C ASP B 405 48.81 13.88 -41.87
N LYS B 406 48.38 12.64 -42.16
CA LYS B 406 48.61 11.98 -43.44
C LYS B 406 50.07 11.74 -43.79
N LYS B 407 50.98 12.58 -43.26
CA LYS B 407 52.41 12.40 -43.51
C LYS B 407 52.94 11.10 -42.94
N LEU B 408 52.23 10.50 -41.98
CA LEU B 408 52.28 9.05 -41.76
C LEU B 408 51.67 8.33 -42.95
N GLU B 409 52.44 8.29 -44.04
CA GLU B 409 51.93 7.94 -45.36
C GLU B 409 51.59 6.45 -45.42
N ASN B 410 50.69 6.11 -46.34
CA ASN B 410 50.07 4.79 -46.41
C ASN B 410 51.10 3.73 -46.79
N ASN B 411 51.49 2.90 -45.81
CA ASN B 411 52.36 1.76 -46.06
C ASN B 411 51.65 0.67 -46.87
N MET B 412 50.32 0.72 -46.97
CA MET B 412 49.55 -0.17 -47.83
C MET B 412 49.81 0.04 -49.31
N ARG B 413 50.50 1.11 -49.70
CA ARG B 413 50.79 1.37 -51.10
C ARG B 413 51.56 0.21 -51.72
N GLY B 414 51.02 -0.31 -52.83
CA GLY B 414 51.61 -1.43 -53.54
C GLY B 414 51.39 -2.80 -52.95
N VAL B 415 50.77 -2.90 -51.77
CA VAL B 415 50.48 -4.20 -51.18
C VAL B 415 49.42 -4.91 -52.02
N VAL B 416 49.60 -6.22 -52.21
CA VAL B 416 48.66 -7.04 -52.98
C VAL B 416 47.84 -7.88 -52.02
N LEU B 417 46.51 -7.80 -52.15
CA LEU B 417 45.57 -8.39 -51.20
C LEU B 417 44.50 -9.16 -51.97
N ARG B 418 44.02 -10.24 -51.37
CA ARG B 418 42.93 -11.03 -51.93
C ARG B 418 41.65 -10.77 -51.15
N VAL B 419 40.55 -10.57 -51.87
CA VAL B 419 39.27 -10.16 -51.31
C VAL B 419 38.21 -11.19 -51.68
N VAL B 420 37.28 -11.43 -50.76
CA VAL B 420 36.16 -12.34 -50.97
C VAL B 420 34.87 -11.56 -50.79
N THR B 421 33.84 -11.89 -51.57
CA THR B 421 32.59 -11.16 -51.55
C THR B 421 31.41 -12.12 -51.67
N VAL B 422 30.30 -11.71 -51.06
CA VAL B 422 28.98 -12.29 -51.33
C VAL B 422 28.25 -11.33 -52.26
N LEU B 423 27.78 -11.84 -53.39
CA LEU B 423 27.02 -11.03 -54.33
C LEU B 423 25.68 -10.62 -53.72
N GLU B 424 25.43 -9.32 -53.65
CA GLU B 424 24.24 -8.80 -53.00
C GLU B 424 23.97 -7.39 -53.53
N GLU B 425 22.83 -7.21 -54.19
CA GLU B 425 22.51 -5.90 -54.77
C GLU B 425 21.95 -4.98 -53.68
N PRO B 426 22.28 -3.68 -53.73
CA PRO B 426 23.23 -3.00 -54.61
C PRO B 426 24.64 -2.97 -54.02
N PHE B 427 24.93 -3.85 -53.07
CA PHE B 427 26.19 -3.78 -52.33
C PHE B 427 27.37 -4.26 -53.17
N VAL B 428 27.27 -5.46 -53.74
CA VAL B 428 28.30 -5.97 -54.65
C VAL B 428 27.63 -6.81 -55.72
N MET B 429 27.95 -6.49 -56.98
CA MET B 429 27.42 -7.19 -58.14
C MET B 429 28.54 -7.31 -59.17
N VAL B 430 28.40 -8.29 -60.06
CA VAL B 430 29.28 -8.43 -61.22
C VAL B 430 28.49 -8.00 -62.46
N SER B 431 29.14 -7.21 -63.31
CA SER B 431 28.49 -6.65 -64.49
C SER B 431 29.25 -6.87 -65.79
N GLU B 432 30.48 -7.38 -65.74
CA GLU B 432 31.16 -7.83 -66.95
C GLU B 432 32.10 -8.97 -66.59
N ASN B 433 32.25 -9.90 -67.53
CA ASN B 433 33.05 -11.10 -67.31
C ASN B 433 33.92 -11.35 -68.53
N VAL B 434 35.17 -11.76 -68.29
CA VAL B 434 36.11 -12.10 -69.36
C VAL B 434 36.94 -13.29 -68.91
N LEU B 435 37.19 -14.20 -69.86
CA LEU B 435 37.99 -15.41 -69.63
C LEU B 435 37.55 -16.18 -68.39
N GLY B 436 36.25 -16.20 -68.14
CA GLY B 436 35.72 -16.92 -67.00
C GLY B 436 35.91 -16.25 -65.66
N LYS B 437 36.25 -14.96 -65.63
CA LYS B 437 36.48 -14.24 -64.39
C LYS B 437 35.63 -12.98 -64.34
N PRO B 438 35.22 -12.56 -63.15
CA PRO B 438 34.51 -11.28 -63.03
C PRO B 438 35.42 -10.10 -63.30
N LYS B 439 35.23 -9.47 -64.46
CA LYS B 439 36.04 -8.32 -64.86
C LYS B 439 35.62 -7.04 -64.13
N LYS B 440 34.31 -6.78 -64.06
CA LYS B 440 33.79 -5.62 -63.34
C LYS B 440 32.93 -6.07 -62.16
N TYR B 441 33.39 -5.75 -60.95
CA TYR B 441 32.52 -5.61 -59.80
C TYR B 441 32.01 -4.17 -59.71
N GLN B 442 30.77 -4.03 -59.24
CA GLN B 442 30.18 -2.71 -59.06
C GLN B 442 29.28 -2.72 -57.84
N GLY B 443 28.87 -1.53 -57.43
CA GLY B 443 28.03 -1.34 -56.27
C GLY B 443 28.70 -0.49 -55.20
N PHE B 444 27.87 -0.09 -54.23
CA PHE B 444 28.28 0.86 -53.19
C PHE B 444 29.58 0.40 -52.54
N SER B 445 29.64 -0.87 -52.14
CA SER B 445 30.80 -1.37 -51.40
C SER B 445 32.04 -1.38 -52.28
N ILE B 446 31.88 -1.66 -53.58
CA ILE B 446 33.03 -1.73 -54.46
C ILE B 446 33.54 -0.33 -54.76
N ASP B 447 32.62 0.62 -54.96
CA ASP B 447 33.00 2.01 -55.13
C ASP B 447 33.74 2.55 -53.91
N VAL B 448 33.30 2.17 -52.70
CA VAL B 448 34.04 2.53 -51.50
C VAL B 448 35.41 1.88 -51.47
N LEU B 449 35.48 0.57 -51.74
CA LEU B 449 36.76 -0.13 -51.71
C LEU B 449 37.76 0.46 -52.71
N ASP B 450 37.29 0.82 -53.90
CA ASP B 450 38.15 1.51 -54.87
C ASP B 450 38.53 2.92 -54.42
N ALA B 451 37.60 3.67 -53.81
CA ALA B 451 37.98 4.95 -53.23
C ALA B 451 38.95 4.82 -52.07
N LEU B 452 39.05 3.63 -51.47
CA LEU B 452 40.17 3.29 -50.59
C LEU B 452 41.45 3.05 -51.37
N SER B 453 41.40 2.14 -52.34
CA SER B 453 42.58 1.77 -53.12
C SER B 453 43.24 2.96 -53.80
N ASN B 454 42.43 3.89 -54.33
CA ASN B 454 42.94 5.07 -55.02
C ASN B 454 43.67 6.05 -54.11
N TYR B 455 43.85 5.74 -52.82
CA TYR B 455 44.73 6.56 -51.99
C TYR B 455 45.65 5.69 -51.15
N LEU B 456 45.11 4.63 -50.55
CA LEU B 456 45.93 3.68 -49.81
C LEU B 456 46.85 2.88 -50.72
N GLY B 457 46.54 2.79 -52.00
CA GLY B 457 47.46 2.29 -53.00
C GLY B 457 47.59 0.79 -53.05
N PHE B 458 46.79 0.06 -52.29
CA PHE B 458 46.82 -1.41 -52.35
C PHE B 458 46.19 -1.93 -53.63
N ASN B 459 46.65 -3.11 -54.05
CA ASN B 459 46.12 -3.82 -55.20
C ASN B 459 45.34 -5.05 -54.71
N TYR B 460 44.19 -5.31 -55.34
CA TYR B 460 43.25 -6.28 -54.80
C TYR B 460 42.59 -7.07 -55.93
N GLU B 461 42.19 -8.30 -55.60
CA GLU B 461 41.37 -9.14 -56.46
C GLU B 461 40.22 -9.72 -55.64
N ILE B 462 39.02 -9.70 -56.22
CA ILE B 462 37.81 -10.18 -55.55
C ILE B 462 37.36 -11.47 -56.22
N TYR B 463 37.03 -12.47 -55.40
CA TYR B 463 36.40 -13.70 -55.86
C TYR B 463 35.12 -13.95 -55.06
N VAL B 464 34.20 -14.69 -55.69
CA VAL B 464 32.92 -14.99 -55.05
C VAL B 464 33.11 -16.00 -53.92
N ALA B 465 32.46 -15.73 -52.79
CA ALA B 465 32.56 -16.59 -51.62
C ALA B 465 32.15 -18.02 -51.93
N PRO B 466 32.80 -19.01 -51.29
CA PRO B 466 32.79 -20.38 -51.83
C PRO B 466 31.41 -21.02 -51.83
N ASP B 467 30.48 -20.54 -51.02
CA ASP B 467 29.13 -21.10 -50.96
C ASP B 467 28.04 -20.05 -51.17
N HIS B 468 28.42 -18.82 -51.55
CA HIS B 468 27.52 -17.67 -51.60
C HIS B 468 26.93 -17.31 -50.23
N LYS B 469 27.56 -17.73 -49.14
CA LYS B 469 27.03 -17.47 -47.81
C LYS B 469 27.97 -16.57 -47.03
N TYR B 470 27.37 -15.76 -46.14
CA TYR B 470 28.14 -14.82 -45.33
C TYR B 470 29.06 -15.52 -44.35
N GLY B 471 28.64 -16.69 -43.85
CA GLY B 471 29.48 -17.50 -42.98
C GLY B 471 29.11 -17.38 -41.51
N SER B 472 29.06 -18.53 -40.84
CA SER B 472 28.72 -18.61 -39.43
C SER B 472 29.19 -19.97 -38.93
N PRO B 473 29.23 -20.17 -37.59
CA PRO B 473 29.48 -21.53 -37.10
C PRO B 473 28.27 -22.42 -37.35
N GLN B 474 28.42 -23.32 -38.32
CA GLN B 474 27.33 -24.13 -38.82
C GLN B 474 26.94 -25.23 -37.82
N GLU B 475 25.99 -26.07 -38.28
CA GLU B 475 25.54 -27.23 -37.52
C GLU B 475 26.69 -28.15 -37.12
N ASP B 476 27.74 -28.22 -37.94
CA ASP B 476 28.92 -29.00 -37.62
C ASP B 476 30.00 -28.20 -36.90
N GLY B 477 29.72 -26.95 -36.54
CA GLY B 477 30.68 -26.09 -35.90
C GLY B 477 31.72 -25.46 -36.78
N THR B 478 31.75 -25.78 -38.08
CA THR B 478 32.73 -25.16 -38.96
C THR B 478 32.30 -23.73 -39.27
N TRP B 479 33.27 -22.83 -39.31
CA TRP B 479 33.04 -21.49 -39.86
C TRP B 479 33.01 -21.60 -41.38
N ASN B 480 31.81 -21.51 -41.95
CA ASN B 480 31.62 -21.64 -43.39
C ASN B 480 31.80 -20.29 -44.09
N GLY B 481 31.77 -20.35 -45.42
CA GLY B 481 31.54 -19.22 -46.30
C GLY B 481 32.55 -18.10 -46.18
N LEU B 482 32.08 -16.88 -46.46
CA LEU B 482 32.95 -15.70 -46.53
C LEU B 482 33.76 -15.50 -45.25
N VAL B 483 33.08 -15.51 -44.10
CA VAL B 483 33.79 -15.40 -42.82
C VAL B 483 34.72 -16.60 -42.61
N GLY B 484 34.28 -17.79 -42.99
CA GLY B 484 35.16 -18.96 -42.92
C GLY B 484 36.48 -18.78 -43.65
N GLU B 485 36.43 -18.19 -44.85
CA GLU B 485 37.64 -17.91 -45.62
C GLU B 485 38.60 -16.99 -44.88
N LEU B 486 38.08 -16.05 -44.09
CA LEU B 486 38.93 -15.15 -43.33
C LEU B 486 39.43 -15.77 -42.03
N VAL B 487 38.59 -16.57 -41.36
CA VAL B 487 39.02 -17.31 -40.17
C VAL B 487 40.15 -18.27 -40.51
N PHE B 488 40.04 -18.94 -41.66
CA PHE B 488 41.15 -19.76 -42.14
C PHE B 488 42.21 -18.95 -42.88
N LYS B 489 42.03 -17.63 -42.98
CA LYS B 489 43.04 -16.74 -43.55
C LYS B 489 43.34 -17.08 -45.00
N ARG B 490 42.32 -17.54 -45.72
CA ARG B 490 42.45 -17.83 -47.14
C ARG B 490 42.32 -16.59 -48.01
N ALA B 491 41.71 -15.53 -47.48
CA ALA B 491 41.63 -14.25 -48.14
C ALA B 491 41.88 -13.16 -47.11
N ASP B 492 42.31 -11.99 -47.59
CA ASP B 492 42.60 -10.89 -46.68
C ASP B 492 41.34 -10.15 -46.23
N ILE B 493 40.39 -9.93 -47.13
CA ILE B 493 39.32 -8.96 -46.91
C ILE B 493 38.00 -9.59 -47.34
N GLY B 494 36.95 -9.31 -46.57
CA GLY B 494 35.59 -9.69 -46.93
C GLY B 494 34.67 -8.49 -47.02
N ILE B 495 33.94 -8.36 -48.12
CA ILE B 495 33.11 -7.19 -48.37
C ILE B 495 31.79 -7.63 -48.97
N SER B 496 30.68 -7.11 -48.42
CA SER B 496 29.32 -7.32 -48.91
C SER B 496 28.35 -6.55 -48.02
N ALA B 497 27.10 -7.00 -47.98
CA ALA B 497 26.16 -6.52 -46.95
C ALA B 497 26.52 -7.06 -45.57
N LEU B 498 27.81 -7.05 -45.23
CA LEU B 498 28.31 -7.57 -43.97
C LEU B 498 27.79 -6.72 -42.81
N THR B 499 26.78 -7.24 -42.10
CA THR B 499 26.35 -6.61 -40.85
C THR B 499 27.36 -6.89 -39.75
N ILE B 500 27.87 -5.83 -39.13
CA ILE B 500 28.78 -5.96 -38.00
C ILE B 500 28.03 -6.55 -36.82
N THR B 501 28.52 -7.67 -36.30
CA THR B 501 27.86 -8.35 -35.18
C THR B 501 28.90 -8.76 -34.14
N PRO B 502 28.54 -8.66 -32.85
CA PRO B 502 29.52 -8.92 -31.78
C PRO B 502 30.15 -10.32 -31.80
N ASP B 503 29.56 -11.29 -32.50
CA ASP B 503 30.17 -12.62 -32.57
C ASP B 503 31.33 -12.65 -33.56
N ARG B 504 31.13 -12.14 -34.77
CA ARG B 504 32.16 -12.22 -35.80
C ARG B 504 33.40 -11.44 -35.41
N GLU B 505 33.22 -10.31 -34.72
CA GLU B 505 34.34 -9.51 -34.22
C GLU B 505 35.34 -10.32 -33.41
N ASN B 506 34.92 -11.45 -32.84
CA ASN B 506 35.85 -12.29 -32.08
C ASN B 506 36.79 -13.09 -32.99
N VAL B 507 36.38 -13.34 -34.23
CA VAL B 507 37.12 -14.22 -35.13
C VAL B 507 37.60 -13.51 -36.39
N VAL B 508 37.10 -12.31 -36.67
CA VAL B 508 37.60 -11.47 -37.75
C VAL B 508 37.63 -10.04 -37.24
N ASP B 509 38.62 -9.28 -37.69
CA ASP B 509 38.60 -7.83 -37.55
C ASP B 509 37.56 -7.19 -38.47
N PHE B 510 37.22 -5.94 -38.15
CA PHE B 510 36.23 -5.17 -38.89
C PHE B 510 36.62 -3.70 -38.97
N THR B 511 36.08 -3.05 -39.99
CA THR B 511 36.13 -1.60 -40.13
C THR B 511 35.08 -0.96 -39.20
N THR B 512 35.22 0.35 -39.01
CA THR B 512 34.05 1.16 -38.67
C THR B 512 33.02 1.06 -39.79
N ARG B 513 31.75 1.24 -39.43
CA ARG B 513 30.67 1.05 -40.39
C ARG B 513 30.75 2.07 -41.52
N TYR B 514 30.42 1.62 -42.73
CA TYR B 514 30.12 2.53 -43.82
C TYR B 514 28.65 2.97 -43.87
N MET B 515 27.75 2.24 -43.21
CA MET B 515 26.35 2.65 -43.17
C MET B 515 25.70 2.11 -41.90
N ASP B 516 24.72 2.86 -41.40
CA ASP B 516 23.85 2.39 -40.33
C ASP B 516 22.81 1.39 -40.83
N TYR B 517 22.51 0.41 -40.00
CA TYR B 517 21.60 -0.68 -40.34
C TYR B 517 20.15 -0.29 -40.11
N SER B 518 19.24 -0.94 -40.84
CA SER B 518 17.82 -0.78 -40.63
C SER B 518 17.09 -2.03 -41.09
N VAL B 519 15.96 -2.32 -40.44
CA VAL B 519 15.02 -3.35 -40.87
C VAL B 519 13.87 -2.71 -41.62
N GLY B 520 13.46 -3.33 -42.72
CA GLY B 520 12.34 -2.85 -43.51
C GLY B 520 11.38 -3.96 -43.88
N VAL B 521 10.32 -3.58 -44.60
CA VAL B 521 9.26 -4.49 -44.99
C VAL B 521 8.93 -4.23 -46.46
N LEU B 522 8.67 -5.29 -47.20
CA LEU B 522 8.23 -5.21 -48.59
C LEU B 522 6.75 -5.57 -48.69
N LEU B 523 5.98 -4.70 -49.34
CA LEU B 523 4.54 -4.86 -49.45
C LEU B 523 4.12 -4.66 -50.89
N ARG B 524 3.01 -5.28 -51.26
CA ARG B 524 2.45 -5.10 -52.60
C ARG B 524 1.68 -3.78 -52.69
N THR B 525 -56.60 -7.61 -73.84
CA THR B 525 -57.50 -7.61 -72.70
C THR B 525 -56.97 -6.72 -71.58
N LEU B 526 -57.86 -6.32 -70.67
CA LEU B 526 -57.44 -5.62 -69.47
C LEU B 526 -56.49 -6.46 -68.62
N ALA B 527 -56.69 -7.78 -68.59
CA ALA B 527 -55.79 -8.67 -67.87
C ALA B 527 -54.38 -8.64 -68.46
N THR B 528 -54.26 -8.78 -69.78
CA THR B 528 -52.95 -8.78 -70.43
C THR B 528 -52.30 -7.40 -70.46
N ARG B 529 -53.08 -6.32 -70.42
CA ARG B 529 -52.53 -4.99 -70.14
C ARG B 529 -51.99 -4.91 -68.72
N MET B 530 -52.82 -5.29 -67.74
CA MET B 530 -52.46 -5.07 -66.35
C MET B 530 -51.28 -5.94 -65.93
N MET B 531 -51.22 -7.18 -66.40
CA MET B 531 -50.11 -8.04 -66.02
C MET B 531 -48.78 -7.53 -66.58
N MET B 532 -48.78 -6.92 -67.76
CA MET B 532 -47.59 -6.24 -68.26
C MET B 532 -47.23 -5.02 -67.40
N GLY B 533 -48.23 -4.25 -67.00
CA GLY B 533 -47.98 -3.16 -66.06
C GLY B 533 -47.40 -3.64 -64.74
N ALA B 534 -47.95 -4.72 -64.20
CA ALA B 534 -47.44 -5.33 -62.97
C ALA B 534 -46.05 -5.92 -63.15
N TRP B 535 -45.73 -6.44 -64.33
CA TRP B 535 -44.37 -6.89 -64.63
C TRP B 535 -43.38 -5.74 -64.62
N TRP B 536 -43.72 -4.63 -65.27
CA TRP B 536 -42.86 -3.44 -65.20
C TRP B 536 -42.76 -2.87 -63.78
N LEU B 537 -43.85 -2.90 -63.03
CA LEU B 537 -43.80 -2.51 -61.61
C LEU B 537 -42.92 -3.44 -60.79
N PHE B 538 -43.01 -4.76 -61.00
CA PHE B 538 -42.16 -5.71 -60.30
C PHE B 538 -40.69 -5.49 -60.64
N ALA B 539 -40.39 -5.26 -61.92
CA ALA B 539 -39.02 -4.91 -62.31
C ALA B 539 -38.54 -3.64 -61.61
N LEU B 540 -39.40 -2.63 -61.51
CA LEU B 540 -39.05 -1.42 -60.77
C LEU B 540 -38.83 -1.69 -59.28
N ILE B 541 -39.67 -2.54 -58.67
CA ILE B 541 -39.49 -2.91 -57.26
C ILE B 541 -38.18 -3.65 -57.04
N VAL B 542 -37.82 -4.55 -57.95
CA VAL B 542 -36.53 -5.22 -57.91
C VAL B 542 -35.40 -4.20 -58.02
N ILE B 543 -35.48 -3.31 -59.02
CA ILE B 543 -34.47 -2.28 -59.17
C ILE B 543 -34.34 -1.43 -57.91
N SER B 544 -35.47 -1.11 -57.27
CA SER B 544 -35.47 -0.34 -56.03
C SER B 544 -34.76 -1.08 -54.90
N SER B 545 -35.09 -2.35 -54.71
CA SER B 545 -34.45 -3.14 -53.66
C SER B 545 -32.96 -3.29 -53.91
N TYR B 546 -32.57 -3.52 -55.17
CA TYR B 546 -31.15 -3.52 -55.52
C TYR B 546 -30.50 -2.17 -55.27
N THR B 547 -31.20 -1.08 -55.57
CA THR B 547 -30.64 0.26 -55.34
C THR B 547 -30.40 0.51 -53.86
N ALA B 548 -31.34 0.12 -53.01
CA ALA B 548 -31.14 0.25 -51.57
C ALA B 548 -30.01 -0.65 -51.07
N ASN B 549 -29.92 -1.88 -51.58
CA ASN B 549 -28.80 -2.76 -51.24
C ASN B 549 -27.48 -2.18 -51.72
N LEU B 550 -27.45 -1.57 -52.89
CA LEU B 550 -26.25 -0.92 -53.40
C LEU B 550 -25.82 0.26 -52.53
N ALA B 551 -26.78 1.12 -52.17
CA ALA B 551 -26.47 2.23 -51.27
C ALA B 551 -25.93 1.73 -49.93
N ALA B 552 -26.54 0.67 -49.39
CA ALA B 552 -26.01 0.04 -48.18
C ALA B 552 -24.59 -0.47 -48.39
N PHE B 553 -24.37 -1.25 -49.44
CA PHE B 553 -23.04 -1.77 -49.73
C PHE B 553 -22.00 -0.66 -49.84
N LEU B 554 -22.30 0.38 -50.62
CA LEU B 554 -21.39 1.51 -50.79
C LEU B 554 -21.09 2.20 -49.46
N THR B 555 -22.09 2.35 -48.60
CA THR B 555 -21.85 3.02 -47.31
C THR B 555 -21.05 2.14 -46.37
N ILE B 556 -21.44 0.86 -46.26
CA ILE B 556 -20.81 -0.10 -45.36
C ILE B 556 -19.37 -0.39 -45.77
N THR B 557 -19.04 -0.28 -47.06
CA THR B 557 -17.67 -0.45 -47.53
C THR B 557 -16.82 0.76 -47.13
N ARG B 558 -16.45 0.77 -45.84
CA ARG B 558 -15.60 1.81 -45.29
C ARG B 558 -14.17 1.67 -45.84
N ILE B 559 -13.32 2.64 -45.49
CA ILE B 559 -11.88 2.43 -45.49
C ILE B 559 -11.55 1.57 -44.27
N GLU B 560 -12.00 0.32 -44.30
CA GLU B 560 -11.98 -0.55 -43.13
C GLU B 560 -10.62 -1.18 -42.84
N SER B 561 -9.72 -1.23 -43.81
CA SER B 561 -8.38 -1.71 -43.52
C SER B 561 -7.36 -1.09 -44.47
N SER B 562 -6.12 -1.05 -44.00
CA SER B 562 -4.97 -0.55 -44.75
C SER B 562 -3.71 -1.05 -44.05
N ILE B 563 -2.58 -0.93 -44.74
CA ILE B 563 -1.31 -1.32 -44.15
C ILE B 563 -0.17 -0.43 -44.64
N GLN B 564 0.37 0.38 -43.72
CA GLN B 564 1.46 1.30 -44.04
C GLN B 564 2.44 1.44 -42.88
N SER B 565 2.43 0.53 -41.91
CA SER B 565 3.26 0.66 -40.72
C SER B 565 3.44 -0.70 -40.08
N LEU B 566 4.43 -0.77 -39.19
CA LEU B 566 4.64 -1.96 -38.38
C LEU B 566 3.49 -2.22 -37.41
N GLN B 567 2.83 -1.17 -36.92
CA GLN B 567 1.65 -1.37 -36.09
C GLN B 567 0.52 -2.02 -36.88
N ASP B 568 0.32 -1.61 -38.13
CA ASP B 568 -0.59 -2.33 -39.01
C ASP B 568 -0.14 -3.77 -39.19
N LEU B 569 1.07 -3.97 -39.71
CA LEU B 569 1.55 -5.31 -40.03
C LEU B 569 1.38 -6.25 -38.84
N SER B 570 1.72 -5.76 -37.63
CA SER B 570 1.60 -6.57 -36.43
C SER B 570 0.15 -6.76 -36.00
N LYS B 571 -0.76 -5.86 -36.40
CA LYS B 571 -2.11 -5.87 -35.84
C LYS B 571 -3.19 -6.04 -36.89
N GLN B 572 -2.87 -5.98 -38.18
CA GLN B 572 -3.86 -6.28 -39.21
C GLN B 572 -4.34 -7.73 -39.07
N THR B 573 -5.47 -8.02 -39.72
CA THR B 573 -6.17 -9.28 -39.57
C THR B 573 -6.37 -9.96 -40.93
N GLU B 574 -5.42 -9.77 -41.84
CA GLU B 574 -5.55 -10.26 -43.21
C GLU B 574 -4.30 -10.93 -43.75
N ILE B 575 -3.11 -10.56 -43.35
CA ILE B 575 -1.88 -10.87 -44.08
C ILE B 575 -1.03 -11.82 -43.22
N PRO B 576 -0.68 -13.00 -43.73
CA PRO B 576 0.46 -13.73 -43.17
C PRO B 576 1.77 -13.10 -43.62
N TYR B 577 2.77 -13.14 -42.73
CA TYR B 577 4.04 -12.49 -42.99
C TYR B 577 5.16 -13.17 -42.21
N GLY B 578 6.38 -13.05 -42.73
CA GLY B 578 7.53 -13.59 -42.03
C GLY B 578 8.82 -13.23 -42.73
N THR B 579 9.87 -13.99 -42.45
CA THR B 579 11.23 -13.58 -42.77
C THR B 579 12.05 -14.80 -43.17
N VAL B 580 13.36 -14.62 -43.28
CA VAL B 580 14.26 -15.73 -43.56
C VAL B 580 14.41 -16.60 -42.32
N LEU B 581 14.28 -17.92 -42.51
CA LEU B 581 14.43 -18.88 -41.42
C LEU B 581 15.82 -18.78 -40.80
N ASP B 582 15.85 -18.89 -39.47
CA ASP B 582 17.07 -18.86 -38.65
C ASP B 582 17.90 -17.59 -38.84
N SER B 583 17.38 -16.57 -39.51
CA SER B 583 18.13 -15.35 -39.71
C SER B 583 18.29 -14.58 -38.40
N ALA B 584 19.22 -13.62 -38.42
CA ALA B 584 19.34 -12.67 -37.31
C ALA B 584 18.07 -11.86 -37.11
N VAL B 585 17.28 -11.68 -38.18
CA VAL B 585 15.96 -11.06 -38.04
C VAL B 585 15.00 -12.01 -37.32
N TYR B 586 15.05 -13.30 -37.67
CA TYR B 586 14.26 -14.30 -36.98
C TYR B 586 14.60 -14.35 -35.49
N GLU B 587 15.89 -14.36 -35.16
CA GLU B 587 16.32 -14.33 -33.76
C GLU B 587 15.94 -13.03 -33.06
N HIS B 588 16.10 -11.90 -33.74
CA HIS B 588 15.70 -10.61 -33.18
C HIS B 588 14.23 -10.58 -32.82
N VAL B 589 13.36 -10.95 -33.75
CA VAL B 589 11.93 -10.96 -33.48
C VAL B 589 11.56 -12.02 -32.43
N ARG B 590 12.26 -13.15 -32.41
CA ARG B 590 12.09 -14.10 -31.30
C ARG B 590 12.40 -13.46 -29.96
N MET B 591 13.53 -12.76 -29.85
CA MET B 591 13.87 -12.06 -28.61
C MET B 591 12.83 -11.01 -28.25
N LYS B 592 12.36 -10.26 -29.23
CA LYS B 592 11.29 -9.28 -29.00
C LYS B 592 9.92 -9.91 -28.81
N GLY B 593 9.81 -11.23 -28.91
CA GLY B 593 8.65 -11.94 -28.41
C GLY B 593 8.87 -12.58 -27.06
N LEU B 594 10.10 -13.00 -26.78
CA LEU B 594 10.42 -13.82 -25.63
C LEU B 594 11.27 -13.10 -24.58
N ASN B 595 11.45 -11.79 -24.73
CA ASN B 595 11.97 -11.01 -23.62
C ASN B 595 10.95 -10.98 -22.48
N PRO B 596 11.39 -11.17 -21.24
CA PRO B 596 10.43 -11.29 -20.12
C PRO B 596 9.75 -9.97 -19.76
N PHE B 597 10.26 -8.85 -20.21
CA PHE B 597 9.68 -7.54 -19.89
C PHE B 597 9.14 -6.81 -21.11
N GLU B 598 9.81 -6.94 -22.26
CA GLU B 598 9.35 -6.32 -23.50
C GLU B 598 8.26 -7.20 -24.13
N ARG B 599 7.13 -7.28 -23.44
CA ARG B 599 6.01 -8.08 -23.93
C ARG B 599 5.20 -7.27 -24.93
N ASP B 600 5.87 -6.77 -25.95
CA ASP B 600 5.33 -5.75 -26.84
C ASP B 600 4.19 -6.33 -27.66
N SER B 601 3.02 -5.68 -27.60
CA SER B 601 1.87 -6.05 -28.41
C SER B 601 2.11 -5.84 -29.90
N MET B 602 3.17 -5.13 -30.27
CA MET B 602 3.62 -5.07 -31.66
C MET B 602 4.52 -6.26 -32.00
N TYR B 603 5.72 -6.30 -31.43
CA TYR B 603 6.69 -7.34 -31.78
C TYR B 603 6.20 -8.75 -31.47
N SER B 604 5.49 -8.93 -30.35
CA SER B 604 5.08 -10.29 -29.98
C SER B 604 4.12 -10.89 -30.99
N GLN B 605 3.27 -10.07 -31.62
CA GLN B 605 2.43 -10.57 -32.69
C GLN B 605 3.26 -11.01 -33.89
N MET B 606 4.35 -10.31 -34.17
CA MET B 606 5.27 -10.73 -35.22
C MET B 606 5.92 -12.06 -34.89
N TRP B 607 6.40 -12.23 -33.66
CA TRP B 607 6.91 -13.53 -33.24
C TRP B 607 5.88 -14.65 -33.34
N TRP B 608 4.68 -14.45 -32.80
CA TRP B 608 3.62 -15.45 -32.88
C TRP B 608 3.04 -15.62 -34.28
N MET B 609 3.42 -14.80 -35.25
CA MET B 609 3.22 -15.15 -36.66
C MET B 609 4.40 -15.95 -37.21
N ILE B 610 5.61 -15.40 -37.09
CA ILE B 610 6.81 -15.96 -37.69
C ILE B 610 7.15 -17.34 -37.13
N ASN B 611 6.76 -17.61 -35.88
CA ASN B 611 7.02 -18.91 -35.30
C ASN B 611 6.23 -20.04 -35.96
N ARG B 612 5.06 -19.73 -36.54
CA ARG B 612 4.03 -20.74 -36.74
C ARG B 612 4.51 -21.89 -37.61
N SER B 613 4.28 -23.12 -37.12
CA SER B 613 4.64 -24.36 -37.81
C SER B 613 6.13 -24.42 -38.14
N ASN B 614 6.96 -24.19 -37.13
CA ASN B 614 8.40 -24.01 -37.29
C ASN B 614 8.73 -22.97 -38.36
N GLY B 615 7.95 -21.89 -38.39
CA GLY B 615 8.09 -20.89 -39.42
C GLY B 615 7.50 -21.24 -40.78
N SER B 616 7.19 -22.52 -41.03
CA SER B 616 6.86 -22.95 -42.38
C SER B 616 5.56 -22.33 -42.90
N GLU B 617 4.72 -21.80 -42.01
CA GLU B 617 3.55 -21.05 -42.44
C GLU B 617 3.94 -19.73 -43.10
N ASN B 618 5.06 -19.13 -42.68
CA ASN B 618 5.30 -17.72 -42.88
C ASN B 618 6.68 -17.38 -43.43
N ASN B 619 7.60 -18.34 -43.46
CA ASN B 619 9.01 -18.03 -43.67
C ASN B 619 9.60 -18.93 -44.74
N VAL B 620 10.77 -18.53 -45.25
CA VAL B 620 11.40 -19.16 -46.41
C VAL B 620 12.90 -19.23 -46.20
N LEU B 621 13.53 -20.12 -46.95
CA LEU B 621 14.99 -20.13 -47.06
C LEU B 621 15.50 -19.13 -48.08
N GLU B 622 14.81 -18.99 -49.21
CA GLU B 622 15.18 -18.00 -50.23
C GLU B 622 14.16 -16.86 -50.24
N SER B 623 14.65 -15.64 -50.04
CA SER B 623 13.79 -14.45 -50.02
C SER B 623 13.03 -14.27 -51.32
N GLN B 624 13.59 -14.74 -52.45
CA GLN B 624 12.90 -14.66 -53.74
C GLN B 624 11.50 -15.27 -53.69
N ALA B 625 11.34 -16.38 -52.97
CA ALA B 625 10.02 -16.99 -52.83
C ALA B 625 9.05 -16.09 -52.08
N GLY B 626 9.52 -15.45 -50.99
CA GLY B 626 8.69 -14.47 -50.31
C GLY B 626 8.33 -13.27 -51.17
N ILE B 627 9.33 -12.73 -51.88
CA ILE B 627 9.09 -11.61 -52.79
C ILE B 627 8.04 -11.95 -53.83
N GLN B 628 8.15 -13.12 -54.46
CA GLN B 628 7.12 -13.59 -55.38
C GLN B 628 5.76 -13.75 -54.71
N LYS B 629 5.73 -14.30 -53.49
CA LYS B 629 4.48 -14.44 -52.75
C LYS B 629 3.83 -13.09 -52.44
N VAL B 630 4.63 -12.06 -52.20
CA VAL B 630 4.09 -10.70 -52.11
C VAL B 630 3.58 -10.22 -53.46
N LYS B 631 4.41 -10.35 -54.51
CA LYS B 631 4.07 -9.77 -55.80
C LYS B 631 2.83 -10.43 -56.42
N TYR B 632 2.57 -11.69 -56.09
CA TYR B 632 1.50 -12.45 -56.71
C TYR B 632 0.49 -12.99 -55.70
N GLY B 633 0.50 -12.46 -54.47
CA GLY B 633 -0.38 -13.01 -53.46
C GLY B 633 -0.52 -12.07 -52.28
N ASN B 634 -1.32 -12.52 -51.31
CA ASN B 634 -1.56 -11.81 -50.05
C ASN B 634 -0.50 -12.19 -49.03
N TYR B 635 0.63 -11.47 -49.06
CA TYR B 635 1.74 -11.80 -48.18
C TYR B 635 2.65 -10.59 -48.08
N ALA B 636 3.51 -10.58 -47.07
CA ALA B 636 4.54 -9.55 -46.91
C ALA B 636 5.81 -10.18 -46.37
N PHE B 637 6.95 -9.58 -46.73
CA PHE B 637 8.25 -10.12 -46.39
C PHE B 637 9.09 -9.06 -45.68
N VAL B 638 9.74 -9.46 -44.60
CA VAL B 638 10.42 -8.56 -43.67
C VAL B 638 11.90 -8.88 -43.68
N TRP B 639 12.72 -7.87 -43.95
CA TRP B 639 14.16 -8.07 -44.12
C TRP B 639 14.88 -6.75 -43.91
N ASP B 640 16.14 -6.69 -44.31
CA ASP B 640 16.90 -5.44 -44.30
C ASP B 640 16.20 -4.37 -45.13
N ALA B 641 16.02 -3.19 -44.51
CA ALA B 641 15.46 -2.06 -45.25
C ALA B 641 16.36 -1.67 -46.41
N ALA B 642 17.67 -1.71 -46.22
CA ALA B 642 18.61 -1.40 -47.29
C ALA B 642 18.50 -2.36 -48.48
N VAL B 643 17.98 -3.56 -48.27
CA VAL B 643 17.66 -4.45 -49.39
C VAL B 643 16.28 -4.16 -49.97
N LEU B 644 15.24 -4.16 -49.13
CA LEU B 644 13.87 -4.07 -49.64
C LEU B 644 13.54 -2.71 -50.25
N GLU B 645 14.23 -1.65 -49.83
CA GLU B 645 14.19 -0.38 -50.56
C GLU B 645 14.61 -0.58 -52.01
N TYR B 646 15.81 -1.11 -52.24
CA TYR B 646 16.30 -1.31 -53.60
C TYR B 646 15.40 -2.26 -54.39
N VAL B 647 14.96 -3.34 -53.75
CA VAL B 647 14.05 -4.30 -54.40
C VAL B 647 12.75 -3.63 -54.85
N ALA B 648 12.15 -2.80 -53.99
CA ALA B 648 10.92 -2.10 -54.39
C ALA B 648 11.19 -1.04 -55.45
N ILE B 649 12.28 -0.30 -55.33
CA ILE B 649 12.59 0.78 -56.26
C ILE B 649 12.71 0.26 -57.69
N ASN B 650 13.23 -0.95 -57.85
CA ASN B 650 13.45 -1.53 -59.18
C ASN B 650 12.22 -2.24 -59.75
N ASP B 651 11.08 -2.18 -59.07
CA ASP B 651 9.88 -2.87 -59.56
C ASP B 651 9.38 -2.21 -60.84
N PRO B 652 9.34 -2.92 -61.97
CA PRO B 652 8.76 -2.32 -63.18
C PRO B 652 7.25 -2.14 -63.10
N ASP B 653 6.57 -2.96 -62.32
CA ASP B 653 5.11 -2.87 -62.20
C ASP B 653 4.66 -1.71 -61.33
N CYS B 654 5.58 -1.05 -60.62
CA CYS B 654 5.23 -0.05 -59.61
C CYS B 654 4.23 -0.60 -58.59
N SER B 655 4.26 -1.92 -58.40
CA SER B 655 3.31 -2.62 -57.55
C SER B 655 3.80 -2.75 -56.12
N PHE B 656 5.11 -2.85 -55.92
CA PHE B 656 5.69 -2.85 -54.59
C PHE B 656 5.71 -1.46 -53.98
N TYR B 657 5.59 -1.43 -52.65
CA TYR B 657 5.98 -0.28 -51.84
C TYR B 657 6.56 -0.84 -50.54
N THR B 658 7.31 0.01 -49.83
CA THR B 658 8.13 -0.48 -48.74
C THR B 658 8.24 0.54 -47.62
N ILE B 659 8.54 0.04 -46.42
CA ILE B 659 8.65 0.82 -45.21
C ILE B 659 9.83 0.27 -44.42
N GLY B 660 10.29 1.04 -43.44
CA GLY B 660 11.32 0.55 -42.54
C GLY B 660 11.45 1.47 -41.35
N ASN B 661 12.33 1.08 -40.42
CA ASN B 661 12.45 1.79 -39.16
C ASN B 661 13.90 1.78 -38.68
N THR B 662 14.15 2.68 -37.73
CA THR B 662 15.41 2.70 -36.98
C THR B 662 15.58 1.44 -36.16
N VAL B 663 16.77 0.83 -36.22
CA VAL B 663 17.04 -0.43 -35.53
C VAL B 663 18.40 -0.32 -34.86
N ALA B 664 18.51 -0.94 -33.68
CA ALA B 664 19.68 -0.92 -32.81
C ALA B 664 20.74 -1.95 -33.23
N ASP B 665 21.90 -1.83 -32.57
CA ASP B 665 22.92 -2.86 -32.42
C ASP B 665 23.58 -3.30 -33.72
N ARG B 666 23.39 -2.58 -34.82
CA ARG B 666 23.79 -3.13 -36.10
C ARG B 666 24.27 -2.02 -37.03
N GLY B 667 25.13 -2.42 -37.95
CA GLY B 667 25.64 -1.55 -39.01
C GLY B 667 26.33 -2.41 -40.05
N TYR B 668 26.60 -1.79 -41.19
CA TYR B 668 27.27 -2.49 -42.29
C TYR B 668 28.73 -2.08 -42.36
N GLY B 669 29.61 -3.07 -42.48
CA GLY B 669 31.05 -2.85 -42.45
C GLY B 669 31.82 -3.82 -43.31
N ILE B 670 33.14 -3.88 -43.12
CA ILE B 670 34.02 -4.75 -43.89
C ILE B 670 34.84 -5.59 -42.92
N ALA B 671 34.97 -6.87 -43.24
CA ALA B 671 35.73 -7.80 -42.41
C ALA B 671 37.17 -7.95 -42.91
N LEU B 672 38.05 -8.37 -42.00
CA LEU B 672 39.43 -8.69 -42.31
C LEU B 672 39.89 -9.84 -41.43
N GLN B 673 41.01 -10.44 -41.82
CA GLN B 673 41.69 -11.42 -40.97
C GLN B 673 41.95 -10.85 -39.58
N HIS B 674 41.86 -11.72 -38.58
CA HIS B 674 42.07 -11.32 -37.20
C HIS B 674 43.49 -10.81 -36.98
N GLY B 675 43.60 -9.75 -36.19
CA GLY B 675 44.88 -9.14 -35.89
C GLY B 675 45.32 -8.06 -36.86
N SER B 676 44.40 -7.48 -37.61
CA SER B 676 44.78 -6.63 -38.72
C SER B 676 45.30 -5.28 -38.24
N PRO B 677 46.47 -4.84 -38.70
CA PRO B 677 46.93 -3.49 -38.36
C PRO B 677 46.20 -2.42 -39.15
N TYR B 678 45.60 -2.77 -40.28
CA TYR B 678 44.95 -1.84 -41.20
C TYR B 678 43.72 -1.19 -40.60
N ARG B 679 43.22 -1.69 -39.46
CA ARG B 679 42.16 -1.01 -38.73
C ARG B 679 42.56 0.41 -38.33
N ASP B 680 43.84 0.63 -38.08
CA ASP B 680 44.38 1.97 -37.89
C ASP B 680 44.80 2.63 -39.20
N VAL B 681 44.30 2.12 -40.33
CA VAL B 681 44.54 2.69 -41.65
C VAL B 681 43.24 3.02 -42.36
N PHE B 682 42.27 2.11 -42.32
CA PHE B 682 40.97 2.38 -42.92
C PHE B 682 40.18 3.45 -42.18
N SER B 683 40.27 3.47 -40.85
CA SER B 683 39.38 4.30 -40.04
C SER B 683 39.49 5.79 -40.38
N GLN B 684 40.71 6.30 -40.56
CA GLN B 684 40.90 7.69 -40.96
C GLN B 684 40.42 7.98 -42.39
N ARG B 685 40.56 7.02 -43.30
CA ARG B 685 40.03 7.23 -44.65
C ARG B 685 38.50 7.16 -44.67
N ILE B 686 37.93 6.34 -43.80
CA ILE B 686 36.47 6.33 -43.57
C ILE B 686 36.00 7.66 -43.02
N LEU B 687 36.73 8.22 -42.05
CA LEU B 687 36.43 9.56 -41.55
C LEU B 687 36.51 10.62 -42.66
N GLU B 688 37.52 10.51 -43.53
CA GLU B 688 37.54 11.37 -44.73
C GLU B 688 36.30 11.17 -45.60
N LEU B 689 35.98 9.93 -45.93
CA LEU B 689 34.82 9.63 -46.77
C LEU B 689 33.52 10.16 -46.16
N GLN B 690 33.42 10.15 -44.83
CA GLN B 690 32.30 10.78 -44.16
C GLN B 690 32.34 12.30 -44.31
N GLN B 691 33.49 12.89 -44.05
CA GLN B 691 33.62 14.34 -44.15
C GLN B 691 33.53 14.81 -45.61
N ASN B 692 34.01 14.00 -46.55
CA ASN B 692 33.83 14.30 -47.97
C ASN B 692 32.38 14.20 -48.40
N GLY B 693 31.55 13.44 -47.67
CA GLY B 693 30.24 13.06 -48.15
C GLY B 693 30.21 12.01 -49.23
N ASP B 694 31.36 11.42 -49.56
CA ASP B 694 31.38 10.26 -50.46
C ASP B 694 30.48 9.15 -49.92
N MET B 695 30.48 8.97 -48.60
CA MET B 695 29.59 8.01 -47.94
C MET B 695 28.13 8.39 -48.07
N ASP B 696 27.83 9.65 -48.39
CA ASP B 696 26.47 10.05 -48.70
C ASP B 696 26.19 9.99 -50.19
N ILE B 697 27.15 10.38 -51.02
CA ILE B 697 26.91 10.49 -52.45
C ILE B 697 26.81 9.12 -53.10
N LEU B 698 27.76 8.23 -52.79
CA LEU B 698 27.71 6.87 -53.33
C LEU B 698 26.52 6.10 -52.76
N LYS B 699 26.20 6.31 -51.49
CA LYS B 699 24.99 5.73 -50.90
C LYS B 699 23.72 6.17 -51.63
N HIS B 700 23.61 7.46 -51.97
CA HIS B 700 22.45 7.91 -52.72
C HIS B 700 22.44 7.36 -54.14
N LYS B 701 23.59 7.36 -54.82
CA LYS B 701 23.70 6.67 -56.10
C LYS B 701 23.21 5.23 -56.01
N TRP B 702 23.67 4.49 -55.01
CA TRP B 702 23.22 3.13 -54.76
C TRP B 702 22.13 3.07 -53.69
N ILE C 1 -34.49 -60.60 39.94
CA ILE C 1 -34.55 -59.24 39.42
C ILE C 1 -34.08 -58.25 40.48
N HIS C 2 -32.94 -57.62 40.24
CA HIS C 2 -32.37 -56.65 41.17
C HIS C 2 -32.29 -55.30 40.48
N ILE C 3 -32.97 -54.30 41.05
CA ILE C 3 -33.08 -52.97 40.46
C ILE C 3 -32.36 -51.97 41.36
N GLY C 4 -31.47 -51.18 40.76
CA GLY C 4 -30.70 -50.21 41.50
C GLY C 4 -31.31 -48.82 41.37
N ALA C 5 -31.19 -48.02 42.42
CA ALA C 5 -31.60 -46.63 42.36
C ALA C 5 -30.62 -45.75 43.12
N ILE C 6 -30.34 -44.58 42.56
CA ILE C 6 -29.50 -43.56 43.20
C ILE C 6 -30.32 -42.28 43.29
N PHE C 7 -30.41 -41.70 44.49
CA PHE C 7 -31.25 -40.54 44.71
C PHE C 7 -30.47 -39.44 45.42
N ASP C 8 -30.82 -38.20 45.07
CA ASP C 8 -30.36 -37.03 45.81
C ASP C 8 -30.94 -37.09 47.21
N GLU C 9 -30.14 -36.71 48.21
CA GLU C 9 -30.57 -36.70 49.60
C GLU C 9 -31.90 -35.97 49.80
N SER C 10 -32.22 -35.00 48.94
CA SER C 10 -33.48 -34.28 49.05
C SER C 10 -34.67 -35.02 48.48
N ALA C 11 -34.46 -36.15 47.79
CA ALA C 11 -35.52 -36.81 47.04
C ALA C 11 -36.41 -37.68 47.92
N LYS C 12 -36.50 -37.35 49.21
CA LYS C 12 -37.06 -38.27 50.19
C LYS C 12 -38.51 -38.66 49.90
N LYS C 13 -39.21 -37.87 49.09
CA LYS C 13 -40.53 -38.29 48.60
C LYS C 13 -40.41 -39.31 47.47
N ASP C 14 -39.40 -39.15 46.61
CA ASP C 14 -39.28 -40.04 45.46
C ASP C 14 -39.06 -41.49 45.90
N ASP C 15 -38.31 -41.68 46.98
CA ASP C 15 -38.16 -43.01 47.57
C ASP C 15 -39.53 -43.61 47.89
N GLU C 16 -40.36 -42.83 48.59
CA GLU C 16 -41.69 -43.28 48.98
C GLU C 16 -42.53 -43.66 47.77
N VAL C 17 -42.45 -42.86 46.70
CA VAL C 17 -43.22 -43.18 45.49
C VAL C 17 -42.67 -44.42 44.80
N PHE C 18 -41.35 -44.58 44.79
CA PHE C 18 -40.74 -45.79 44.22
C PHE C 18 -41.22 -47.04 44.94
N ARG C 19 -41.21 -47.00 46.28
CA ARG C 19 -41.72 -48.13 47.05
C ARG C 19 -43.21 -48.36 46.79
N THR C 20 -44.01 -47.29 46.75
CA THR C 20 -45.44 -47.43 46.48
C THR C 20 -45.67 -48.11 45.13
N ALA C 21 -44.89 -47.73 44.12
CA ALA C 21 -44.99 -48.33 42.80
C ALA C 21 -44.65 -49.82 42.82
N VAL C 22 -43.58 -50.19 43.52
CA VAL C 22 -43.27 -51.62 43.66
C VAL C 22 -44.37 -52.35 44.40
N GLY C 23 -44.93 -51.75 45.45
CA GLY C 23 -46.06 -52.34 46.14
C GLY C 23 -47.28 -52.55 45.25
N ASP C 24 -47.59 -51.58 44.41
CA ASP C 24 -48.66 -51.72 43.42
C ASP C 24 -48.36 -52.78 42.36
N LEU C 25 -47.09 -53.00 42.03
CA LEU C 25 -46.79 -54.02 41.03
C LEU C 25 -46.79 -55.43 41.61
N ASN C 26 -46.30 -55.59 42.83
CA ASN C 26 -46.34 -56.90 43.48
C ASN C 26 -47.76 -57.38 43.75
N GLN C 27 -48.73 -56.47 43.82
CA GLN C 27 -50.14 -56.85 43.91
C GLN C 27 -50.81 -57.07 42.56
N ASN C 28 -50.17 -56.69 41.46
CA ASN C 28 -50.74 -56.97 40.14
C ASN C 28 -50.65 -58.47 39.85
N GLU C 29 -51.81 -59.10 39.68
CA GLU C 29 -51.89 -60.54 39.50
C GLU C 29 -51.32 -61.00 38.15
N GLU C 30 -51.16 -60.11 37.19
CA GLU C 30 -50.84 -60.48 35.83
C GLU C 30 -49.36 -60.33 35.48
N ILE C 31 -48.63 -59.46 36.18
CA ILE C 31 -47.28 -59.07 35.77
C ILE C 31 -46.27 -59.76 36.68
N LEU C 32 -45.28 -60.40 36.05
CA LEU C 32 -44.21 -61.12 36.75
C LEU C 32 -44.77 -62.11 37.78
N GLN C 33 -45.75 -62.90 37.35
CA GLN C 33 -46.57 -63.68 38.26
C GLN C 33 -45.75 -64.67 39.07
N THR C 34 -44.63 -65.15 38.51
CA THR C 34 -43.78 -66.12 39.19
C THR C 34 -42.68 -65.51 40.04
N GLU C 35 -42.52 -64.19 40.04
CA GLU C 35 -41.33 -63.56 40.60
C GLU C 35 -41.75 -62.51 41.62
N LYS C 36 -40.75 -61.99 42.36
CA LYS C 36 -40.86 -60.71 43.03
C LYS C 36 -39.65 -59.85 42.72
N ILE C 37 -39.91 -58.57 42.45
CA ILE C 37 -38.84 -57.61 42.25
C ILE C 37 -38.15 -57.31 43.57
N THR C 38 -36.82 -57.14 43.53
CA THR C 38 -36.04 -56.62 44.65
C THR C 38 -35.31 -55.37 44.20
N PHE C 39 -35.08 -54.46 45.14
CA PHE C 39 -34.44 -53.19 44.80
C PHE C 39 -33.56 -52.72 45.95
N SER C 40 -32.59 -51.88 45.59
CA SER C 40 -31.66 -51.28 46.54
C SER C 40 -31.51 -49.79 46.24
N VAL C 41 -31.41 -48.99 47.30
CA VAL C 41 -31.50 -47.53 47.21
C VAL C 41 -30.32 -46.94 47.96
N THR C 42 -29.80 -45.81 47.45
CA THR C 42 -28.73 -45.11 48.15
C THR C 42 -28.86 -43.62 47.90
N PHE C 43 -28.45 -42.83 48.88
CA PHE C 43 -28.55 -41.37 48.84
C PHE C 43 -27.14 -40.77 48.77
N VAL C 44 -26.99 -39.75 47.93
CA VAL C 44 -25.70 -39.09 47.72
C VAL C 44 -25.91 -37.59 47.55
N ASP C 45 -24.89 -36.83 47.94
CA ASP C 45 -24.85 -35.40 47.67
C ASP C 45 -24.64 -35.18 46.18
N GLY C 46 -25.61 -34.53 45.54
CA GLY C 46 -25.56 -34.30 44.10
C GLY C 46 -24.34 -33.53 43.62
N ASN C 47 -23.67 -32.81 44.51
CA ASN C 47 -22.49 -32.02 44.14
C ASN C 47 -21.18 -32.80 44.26
N ASN C 48 -21.21 -34.09 44.58
CA ASN C 48 -20.01 -34.87 44.86
C ASN C 48 -19.91 -36.05 43.89
N PRO C 49 -19.53 -35.78 42.63
CA PRO C 49 -19.68 -36.82 41.58
C PRO C 49 -18.99 -38.13 41.89
N PHE C 50 -17.78 -38.07 42.46
CA PHE C 50 -17.03 -39.28 42.75
C PHE C 50 -17.80 -40.22 43.66
N GLN C 51 -18.45 -39.68 44.70
CA GLN C 51 -19.24 -40.53 45.59
C GLN C 51 -20.38 -41.21 44.85
N ALA C 52 -20.96 -40.52 43.86
CA ALA C 52 -22.02 -41.15 43.06
C ALA C 52 -21.48 -42.26 42.19
N VAL C 53 -20.31 -42.05 41.58
CA VAL C 53 -19.67 -43.12 40.81
C VAL C 53 -19.38 -44.33 41.68
N GLN C 54 -18.77 -44.09 42.85
CA GLN C 54 -18.44 -45.18 43.76
C GLN C 54 -19.67 -45.95 44.22
N GLU C 55 -20.73 -45.24 44.62
CA GLU C 55 -21.96 -45.93 45.02
C GLU C 55 -22.66 -46.62 43.85
N ALA C 56 -22.46 -46.17 42.61
CA ALA C 56 -22.99 -46.93 41.48
C ALA C 56 -22.21 -48.22 41.28
N CYS C 57 -20.88 -48.14 41.37
CA CYS C 57 -20.08 -49.35 41.19
C CYS C 57 -20.27 -50.34 42.32
N GLU C 58 -20.64 -49.88 43.51
CA GLU C 58 -21.10 -50.81 44.54
C GLU C 58 -22.27 -51.67 44.07
N LEU C 59 -23.29 -51.04 43.48
CA LEU C 59 -24.41 -51.79 42.94
C LEU C 59 -23.97 -52.70 41.80
N MET C 60 -23.06 -52.23 40.95
CA MET C 60 -22.57 -53.12 39.91
C MET C 60 -21.77 -54.29 40.49
N ASN C 61 -21.17 -54.10 41.66
CA ASN C 61 -20.52 -55.21 42.34
C ASN C 61 -21.56 -56.23 42.79
N GLN C 62 -22.71 -55.75 43.29
CA GLN C 62 -23.83 -56.66 43.51
C GLN C 62 -24.42 -57.14 42.18
N GLY C 63 -24.41 -56.30 41.16
CA GLY C 63 -25.05 -56.58 39.90
C GLY C 63 -26.52 -56.18 39.85
N ILE C 64 -26.91 -55.56 38.73
CA ILE C 64 -28.27 -55.05 38.55
C ILE C 64 -28.64 -55.20 37.08
N LEU C 65 -29.94 -55.23 36.81
CA LEU C 65 -30.42 -55.30 35.43
C LEU C 65 -30.59 -53.93 34.79
N ALA C 66 -30.88 -52.90 35.60
CA ALA C 66 -30.98 -51.54 35.08
C ALA C 66 -30.81 -50.57 36.25
N LEU C 67 -30.54 -49.32 35.91
CA LEU C 67 -30.25 -48.28 36.90
C LEU C 67 -31.19 -47.11 36.69
N VAL C 68 -31.96 -46.77 37.73
CA VAL C 68 -32.86 -45.63 37.71
C VAL C 68 -32.24 -44.54 38.57
N SER C 69 -32.11 -43.34 38.02
CA SER C 69 -31.40 -42.26 38.71
C SER C 69 -32.19 -40.96 38.66
N SER C 70 -31.98 -40.14 39.69
CA SER C 70 -32.64 -38.84 39.81
C SER C 70 -31.65 -37.91 40.52
N ILE C 71 -30.92 -37.11 39.75
CA ILE C 71 -29.86 -36.29 40.31
C ILE C 71 -29.56 -35.17 39.32
N GLY C 72 -29.12 -34.02 39.84
CA GLY C 72 -28.94 -32.84 39.01
C GLY C 72 -27.74 -32.96 38.08
N CYS C 73 -27.73 -32.08 37.07
CA CYS C 73 -26.78 -32.18 35.97
C CYS C 73 -25.32 -32.21 36.41
N THR C 74 -25.00 -31.69 37.60
CA THR C 74 -23.62 -31.72 38.07
C THR C 74 -23.06 -33.12 38.17
N SER C 75 -23.88 -34.12 38.48
CA SER C 75 -23.44 -35.51 38.52
C SER C 75 -23.76 -36.32 37.28
N ALA C 76 -24.69 -35.87 36.44
CA ALA C 76 -25.18 -36.74 35.38
C ALA C 76 -24.22 -36.93 34.23
N GLY C 77 -23.11 -36.19 34.17
CA GLY C 77 -22.06 -36.56 33.23
C GLY C 77 -21.21 -37.71 33.70
N SER C 78 -20.93 -37.74 35.00
CA SER C 78 -20.09 -38.78 35.58
C SER C 78 -20.87 -40.04 35.89
N LEU C 79 -22.19 -39.94 36.00
CA LEU C 79 -23.02 -41.15 35.98
C LEU C 79 -23.40 -41.59 34.57
N GLN C 80 -23.57 -40.68 33.61
CA GLN C 80 -23.87 -41.12 32.25
C GLN C 80 -22.67 -41.85 31.63
N SER C 81 -21.46 -41.32 31.79
CA SER C 81 -20.31 -41.94 31.15
C SER C 81 -19.86 -43.22 31.83
N LEU C 82 -20.55 -43.66 32.89
CA LEU C 82 -20.34 -44.98 33.46
C LEU C 82 -21.11 -46.06 32.70
N ALA C 83 -22.40 -45.83 32.46
CA ALA C 83 -23.25 -46.83 31.83
C ALA C 83 -22.73 -47.26 30.47
N ASP C 84 -22.21 -46.31 29.67
CA ASP C 84 -21.66 -46.68 28.37
C ASP C 84 -20.48 -47.65 28.49
N ALA C 85 -19.77 -47.65 29.63
CA ALA C 85 -18.68 -48.59 29.77
C ALA C 85 -19.13 -49.96 30.23
N MET C 86 -20.25 -50.03 30.97
CA MET C 86 -20.76 -51.29 31.50
C MET C 86 -22.03 -51.76 30.81
N HIS C 87 -22.52 -51.03 29.82
CA HIS C 87 -23.71 -51.39 29.05
C HIS C 87 -24.95 -51.57 29.92
N ILE C 88 -24.94 -51.03 31.14
CA ILE C 88 -26.11 -51.07 32.01
C ILE C 88 -27.11 -50.03 31.53
N PRO C 89 -28.35 -50.41 31.24
CA PRO C 89 -29.35 -49.43 30.80
C PRO C 89 -29.63 -48.39 31.87
N HIS C 90 -29.53 -47.12 31.49
CA HIS C 90 -29.68 -46.00 32.41
C HIS C 90 -30.91 -45.19 32.02
N LEU C 91 -31.84 -45.04 32.96
CA LEU C 91 -32.99 -44.13 32.81
C LEU C 91 -32.81 -42.97 33.77
N PHE C 92 -32.82 -41.75 33.24
CA PHE C 92 -32.42 -40.55 33.96
C PHE C 92 -33.63 -39.64 34.12
N ILE C 93 -33.90 -39.20 35.35
CA ILE C 93 -34.97 -38.24 35.64
C ILE C 93 -34.32 -36.97 36.18
N GLN C 94 -34.37 -35.89 35.40
CA GLN C 94 -33.61 -34.68 35.69
C GLN C 94 -34.30 -33.86 36.78
N ARG C 95 -33.68 -33.79 37.96
CA ARG C 95 -34.06 -32.84 38.99
C ARG C 95 -33.43 -31.48 38.70
N SER C 96 -33.95 -30.45 39.38
CA SER C 96 -33.30 -29.15 39.35
C SER C 96 -33.49 -28.45 40.69
N THR C 97 -32.52 -27.60 41.02
CA THR C 97 -32.39 -27.08 42.37
C THR C 97 -33.58 -26.23 42.79
N ALA C 98 -34.08 -26.48 44.00
CA ALA C 98 -35.07 -25.62 44.67
C ALA C 98 -36.27 -25.28 43.80
N GLY C 99 -36.61 -26.15 42.86
CA GLY C 99 -37.74 -25.91 41.99
C GLY C 99 -37.53 -24.90 40.89
N THR C 100 -36.33 -24.33 40.77
CA THR C 100 -36.08 -23.30 39.77
C THR C 100 -36.35 -23.86 38.38
N PRO C 101 -36.73 -23.01 37.42
CA PRO C 101 -37.05 -23.52 36.08
C PRO C 101 -35.86 -24.25 35.46
N ARG C 102 -36.18 -25.32 34.74
CA ARG C 102 -35.17 -26.28 34.31
C ARG C 102 -34.46 -25.80 33.06
N SER C 103 -33.18 -26.17 32.95
CA SER C 103 -32.40 -26.00 31.73
C SER C 103 -31.58 -27.24 31.45
N GLY C 104 -31.32 -27.49 30.17
CA GLY C 104 -30.70 -28.74 29.76
C GLY C 104 -29.23 -28.79 30.10
N CYS C 105 -28.75 -29.99 30.46
CA CYS C 105 -27.36 -30.13 30.90
C CYS C 105 -26.39 -29.76 29.79
N GLY C 106 -26.75 -30.02 28.54
CA GLY C 106 -26.01 -29.50 27.39
C GLY C 106 -24.57 -29.97 27.28
N LEU C 107 -24.25 -31.13 27.84
CA LEU C 107 -22.90 -31.68 27.73
C LEU C 107 -22.47 -31.83 26.27
N THR C 108 -21.22 -31.47 25.99
CA THR C 108 -20.54 -31.87 24.76
C THR C 108 -20.05 -33.31 24.84
N ARG C 109 -21.00 -34.22 25.08
CA ARG C 109 -20.66 -35.62 25.33
C ARG C 109 -20.01 -36.26 24.11
N SER C 110 -18.87 -36.90 24.33
CA SER C 110 -18.07 -37.48 23.24
C SER C 110 -18.76 -38.70 22.64
N ASN C 111 -18.94 -38.68 21.32
CA ASN C 111 -19.72 -39.68 20.60
C ASN C 111 -18.94 -40.94 20.28
N ARG C 112 -17.74 -41.12 20.84
CA ARG C 112 -16.89 -42.27 20.55
C ARG C 112 -17.39 -43.57 21.17
N ASN C 113 -18.68 -43.63 21.48
CA ASN C 113 -19.25 -44.76 22.22
C ASN C 113 -20.69 -44.93 21.77
N ASP C 114 -21.30 -46.04 22.20
CA ASP C 114 -22.75 -46.16 22.13
C ASP C 114 -23.41 -45.20 23.14
N ASP C 115 -24.75 -45.26 23.20
CA ASP C 115 -25.51 -44.35 24.05
C ASP C 115 -26.57 -45.13 24.81
N TYR C 116 -26.28 -45.46 26.07
CA TYR C 116 -27.20 -46.22 26.92
C TYR C 116 -28.09 -45.30 27.77
N THR C 117 -28.28 -44.06 27.35
CA THR C 117 -28.99 -43.06 28.13
C THR C 117 -30.36 -42.81 27.54
N LEU C 118 -31.37 -42.74 28.41
CA LEU C 118 -32.74 -42.41 28.00
C LEU C 118 -33.31 -41.35 28.92
N SER C 119 -33.39 -40.11 28.43
CA SER C 119 -33.92 -38.99 29.20
C SER C 119 -35.44 -39.06 29.24
N VAL C 120 -35.99 -39.23 30.44
CA VAL C 120 -37.42 -39.45 30.58
C VAL C 120 -38.20 -38.14 30.44
N ARG C 121 -37.80 -37.10 31.17
CA ARG C 121 -38.48 -35.81 31.04
C ARG C 121 -38.21 -35.19 29.67
N PRO C 122 -39.19 -34.53 29.07
CA PRO C 122 -39.04 -34.04 27.70
C PRO C 122 -38.06 -32.88 27.58
N PRO C 123 -37.72 -32.48 26.36
CA PRO C 123 -36.91 -31.28 26.16
C PRO C 123 -37.48 -30.02 26.81
N VAL C 124 -36.58 -29.09 27.11
CA VAL C 124 -36.94 -27.77 27.64
C VAL C 124 -37.44 -26.89 26.51
N TYR C 125 -38.64 -26.34 26.65
CA TYR C 125 -39.25 -25.50 25.62
C TYR C 125 -39.63 -24.09 26.08
N LEU C 126 -39.16 -23.65 27.25
CA LEU C 126 -39.46 -22.30 27.73
C LEU C 126 -39.27 -21.22 26.67
N HIS C 127 -38.09 -21.17 26.07
CA HIS C 127 -37.71 -20.08 25.17
C HIS C 127 -38.43 -20.09 23.86
N ASP C 128 -39.40 -20.97 23.65
CA ASP C 128 -40.22 -20.98 22.45
C ASP C 128 -41.65 -20.59 22.74
N VAL C 129 -42.20 -21.12 23.83
CA VAL C 129 -43.47 -20.62 24.34
C VAL C 129 -43.40 -19.13 24.60
N ILE C 130 -42.39 -18.71 25.38
CA ILE C 130 -42.29 -17.30 25.74
C ILE C 130 -41.76 -16.46 24.57
N LEU C 131 -41.71 -17.04 23.37
CA LEU C 131 -41.48 -16.28 22.15
C LEU C 131 -42.61 -16.44 21.15
N ARG C 132 -43.66 -17.16 21.49
CA ARG C 132 -44.97 -16.93 20.88
C ARG C 132 -45.88 -16.04 21.70
N VAL C 133 -45.87 -16.21 23.02
CA VAL C 133 -46.71 -15.40 23.89
C VAL C 133 -46.35 -13.92 23.78
N VAL C 134 -45.07 -13.59 23.97
CA VAL C 134 -44.66 -12.20 23.78
C VAL C 134 -44.43 -11.98 22.30
N THR C 135 -45.44 -12.28 21.49
CA THR C 135 -45.50 -11.83 20.11
C THR C 135 -46.97 -11.67 19.73
N GLU C 136 -47.82 -12.52 20.32
CA GLU C 136 -49.25 -12.24 20.28
C GLU C 136 -49.58 -10.91 20.95
N TYR C 137 -48.93 -10.61 22.07
CA TYR C 137 -49.07 -9.30 22.72
C TYR C 137 -48.34 -8.18 22.00
N ALA C 138 -47.55 -8.48 20.98
CA ALA C 138 -46.87 -7.48 20.15
C ALA C 138 -46.07 -6.46 20.96
N TRP C 139 -45.49 -6.88 22.09
CA TRP C 139 -44.72 -5.97 22.93
C TRP C 139 -43.51 -5.40 22.18
N GLN C 140 -42.99 -4.30 22.73
CA GLN C 140 -41.79 -3.66 22.19
C GLN C 140 -40.71 -3.36 23.22
N LYS C 141 -41.02 -3.39 24.52
CA LYS C 141 -40.02 -3.05 25.54
C LYS C 141 -40.41 -3.69 26.87
N PHE C 142 -39.48 -4.42 27.47
CA PHE C 142 -39.78 -5.14 28.71
C PHE C 142 -38.48 -5.48 29.43
N ILE C 143 -38.63 -5.99 30.65
CA ILE C 143 -37.52 -6.39 31.50
C ILE C 143 -37.68 -7.86 31.91
N ILE C 144 -36.55 -8.55 32.10
CA ILE C 144 -36.52 -9.97 32.45
C ILE C 144 -35.81 -10.15 33.78
N PHE C 145 -36.39 -10.95 34.67
CA PHE C 145 -35.83 -11.22 35.99
C PHE C 145 -35.63 -12.72 36.16
N TYR C 146 -34.69 -13.09 37.03
CA TYR C 146 -34.59 -14.47 37.47
C TYR C 146 -34.07 -14.51 38.89
N ASP C 147 -34.38 -15.60 39.60
CA ASP C 147 -33.71 -15.82 40.88
C ASP C 147 -32.26 -16.23 40.66
N SER C 148 -31.51 -16.33 41.76
CA SER C 148 -30.07 -16.57 41.65
C SER C 148 -29.73 -17.94 41.08
N GLU C 149 -30.66 -18.90 41.13
CA GLU C 149 -30.35 -20.29 40.79
C GLU C 149 -30.45 -20.61 39.31
N TYR C 150 -31.03 -19.73 38.50
CA TYR C 150 -31.29 -20.06 37.09
C TYR C 150 -30.01 -20.02 36.27
N ASP C 151 -29.88 -20.99 35.37
CA ASP C 151 -28.80 -21.07 34.40
C ASP C 151 -29.17 -20.20 33.20
N ILE C 152 -28.61 -19.00 33.14
CA ILE C 152 -28.95 -17.99 32.14
C ILE C 152 -28.92 -18.48 30.69
N ARG C 153 -28.16 -19.55 30.41
CA ARG C 153 -28.10 -20.04 29.04
C ARG C 153 -29.43 -20.56 28.52
N GLY C 154 -30.40 -20.87 29.40
CA GLY C 154 -31.73 -21.26 28.95
C GLY C 154 -32.46 -20.24 28.10
N ILE C 155 -32.03 -18.97 28.12
CA ILE C 155 -32.56 -17.93 27.25
C ILE C 155 -31.51 -17.38 26.29
N GLN C 156 -30.36 -18.04 26.17
CA GLN C 156 -29.33 -17.62 25.23
C GLN C 156 -29.83 -17.51 23.79
N GLU C 157 -30.88 -18.26 23.43
CA GLU C 157 -31.47 -18.15 22.10
C GLU C 157 -32.55 -17.08 21.99
N PHE C 158 -33.27 -16.81 23.07
CA PHE C 158 -34.34 -15.82 23.06
C PHE C 158 -33.82 -14.40 22.87
N LEU C 159 -32.70 -14.08 23.52
CA LEU C 159 -32.03 -12.78 23.41
C LEU C 159 -31.32 -12.56 22.07
N ASP C 160 -31.24 -13.54 21.18
CA ASP C 160 -30.93 -13.21 19.81
C ASP C 160 -32.14 -12.55 19.15
N LYS C 161 -33.22 -13.31 19.05
CA LYS C 161 -34.30 -12.93 18.14
C LYS C 161 -35.00 -11.69 18.64
N VAL C 162 -34.99 -11.47 19.97
CA VAL C 162 -35.47 -10.20 20.50
C VAL C 162 -34.63 -9.03 20.03
N SER C 163 -33.34 -9.24 19.77
CA SER C 163 -32.52 -8.14 19.29
C SER C 163 -32.63 -7.96 17.77
N GLN C 164 -32.70 -9.04 17.02
CA GLN C 164 -32.90 -8.88 15.58
C GLN C 164 -34.29 -8.34 15.24
N GLN C 165 -35.28 -8.54 16.12
CA GLN C 165 -36.56 -7.84 16.01
C GLN C 165 -36.53 -6.45 16.64
N GLY C 166 -35.39 -5.97 17.12
CA GLY C 166 -35.24 -4.58 17.51
C GLY C 166 -35.89 -4.19 18.82
N MET C 167 -36.44 -5.13 19.58
CA MET C 167 -36.89 -4.82 20.92
C MET C 167 -35.69 -4.49 21.81
N ASP C 168 -35.93 -3.76 22.90
CA ASP C 168 -34.90 -3.46 23.89
C ASP C 168 -35.22 -4.12 25.22
N VAL C 169 -34.30 -4.93 25.72
CA VAL C 169 -34.51 -5.80 26.88
C VAL C 169 -33.33 -5.63 27.83
N ALA C 170 -33.61 -5.70 29.13
CA ALA C 170 -32.53 -5.68 30.12
C ALA C 170 -32.79 -6.75 31.17
N LEU C 171 -31.73 -7.47 31.55
CA LEU C 171 -31.79 -8.44 32.63
C LEU C 171 -31.71 -7.73 33.99
N GLN C 172 -31.95 -8.49 35.05
CA GLN C 172 -31.61 -8.05 36.40
C GLN C 172 -31.70 -9.22 37.36
N LYS C 173 -30.71 -9.35 38.24
CA LYS C 173 -30.66 -10.43 39.20
C LYS C 173 -31.49 -10.08 40.43
N VAL C 174 -32.22 -11.06 40.96
CA VAL C 174 -33.08 -10.83 42.11
C VAL C 174 -32.56 -11.56 43.34
N GLU C 175 -31.72 -10.90 44.13
CA GLU C 175 -31.14 -11.52 45.32
C GLU C 175 -32.24 -12.09 46.21
N ASN C 176 -31.88 -13.11 46.99
CA ASN C 176 -32.85 -13.72 47.90
C ASN C 176 -33.32 -12.76 48.98
N ASN C 177 -32.47 -11.84 49.42
CA ASN C 177 -32.93 -10.73 50.27
C ASN C 177 -33.52 -9.60 49.43
N ILE C 178 -34.79 -9.77 49.07
CA ILE C 178 -35.47 -8.80 48.22
C ILE C 178 -35.44 -7.42 48.86
N ASN C 179 -35.79 -7.36 50.15
CA ASN C 179 -35.94 -6.10 50.85
C ASN C 179 -34.68 -5.27 50.79
N LYS C 180 -33.51 -5.90 50.96
CA LYS C 180 -32.27 -5.13 50.94
C LYS C 180 -32.10 -4.42 49.62
N MET C 181 -32.42 -5.09 48.51
CA MET C 181 -32.29 -4.47 47.19
C MET C 181 -33.28 -3.32 47.04
N ILE C 182 -34.57 -3.60 47.24
CA ILE C 182 -35.58 -2.58 46.98
C ILE C 182 -35.36 -1.36 47.87
N THR C 183 -35.08 -1.57 49.17
CA THR C 183 -34.77 -0.45 50.05
C THR C 183 -33.50 0.27 49.62
N THR C 184 -32.48 -0.45 49.16
CA THR C 184 -31.27 0.18 48.66
C THR C 184 -31.55 1.06 47.45
N LEU C 185 -32.59 0.75 46.69
CA LEU C 185 -32.99 1.65 45.61
C LEU C 185 -33.40 3.01 46.16
N PHE C 186 -34.40 3.04 47.05
CA PHE C 186 -34.83 4.31 47.63
C PHE C 186 -33.71 5.01 48.38
N ASP C 187 -32.87 4.24 49.07
CA ASP C 187 -31.76 4.78 49.85
C ASP C 187 -30.56 5.21 49.03
N THR C 188 -30.50 4.92 47.73
CA THR C 188 -29.29 5.25 46.98
C THR C 188 -29.54 5.86 45.60
N MET C 189 -30.78 5.90 45.10
CA MET C 189 -31.02 6.24 43.71
C MET C 189 -31.92 7.46 43.60
N ARG C 190 -31.67 8.25 42.56
CA ARG C 190 -32.38 9.51 42.34
C ARG C 190 -33.83 9.30 41.96
N ILE C 191 -34.61 10.36 42.14
CA ILE C 191 -35.92 10.47 41.48
C ILE C 191 -35.74 10.39 39.97
N GLU C 192 -34.68 11.02 39.45
CA GLU C 192 -34.34 10.91 38.03
C GLU C 192 -34.10 9.46 37.61
N GLU C 193 -33.74 8.59 38.55
CA GLU C 193 -33.65 7.15 38.30
C GLU C 193 -34.97 6.43 38.54
N LEU C 194 -35.61 6.69 39.68
CA LEU C 194 -36.86 6.00 39.99
C LEU C 194 -37.94 6.28 38.94
N ASN C 195 -37.91 7.45 38.30
CA ASN C 195 -38.82 7.70 37.19
C ASN C 195 -38.54 6.84 35.97
N ARG C 196 -37.31 6.35 35.83
CA ARG C 196 -36.99 5.41 34.76
C ARG C 196 -37.35 3.98 35.13
N TYR C 197 -37.15 3.61 36.40
CA TYR C 197 -37.64 2.32 36.89
C TYR C 197 -39.15 2.20 36.77
N ARG C 198 -39.88 3.17 37.31
CA ARG C 198 -41.34 3.10 37.37
C ARG C 198 -42.00 3.03 35.99
N ASP C 199 -41.31 3.47 34.94
CA ASP C 199 -41.79 3.18 33.58
C ASP C 199 -41.50 1.74 33.17
N THR C 200 -40.25 1.29 33.33
CA THR C 200 -39.84 -0.01 32.81
C THR C 200 -40.70 -1.15 33.37
N LEU C 201 -40.87 -1.19 34.69
CA LEU C 201 -41.57 -2.27 35.37
C LEU C 201 -43.05 -2.40 35.00
N ARG C 202 -43.52 -1.59 34.05
CA ARG C 202 -44.82 -1.86 33.45
C ARG C 202 -44.90 -3.26 32.83
N ARG C 203 -43.80 -3.77 32.29
CA ARG C 203 -43.83 -4.95 31.43
C ARG C 203 -42.66 -5.87 31.79
N ALA C 204 -42.95 -6.96 32.49
CA ALA C 204 -41.87 -7.78 33.02
C ALA C 204 -42.22 -9.26 32.94
N ILE C 205 -41.17 -10.08 32.83
CA ILE C 205 -41.25 -11.53 32.91
C ILE C 205 -40.55 -11.96 34.19
N LEU C 206 -41.20 -12.80 34.99
CA LEU C 206 -40.53 -13.45 36.09
C LEU C 206 -40.26 -14.93 35.78
N VAL C 207 -39.01 -15.34 35.93
CA VAL C 207 -38.61 -16.73 35.70
C VAL C 207 -37.93 -17.24 36.96
N MET C 208 -38.72 -17.57 37.99
CA MET C 208 -38.12 -17.90 39.27
C MET C 208 -39.03 -18.82 40.08
N ASN C 209 -38.48 -19.33 41.17
CA ASN C 209 -39.24 -20.18 42.07
C ASN C 209 -40.42 -19.40 42.67
N PRO C 210 -41.58 -20.04 42.85
CA PRO C 210 -42.78 -19.28 43.24
C PRO C 210 -42.69 -18.52 44.56
N ALA C 211 -42.04 -19.07 45.60
CA ALA C 211 -41.97 -18.37 46.87
C ALA C 211 -41.22 -17.04 46.78
N THR C 212 -40.21 -16.98 45.91
CA THR C 212 -39.56 -15.70 45.65
C THR C 212 -40.48 -14.78 44.86
N ALA C 213 -41.22 -15.32 43.90
CA ALA C 213 -42.12 -14.47 43.12
C ALA C 213 -43.16 -13.83 44.04
N LYS C 214 -43.75 -14.61 44.94
CA LYS C 214 -44.67 -14.08 45.93
C LYS C 214 -44.03 -12.98 46.77
N SER C 215 -42.82 -13.22 47.28
CA SER C 215 -42.21 -12.25 48.19
C SER C 215 -41.81 -10.97 47.46
N PHE C 216 -41.36 -11.10 46.21
CA PHE C 216 -41.02 -9.94 45.39
C PHE C 216 -42.25 -9.15 44.98
N ILE C 217 -43.33 -9.83 44.57
CA ILE C 217 -44.57 -9.11 44.27
C ILE C 217 -45.11 -8.41 45.52
N THR C 218 -45.00 -9.05 46.68
CA THR C 218 -45.37 -8.39 47.93
C THR C 218 -44.58 -7.10 48.14
N GLU C 219 -43.25 -7.19 48.01
CA GLU C 219 -42.42 -6.01 48.28
C GLU C 219 -42.66 -4.90 47.27
N VAL C 220 -42.83 -5.25 45.99
CA VAL C 220 -43.14 -4.26 44.96
C VAL C 220 -44.50 -3.61 45.18
N VAL C 221 -45.48 -4.34 45.71
CA VAL C 221 -46.78 -3.74 45.99
C VAL C 221 -46.73 -2.86 47.24
N GLU C 222 -46.01 -3.29 48.28
CA GLU C 222 -45.91 -2.50 49.50
C GLU C 222 -45.26 -1.13 49.28
N THR C 223 -44.58 -0.91 48.15
CA THR C 223 -44.01 0.39 47.84
C THR C 223 -44.71 1.09 46.68
N ASN C 224 -45.70 0.45 46.07
CA ASN C 224 -46.44 1.01 44.93
C ASN C 224 -45.51 1.42 43.80
N LEU C 225 -44.60 0.52 43.43
CA LEU C 225 -43.75 0.71 42.26
C LEU C 225 -44.47 0.50 40.94
N VAL C 226 -45.68 -0.06 40.97
CA VAL C 226 -46.46 -0.31 39.76
C VAL C 226 -47.89 0.18 39.98
N ALA C 227 -48.44 0.81 38.95
CA ALA C 227 -49.83 1.24 38.94
C ALA C 227 -50.71 0.18 38.30
N PHE C 228 -51.99 0.50 38.11
CA PHE C 228 -52.98 -0.45 37.61
C PHE C 228 -52.74 -0.88 36.17
N ASP C 229 -51.84 -0.23 35.45
CA ASP C 229 -51.59 -0.54 34.05
C ASP C 229 -50.58 -1.67 33.83
N CYS C 230 -49.87 -2.13 34.86
CA CYS C 230 -48.79 -3.07 34.64
C CYS C 230 -49.32 -4.44 34.20
N HIS C 231 -48.42 -5.22 33.62
CA HIS C 231 -48.76 -6.55 33.09
C HIS C 231 -47.53 -7.45 33.24
N TRP C 232 -47.56 -8.35 34.22
CA TRP C 232 -46.41 -9.19 34.55
C TRP C 232 -46.70 -10.64 34.18
N ILE C 233 -45.84 -11.22 33.35
CA ILE C 233 -45.93 -12.63 32.98
C ILE C 233 -45.08 -13.45 33.95
N ILE C 234 -45.63 -14.55 34.46
CA ILE C 234 -44.86 -15.58 35.14
C ILE C 234 -44.83 -16.81 34.25
N ILE C 235 -43.65 -17.39 34.04
CA ILE C 235 -43.54 -18.68 33.37
C ILE C 235 -42.71 -19.64 34.21
N ASN C 236 -43.20 -20.87 34.35
CA ASN C 236 -42.51 -21.92 35.11
C ASN C 236 -43.05 -23.25 34.62
N GLU C 237 -42.24 -24.29 34.77
CA GLU C 237 -42.74 -25.64 34.52
C GLU C 237 -43.76 -26.10 35.57
N GLU C 238 -43.68 -25.57 36.79
CA GLU C 238 -44.43 -26.14 37.91
C GLU C 238 -44.92 -25.03 38.83
N ILE C 239 -46.21 -24.71 38.76
CA ILE C 239 -46.91 -24.00 39.83
C ILE C 239 -48.19 -24.75 40.16
N ASN C 240 -48.38 -25.04 41.44
CA ASN C 240 -49.53 -25.79 41.91
C ASN C 240 -50.78 -24.90 41.96
N ASP C 241 -51.94 -25.55 42.08
CA ASP C 241 -53.21 -24.82 42.04
C ASP C 241 -53.36 -23.82 43.18
N VAL C 242 -52.76 -24.11 44.34
CA VAL C 242 -52.84 -23.18 45.46
C VAL C 242 -52.08 -21.90 45.16
N ASP C 243 -50.83 -22.04 44.72
CA ASP C 243 -49.99 -20.87 44.51
C ASP C 243 -50.55 -20.00 43.41
N VAL C 244 -51.23 -20.58 42.42
CA VAL C 244 -51.90 -19.77 41.40
C VAL C 244 -52.87 -18.81 42.07
N GLN C 245 -53.70 -19.32 42.98
CA GLN C 245 -54.73 -18.48 43.60
C GLN C 245 -54.12 -17.47 44.56
N GLU C 246 -52.98 -17.82 45.17
CA GLU C 246 -52.28 -16.84 45.99
C GLU C 246 -51.68 -15.71 45.17
N LEU C 247 -51.08 -16.03 44.02
CA LEU C 247 -50.57 -14.99 43.14
C LEU C 247 -51.70 -14.12 42.57
N VAL C 248 -52.81 -14.76 42.15
CA VAL C 248 -53.98 -14.02 41.70
C VAL C 248 -54.54 -13.12 42.79
N ARG C 249 -54.36 -13.48 44.06
CA ARG C 249 -54.75 -12.55 45.12
C ARG C 249 -53.74 -11.41 45.26
N ARG C 250 -52.46 -11.74 45.40
CA ARG C 250 -51.47 -10.73 45.73
C ARG C 250 -51.19 -9.79 44.55
N SER C 251 -51.27 -10.29 43.32
CA SER C 251 -50.94 -9.46 42.17
C SER C 251 -52.03 -8.43 41.89
N ILE C 252 -51.61 -7.25 41.46
CA ILE C 252 -52.50 -6.17 41.03
C ILE C 252 -52.04 -5.73 39.65
N GLY C 253 -53.00 -5.29 38.84
CA GLY C 253 -52.81 -5.25 37.40
C GLY C 253 -52.87 -6.64 36.79
N ARG C 254 -52.77 -6.65 35.46
CA ARG C 254 -53.02 -7.87 34.70
C ARG C 254 -51.91 -8.89 34.93
N LEU C 255 -52.25 -10.16 34.74
CA LEU C 255 -51.32 -11.27 34.97
C LEU C 255 -51.46 -12.27 33.84
N THR C 256 -50.49 -13.18 33.75
CA THR C 256 -50.63 -14.38 32.94
C THR C 256 -49.69 -15.44 33.49
N ILE C 257 -50.23 -16.61 33.79
CA ILE C 257 -49.45 -17.74 34.31
C ILE C 257 -49.39 -18.82 33.25
N ILE C 258 -48.22 -19.43 33.11
CA ILE C 258 -48.05 -20.59 32.23
C ILE C 258 -47.55 -21.75 33.06
N ARG C 259 -47.99 -22.96 32.70
CA ARG C 259 -47.61 -24.15 33.45
C ARG C 259 -47.79 -25.37 32.56
N GLN C 260 -47.14 -26.46 32.96
CA GLN C 260 -47.38 -27.75 32.34
C GLN C 260 -48.72 -28.32 32.80
N THR C 261 -49.36 -29.09 31.92
CA THR C 261 -50.62 -29.76 32.25
C THR C 261 -50.63 -31.16 31.65
N PHE C 262 -51.38 -32.06 32.28
CA PHE C 262 -51.34 -33.48 31.95
C PHE C 262 -52.70 -33.95 31.45
N PRO C 263 -52.79 -34.45 30.22
CA PRO C 263 -54.05 -35.04 29.71
C PRO C 263 -54.28 -36.42 30.30
N VAL C 264 -55.31 -36.54 31.15
CA VAL C 264 -55.59 -37.79 31.85
C VAL C 264 -57.11 -37.95 32.03
N PRO C 265 -57.60 -39.18 32.21
CA PRO C 265 -58.97 -39.37 32.70
C PRO C 265 -59.19 -38.82 34.09
N GLN C 266 -59.85 -37.67 34.17
CA GLN C 266 -60.10 -37.00 35.44
C GLN C 266 -61.32 -37.53 36.18
N ASN C 267 -62.16 -38.32 35.52
CA ASN C 267 -63.32 -38.91 36.19
C ASN C 267 -62.88 -39.89 37.28
N ILE C 268 -63.43 -39.71 38.49
CA ILE C 268 -63.07 -40.55 39.61
C ILE C 268 -63.48 -42.00 39.37
N SER C 269 -64.50 -42.21 38.53
CA SER C 269 -64.85 -43.55 38.07
C SER C 269 -63.72 -44.19 37.27
N GLN C 270 -62.76 -43.40 36.81
CA GLN C 270 -61.69 -43.87 35.93
C GLN C 270 -60.30 -43.57 36.46
N ARG C 271 -60.13 -42.56 37.32
CA ARG C 271 -58.82 -42.05 37.72
C ARG C 271 -57.86 -43.15 38.13
N CYS C 272 -58.33 -44.10 38.95
CA CYS C 272 -57.42 -45.05 39.59
C CYS C 272 -56.98 -46.19 38.68
N PHE C 273 -57.46 -46.27 37.44
CA PHE C 273 -57.20 -47.42 36.59
C PHE C 273 -56.45 -46.99 35.34
N ARG C 274 -55.59 -47.88 34.85
CA ARG C 274 -54.89 -47.71 33.58
C ARG C 274 -54.84 -49.06 32.89
N GLY C 275 -55.66 -49.24 31.85
CA GLY C 275 -55.94 -50.58 31.38
C GLY C 275 -56.52 -51.43 32.49
N ASN C 276 -55.90 -52.58 32.71
CA ASN C 276 -56.27 -53.42 33.85
C ASN C 276 -55.64 -52.95 35.16
N HIS C 277 -54.54 -52.21 35.09
CA HIS C 277 -53.80 -51.86 36.29
C HIS C 277 -54.59 -50.88 37.15
N ARG C 278 -54.40 -50.99 38.47
CA ARG C 278 -55.05 -50.10 39.43
C ARG C 278 -53.98 -49.38 40.26
N ILE C 279 -54.06 -48.06 40.29
CA ILE C 279 -53.15 -47.24 41.07
C ILE C 279 -53.63 -47.19 42.52
N SER C 280 -52.66 -47.10 43.45
CA SER C 280 -52.99 -46.85 44.85
C SER C 280 -53.80 -45.58 45.02
N SER C 281 -54.77 -45.63 45.93
CA SER C 281 -55.56 -44.46 46.31
C SER C 281 -54.69 -43.28 46.75
N THR C 282 -53.54 -43.57 47.37
CA THR C 282 -52.63 -42.51 47.81
C THR C 282 -52.15 -41.62 46.68
N LEU C 283 -52.29 -42.04 45.42
CA LEU C 283 -52.02 -41.18 44.29
C LEU C 283 -53.25 -40.84 43.45
N CYS C 284 -54.18 -41.78 43.28
CA CYS C 284 -55.31 -41.58 42.39
C CYS C 284 -56.48 -40.85 43.04
N ASP C 285 -56.51 -40.72 44.36
CA ASP C 285 -57.58 -39.96 45.01
C ASP C 285 -57.23 -38.48 45.00
N PRO C 286 -58.01 -37.63 44.33
CA PRO C 286 -57.70 -36.20 44.30
C PRO C 286 -57.85 -35.49 45.63
N LYS C 287 -58.55 -36.09 46.59
CA LYS C 287 -58.75 -35.49 47.90
C LYS C 287 -57.62 -35.75 48.88
N ASP C 288 -56.79 -36.75 48.63
CA ASP C 288 -55.73 -37.09 49.57
C ASP C 288 -54.66 -36.00 49.55
N PRO C 289 -54.33 -35.41 50.70
CA PRO C 289 -53.23 -34.42 50.76
C PRO C 289 -51.95 -34.88 50.07
N PHE C 290 -51.62 -36.17 50.17
CA PHE C 290 -50.39 -36.68 49.57
C PHE C 290 -50.45 -36.65 48.05
N ALA C 291 -51.65 -36.70 47.47
CA ALA C 291 -51.80 -36.58 46.02
C ALA C 291 -51.78 -35.14 45.53
N GLN C 292 -51.92 -34.17 46.43
CA GLN C 292 -51.81 -32.75 46.09
C GLN C 292 -50.40 -32.22 46.32
N ASN C 293 -49.71 -32.75 47.33
CA ASN C 293 -48.34 -32.37 47.67
C ASN C 293 -47.30 -33.11 46.83
N MET C 294 -47.58 -33.33 45.55
CA MET C 294 -46.74 -34.14 44.67
C MET C 294 -45.87 -33.25 43.80
N GLU C 295 -44.57 -33.56 43.77
CA GLU C 295 -43.66 -32.99 42.80
C GLU C 295 -43.68 -33.77 41.50
N ILE C 296 -43.41 -33.07 40.40
CA ILE C 296 -43.54 -33.63 39.05
C ILE C 296 -42.64 -34.86 38.84
N SER C 297 -41.52 -34.95 39.55
CA SER C 297 -40.67 -36.13 39.41
C SER C 297 -41.35 -37.42 39.87
N ASN C 298 -42.27 -37.33 40.83
CA ASN C 298 -42.98 -38.53 41.31
C ASN C 298 -43.70 -39.25 40.18
N LEU C 299 -44.42 -38.48 39.35
CA LEU C 299 -45.20 -39.06 38.27
C LEU C 299 -44.33 -39.71 37.21
N TYR C 300 -43.07 -39.29 37.08
CA TYR C 300 -42.21 -39.96 36.12
C TYR C 300 -41.45 -41.13 36.73
N ILE C 301 -41.22 -41.09 38.05
CA ILE C 301 -40.67 -42.26 38.73
C ILE C 301 -41.63 -43.44 38.60
N TYR C 302 -42.90 -43.20 38.89
CA TYR C 302 -43.89 -44.28 38.85
C TYR C 302 -43.98 -44.91 37.47
N ASP C 303 -44.09 -44.08 36.42
CA ASP C 303 -44.12 -44.59 35.06
C ASP C 303 -42.80 -45.19 34.59
N THR C 304 -41.68 -44.82 35.22
CA THR C 304 -40.43 -45.50 34.91
C THR C 304 -40.46 -46.93 35.45
N VAL C 305 -40.84 -47.09 36.71
CA VAL C 305 -40.89 -48.43 37.30
C VAL C 305 -41.86 -49.29 36.52
N LEU C 306 -43.05 -48.74 36.21
CA LEU C 306 -44.04 -49.47 35.44
C LEU C 306 -43.53 -49.90 34.07
N LEU C 307 -42.76 -49.04 33.39
CA LEU C 307 -42.18 -49.42 32.10
C LEU C 307 -41.14 -50.53 32.26
N LEU C 308 -40.26 -50.44 33.25
CA LEU C 308 -39.31 -51.52 33.48
C LEU C 308 -40.03 -52.84 33.74
N ALA C 309 -41.09 -52.79 34.54
CA ALA C 309 -41.87 -53.99 34.84
C ALA C 309 -42.45 -54.62 33.58
N ASN C 310 -43.15 -53.82 32.78
CA ASN C 310 -43.71 -54.31 31.52
C ASN C 310 -42.64 -54.90 30.60
N ALA C 311 -41.51 -54.20 30.45
CA ALA C 311 -40.48 -54.68 29.53
C ALA C 311 -39.77 -55.94 30.02
N PHE C 312 -39.60 -56.09 31.34
CA PHE C 312 -39.12 -57.38 31.84
C PHE C 312 -40.14 -58.48 31.65
N HIS C 313 -41.42 -58.20 31.91
CA HIS C 313 -42.44 -59.22 31.76
C HIS C 313 -42.51 -59.72 30.32
N LYS C 314 -42.52 -58.79 29.36
CA LYS C 314 -42.45 -59.16 27.94
C LYS C 314 -41.19 -59.94 27.60
N LYS C 315 -40.03 -59.55 28.17
CA LYS C 315 -38.79 -60.28 27.89
C LYS C 315 -38.84 -61.71 28.40
N LEU C 316 -39.42 -61.92 29.58
CA LEU C 316 -39.58 -63.27 30.12
C LEU C 316 -40.64 -64.08 29.39
N GLU C 317 -41.69 -63.44 28.88
CA GLU C 317 -42.67 -64.18 28.09
C GLU C 317 -42.09 -64.68 26.77
N ASP C 318 -41.16 -63.94 26.15
CA ASP C 318 -40.38 -64.52 25.06
C ASP C 318 -39.29 -65.47 25.53
N ARG C 319 -38.99 -65.48 26.83
CA ARG C 319 -37.95 -66.33 27.43
C ARG C 319 -36.55 -66.07 26.86
N LYS C 320 -36.34 -64.92 26.22
CA LYS C 320 -35.03 -64.57 25.67
C LYS C 320 -34.12 -63.97 26.73
N TRP C 321 -34.14 -64.57 27.93
CA TRP C 321 -33.54 -64.00 29.13
C TRP C 321 -32.01 -64.12 29.10
N HIS C 322 -31.38 -63.28 29.91
CA HIS C 322 -29.98 -63.40 30.27
C HIS C 322 -29.86 -63.18 31.76
N SER C 323 -29.02 -64.00 32.41
CA SER C 323 -28.80 -63.84 33.84
C SER C 323 -27.94 -62.62 34.14
N MET C 324 -28.05 -62.16 35.39
CA MET C 324 -27.23 -61.07 35.88
C MET C 324 -25.76 -61.48 35.90
N ALA C 325 -24.89 -60.47 35.91
CA ALA C 325 -23.45 -60.69 36.02
C ALA C 325 -22.88 -59.78 37.11
N SER C 326 -21.92 -60.31 37.86
CA SER C 326 -21.06 -59.48 38.71
C SER C 326 -20.03 -58.73 37.89
N LEU C 327 -19.86 -57.45 38.22
CA LEU C 327 -19.02 -56.53 37.45
C LEU C 327 -18.15 -55.73 38.40
N SER C 328 -17.07 -55.17 37.86
CA SER C 328 -16.17 -54.35 38.66
C SER C 328 -15.56 -53.25 37.82
N CYS C 329 -15.30 -52.11 38.45
CA CYS C 329 -14.92 -50.87 37.79
C CYS C 329 -13.43 -50.59 37.96
N ILE C 330 -12.98 -49.52 37.30
CA ILE C 330 -11.67 -48.91 37.49
C ILE C 330 -10.56 -49.94 37.31
N ARG C 331 -10.58 -50.62 36.17
CA ARG C 331 -9.38 -51.16 35.56
C ARG C 331 -9.48 -50.91 34.07
N LYS C 332 -8.32 -50.87 33.40
CA LYS C 332 -8.34 -50.93 31.95
C LYS C 332 -8.91 -52.24 31.44
N ASN C 333 -8.85 -53.30 32.27
CA ASN C 333 -9.24 -54.64 31.87
C ASN C 333 -10.63 -55.01 32.37
N SER C 334 -11.45 -54.03 32.74
CA SER C 334 -12.87 -54.28 32.94
C SER C 334 -13.51 -54.85 31.68
N LYS C 335 -14.58 -55.62 31.86
CA LYS C 335 -15.31 -56.20 30.76
C LYS C 335 -16.79 -55.90 30.89
N PRO C 336 -17.49 -55.64 29.78
CA PRO C 336 -18.88 -55.20 29.86
C PRO C 336 -19.78 -56.34 30.31
N TRP C 337 -21.03 -55.99 30.64
CA TRP C 337 -22.10 -56.97 30.66
C TRP C 337 -22.29 -57.56 29.26
N GLN C 338 -22.72 -58.82 29.22
CA GLN C 338 -23.02 -59.46 27.94
C GLN C 338 -24.43 -59.15 27.44
N GLY C 339 -25.38 -58.89 28.34
CA GLY C 339 -26.77 -58.78 27.97
C GLY C 339 -27.22 -57.44 27.42
N GLY C 340 -26.29 -56.51 27.22
CA GLY C 340 -26.62 -55.12 26.94
C GLY C 340 -27.62 -54.85 25.83
N ARG C 341 -27.17 -55.08 24.59
CA ARG C 341 -27.88 -54.58 23.42
C ARG C 341 -29.33 -55.06 23.36
N SER C 342 -29.58 -56.34 23.66
CA SER C 342 -30.96 -56.84 23.66
C SER C 342 -31.81 -56.15 24.72
N MET C 343 -31.26 -55.94 25.92
CA MET C 343 -32.04 -55.30 26.98
C MET C 343 -32.35 -53.86 26.63
N LEU C 344 -31.34 -53.13 26.14
CA LEU C 344 -31.55 -51.74 25.77
C LEU C 344 -32.54 -51.62 24.62
N GLU C 345 -32.42 -52.47 23.60
CA GLU C 345 -33.36 -52.41 22.49
C GLU C 345 -34.77 -52.72 22.95
N THR C 346 -34.91 -53.68 23.88
CA THR C 346 -36.23 -54.01 24.41
C THR C 346 -36.86 -52.83 25.14
N ILE C 347 -36.10 -52.18 26.02
CA ILE C 347 -36.61 -51.03 26.75
C ILE C 347 -36.91 -49.86 25.83
N LYS C 348 -36.05 -49.61 24.85
CA LYS C 348 -36.29 -48.53 23.90
C LYS C 348 -37.58 -48.71 23.11
N LYS C 349 -38.08 -49.93 22.95
CA LYS C 349 -39.39 -50.16 22.35
C LYS C 349 -40.53 -50.13 23.36
N GLY C 350 -40.31 -49.54 24.54
CA GLY C 350 -41.37 -49.43 25.52
C GLY C 350 -42.52 -48.56 25.04
N GLY C 351 -43.60 -48.57 25.82
CA GLY C 351 -44.79 -47.82 25.44
C GLY C 351 -45.90 -47.75 26.47
N VAL C 352 -45.59 -47.97 27.74
CA VAL C 352 -46.64 -48.01 28.76
C VAL C 352 -47.29 -46.64 28.92
N SER C 353 -48.61 -46.64 29.05
CA SER C 353 -49.36 -45.51 29.58
C SER C 353 -49.21 -45.43 31.09
N GLY C 354 -49.58 -44.28 31.64
CA GLY C 354 -49.42 -44.07 33.06
C GLY C 354 -50.06 -42.78 33.52
N LEU C 355 -49.59 -42.31 34.68
CA LEU C 355 -50.10 -41.06 35.25
C LEU C 355 -49.81 -39.87 34.35
N THR C 356 -48.74 -39.93 33.56
CA THR C 356 -48.35 -38.85 32.66
C THR C 356 -48.90 -39.04 31.25
N GLY C 357 -49.99 -39.79 31.10
CA GLY C 357 -50.57 -39.98 29.80
C GLY C 357 -49.93 -41.12 29.03
N GLU C 358 -49.08 -40.79 28.06
CA GLU C 358 -48.42 -41.81 27.25
C GLU C 358 -46.93 -41.52 27.18
N LEU C 359 -46.13 -42.57 27.32
CA LEU C 359 -44.69 -42.46 27.47
C LEU C 359 -44.02 -43.36 26.46
N GLU C 360 -43.04 -42.82 25.74
CA GLU C 360 -42.45 -43.49 24.59
C GLU C 360 -41.10 -42.85 24.32
N PHE C 361 -40.34 -43.46 23.41
CA PHE C 361 -39.04 -42.94 23.05
C PHE C 361 -38.91 -42.92 21.52
N GLY C 362 -38.42 -41.80 21.00
CA GLY C 362 -37.91 -41.76 19.66
C GLY C 362 -36.51 -42.36 19.60
N GLU C 363 -36.02 -42.55 18.38
CA GLU C 363 -34.64 -43.00 18.26
C GLU C 363 -33.64 -41.88 18.57
N ASN C 364 -34.09 -40.63 18.65
CA ASN C 364 -33.33 -39.58 19.30
C ASN C 364 -33.22 -39.77 20.81
N GLY C 365 -33.91 -40.75 21.38
CA GLY C 365 -33.80 -41.05 22.78
C GLY C 365 -34.53 -40.13 23.73
N GLY C 366 -35.42 -39.26 23.24
CA GLY C 366 -36.14 -38.33 24.09
C GLY C 366 -37.64 -38.51 24.03
N ASN C 367 -38.27 -38.50 25.20
CA ASN C 367 -39.72 -38.44 25.29
C ASN C 367 -40.23 -37.16 24.63
N PRO C 368 -41.20 -37.24 23.73
CA PRO C 368 -41.72 -36.05 23.05
C PRO C 368 -43.02 -35.46 23.60
N ASN C 369 -43.63 -36.05 24.62
CA ASN C 369 -44.99 -35.70 25.05
C ASN C 369 -44.99 -34.61 26.12
N VAL C 370 -45.24 -33.37 25.70
CA VAL C 370 -45.24 -32.22 26.61
C VAL C 370 -46.39 -31.28 26.18
N HIS C 371 -46.97 -30.59 27.16
CA HIS C 371 -48.25 -29.91 26.95
C HIS C 371 -48.36 -28.72 27.89
N PHE C 372 -48.32 -27.50 27.35
CA PHE C 372 -48.26 -26.26 28.14
C PHE C 372 -49.60 -25.54 28.10
N GLU C 373 -50.02 -25.01 29.25
CA GLU C 373 -51.39 -24.54 29.46
C GLU C 373 -51.41 -23.11 29.98
N ILE C 374 -51.96 -22.18 29.20
CA ILE C 374 -51.93 -20.76 29.53
C ILE C 374 -53.09 -20.44 30.48
N LEU C 375 -52.76 -20.16 31.74
CA LEU C 375 -53.74 -19.66 32.71
C LEU C 375 -53.88 -18.15 32.58
N GLY C 376 -54.91 -17.69 31.86
CA GLY C 376 -55.18 -16.27 31.74
C GLY C 376 -55.80 -15.65 32.97
N THR C 377 -56.61 -14.61 32.75
CA THR C 377 -57.34 -13.95 33.84
C THR C 377 -58.75 -13.51 33.41
N ASN C 378 -59.71 -13.73 34.31
CA ASN C 378 -60.99 -13.00 34.32
C ASN C 378 -60.84 -11.86 35.33
N TYR C 379 -60.74 -10.63 34.84
CA TYR C 379 -60.08 -9.58 35.60
C TYR C 379 -60.82 -8.26 35.42
N GLY C 380 -60.47 -7.32 36.30
CA GLY C 380 -61.21 -6.09 36.53
C GLY C 380 -62.18 -6.22 37.68
N GLU C 381 -62.24 -5.18 38.52
CA GLU C 381 -62.93 -5.29 39.80
C GLU C 381 -64.43 -5.51 39.63
N GLU C 382 -64.98 -5.16 38.46
CA GLU C 382 -66.37 -5.47 38.17
C GLU C 382 -66.57 -6.96 37.83
N LEU C 383 -65.51 -7.63 37.38
CA LEU C 383 -65.57 -9.04 37.03
C LEU C 383 -64.90 -9.95 38.05
N GLY C 384 -63.99 -9.41 38.87
CA GLY C 384 -63.30 -10.20 39.87
C GLY C 384 -61.92 -10.67 39.46
N ARG C 385 -61.57 -11.90 39.83
CA ARG C 385 -60.22 -12.43 39.66
C ARG C 385 -60.29 -13.89 39.21
N GLY C 386 -60.98 -14.12 38.10
CA GLY C 386 -61.08 -15.46 37.55
C GLY C 386 -59.85 -15.86 36.76
N VAL C 387 -59.78 -17.16 36.47
CA VAL C 387 -58.58 -17.79 35.91
C VAL C 387 -58.98 -18.67 34.72
N ARG C 388 -59.68 -18.07 33.74
CA ARG C 388 -60.02 -18.83 32.54
C ARG C 388 -58.77 -19.36 31.85
N LYS C 389 -58.76 -20.67 31.60
CA LYS C 389 -57.79 -21.30 30.72
C LYS C 389 -57.95 -20.79 29.29
N LEU C 390 -57.05 -19.90 28.85
CA LEU C 390 -57.21 -19.26 27.55
C LEU C 390 -56.86 -20.17 26.38
N GLY C 391 -56.01 -21.16 26.58
CA GLY C 391 -55.46 -21.90 25.46
C GLY C 391 -54.34 -22.81 25.90
N CYS C 392 -53.80 -23.53 24.92
CA CYS C 392 -52.70 -24.45 25.16
C CYS C 392 -51.76 -24.43 23.97
N TRP C 393 -50.51 -24.80 24.24
CA TRP C 393 -49.47 -24.87 23.23
C TRP C 393 -48.83 -26.25 23.27
N ASN C 394 -48.57 -26.81 22.09
CA ASN C 394 -47.79 -28.02 21.96
C ASN C 394 -46.83 -27.91 20.79
N PRO C 395 -45.65 -28.51 20.90
CA PRO C 395 -44.61 -28.28 19.87
C PRO C 395 -44.99 -28.81 18.50
N VAL C 396 -45.98 -29.70 18.41
CA VAL C 396 -46.39 -30.25 17.12
C VAL C 396 -47.13 -29.22 16.28
N THR C 397 -47.99 -28.42 16.91
CA THR C 397 -48.98 -27.64 16.18
C THR C 397 -49.06 -26.17 16.59
N GLY C 398 -48.34 -25.75 17.63
CA GLY C 398 -48.39 -24.37 18.04
C GLY C 398 -49.50 -24.00 19.01
N LEU C 399 -50.05 -22.82 18.85
CA LEU C 399 -50.91 -22.20 19.84
C LEU C 399 -52.37 -22.32 19.40
N ASN C 400 -53.22 -22.77 20.31
CA ASN C 400 -54.67 -22.81 20.11
C ASN C 400 -55.37 -21.94 21.14
N GLY C 401 -56.52 -21.41 20.74
CA GLY C 401 -57.12 -20.29 21.41
C GLY C 401 -56.55 -18.97 20.93
N SER C 402 -56.95 -17.89 21.61
CA SER C 402 -56.39 -16.57 21.38
C SER C 402 -56.07 -15.91 22.72
N LEU C 403 -54.93 -15.24 22.75
CA LEU C 403 -54.43 -14.61 23.97
C LEU C 403 -54.97 -13.20 24.20
N THR C 404 -55.59 -12.60 23.18
CA THR C 404 -56.05 -11.21 23.26
C THR C 404 -57.39 -11.11 23.97
N ASP C 405 -57.68 -9.90 24.46
CA ASP C 405 -59.01 -9.50 24.90
C ASP C 405 -59.51 -8.35 24.02
N LYS C 406 -60.82 -8.34 23.77
CA LYS C 406 -61.47 -7.20 23.12
C LYS C 406 -61.67 -6.03 24.09
N LYS C 407 -60.54 -5.56 24.62
CA LYS C 407 -60.47 -4.37 25.48
C LYS C 407 -61.41 -4.49 26.68
N LEU C 408 -61.54 -5.71 27.20
CA LEU C 408 -62.19 -6.00 28.47
C LEU C 408 -63.51 -5.29 28.74
N GLU C 409 -63.42 -4.13 29.39
CA GLU C 409 -64.60 -3.35 29.78
C GLU C 409 -65.46 -2.89 28.60
N ASN C 410 -64.86 -2.62 27.44
CA ASN C 410 -65.66 -2.20 26.29
C ASN C 410 -64.82 -2.33 25.04
N ASN C 411 -65.43 -2.90 23.99
CA ASN C 411 -64.87 -2.80 22.64
C ASN C 411 -65.07 -1.41 22.05
N MET C 412 -64.80 -0.38 22.85
CA MET C 412 -64.93 1.04 22.49
C MET C 412 -66.33 1.50 22.07
N ARG C 413 -67.30 0.59 22.05
CA ARG C 413 -68.61 0.93 21.52
C ARG C 413 -69.31 1.99 22.38
N GLY C 414 -69.76 3.07 21.73
CA GLY C 414 -70.36 4.20 22.41
C GLY C 414 -69.44 5.35 22.74
N VAL C 415 -68.14 5.25 22.44
CA VAL C 415 -67.22 6.37 22.63
C VAL C 415 -67.55 7.46 21.62
N VAL C 416 -67.30 8.72 22.01
CA VAL C 416 -67.53 9.88 21.16
C VAL C 416 -66.28 10.75 21.21
N LEU C 417 -65.83 11.20 20.04
CA LEU C 417 -64.54 11.89 19.90
C LEU C 417 -64.68 13.02 18.88
N ARG C 418 -63.68 13.89 18.85
CA ARG C 418 -63.60 14.99 17.89
C ARG C 418 -62.34 14.83 17.06
N VAL C 419 -62.44 15.21 15.78
CA VAL C 419 -61.44 14.87 14.77
C VAL C 419 -61.01 16.14 14.03
N VAL C 420 -59.71 16.25 13.75
CA VAL C 420 -59.15 17.27 12.88
C VAL C 420 -58.64 16.59 11.62
N THR C 421 -58.83 17.25 10.47
CA THR C 421 -58.51 16.64 9.19
C THR C 421 -57.91 17.67 8.25
N VAL C 422 -57.28 17.16 7.18
CA VAL C 422 -56.85 17.94 6.03
C VAL C 422 -57.33 17.22 4.78
N LEU C 423 -57.94 17.96 3.87
CA LEU C 423 -58.39 17.39 2.61
C LEU C 423 -57.22 16.99 1.74
N GLU C 424 -57.26 15.75 1.24
CA GLU C 424 -56.32 15.32 0.19
C GLU C 424 -56.89 14.09 -0.50
N GLU C 425 -57.19 14.21 -1.80
CA GLU C 425 -57.73 13.10 -2.57
C GLU C 425 -56.62 12.11 -2.89
N PRO C 426 -56.90 10.79 -2.83
CA PRO C 426 -58.16 10.12 -2.47
C PRO C 426 -58.31 9.90 -0.97
N PHE C 427 -57.35 10.38 -0.19
CA PHE C 427 -57.32 10.09 1.24
C PHE C 427 -58.48 10.74 1.96
N VAL C 428 -58.79 12.01 1.66
CA VAL C 428 -59.84 12.74 2.36
C VAL C 428 -60.55 13.65 1.38
N MET C 429 -61.87 13.51 1.30
CA MET C 429 -62.74 14.27 0.42
C MET C 429 -64.02 14.58 1.18
N VAL C 430 -64.75 15.60 0.71
CA VAL C 430 -66.02 15.94 1.34
C VAL C 430 -67.03 14.83 1.08
N SER C 431 -67.80 14.47 2.12
CA SER C 431 -68.66 13.31 2.06
C SER C 431 -69.95 13.53 1.28
N GLU C 432 -70.50 14.75 1.29
CA GLU C 432 -71.90 14.95 0.96
C GLU C 432 -72.07 16.10 -0.02
N ASN C 433 -72.84 15.83 -1.09
CA ASN C 433 -73.01 16.79 -2.17
C ASN C 433 -74.06 17.85 -1.86
N VAL C 434 -75.04 17.52 -1.01
CA VAL C 434 -76.02 18.50 -0.55
C VAL C 434 -75.36 19.52 0.35
N LEU C 435 -75.40 20.78 -0.07
CA LEU C 435 -74.73 21.92 0.56
C LEU C 435 -73.21 21.77 0.66
N GLY C 436 -72.66 20.65 0.20
CA GLY C 436 -71.23 20.46 0.27
C GLY C 436 -70.67 20.42 1.67
N LYS C 437 -71.43 19.87 2.63
CA LYS C 437 -71.18 20.04 4.05
C LYS C 437 -69.77 19.61 4.45
N PRO C 438 -68.94 20.57 4.88
CA PRO C 438 -67.56 20.26 5.25
C PRO C 438 -67.39 19.67 6.64
N LYS C 439 -68.49 19.34 7.32
CA LYS C 439 -68.43 18.75 8.66
C LYS C 439 -68.13 17.26 8.63
N LYS C 440 -68.32 16.60 7.49
CA LYS C 440 -68.14 15.15 7.39
C LYS C 440 -67.48 14.83 6.05
N TYR C 441 -66.66 13.79 6.04
CA TYR C 441 -65.72 13.53 4.96
C TYR C 441 -65.80 12.09 4.50
N GLN C 442 -65.17 11.84 3.35
CA GLN C 442 -65.05 10.52 2.76
C GLN C 442 -63.63 10.35 2.20
N GLY C 443 -63.26 9.11 1.93
CA GLY C 443 -61.99 8.83 1.31
C GLY C 443 -61.43 7.51 1.80
N PHE C 444 -60.28 7.15 1.22
CA PHE C 444 -59.56 5.94 1.65
C PHE C 444 -59.27 5.97 3.15
N SER C 445 -58.83 7.12 3.67
CA SER C 445 -58.61 7.25 5.09
C SER C 445 -59.93 7.30 5.85
N ILE C 446 -60.88 8.10 5.35
CA ILE C 446 -62.10 8.36 6.09
C ILE C 446 -63.01 7.13 6.07
N ASP C 447 -63.12 6.45 4.94
CA ASP C 447 -63.99 5.27 4.89
C ASP C 447 -63.45 4.11 5.72
N VAL C 448 -62.13 3.99 5.86
CA VAL C 448 -61.55 3.08 6.83
C VAL C 448 -61.82 3.53 8.26
N LEU C 449 -61.76 4.83 8.52
CA LEU C 449 -62.18 5.35 9.83
C LEU C 449 -63.66 5.08 10.11
N ASP C 450 -64.51 5.10 9.07
CA ASP C 450 -65.90 4.68 9.22
C ASP C 450 -66.04 3.19 9.48
N ALA C 451 -65.24 2.36 8.82
CA ALA C 451 -65.23 0.93 9.12
C ALA C 451 -64.83 0.67 10.58
N LEU C 452 -63.82 1.40 11.05
CA LEU C 452 -63.48 1.38 12.48
C LEU C 452 -64.63 1.87 13.34
N SER C 453 -65.24 2.99 12.97
CA SER C 453 -66.36 3.54 13.73
C SER C 453 -67.54 2.57 13.85
N ASN C 454 -67.77 1.75 12.82
CA ASN C 454 -68.81 0.73 12.91
C ASN C 454 -68.38 -0.49 13.69
N TYR C 455 -67.15 -0.97 13.48
CA TYR C 455 -66.65 -2.14 14.21
C TYR C 455 -66.56 -1.85 15.71
N LEU C 456 -65.91 -0.76 16.07
CA LEU C 456 -65.71 -0.30 17.44
C LEU C 456 -66.81 0.63 17.94
N GLY C 457 -67.84 0.87 17.15
CA GLY C 457 -69.00 1.63 17.58
C GLY C 457 -68.72 3.02 18.11
N PHE C 458 -67.58 3.62 17.76
CA PHE C 458 -67.29 4.97 18.23
C PHE C 458 -67.82 6.03 17.27
N ASN C 459 -67.97 7.24 17.79
CA ASN C 459 -68.60 8.35 17.10
C ASN C 459 -67.65 9.53 17.04
N TYR C 460 -67.80 10.37 16.02
CA TYR C 460 -66.81 11.41 15.75
C TYR C 460 -67.47 12.63 15.13
N GLU C 461 -66.76 13.77 15.25
CA GLU C 461 -67.00 15.00 14.51
C GLU C 461 -65.68 15.53 13.97
N ILE C 462 -65.71 16.10 12.76
CA ILE C 462 -64.50 16.49 12.06
C ILE C 462 -64.54 17.99 11.77
N TYR C 463 -63.39 18.64 11.85
CA TYR C 463 -63.19 20.02 11.40
C TYR C 463 -61.84 20.13 10.70
N VAL C 464 -61.72 21.13 9.83
CA VAL C 464 -60.49 21.37 9.10
C VAL C 464 -59.41 21.95 10.02
N ALA C 465 -58.18 21.51 9.83
CA ALA C 465 -57.04 22.05 10.55
C ALA C 465 -57.02 23.57 10.44
N PRO C 466 -56.68 24.30 11.51
CA PRO C 466 -57.01 25.72 11.56
C PRO C 466 -56.24 26.56 10.55
N ASP C 467 -55.00 26.21 10.25
CA ASP C 467 -54.28 26.78 9.12
C ASP C 467 -53.95 25.72 8.06
N HIS C 468 -54.76 24.66 7.99
CA HIS C 468 -54.75 23.69 6.91
C HIS C 468 -53.46 22.89 6.77
N LYS C 469 -52.45 23.20 7.59
CA LYS C 469 -51.20 22.44 7.52
C LYS C 469 -51.37 21.04 8.08
N TYR C 470 -50.60 20.11 7.53
CA TYR C 470 -50.38 18.79 8.11
C TYR C 470 -49.58 18.83 9.41
N GLY C 471 -49.24 20.02 9.91
CA GLY C 471 -48.53 20.17 11.16
C GLY C 471 -47.02 20.16 10.99
N SER C 472 -46.37 21.18 11.54
CA SER C 472 -44.93 21.27 11.63
C SER C 472 -44.57 21.88 12.98
N PRO C 473 -43.34 21.66 13.46
CA PRO C 473 -42.99 22.17 14.80
C PRO C 473 -42.76 23.68 14.75
N GLN C 474 -43.33 24.37 15.73
CA GLN C 474 -43.04 25.77 15.96
C GLN C 474 -41.66 25.95 16.60
N GLU C 475 -41.22 27.21 16.66
CA GLU C 475 -39.90 27.52 17.23
C GLU C 475 -39.80 27.09 18.68
N ASP C 476 -40.92 27.10 19.41
CA ASP C 476 -40.95 26.70 20.81
C ASP C 476 -41.22 25.21 21.00
N GLY C 477 -41.32 24.45 19.91
CA GLY C 477 -41.61 23.04 19.98
C GLY C 477 -43.06 22.67 20.13
N THR C 478 -43.97 23.65 20.18
CA THR C 478 -45.36 23.39 19.86
C THR C 478 -45.51 23.13 18.36
N TRP C 479 -46.73 22.85 17.94
CA TRP C 479 -47.01 22.49 16.56
C TRP C 479 -48.21 23.28 16.06
N ASN C 480 -48.28 23.42 14.73
CA ASN C 480 -49.43 24.03 14.09
C ASN C 480 -50.35 22.97 13.47
N GLY C 481 -51.45 23.44 12.88
CA GLY C 481 -52.34 22.60 12.09
C GLY C 481 -52.86 21.36 12.79
N LEU C 482 -52.90 20.27 12.03
CA LEU C 482 -53.44 19.00 12.53
C LEU C 482 -52.73 18.54 13.78
N VAL C 483 -51.40 18.63 13.82
CA VAL C 483 -50.67 18.22 15.01
C VAL C 483 -50.86 19.25 16.12
N GLY C 484 -50.88 20.53 15.75
CA GLY C 484 -51.07 21.59 16.74
C GLY C 484 -52.34 21.45 17.54
N GLU C 485 -53.45 21.15 16.86
CA GLU C 485 -54.72 20.93 17.55
C GLU C 485 -54.65 19.77 18.54
N LEU C 486 -53.84 18.75 18.25
CA LEU C 486 -53.65 17.67 19.20
C LEU C 486 -52.75 18.07 20.36
N VAL C 487 -51.70 18.85 20.08
CA VAL C 487 -50.87 19.41 21.15
C VAL C 487 -51.69 20.33 22.04
N PHE C 488 -52.62 21.09 21.45
CA PHE C 488 -53.56 21.88 22.24
C PHE C 488 -54.77 21.07 22.70
N LYS C 489 -54.84 19.78 22.36
CA LYS C 489 -55.92 18.89 22.80
C LYS C 489 -57.29 19.38 22.35
N ARG C 490 -57.33 20.11 21.24
CA ARG C 490 -58.59 20.60 20.68
C ARG C 490 -59.32 19.54 19.90
N ALA C 491 -58.65 18.46 19.50
CA ALA C 491 -59.28 17.34 18.84
C ALA C 491 -58.67 16.04 19.38
N ASP C 492 -59.46 14.97 19.30
CA ASP C 492 -58.96 13.65 19.71
C ASP C 492 -58.17 12.97 18.60
N ILE C 493 -58.55 13.16 17.34
CA ILE C 493 -58.03 12.36 16.24
C ILE C 493 -57.57 13.30 15.12
N GLY C 494 -56.46 12.93 14.48
CA GLY C 494 -55.99 13.62 13.30
C GLY C 494 -55.83 12.68 12.12
N ILE C 495 -56.47 13.00 10.99
CA ILE C 495 -56.49 12.10 9.84
C ILE C 495 -56.29 12.93 8.57
N SER C 496 -55.47 12.40 7.67
CA SER C 496 -55.24 13.00 6.35
C SER C 496 -54.57 11.99 5.44
N ALA C 497 -53.82 12.47 4.45
CA ALA C 497 -52.74 11.68 3.86
C ALA C 497 -51.54 11.58 4.81
N LEU C 498 -51.82 11.35 6.10
CA LEU C 498 -50.88 11.68 7.16
C LEU C 498 -49.79 10.61 7.26
N THR C 499 -48.54 11.04 7.21
CA THR C 499 -47.39 10.14 7.19
C THR C 499 -46.71 10.14 8.55
N ILE C 500 -46.45 8.94 9.07
CA ILE C 500 -45.75 8.78 10.35
C ILE C 500 -44.31 9.21 10.18
N THR C 501 -43.80 9.99 11.13
CA THR C 501 -42.40 10.37 11.16
C THR C 501 -41.86 10.33 12.58
N PRO C 502 -40.56 10.08 12.75
CA PRO C 502 -40.02 9.86 14.10
C PRO C 502 -40.22 11.02 15.08
N ASP C 503 -40.28 12.26 14.60
CA ASP C 503 -40.53 13.39 15.48
C ASP C 503 -41.99 13.49 15.89
N ARG C 504 -42.89 13.39 14.91
CA ARG C 504 -44.32 13.57 15.16
C ARG C 504 -44.84 12.57 16.20
N GLU C 505 -44.45 11.31 16.07
CA GLU C 505 -44.92 10.27 16.99
C GLU C 505 -44.28 10.36 18.38
N ASN C 506 -43.34 11.29 18.59
CA ASN C 506 -42.87 11.60 19.94
C ASN C 506 -43.69 12.69 20.62
N VAL C 507 -44.24 13.63 19.86
CA VAL C 507 -44.99 14.73 20.45
C VAL C 507 -46.47 14.37 20.57
N VAL C 508 -46.97 13.45 19.74
CA VAL C 508 -48.33 12.95 19.81
C VAL C 508 -48.31 11.47 19.47
N ASP C 509 -49.40 10.79 19.80
CA ASP C 509 -49.55 9.38 19.43
C ASP C 509 -49.98 9.23 17.98
N PHE C 510 -49.79 8.02 17.46
CA PHE C 510 -50.10 7.63 16.09
C PHE C 510 -50.53 6.17 16.06
N THR C 511 -51.30 5.82 15.03
CA THR C 511 -51.65 4.43 14.78
C THR C 511 -50.43 3.69 14.22
N THR C 512 -50.52 2.36 14.25
CA THR C 512 -49.67 1.56 13.37
C THR C 512 -49.91 1.94 11.90
N ARG C 513 -48.86 1.82 11.11
CA ARG C 513 -48.93 2.11 9.68
C ARG C 513 -49.90 1.17 8.97
N TYR C 514 -50.89 1.76 8.30
CA TYR C 514 -51.85 0.97 7.53
C TYR C 514 -51.53 0.92 6.04
N MET C 515 -50.62 1.77 5.55
CA MET C 515 -50.10 1.63 4.20
C MET C 515 -48.69 2.21 4.16
N ASP C 516 -47.86 1.67 3.27
CA ASP C 516 -46.51 2.17 3.07
C ASP C 516 -46.48 3.40 2.15
N TYR C 517 -45.51 4.27 2.42
CA TYR C 517 -45.31 5.50 1.67
C TYR C 517 -44.67 5.22 0.31
N SER C 518 -44.96 6.09 -0.66
CA SER C 518 -44.43 5.91 -2.01
C SER C 518 -44.38 7.24 -2.72
N VAL C 519 -43.40 7.37 -3.63
CA VAL C 519 -43.17 8.56 -4.44
C VAL C 519 -43.08 8.15 -5.90
N GLY C 520 -43.61 8.99 -6.79
CA GLY C 520 -43.50 8.71 -8.20
C GLY C 520 -43.78 9.93 -9.05
N VAL C 521 -43.86 9.69 -10.36
CA VAL C 521 -44.05 10.73 -11.36
C VAL C 521 -45.25 10.36 -12.22
N LEU C 522 -46.04 11.35 -12.61
CA LEU C 522 -47.15 11.16 -13.52
C LEU C 522 -46.82 11.69 -14.91
N LEU C 523 -47.07 10.87 -15.92
CA LEU C 523 -46.85 11.23 -17.32
C LEU C 523 -48.01 10.72 -18.15
N ARG C 524 -48.16 11.27 -19.34
CA ARG C 524 -49.10 10.72 -20.31
C ARG C 524 -48.65 9.34 -20.78
N THR C 525 -42.71 24.90 -84.09
CA THR C 525 -41.30 25.21 -84.32
C THR C 525 -40.40 24.36 -83.42
N LEU C 526 -39.15 24.21 -83.86
CA LEU C 526 -38.23 23.27 -83.22
C LEU C 526 -38.12 23.48 -81.71
N ALA C 527 -38.20 24.74 -81.27
CA ALA C 527 -38.15 25.07 -79.85
C ALA C 527 -39.24 24.38 -79.03
N THR C 528 -40.36 24.01 -79.65
CA THR C 528 -41.39 23.26 -78.93
C THR C 528 -40.90 21.89 -78.47
N ARG C 529 -39.87 21.33 -79.10
CA ARG C 529 -39.26 20.11 -78.60
C ARG C 529 -38.50 20.35 -77.29
N MET C 530 -37.79 21.47 -77.21
CA MET C 530 -37.02 21.81 -76.02
C MET C 530 -37.90 22.41 -74.92
N MET C 531 -38.98 23.09 -75.29
CA MET C 531 -39.84 23.77 -74.31
C MET C 531 -40.26 22.87 -73.16
N MET C 532 -40.65 21.62 -73.45
CA MET C 532 -41.02 20.69 -72.38
C MET C 532 -39.81 20.01 -71.72
N GLY C 533 -38.78 19.67 -72.50
CA GLY C 533 -37.59 19.09 -71.91
C GLY C 533 -36.89 19.99 -70.91
N ALA C 534 -36.92 21.31 -71.14
CA ALA C 534 -36.32 22.26 -70.21
C ALA C 534 -37.04 22.27 -68.86
N TRP C 535 -38.32 21.90 -68.83
CA TRP C 535 -39.03 21.69 -67.58
C TRP C 535 -38.73 20.32 -66.98
N TRP C 536 -38.82 19.26 -67.78
CA TRP C 536 -38.62 17.91 -67.26
C TRP C 536 -37.21 17.67 -66.73
N LEU C 537 -36.19 18.30 -67.34
CA LEU C 537 -34.80 18.10 -66.94
C LEU C 537 -34.55 18.47 -65.47
N PHE C 538 -35.06 19.61 -65.02
CA PHE C 538 -34.85 20.03 -63.64
C PHE C 538 -35.63 19.18 -62.64
N ALA C 539 -36.78 18.64 -63.04
CA ALA C 539 -37.62 17.90 -62.10
C ALA C 539 -36.88 16.70 -61.49
N LEU C 540 -35.97 16.09 -62.25
CA LEU C 540 -35.13 15.02 -61.70
C LEU C 540 -34.30 15.50 -60.51
N ILE C 541 -33.74 16.70 -60.60
CA ILE C 541 -32.95 17.26 -59.50
C ILE C 541 -33.86 17.65 -58.34
N VAL C 542 -35.06 18.16 -58.65
CA VAL C 542 -36.05 18.42 -57.60
C VAL C 542 -36.36 17.15 -56.82
N ILE C 543 -36.70 16.08 -57.54
CA ILE C 543 -36.99 14.79 -56.91
C ILE C 543 -35.79 14.29 -56.10
N SER C 544 -34.58 14.43 -56.64
CA SER C 544 -33.39 14.01 -55.89
C SER C 544 -33.17 14.83 -54.62
N SER C 545 -33.50 16.12 -54.65
CA SER C 545 -33.37 16.95 -53.45
C SER C 545 -34.39 16.58 -52.38
N TYR C 546 -35.64 16.32 -52.80
CA TYR C 546 -36.64 15.82 -51.85
C TYR C 546 -36.26 14.44 -51.32
N THR C 547 -35.67 13.59 -52.17
CA THR C 547 -35.13 12.32 -51.72
C THR C 547 -33.99 12.49 -50.72
N ALA C 548 -33.19 13.53 -50.89
CA ALA C 548 -32.14 13.81 -49.91
C ALA C 548 -32.71 14.24 -48.56
N ASN C 549 -33.69 15.14 -48.58
CA ASN C 549 -34.39 15.53 -47.35
C ASN C 549 -35.02 14.31 -46.66
N LEU C 550 -35.68 13.47 -47.45
CA LEU C 550 -36.23 12.21 -46.96
C LEU C 550 -35.17 11.32 -46.31
N ALA C 551 -34.06 11.09 -47.01
CA ALA C 551 -33.01 10.22 -46.49
C ALA C 551 -32.39 10.76 -45.21
N ALA C 552 -32.12 12.06 -45.15
CA ALA C 552 -31.61 12.66 -43.90
C ALA C 552 -32.61 12.51 -42.75
N PHE C 553 -33.89 12.80 -43.01
CA PHE C 553 -34.91 12.62 -41.99
C PHE C 553 -34.93 11.18 -41.49
N LEU C 554 -34.96 10.21 -42.41
CA LEU C 554 -35.00 8.82 -41.98
C LEU C 554 -33.70 8.41 -41.29
N THR C 555 -32.59 9.06 -41.65
CA THR C 555 -31.34 8.87 -40.92
C THR C 555 -31.50 9.25 -39.46
N ILE C 556 -32.32 10.26 -39.19
CA ILE C 556 -32.52 10.73 -37.82
C ILE C 556 -33.79 10.13 -37.19
N THR C 557 -34.73 9.67 -38.00
CA THR C 557 -36.07 9.31 -37.54
C THR C 557 -36.08 8.21 -36.48
N ARG C 558 -36.91 8.42 -35.44
CA ARG C 558 -37.29 7.49 -34.38
C ARG C 558 -36.12 6.94 -33.56
N ILE C 559 -34.92 7.52 -33.68
CA ILE C 559 -33.78 7.00 -32.92
C ILE C 559 -34.03 7.14 -31.41
N GLU C 560 -34.46 8.31 -30.97
CA GLU C 560 -34.64 8.64 -29.55
C GLU C 560 -36.08 8.43 -29.07
N SER C 561 -36.88 7.64 -29.78
CA SER C 561 -38.34 7.66 -29.58
C SER C 561 -38.78 6.97 -28.29
N SER C 562 -37.93 6.18 -27.65
CA SER C 562 -38.34 5.42 -26.47
C SER C 562 -37.11 5.08 -25.65
N ILE C 563 -37.31 4.74 -24.37
CA ILE C 563 -38.58 4.76 -23.63
C ILE C 563 -38.65 5.89 -22.60
N GLN C 564 -39.70 5.86 -21.78
CA GLN C 564 -39.85 6.75 -20.63
C GLN C 564 -38.88 6.41 -19.50
N SER C 565 -37.59 6.31 -19.82
CA SER C 565 -36.55 6.09 -18.82
C SER C 565 -36.49 7.26 -17.83
N LEU C 566 -36.64 6.93 -16.55
CA LEU C 566 -36.75 7.96 -15.51
C LEU C 566 -35.49 8.80 -15.42
N GLN C 567 -34.33 8.17 -15.41
CA GLN C 567 -33.07 8.93 -15.38
C GLN C 567 -32.95 9.85 -16.58
N ASP C 568 -33.23 9.33 -17.78
CA ASP C 568 -33.15 10.17 -18.98
C ASP C 568 -34.28 11.19 -19.02
N LEU C 569 -35.46 10.82 -18.53
CA LEU C 569 -36.52 11.81 -18.30
C LEU C 569 -36.06 12.91 -17.35
N SER C 570 -35.16 12.60 -16.42
CA SER C 570 -34.58 13.63 -15.57
C SER C 570 -33.53 14.44 -16.31
N LYS C 571 -32.74 13.79 -17.15
CA LYS C 571 -31.71 14.49 -17.91
C LYS C 571 -32.33 15.48 -18.91
N GLN C 572 -33.40 15.08 -19.59
CA GLN C 572 -34.04 15.97 -20.55
C GLN C 572 -34.70 17.16 -19.86
N THR C 573 -34.83 18.24 -20.63
CA THR C 573 -35.52 19.45 -20.20
C THR C 573 -36.53 19.93 -21.24
N GLU C 574 -36.70 19.18 -22.34
CA GLU C 574 -37.64 19.55 -23.39
C GLU C 574 -39.08 19.62 -22.89
N ILE C 575 -39.45 18.76 -21.96
CA ILE C 575 -40.67 18.93 -21.17
C ILE C 575 -40.30 19.09 -19.70
N PRO C 576 -40.66 20.22 -19.08
CA PRO C 576 -40.34 20.42 -17.66
C PRO C 576 -41.17 19.54 -16.75
N TYR C 577 -40.60 19.25 -15.58
CA TYR C 577 -41.22 18.39 -14.58
C TYR C 577 -40.98 18.96 -13.19
N GLY C 578 -42.00 18.90 -12.34
CA GLY C 578 -41.96 19.60 -11.08
C GLY C 578 -43.05 19.11 -10.15
N THR C 579 -43.20 19.81 -9.02
CA THR C 579 -43.98 19.33 -7.90
C THR C 579 -44.68 20.51 -7.24
N VAL C 580 -45.03 20.36 -5.97
CA VAL C 580 -45.56 21.45 -5.14
C VAL C 580 -44.45 21.95 -4.21
N LEU C 581 -44.28 23.26 -4.16
CA LEU C 581 -43.22 23.89 -3.37
C LEU C 581 -43.34 23.52 -1.90
N ASP C 582 -42.17 23.42 -1.25
CA ASP C 582 -42.02 23.22 0.19
C ASP C 582 -42.72 21.96 0.71
N SER C 583 -43.13 21.06 -0.18
CA SER C 583 -43.72 19.80 0.25
C SER C 583 -42.64 18.85 0.78
N ALA C 584 -43.10 17.77 1.43
CA ALA C 584 -42.19 16.69 1.81
C ALA C 584 -41.47 16.12 0.60
N VAL C 585 -42.13 16.13 -0.56
CA VAL C 585 -41.48 15.73 -1.81
C VAL C 585 -40.37 16.72 -2.16
N TYR C 586 -40.66 18.01 -2.01
CA TYR C 586 -39.65 19.05 -2.21
C TYR C 586 -38.49 18.91 -1.23
N GLU C 587 -38.79 18.57 0.02
CA GLU C 587 -37.77 18.64 1.08
C GLU C 587 -36.87 17.40 1.15
N HIS C 588 -37.38 16.21 0.83
CA HIS C 588 -36.59 15.00 1.01
C HIS C 588 -35.48 14.87 -0.03
N VAL C 589 -35.82 14.95 -1.32
CA VAL C 589 -34.85 14.67 -2.38
C VAL C 589 -33.71 15.69 -2.40
N ARG C 590 -33.95 16.88 -1.86
CA ARG C 590 -32.87 17.83 -1.60
C ARG C 590 -31.68 17.18 -0.89
N MET C 591 -31.94 16.33 0.11
CA MET C 591 -30.85 15.66 0.81
C MET C 591 -30.07 14.72 -0.10
N LYS C 592 -30.74 14.01 -1.01
CA LYS C 592 -30.02 13.16 -1.95
C LYS C 592 -29.26 13.95 -3.00
N GLY C 593 -29.80 15.11 -3.40
CA GLY C 593 -29.07 15.99 -4.30
C GLY C 593 -27.82 16.58 -3.69
N LEU C 594 -27.88 16.90 -2.39
CA LEU C 594 -26.74 17.50 -1.70
C LEU C 594 -25.74 16.45 -1.22
N ASN C 595 -26.20 15.31 -0.73
CA ASN C 595 -25.30 14.34 -0.12
C ASN C 595 -24.34 13.74 -1.16
N PRO C 596 -23.04 13.73 -0.89
CA PRO C 596 -22.06 13.27 -1.89
C PRO C 596 -21.94 11.76 -1.99
N PHE C 597 -22.37 11.01 -0.99
CA PHE C 597 -22.15 9.57 -0.90
C PHE C 597 -23.19 8.76 -1.64
N GLU C 598 -24.10 9.40 -2.35
CA GLU C 598 -25.25 8.74 -2.95
C GLU C 598 -24.94 8.39 -4.41
N ARG C 599 -25.83 7.61 -5.01
CA ARG C 599 -25.47 6.71 -6.11
C ARG C 599 -26.12 7.10 -7.44
N ASP C 600 -26.64 8.32 -7.56
CA ASP C 600 -27.24 8.73 -8.82
C ASP C 600 -27.02 10.22 -9.04
N SER C 601 -26.99 10.61 -10.31
CA SER C 601 -27.02 12.00 -10.73
C SER C 601 -28.44 12.54 -10.86
N MET C 602 -29.43 11.66 -11.02
CA MET C 602 -30.82 12.08 -11.15
C MET C 602 -31.29 12.95 -10.00
N TYR C 603 -30.74 12.72 -8.79
CA TYR C 603 -31.06 13.60 -7.66
C TYR C 603 -30.78 15.06 -7.99
N SER C 604 -29.58 15.34 -8.51
CA SER C 604 -29.24 16.71 -8.86
C SER C 604 -30.07 17.23 -10.03
N GLN C 605 -30.28 16.38 -11.03
CA GLN C 605 -31.09 16.76 -12.19
C GLN C 605 -32.49 17.15 -11.77
N MET C 606 -33.17 16.28 -11.02
CA MET C 606 -34.54 16.57 -10.60
C MET C 606 -34.60 17.71 -9.60
N TRP C 607 -33.69 17.72 -8.61
CA TRP C 607 -33.77 18.75 -7.58
C TRP C 607 -33.59 20.15 -8.17
N TRP C 608 -32.58 20.34 -9.02
CA TRP C 608 -32.38 21.67 -9.61
C TRP C 608 -33.19 21.94 -10.87
N MET C 609 -33.82 20.94 -11.49
CA MET C 609 -34.97 21.23 -12.35
C MET C 609 -36.12 21.81 -11.54
N ILE C 610 -36.42 21.19 -10.40
CA ILE C 610 -37.46 21.66 -9.50
C ILE C 610 -37.11 22.99 -8.84
N ASN C 611 -35.82 23.35 -8.83
CA ASN C 611 -35.38 24.68 -8.41
C ASN C 611 -35.48 25.75 -9.49
N ARG C 612 -35.91 25.41 -10.71
CA ARG C 612 -35.91 26.35 -11.82
C ARG C 612 -36.52 27.69 -11.45
N SER C 613 -35.73 28.75 -11.59
CA SER C 613 -36.11 30.12 -11.20
C SER C 613 -36.64 30.17 -9.77
N ASN C 614 -35.84 29.65 -8.84
CA ASN C 614 -36.26 29.42 -7.45
C ASN C 614 -37.58 28.66 -7.38
N GLY C 615 -37.72 27.65 -8.25
CA GLY C 615 -38.94 26.87 -8.32
C GLY C 615 -40.11 27.53 -9.00
N SER C 616 -40.11 28.87 -9.13
CA SER C 616 -41.32 29.58 -9.53
C SER C 616 -41.68 29.35 -10.99
N GLU C 617 -40.72 28.97 -11.83
CA GLU C 617 -41.01 28.73 -13.24
C GLU C 617 -41.72 27.40 -13.45
N ASN C 618 -41.32 26.37 -12.71
CA ASN C 618 -41.61 24.97 -13.04
C ASN C 618 -42.73 24.39 -12.19
N ASN C 619 -42.68 24.59 -10.89
CA ASN C 619 -43.63 23.93 -9.99
C ASN C 619 -45.03 24.51 -10.15
N VAL C 620 -46.02 23.77 -9.66
CA VAL C 620 -47.43 24.11 -9.79
C VAL C 620 -48.09 24.09 -8.44
N LEU C 621 -48.94 25.10 -8.19
CA LEU C 621 -49.70 25.23 -6.95
C LEU C 621 -51.16 24.83 -7.12
N GLU C 622 -51.51 24.19 -8.23
CA GLU C 622 -52.89 23.84 -8.54
C GLU C 622 -52.92 22.47 -9.20
N SER C 623 -54.05 21.77 -9.04
CA SER C 623 -54.15 20.41 -9.53
C SER C 623 -54.21 20.35 -11.05
N GLN C 624 -55.06 21.17 -11.67
CA GLN C 624 -55.27 21.04 -13.11
C GLN C 624 -54.09 21.57 -13.92
N ALA C 625 -53.39 22.57 -13.38
CA ALA C 625 -52.16 23.09 -13.98
C ALA C 625 -51.07 22.02 -14.08
N GLY C 626 -51.10 21.05 -13.19
CA GLY C 626 -50.29 19.86 -13.37
C GLY C 626 -50.98 18.86 -14.27
N ILE C 627 -52.06 18.25 -13.77
CA ILE C 627 -52.62 17.03 -14.34
C ILE C 627 -52.98 17.20 -15.83
N GLN C 628 -53.72 18.26 -16.17
CA GLN C 628 -54.10 18.44 -17.57
C GLN C 628 -52.91 18.79 -18.46
N LYS C 629 -51.99 19.62 -17.97
CA LYS C 629 -50.76 19.88 -18.72
C LYS C 629 -49.95 18.61 -18.96
N VAL C 630 -49.99 17.67 -18.01
CA VAL C 630 -49.45 16.33 -18.25
C VAL C 630 -50.22 15.60 -19.35
N LYS C 631 -51.55 15.56 -19.23
CA LYS C 631 -52.35 14.86 -20.24
C LYS C 631 -52.17 15.46 -21.63
N TYR C 632 -51.94 16.77 -21.71
CA TYR C 632 -51.60 17.41 -22.97
C TYR C 632 -50.21 17.03 -23.47
N GLY C 633 -49.45 16.27 -22.70
CA GLY C 633 -48.07 15.97 -23.06
C GLY C 633 -47.14 17.14 -22.86
N ASN C 634 -47.47 18.03 -21.92
CA ASN C 634 -46.83 19.34 -21.80
C ASN C 634 -46.23 19.53 -20.41
N TYR C 635 -46.25 18.50 -19.57
CA TYR C 635 -45.71 18.58 -18.21
C TYR C 635 -45.56 17.16 -17.70
N ALA C 636 -44.84 17.01 -16.58
CA ALA C 636 -44.94 15.84 -15.74
C ALA C 636 -44.98 16.25 -14.27
N PHE C 637 -45.85 15.59 -13.51
CA PHE C 637 -46.18 16.02 -12.15
C PHE C 637 -45.69 14.98 -11.15
N VAL C 638 -44.92 15.43 -10.17
CA VAL C 638 -44.22 14.56 -9.22
C VAL C 638 -44.90 14.69 -7.86
N TRP C 639 -45.30 13.57 -7.28
CA TRP C 639 -46.03 13.58 -6.01
C TRP C 639 -45.96 12.19 -5.38
N ASP C 640 -46.75 12.01 -4.31
CA ASP C 640 -47.12 10.69 -3.84
C ASP C 640 -47.80 9.89 -4.94
N ALA C 641 -47.19 8.75 -5.29
CA ALA C 641 -47.65 7.98 -6.44
C ALA C 641 -49.10 7.51 -6.28
N ALA C 642 -49.57 7.36 -5.05
CA ALA C 642 -50.97 6.97 -4.82
C ALA C 642 -51.95 7.96 -5.46
N VAL C 643 -51.62 9.25 -5.43
CA VAL C 643 -52.46 10.26 -6.07
C VAL C 643 -52.37 10.16 -7.58
N LEU C 644 -51.20 9.82 -8.10
CA LEU C 644 -51.01 9.73 -9.54
C LEU C 644 -51.71 8.50 -10.10
N GLU C 645 -51.70 7.39 -9.37
CA GLU C 645 -52.53 6.24 -9.69
C GLU C 645 -54.01 6.55 -9.60
N TYR C 646 -54.43 7.28 -8.57
CA TYR C 646 -55.82 7.74 -8.47
C TYR C 646 -56.25 8.55 -9.70
N VAL C 647 -55.40 9.51 -10.11
CA VAL C 647 -55.64 10.27 -11.33
C VAL C 647 -55.69 9.38 -12.57
N ALA C 648 -54.77 8.42 -12.68
CA ALA C 648 -54.78 7.50 -13.82
C ALA C 648 -56.04 6.64 -13.84
N ILE C 649 -56.54 6.24 -12.68
CA ILE C 649 -57.79 5.49 -12.61
C ILE C 649 -58.97 6.38 -12.98
N ASN C 650 -58.91 7.66 -12.61
CA ASN C 650 -59.99 8.59 -12.96
C ASN C 650 -60.01 8.93 -14.45
N ASP C 651 -58.91 8.75 -15.16
CA ASP C 651 -58.85 9.13 -16.57
C ASP C 651 -59.64 8.13 -17.41
N PRO C 652 -60.70 8.55 -18.10
CA PRO C 652 -61.46 7.60 -18.94
C PRO C 652 -60.72 7.18 -20.21
N ASP C 653 -59.69 7.91 -20.61
CA ASP C 653 -58.84 7.51 -21.74
C ASP C 653 -57.76 6.51 -21.34
N CYS C 654 -57.50 6.35 -20.05
CA CYS C 654 -56.34 5.60 -19.55
C CYS C 654 -55.05 6.04 -20.24
N SER C 655 -54.95 7.36 -20.47
CA SER C 655 -53.82 7.90 -21.20
C SER C 655 -52.61 8.11 -20.32
N PHE C 656 -52.82 8.28 -19.01
CA PHE C 656 -51.72 8.40 -18.07
C PHE C 656 -51.04 7.07 -17.84
N TYR C 657 -49.77 7.15 -17.44
CA TYR C 657 -49.10 6.12 -16.66
C TYR C 657 -48.26 6.82 -15.60
N THR C 658 -47.95 6.09 -14.52
CA THR C 658 -47.16 6.65 -13.44
C THR C 658 -46.05 5.70 -13.03
N ILE C 659 -44.89 6.28 -12.74
CA ILE C 659 -43.64 5.56 -12.53
C ILE C 659 -42.94 6.15 -11.31
N GLY C 660 -42.31 5.29 -10.51
CA GLY C 660 -41.78 5.74 -9.23
C GLY C 660 -41.30 4.58 -8.38
N ASN C 661 -41.35 4.79 -7.06
CA ASN C 661 -40.86 3.78 -6.13
C ASN C 661 -41.70 3.80 -4.86
N THR C 662 -41.78 2.64 -4.22
CA THR C 662 -42.27 2.52 -2.85
C THR C 662 -41.18 2.90 -1.87
N VAL C 663 -41.44 3.91 -1.03
CA VAL C 663 -40.46 4.39 -0.08
C VAL C 663 -40.76 3.79 1.30
N ALA C 664 -40.24 2.58 1.53
CA ALA C 664 -40.55 1.80 2.72
C ALA C 664 -40.13 2.51 4.01
N ASP C 665 -39.26 3.51 3.92
CA ASP C 665 -38.85 4.29 5.10
C ASP C 665 -40.01 4.89 5.87
N ARG C 666 -41.16 5.10 5.24
CA ARG C 666 -42.27 5.80 5.87
C ARG C 666 -43.57 5.10 5.54
N GLY C 667 -44.60 5.42 6.32
CA GLY C 667 -45.93 4.86 6.08
C GLY C 667 -47.02 5.79 6.53
N TYR C 668 -48.20 5.58 5.96
CA TYR C 668 -49.39 6.35 6.28
C TYR C 668 -50.05 5.86 7.58
N GLY C 669 -50.55 6.81 8.36
CA GLY C 669 -51.09 6.54 9.68
C GLY C 669 -52.16 7.52 10.09
N ILE C 670 -52.61 7.45 11.34
CA ILE C 670 -53.56 8.38 11.91
C ILE C 670 -53.00 8.89 13.23
N ALA C 671 -53.17 10.18 13.50
CA ALA C 671 -52.73 10.78 14.74
C ALA C 671 -53.80 10.76 15.83
N LEU C 672 -53.33 10.85 17.07
CA LEU C 672 -54.16 10.82 18.27
C LEU C 672 -53.52 11.72 19.31
N GLN C 673 -54.32 12.09 20.32
CA GLN C 673 -53.79 12.78 21.49
C GLN C 673 -52.71 11.96 22.18
N HIS C 674 -51.77 12.68 22.80
CA HIS C 674 -50.66 12.07 23.52
C HIS C 674 -51.15 11.13 24.61
N GLY C 675 -50.59 9.91 24.64
CA GLY C 675 -50.91 8.94 25.66
C GLY C 675 -52.25 8.25 25.47
N SER C 676 -52.47 7.72 24.27
CA SER C 676 -53.76 7.15 23.91
C SER C 676 -53.70 5.63 23.94
N PRO C 677 -54.61 4.96 24.65
CA PRO C 677 -54.58 3.49 24.69
C PRO C 677 -55.17 2.86 23.44
N TYR C 678 -55.92 3.64 22.66
CA TYR C 678 -56.69 3.11 21.54
C TYR C 678 -55.79 2.46 20.49
N ARG C 679 -54.64 3.07 20.24
CA ARG C 679 -53.66 2.61 19.25
C ARG C 679 -53.47 1.10 19.23
N ASP C 680 -53.15 0.51 20.39
CA ASP C 680 -52.73 -0.89 20.41
C ASP C 680 -53.89 -1.85 20.21
N VAL C 681 -55.12 -1.40 20.46
CA VAL C 681 -56.30 -2.20 20.17
C VAL C 681 -56.74 -2.05 18.72
N PHE C 682 -56.77 -0.82 18.21
CA PHE C 682 -57.25 -0.58 16.85
C PHE C 682 -56.40 -1.28 15.80
N SER C 683 -55.11 -1.44 16.07
CA SER C 683 -54.15 -1.93 15.07
C SER C 683 -54.47 -3.33 14.54
N GLN C 684 -55.27 -4.12 15.26
CA GLN C 684 -55.73 -5.40 14.71
C GLN C 684 -56.58 -5.23 13.47
N ARG C 685 -57.57 -4.34 13.50
CA ARG C 685 -58.54 -4.25 12.41
C ARG C 685 -57.89 -3.95 11.06
N ILE C 686 -56.75 -3.26 11.07
CA ILE C 686 -55.97 -3.02 9.85
C ILE C 686 -55.71 -4.32 9.11
N LEU C 687 -55.29 -5.35 9.86
CA LEU C 687 -54.96 -6.62 9.22
C LEU C 687 -56.19 -7.29 8.64
N GLU C 688 -57.32 -7.22 9.35
CA GLU C 688 -58.54 -7.84 8.85
C GLU C 688 -59.01 -7.18 7.57
N LEU C 689 -59.04 -5.85 7.55
CA LEU C 689 -59.45 -5.13 6.35
C LEU C 689 -58.50 -5.34 5.18
N GLN C 690 -57.20 -5.45 5.44
CA GLN C 690 -56.28 -5.83 4.37
C GLN C 690 -56.52 -7.25 3.87
N GLN C 691 -56.73 -8.19 4.78
CA GLN C 691 -56.96 -9.59 4.40
C GLN C 691 -58.28 -9.77 3.67
N ASN C 692 -59.29 -8.98 4.05
CA ASN C 692 -60.54 -8.98 3.29
C ASN C 692 -60.39 -8.34 1.91
N GLY C 693 -59.36 -7.52 1.70
CA GLY C 693 -59.33 -6.65 0.53
C GLY C 693 -60.13 -5.38 0.68
N ASP C 694 -60.88 -5.22 1.77
CA ASP C 694 -61.64 -3.99 1.98
C ASP C 694 -60.74 -2.76 1.89
N MET C 695 -59.53 -2.84 2.42
CA MET C 695 -58.58 -1.74 2.30
C MET C 695 -58.24 -1.47 0.84
N ASP C 696 -57.99 -2.52 0.07
CA ASP C 696 -57.66 -2.34 -1.34
C ASP C 696 -58.85 -1.80 -2.13
N ILE C 697 -60.05 -2.33 -1.89
CA ILE C 697 -61.24 -1.79 -2.57
C ILE C 697 -61.49 -0.33 -2.19
N LEU C 698 -61.30 0.02 -0.91
CA LEU C 698 -61.40 1.39 -0.45
C LEU C 698 -60.26 2.27 -0.94
N LYS C 699 -59.23 1.70 -1.56
CA LYS C 699 -58.34 2.54 -2.36
C LYS C 699 -58.83 2.63 -3.81
N HIS C 700 -59.15 1.48 -4.40
CA HIS C 700 -59.57 1.42 -5.81
C HIS C 700 -60.91 2.13 -6.04
N LYS C 701 -61.71 2.29 -4.99
CA LYS C 701 -62.97 3.03 -5.10
C LYS C 701 -62.78 4.41 -5.73
N TRP C 702 -61.61 5.02 -5.54
CA TRP C 702 -61.42 6.40 -5.95
C TRP C 702 -60.63 6.48 -7.25
N ILE D 1 10.97 -40.03 44.22
CA ILE D 1 10.14 -38.94 43.75
C ILE D 1 9.48 -39.31 42.43
N HIS D 2 8.14 -39.35 42.44
CA HIS D 2 7.37 -39.66 41.24
C HIS D 2 6.21 -38.69 41.10
N ILE D 3 5.98 -38.22 39.87
CA ILE D 3 4.98 -37.21 39.57
C ILE D 3 3.97 -37.80 38.59
N GLY D 4 2.70 -37.48 38.80
CA GLY D 4 1.64 -37.86 37.87
C GLY D 4 1.15 -36.65 37.10
N ALA D 5 1.03 -36.83 35.78
CA ALA D 5 0.53 -35.79 34.90
C ALA D 5 -0.59 -36.32 34.02
N ILE D 6 -1.74 -35.65 34.04
CA ILE D 6 -2.92 -36.00 33.25
C ILE D 6 -3.23 -34.84 32.33
N PHE D 7 -3.25 -35.09 31.02
CA PHE D 7 -3.48 -34.04 30.05
C PHE D 7 -4.63 -34.38 29.12
N ASP D 8 -5.30 -33.33 28.66
CA ASP D 8 -6.21 -33.43 27.52
C ASP D 8 -5.43 -33.92 26.30
N GLU D 9 -6.10 -34.77 25.52
CA GLU D 9 -5.49 -35.41 24.35
C GLU D 9 -4.76 -34.44 23.43
N SER D 10 -5.15 -33.16 23.42
CA SER D 10 -4.50 -32.17 22.57
C SER D 10 -3.29 -31.49 23.21
N ALA D 11 -3.00 -31.76 24.48
CA ALA D 11 -2.03 -31.00 25.25
C ALA D 11 -0.58 -31.30 24.89
N LYS D 12 -0.31 -31.59 23.62
CA LYS D 12 1.02 -32.06 23.22
C LYS D 12 2.11 -31.07 23.62
N LYS D 13 1.88 -29.77 23.40
CA LYS D 13 2.86 -28.77 23.82
C LYS D 13 3.00 -28.71 25.33
N ASP D 14 1.92 -28.94 26.07
CA ASP D 14 2.01 -29.03 27.52
C ASP D 14 2.88 -30.21 27.94
N ASP D 15 2.74 -31.34 27.25
CA ASP D 15 3.56 -32.50 27.57
C ASP D 15 5.03 -32.23 27.29
N GLU D 16 5.34 -31.76 26.08
CA GLU D 16 6.72 -31.49 25.70
C GLU D 16 7.40 -30.51 26.64
N VAL D 17 6.69 -29.45 27.05
CA VAL D 17 7.26 -28.52 28.03
C VAL D 17 7.37 -29.14 29.41
N PHE D 18 6.40 -29.97 29.80
CA PHE D 18 6.49 -30.65 31.08
C PHE D 18 7.75 -31.50 31.17
N ARG D 19 8.03 -32.25 30.10
CA ARG D 19 9.26 -33.05 30.06
C ARG D 19 10.51 -32.18 30.06
N THR D 20 10.52 -31.12 29.23
CA THR D 20 11.67 -30.23 29.17
C THR D 20 11.99 -29.59 30.52
N ALA D 21 10.98 -29.26 31.31
CA ALA D 21 11.23 -28.71 32.64
C ALA D 21 11.95 -29.69 33.55
N VAL D 22 11.54 -30.96 33.56
CA VAL D 22 12.30 -31.97 34.31
C VAL D 22 13.69 -32.19 33.70
N GLY D 23 13.82 -32.05 32.39
CA GLY D 23 15.13 -32.07 31.77
C GLY D 23 16.07 -30.97 32.25
N ASP D 24 15.54 -29.80 32.55
CA ASP D 24 16.34 -28.78 33.23
C ASP D 24 16.59 -29.12 34.69
N LEU D 25 15.54 -29.51 35.42
CA LEU D 25 15.68 -29.69 36.87
C LEU D 25 16.58 -30.85 37.22
N ASN D 26 16.54 -31.94 36.45
CA ASN D 26 17.52 -33.01 36.65
C ASN D 26 18.93 -32.61 36.24
N GLN D 27 19.11 -31.42 35.66
CA GLN D 27 20.43 -30.87 35.42
C GLN D 27 20.75 -29.70 36.35
N ASN D 28 19.88 -29.40 37.30
CA ASN D 28 20.22 -28.49 38.40
C ASN D 28 21.12 -29.22 39.39
N GLU D 29 22.32 -28.68 39.59
CA GLU D 29 23.34 -29.30 40.43
C GLU D 29 23.21 -28.94 41.90
N GLU D 30 22.34 -27.99 42.24
CA GLU D 30 22.27 -27.46 43.60
C GLU D 30 21.16 -28.08 44.44
N ILE D 31 20.08 -28.52 43.82
CA ILE D 31 18.84 -28.86 44.50
C ILE D 31 18.49 -30.31 44.22
N LEU D 32 17.97 -31.00 45.24
CA LEU D 32 17.61 -32.42 45.18
C LEU D 32 18.78 -33.27 44.67
N GLN D 33 19.99 -32.94 45.14
CA GLN D 33 21.21 -33.37 44.46
C GLN D 33 21.32 -34.89 44.40
N THR D 34 20.89 -35.58 45.46
CA THR D 34 20.89 -37.04 45.49
C THR D 34 19.72 -37.66 44.75
N GLU D 35 18.67 -36.91 44.44
CA GLU D 35 17.47 -37.47 43.86
C GLU D 35 17.45 -37.25 42.34
N LYS D 36 16.52 -37.92 41.67
CA LYS D 36 16.10 -37.54 40.34
C LYS D 36 14.58 -37.55 40.23
N ILE D 37 14.06 -36.57 39.49
CA ILE D 37 12.63 -36.44 39.24
C ILE D 37 12.20 -37.41 38.14
N THR D 38 11.07 -38.09 38.36
CA THR D 38 10.54 -39.08 37.44
C THR D 38 9.03 -38.90 37.36
N PHE D 39 8.46 -39.20 36.19
CA PHE D 39 7.07 -38.86 35.93
C PHE D 39 6.39 -39.94 35.10
N SER D 40 5.07 -40.03 35.26
CA SER D 40 4.20 -40.82 34.39
C SER D 40 3.21 -39.88 33.71
N VAL D 41 3.14 -39.94 32.38
CA VAL D 41 2.24 -39.10 31.59
C VAL D 41 1.15 -39.99 31.03
N THR D 42 -0.10 -39.53 31.13
CA THR D 42 -1.24 -40.20 30.52
C THR D 42 -2.13 -39.18 29.80
N PHE D 43 -2.42 -39.45 28.53
CA PHE D 43 -3.44 -38.70 27.82
C PHE D 43 -4.81 -39.29 28.11
N VAL D 44 -5.84 -38.43 28.11
CA VAL D 44 -7.23 -38.88 28.19
C VAL D 44 -8.09 -38.02 27.28
N ASP D 45 -9.25 -38.58 26.91
CA ASP D 45 -10.24 -37.86 26.12
C ASP D 45 -10.93 -36.81 27.00
N GLY D 46 -10.93 -35.57 26.52
CA GLY D 46 -11.22 -34.44 27.38
C GLY D 46 -12.61 -34.49 28.02
N ASN D 47 -13.62 -34.84 27.23
CA ASN D 47 -15.01 -34.88 27.68
C ASN D 47 -15.49 -36.29 28.00
N ASN D 48 -14.70 -37.06 28.73
CA ASN D 48 -15.14 -38.38 29.23
C ASN D 48 -14.71 -38.55 30.68
N PRO D 49 -15.46 -37.95 31.61
CA PRO D 49 -14.98 -37.82 32.99
C PRO D 49 -14.62 -39.12 33.67
N PHE D 50 -15.35 -40.20 33.37
CA PHE D 50 -15.06 -41.48 33.99
C PHE D 50 -13.70 -42.01 33.57
N GLN D 51 -13.35 -41.85 32.30
CA GLN D 51 -12.01 -42.26 31.85
C GLN D 51 -10.91 -41.53 32.60
N ALA D 52 -11.09 -40.25 32.87
CA ALA D 52 -10.13 -39.51 33.70
C ALA D 52 -10.08 -40.04 35.13
N VAL D 53 -11.23 -40.37 35.72
CA VAL D 53 -11.20 -40.99 37.04
C VAL D 53 -10.45 -42.32 36.97
N GLN D 54 -10.71 -43.08 35.91
CA GLN D 54 -10.17 -44.43 35.80
C GLN D 54 -8.64 -44.37 35.78
N GLU D 55 -8.09 -43.44 35.00
CA GLU D 55 -6.64 -43.32 34.96
C GLU D 55 -6.09 -42.78 36.28
N ALA D 56 -6.72 -41.75 36.83
CA ALA D 56 -6.17 -41.12 38.04
C ALA D 56 -6.09 -42.12 39.19
N CYS D 57 -7.09 -43.02 39.30
CA CYS D 57 -7.00 -44.08 40.30
C CYS D 57 -5.87 -45.08 40.00
N GLU D 58 -5.59 -45.35 38.73
CA GLU D 58 -4.46 -46.22 38.42
C GLU D 58 -3.13 -45.58 38.80
N LEU D 59 -2.99 -44.27 38.58
CA LEU D 59 -1.80 -43.58 39.05
C LEU D 59 -1.71 -43.56 40.58
N MET D 60 -2.84 -43.41 41.27
CA MET D 60 -2.83 -43.49 42.73
C MET D 60 -2.58 -44.91 43.24
N ASN D 61 -2.86 -45.93 42.42
CA ASN D 61 -2.38 -47.27 42.70
C ASN D 61 -0.87 -47.36 42.57
N GLN D 62 -0.32 -46.86 41.46
CA GLN D 62 1.13 -46.92 41.27
C GLN D 62 1.85 -46.04 42.28
N GLY D 63 1.19 -45.00 42.80
CA GLY D 63 1.80 -44.12 43.77
C GLY D 63 2.41 -42.87 43.17
N ILE D 64 2.09 -41.72 43.77
CA ILE D 64 2.58 -40.41 43.34
C ILE D 64 2.68 -39.52 44.57
N LEU D 65 3.53 -38.49 44.46
CA LEU D 65 3.60 -37.46 45.48
C LEU D 65 2.65 -36.30 45.21
N ALA D 66 2.41 -35.97 43.94
CA ALA D 66 1.58 -34.83 43.59
C ALA D 66 0.99 -35.08 42.22
N LEU D 67 -0.16 -34.47 41.96
CA LEU D 67 -0.90 -34.65 40.72
C LEU D 67 -1.04 -33.32 40.00
N VAL D 68 -0.64 -33.28 38.73
CA VAL D 68 -0.78 -32.13 37.86
C VAL D 68 -1.75 -32.49 36.76
N SER D 69 -2.61 -31.55 36.38
CA SER D 69 -3.58 -31.80 35.33
C SER D 69 -3.79 -30.54 34.50
N SER D 70 -4.25 -30.73 33.26
CA SER D 70 -4.46 -29.65 32.30
C SER D 70 -5.71 -29.98 31.50
N ILE D 71 -6.88 -29.65 32.05
CA ILE D 71 -8.13 -30.23 31.57
C ILE D 71 -9.25 -29.21 31.79
N GLY D 72 -10.25 -29.27 30.90
CA GLY D 72 -11.38 -28.38 30.98
C GLY D 72 -12.27 -28.62 32.19
N CYS D 73 -13.21 -27.70 32.40
CA CYS D 73 -14.08 -27.77 33.56
C CYS D 73 -14.98 -28.99 33.56
N THR D 74 -15.19 -29.61 32.39
CA THR D 74 -16.08 -30.77 32.29
C THR D 74 -15.65 -31.92 33.19
N SER D 75 -14.34 -32.08 33.43
CA SER D 75 -13.82 -33.18 34.24
C SER D 75 -13.17 -32.72 35.54
N ALA D 76 -12.78 -31.45 35.63
CA ALA D 76 -12.10 -31.00 36.83
C ALA D 76 -12.94 -31.14 38.08
N GLY D 77 -14.27 -31.22 37.96
CA GLY D 77 -15.07 -31.52 39.13
C GLY D 77 -14.88 -32.94 39.65
N SER D 78 -14.67 -33.88 38.73
CA SER D 78 -14.32 -35.24 39.12
C SER D 78 -12.93 -35.27 39.73
N LEU D 79 -11.95 -34.76 39.00
CA LEU D 79 -10.57 -34.85 39.48
C LEU D 79 -10.36 -34.07 40.77
N GLN D 80 -11.14 -33.00 41.00
CA GLN D 80 -11.16 -32.34 42.30
C GLN D 80 -11.79 -33.20 43.38
N SER D 81 -12.98 -33.75 43.14
CA SER D 81 -13.67 -34.51 44.17
C SER D 81 -12.94 -35.78 44.56
N LEU D 82 -12.23 -36.40 43.61
CA LEU D 82 -11.35 -37.53 43.94
C LEU D 82 -10.28 -37.14 44.95
N ALA D 83 -9.55 -36.07 44.67
CA ALA D 83 -8.41 -35.70 45.50
C ALA D 83 -8.82 -35.39 46.94
N ASP D 84 -9.98 -34.77 47.13
CA ASP D 84 -10.47 -34.52 48.49
C ASP D 84 -10.75 -35.80 49.25
N ALA D 85 -11.00 -36.91 48.54
CA ALA D 85 -11.14 -38.20 49.22
C ALA D 85 -9.80 -38.87 49.47
N MET D 86 -8.82 -38.65 48.58
CA MET D 86 -7.55 -39.35 48.63
C MET D 86 -6.44 -38.54 49.30
N HIS D 87 -6.64 -37.23 49.48
CA HIS D 87 -5.65 -36.31 50.05
C HIS D 87 -4.37 -36.22 49.21
N ILE D 88 -4.41 -36.63 47.95
CA ILE D 88 -3.32 -36.28 47.04
C ILE D 88 -3.43 -34.79 46.68
N PRO D 89 -2.37 -34.01 46.86
CA PRO D 89 -2.40 -32.61 46.37
C PRO D 89 -2.67 -32.56 44.87
N HIS D 90 -3.61 -31.70 44.48
CA HIS D 90 -3.99 -31.52 43.09
C HIS D 90 -3.72 -30.09 42.69
N LEU D 91 -2.83 -29.89 41.71
CA LEU D 91 -2.58 -28.59 41.11
C LEU D 91 -3.25 -28.56 39.75
N PHE D 92 -4.12 -27.57 39.52
CA PHE D 92 -5.05 -27.57 38.41
C PHE D 92 -4.75 -26.39 37.48
N ILE D 93 -4.44 -26.69 36.22
CA ILE D 93 -4.06 -25.68 35.24
C ILE D 93 -5.13 -25.65 34.14
N GLN D 94 -6.15 -24.82 34.33
CA GLN D 94 -7.32 -24.85 33.46
C GLN D 94 -6.99 -24.53 32.01
N ARG D 95 -7.67 -25.20 31.09
CA ARG D 95 -7.60 -24.96 29.65
C ARG D 95 -8.90 -24.31 29.21
N SER D 96 -8.97 -23.92 27.93
CA SER D 96 -10.25 -23.56 27.34
C SER D 96 -10.33 -24.04 25.90
N THR D 97 -11.55 -24.37 25.49
CA THR D 97 -11.79 -24.96 24.18
C THR D 97 -11.39 -24.03 23.04
N ALA D 98 -10.61 -24.54 22.09
CA ALA D 98 -10.32 -23.87 20.83
C ALA D 98 -9.73 -22.47 20.99
N GLY D 99 -9.22 -22.11 22.15
CA GLY D 99 -8.76 -20.75 22.37
C GLY D 99 -9.83 -19.73 22.66
N THR D 100 -11.06 -20.16 22.93
CA THR D 100 -12.14 -19.22 23.25
C THR D 100 -11.87 -18.56 24.61
N PRO D 101 -12.27 -17.30 24.78
CA PRO D 101 -11.95 -16.60 26.04
C PRO D 101 -12.48 -17.38 27.24
N ARG D 102 -11.65 -17.43 28.28
CA ARG D 102 -11.88 -18.34 29.39
C ARG D 102 -13.03 -17.84 30.27
N SER D 103 -13.82 -18.79 30.79
CA SER D 103 -14.84 -18.51 31.79
C SER D 103 -14.68 -19.43 32.99
N GLY D 104 -15.03 -18.92 34.16
CA GLY D 104 -14.80 -19.67 35.39
C GLY D 104 -15.65 -20.92 35.49
N CYS D 105 -15.08 -21.95 36.11
CA CYS D 105 -15.72 -23.27 36.18
C CYS D 105 -16.91 -23.29 37.13
N GLY D 106 -17.12 -22.25 37.94
CA GLY D 106 -18.33 -22.16 38.74
C GLY D 106 -18.45 -23.25 39.78
N LEU D 107 -17.36 -23.53 40.49
CA LEU D 107 -17.28 -24.67 41.40
C LEU D 107 -18.29 -24.55 42.53
N THR D 108 -19.24 -25.50 42.57
CA THR D 108 -20.21 -25.59 43.65
C THR D 108 -19.60 -26.31 44.85
N ARG D 109 -18.42 -25.87 45.26
CA ARG D 109 -17.57 -26.59 46.21
C ARG D 109 -18.30 -26.91 47.51
N SER D 110 -18.50 -28.21 47.76
CA SER D 110 -19.20 -28.66 48.95
C SER D 110 -18.38 -28.39 50.21
N ASN D 111 -18.97 -27.70 51.18
CA ASN D 111 -18.21 -27.17 52.30
C ASN D 111 -17.86 -28.22 53.35
N ARG D 112 -18.31 -29.47 53.18
CA ARG D 112 -18.21 -30.46 54.24
C ARG D 112 -16.78 -30.90 54.54
N ASN D 113 -15.80 -30.59 53.69
CA ASN D 113 -14.51 -31.25 53.79
C ASN D 113 -13.38 -30.25 53.58
N ASP D 114 -12.19 -30.66 54.04
CA ASP D 114 -10.95 -30.00 53.67
C ASP D 114 -10.77 -29.94 52.16
N ASP D 115 -9.99 -28.96 51.71
CA ASP D 115 -9.78 -28.69 50.30
C ASP D 115 -8.33 -29.01 49.95
N TYR D 116 -8.13 -29.89 48.97
CA TYR D 116 -6.80 -30.29 48.52
C TYR D 116 -6.47 -29.79 47.12
N THR D 117 -7.25 -28.86 46.57
CA THR D 117 -7.04 -28.35 45.23
C THR D 117 -6.51 -26.92 45.30
N LEU D 118 -5.46 -26.65 44.52
CA LEU D 118 -4.87 -25.32 44.43
C LEU D 118 -5.04 -24.79 43.01
N SER D 119 -5.71 -23.64 42.87
CA SER D 119 -6.03 -23.08 41.56
C SER D 119 -4.87 -22.20 41.12
N VAL D 120 -4.15 -22.63 40.08
CA VAL D 120 -2.90 -21.97 39.71
C VAL D 120 -3.09 -20.78 38.77
N ARG D 121 -4.06 -20.84 37.86
CA ARG D 121 -4.36 -19.63 37.08
C ARG D 121 -5.17 -18.61 37.88
N PRO D 122 -5.04 -17.32 37.56
CA PRO D 122 -5.73 -16.29 38.32
C PRO D 122 -7.21 -16.25 37.98
N PRO D 123 -8.05 -15.88 38.95
CA PRO D 123 -9.50 -15.74 38.68
C PRO D 123 -9.80 -14.81 37.51
N VAL D 124 -10.91 -15.11 36.82
CA VAL D 124 -11.29 -14.38 35.62
C VAL D 124 -11.77 -12.98 35.98
N TYR D 125 -11.34 -11.99 35.20
CA TYR D 125 -11.74 -10.59 35.43
C TYR D 125 -12.21 -9.86 34.17
N LEU D 126 -12.43 -10.57 33.06
CA LEU D 126 -12.92 -9.91 31.83
C LEU D 126 -14.23 -9.16 32.00
N HIS D 127 -15.04 -9.47 33.02
CA HIS D 127 -16.27 -8.72 33.26
C HIS D 127 -16.09 -7.49 34.13
N ASP D 128 -14.88 -7.21 34.64
CA ASP D 128 -14.57 -5.89 35.18
C ASP D 128 -13.90 -4.94 34.18
N VAL D 129 -12.84 -5.40 33.52
CA VAL D 129 -12.06 -4.55 32.64
C VAL D 129 -12.92 -3.98 31.51
N ILE D 130 -13.86 -4.77 31.00
CA ILE D 130 -14.74 -4.26 29.95
C ILE D 130 -15.84 -3.35 30.46
N LEU D 131 -16.03 -3.27 31.78
CA LEU D 131 -16.96 -2.28 32.30
C LEU D 131 -16.24 -0.98 32.65
N ARG D 132 -15.02 -1.10 33.15
CA ARG D 132 -14.16 0.05 33.41
C ARG D 132 -13.74 0.79 32.13
N VAL D 133 -13.56 0.07 31.03
CA VAL D 133 -13.24 0.74 29.77
C VAL D 133 -14.46 1.35 29.08
N VAL D 134 -15.62 0.69 29.15
CA VAL D 134 -16.83 1.28 28.60
C VAL D 134 -17.45 2.35 29.48
N THR D 135 -17.08 2.43 30.75
CA THR D 135 -17.35 3.64 31.52
C THR D 135 -16.57 4.84 30.98
N GLU D 136 -15.39 4.61 30.41
CA GLU D 136 -14.51 5.70 30.03
C GLU D 136 -14.94 6.40 28.74
N TYR D 137 -15.20 5.65 27.67
CA TYR D 137 -15.79 6.26 26.48
C TYR D 137 -17.22 6.74 26.71
N ALA D 138 -17.88 6.28 27.77
CA ALA D 138 -19.27 6.64 28.05
C ALA D 138 -20.17 6.42 26.83
N TRP D 139 -20.01 5.27 26.17
CA TRP D 139 -21.00 4.83 25.20
C TRP D 139 -22.39 4.72 25.84
N GLN D 140 -23.40 4.71 24.98
CA GLN D 140 -24.77 4.51 25.43
C GLN D 140 -25.53 3.42 24.68
N LYS D 141 -25.10 3.01 23.49
CA LYS D 141 -25.78 1.94 22.77
C LYS D 141 -24.77 1.16 21.96
N PHE D 142 -24.67 -0.14 22.21
CA PHE D 142 -23.57 -0.95 21.68
C PHE D 142 -23.98 -2.42 21.67
N ILE D 143 -23.36 -3.17 20.77
CA ILE D 143 -23.75 -4.54 20.44
C ILE D 143 -22.62 -5.48 20.85
N ILE D 144 -22.98 -6.62 21.46
CA ILE D 144 -22.02 -7.65 21.84
C ILE D 144 -22.11 -8.83 20.89
N PHE D 145 -20.95 -9.35 20.50
CA PHE D 145 -20.86 -10.56 19.69
C PHE D 145 -20.05 -11.60 20.44
N TYR D 146 -20.51 -12.85 20.43
CA TYR D 146 -19.75 -13.93 21.06
C TYR D 146 -19.75 -15.14 20.14
N ASP D 147 -18.68 -15.94 20.24
CA ASP D 147 -18.51 -17.06 19.34
C ASP D 147 -19.18 -18.31 19.90
N SER D 148 -19.36 -19.31 19.03
CA SER D 148 -20.21 -20.45 19.35
C SER D 148 -19.78 -21.20 20.61
N GLU D 149 -18.53 -21.06 21.04
CA GLU D 149 -18.02 -21.79 22.21
C GLU D 149 -18.06 -21.00 23.51
N TYR D 150 -18.35 -19.71 23.47
CA TYR D 150 -18.33 -18.92 24.70
C TYR D 150 -19.44 -19.37 25.65
N ASP D 151 -19.23 -19.10 26.93
CA ASP D 151 -20.17 -19.44 28.00
C ASP D 151 -20.65 -18.11 28.59
N ILE D 152 -21.86 -17.69 28.22
CA ILE D 152 -22.44 -16.43 28.66
C ILE D 152 -22.96 -16.48 30.10
N ARG D 153 -22.27 -17.22 30.96
CA ARG D 153 -22.26 -16.90 32.38
C ARG D 153 -21.02 -16.14 32.79
N GLY D 154 -20.20 -15.74 31.83
CA GLY D 154 -19.14 -14.79 32.03
C GLY D 154 -19.64 -13.36 32.10
N ILE D 155 -20.06 -12.83 30.95
CA ILE D 155 -20.65 -11.50 30.84
C ILE D 155 -22.10 -11.49 31.32
N GLN D 156 -22.36 -12.16 32.44
CA GLN D 156 -23.63 -11.98 33.14
C GLN D 156 -23.61 -10.73 34.00
N GLU D 157 -22.50 -10.50 34.71
CA GLU D 157 -22.40 -9.38 35.65
C GLU D 157 -22.17 -8.06 34.93
N PHE D 158 -21.60 -8.10 33.73
CA PHE D 158 -21.55 -6.93 32.87
C PHE D 158 -22.89 -6.58 32.25
N LEU D 159 -23.87 -7.48 32.26
CA LEU D 159 -25.18 -7.14 31.70
C LEU D 159 -26.15 -6.61 32.75
N ASP D 160 -26.04 -7.04 34.00
CA ASP D 160 -26.87 -6.47 35.06
C ASP D 160 -26.54 -5.01 35.31
N LYS D 161 -25.27 -4.70 35.60
CA LYS D 161 -24.87 -3.33 35.88
C LYS D 161 -25.18 -2.38 34.73
N VAL D 162 -25.00 -2.82 33.50
CA VAL D 162 -25.42 -2.03 32.33
C VAL D 162 -26.93 -2.20 32.14
N SER D 163 -27.69 -1.89 33.18
CA SER D 163 -29.12 -1.63 33.07
C SER D 163 -29.53 -0.56 34.08
N GLN D 164 -28.95 -0.65 35.28
CA GLN D 164 -29.09 0.42 36.26
C GLN D 164 -28.49 1.74 35.76
N GLN D 165 -27.38 1.66 35.03
CA GLN D 165 -26.83 2.81 34.33
C GLN D 165 -27.52 3.12 33.01
N GLY D 166 -28.62 2.42 32.69
CA GLY D 166 -29.54 2.86 31.65
C GLY D 166 -29.08 2.71 30.21
N MET D 167 -27.96 2.05 29.94
CA MET D 167 -27.62 1.78 28.55
C MET D 167 -28.53 0.70 27.98
N ASP D 168 -28.52 0.56 26.65
CA ASP D 168 -29.26 -0.49 25.95
C ASP D 168 -28.33 -1.35 25.12
N VAL D 169 -28.37 -2.66 25.35
CA VAL D 169 -27.35 -3.59 24.87
C VAL D 169 -28.03 -4.65 24.01
N ALA D 170 -27.30 -5.16 23.01
CA ALA D 170 -27.79 -6.23 22.15
C ALA D 170 -26.72 -7.30 21.97
N LEU D 171 -27.11 -8.56 22.08
CA LEU D 171 -26.21 -9.68 21.81
C LEU D 171 -26.39 -10.16 20.37
N GLN D 172 -25.43 -10.96 19.89
CA GLN D 172 -25.68 -11.81 18.73
C GLN D 172 -24.59 -12.86 18.61
N LYS D 173 -25.00 -14.12 18.37
CA LYS D 173 -24.05 -15.20 18.15
C LYS D 173 -23.55 -15.19 16.70
N VAL D 174 -22.26 -15.43 16.52
CA VAL D 174 -21.65 -15.50 15.20
C VAL D 174 -21.63 -16.96 14.72
N GLU D 175 -22.50 -17.29 13.78
CA GLU D 175 -22.68 -18.68 13.39
C GLU D 175 -21.44 -19.24 12.69
N ASN D 176 -21.45 -20.55 12.46
CA ASN D 176 -20.33 -21.24 11.84
C ASN D 176 -20.11 -20.89 10.37
N ASN D 177 -21.08 -20.27 9.71
CA ASN D 177 -21.11 -20.17 8.25
C ASN D 177 -21.41 -18.72 7.87
N ILE D 178 -20.41 -17.85 8.08
CA ILE D 178 -20.63 -16.41 8.19
C ILE D 178 -21.38 -15.86 6.97
N ASN D 179 -21.01 -16.29 5.77
CA ASN D 179 -21.64 -15.76 4.57
C ASN D 179 -23.13 -16.10 4.50
N LYS D 180 -23.53 -17.26 5.02
CA LYS D 180 -24.94 -17.57 5.14
C LYS D 180 -25.60 -16.73 6.22
N MET D 181 -24.91 -16.54 7.33
CA MET D 181 -25.46 -15.74 8.43
C MET D 181 -25.68 -14.29 8.02
N ILE D 182 -24.86 -13.75 7.13
CA ILE D 182 -25.12 -12.43 6.58
C ILE D 182 -26.24 -12.46 5.55
N THR D 183 -26.15 -13.32 4.53
CA THR D 183 -27.18 -13.27 3.49
C THR D 183 -28.56 -13.60 4.03
N THR D 184 -28.67 -14.25 5.18
CA THR D 184 -29.96 -14.41 5.85
C THR D 184 -30.59 -13.07 6.27
N LEU D 185 -29.77 -12.04 6.52
CA LEU D 185 -30.32 -10.73 6.83
C LEU D 185 -30.96 -10.06 5.61
N PHE D 186 -30.19 -9.87 4.54
CA PHE D 186 -30.69 -9.12 3.40
C PHE D 186 -31.93 -9.77 2.78
N ASP D 187 -32.01 -11.09 2.80
CA ASP D 187 -33.18 -11.79 2.28
C ASP D 187 -34.41 -11.71 3.17
N THR D 188 -34.34 -11.09 4.37
CA THR D 188 -35.50 -11.15 5.27
C THR D 188 -35.84 -9.86 5.99
N MET D 189 -34.89 -8.98 6.31
CA MET D 189 -35.24 -7.76 7.04
C MET D 189 -35.90 -6.73 6.13
N ARG D 190 -36.72 -5.88 6.75
CA ARG D 190 -37.18 -4.65 6.12
C ARG D 190 -36.12 -3.56 6.15
N ILE D 191 -36.17 -2.68 5.14
CA ILE D 191 -35.07 -1.75 4.87
C ILE D 191 -34.88 -0.77 6.02
N GLU D 192 -35.97 -0.32 6.66
CA GLU D 192 -35.82 0.57 7.80
C GLU D 192 -35.23 -0.15 9.00
N GLU D 193 -35.65 -1.39 9.26
CA GLU D 193 -35.04 -2.15 10.35
C GLU D 193 -33.57 -2.42 10.06
N LEU D 194 -33.24 -2.73 8.81
CA LEU D 194 -31.85 -2.91 8.40
C LEU D 194 -31.03 -1.64 8.59
N ASN D 195 -31.62 -0.47 8.34
CA ASN D 195 -30.96 0.78 8.67
C ASN D 195 -30.76 0.97 10.18
N ARG D 196 -31.76 0.59 10.98
CA ARG D 196 -31.54 0.61 12.43
C ARG D 196 -30.40 -0.30 12.85
N TYR D 197 -30.31 -1.47 12.21
CA TYR D 197 -29.22 -2.40 12.49
C TYR D 197 -27.87 -1.78 12.14
N ARG D 198 -27.75 -1.22 10.94
CA ARG D 198 -26.49 -0.60 10.54
C ARG D 198 -26.16 0.62 11.40
N ASP D 199 -27.18 1.27 11.96
CA ASP D 199 -26.96 2.28 12.99
C ASP D 199 -26.51 1.68 14.31
N THR D 200 -26.79 0.41 14.56
CA THR D 200 -26.34 -0.22 15.81
C THR D 200 -24.90 -0.70 15.74
N LEU D 201 -24.46 -1.19 14.58
CA LEU D 201 -23.13 -1.81 14.45
C LEU D 201 -21.95 -0.89 14.75
N ARG D 202 -22.14 0.42 14.90
CA ARG D 202 -20.98 1.29 15.07
C ARG D 202 -20.16 0.95 16.29
N ARG D 203 -20.71 0.25 17.28
CA ARG D 203 -20.07 0.11 18.58
C ARG D 203 -20.25 -1.32 19.08
N ALA D 204 -19.17 -2.09 19.11
CA ALA D 204 -19.28 -3.54 19.28
C ALA D 204 -18.12 -4.05 20.13
N ILE D 205 -18.33 -5.20 20.77
CA ILE D 205 -17.31 -5.85 21.58
C ILE D 205 -17.16 -7.29 21.09
N LEU D 206 -16.14 -7.54 20.27
CA LEU D 206 -15.95 -8.86 19.64
C LEU D 206 -15.33 -9.87 20.61
N VAL D 207 -16.10 -10.24 21.62
CA VAL D 207 -15.59 -11.15 22.66
C VAL D 207 -15.39 -12.56 22.11
N MET D 208 -14.36 -12.75 21.29
CA MET D 208 -14.22 -14.00 20.55
C MET D 208 -12.75 -14.33 20.34
N ASN D 209 -12.48 -15.53 19.84
CA ASN D 209 -11.12 -15.97 19.58
C ASN D 209 -10.47 -15.12 18.48
N PRO D 210 -9.14 -15.12 18.42
CA PRO D 210 -8.44 -14.29 17.41
C PRO D 210 -8.68 -14.70 15.96
N ALA D 211 -9.07 -15.94 15.69
CA ALA D 211 -9.10 -16.43 14.31
C ALA D 211 -10.46 -16.33 13.63
N THR D 212 -11.56 -16.31 14.38
CA THR D 212 -12.85 -15.97 13.79
C THR D 212 -13.01 -14.47 13.61
N ALA D 213 -12.34 -13.68 14.44
CA ALA D 213 -12.40 -12.22 14.34
C ALA D 213 -11.90 -11.72 12.99
N LYS D 214 -10.77 -12.24 12.50
CA LYS D 214 -10.24 -11.80 11.23
C LYS D 214 -11.22 -12.03 10.08
N SER D 215 -11.84 -13.21 10.02
CA SER D 215 -12.75 -13.44 8.90
C SER D 215 -14.07 -12.70 9.07
N PHE D 216 -14.49 -12.46 10.32
CA PHE D 216 -15.70 -11.69 10.51
C PHE D 216 -15.50 -10.25 10.07
N ILE D 217 -14.45 -9.60 10.58
CA ILE D 217 -14.10 -8.26 10.15
C ILE D 217 -13.97 -8.20 8.63
N THR D 218 -13.24 -9.17 8.04
CA THR D 218 -13.00 -9.15 6.60
C THR D 218 -14.26 -9.31 5.78
N GLU D 219 -15.33 -9.88 6.35
CA GLU D 219 -16.56 -10.01 5.59
C GLU D 219 -17.60 -8.94 5.91
N VAL D 220 -17.50 -8.29 7.07
CA VAL D 220 -18.28 -7.08 7.31
C VAL D 220 -17.84 -5.94 6.41
N VAL D 221 -16.55 -5.65 6.38
CA VAL D 221 -16.02 -4.52 5.63
C VAL D 221 -16.24 -4.68 4.12
N GLU D 222 -16.04 -5.87 3.58
CA GLU D 222 -16.25 -6.12 2.15
C GLU D 222 -17.70 -5.98 1.71
N THR D 223 -18.65 -5.82 2.63
CA THR D 223 -20.03 -5.53 2.27
C THR D 223 -20.46 -4.11 2.60
N ASN D 224 -19.54 -3.28 3.09
CA ASN D 224 -19.80 -1.88 3.45
C ASN D 224 -20.84 -1.74 4.56
N LEU D 225 -20.99 -2.77 5.39
CA LEU D 225 -21.82 -2.65 6.58
C LEU D 225 -21.23 -1.71 7.64
N VAL D 226 -20.00 -1.22 7.46
CA VAL D 226 -19.46 -0.15 8.28
C VAL D 226 -18.68 0.84 7.43
N ALA D 227 -18.49 2.03 8.00
CA ALA D 227 -17.65 3.08 7.46
C ALA D 227 -16.67 3.56 8.52
N PHE D 228 -15.94 4.63 8.24
CA PHE D 228 -14.71 5.05 8.92
C PHE D 228 -14.92 5.52 10.36
N ASP D 229 -16.07 5.26 10.99
CA ASP D 229 -16.43 5.88 12.26
C ASP D 229 -16.67 4.89 13.39
N CYS D 230 -16.61 3.58 13.13
CA CYS D 230 -16.86 2.59 14.17
C CYS D 230 -15.63 2.36 15.05
N HIS D 231 -15.88 1.84 16.25
CA HIS D 231 -14.86 1.78 17.31
C HIS D 231 -14.87 0.42 18.01
N TRP D 232 -14.78 -0.67 17.25
CA TRP D 232 -14.95 -2.01 17.81
C TRP D 232 -13.82 -2.37 18.77
N ILE D 233 -14.18 -2.89 19.96
CA ILE D 233 -13.25 -3.14 21.05
C ILE D 233 -13.06 -4.63 21.30
N ILE D 234 -12.06 -5.25 20.67
CA ILE D 234 -11.84 -6.68 20.86
C ILE D 234 -11.49 -6.93 22.33
N ILE D 235 -11.57 -8.18 22.78
CA ILE D 235 -11.01 -8.58 24.07
C ILE D 235 -10.65 -10.06 24.02
N ASN D 236 -9.70 -10.47 24.84
CA ASN D 236 -9.29 -11.86 24.97
C ASN D 236 -8.50 -11.98 26.28
N GLU D 237 -7.87 -13.13 26.50
CA GLU D 237 -6.70 -13.18 27.37
C GLU D 237 -5.39 -13.28 26.61
N GLU D 238 -5.42 -13.73 25.36
CA GLU D 238 -4.19 -13.99 24.61
C GLU D 238 -4.38 -13.53 23.17
N ILE D 239 -3.38 -12.83 22.63
CA ILE D 239 -3.25 -12.57 21.20
C ILE D 239 -1.76 -12.45 20.90
N ASN D 240 -1.26 -13.29 20.00
CA ASN D 240 0.15 -13.25 19.66
C ASN D 240 0.45 -12.02 18.79
N ASP D 241 1.74 -11.73 18.66
CA ASP D 241 2.20 -10.52 17.98
C ASP D 241 2.09 -10.58 16.46
N VAL D 242 1.76 -11.74 15.89
CA VAL D 242 1.34 -11.77 14.49
C VAL D 242 -0.10 -11.32 14.34
N ASP D 243 -0.98 -11.85 15.21
CA ASP D 243 -2.41 -11.52 15.12
C ASP D 243 -2.69 -10.07 15.48
N VAL D 244 -1.99 -9.53 16.46
CA VAL D 244 -2.13 -8.10 16.79
C VAL D 244 -1.92 -7.23 15.56
N GLN D 245 -0.98 -7.62 14.70
CA GLN D 245 -0.75 -6.85 13.47
C GLN D 245 -1.74 -7.19 12.37
N GLU D 246 -2.15 -8.46 12.28
CA GLU D 246 -3.07 -8.84 11.21
C GLU D 246 -4.48 -8.27 11.42
N LEU D 247 -4.90 -8.08 12.68
CA LEU D 247 -6.14 -7.36 12.94
C LEU D 247 -6.06 -5.91 12.47
N VAL D 248 -4.93 -5.26 12.70
CA VAL D 248 -4.78 -3.84 12.37
C VAL D 248 -4.50 -3.61 10.89
N ARG D 249 -4.05 -4.64 10.18
CA ARG D 249 -3.93 -4.53 8.73
C ARG D 249 -5.29 -4.48 8.04
N ARG D 250 -6.25 -5.28 8.52
CA ARG D 250 -7.50 -5.44 7.80
C ARG D 250 -8.57 -4.41 8.18
N SER D 251 -8.55 -3.91 9.41
CA SER D 251 -9.66 -3.12 9.94
C SER D 251 -9.56 -1.65 9.53
N ILE D 252 -10.72 -0.98 9.55
CA ILE D 252 -10.85 0.45 9.31
C ILE D 252 -11.57 1.08 10.49
N GLY D 253 -11.26 2.35 10.75
CA GLY D 253 -11.73 3.03 11.93
C GLY D 253 -10.95 2.62 13.18
N ARG D 254 -11.31 3.24 14.29
CA ARG D 254 -10.47 3.19 15.49
C ARG D 254 -10.71 1.90 16.25
N LEU D 255 -9.89 0.89 15.97
CA LEU D 255 -9.91 -0.40 16.64
C LEU D 255 -9.18 -0.33 17.99
N THR D 256 -9.37 -1.34 18.83
CA THR D 256 -8.69 -1.45 20.11
C THR D 256 -8.47 -2.93 20.40
N ILE D 257 -7.68 -3.24 21.45
CA ILE D 257 -7.35 -4.62 21.81
C ILE D 257 -7.14 -4.63 23.32
N ILE D 258 -7.15 -5.83 23.92
CA ILE D 258 -6.68 -6.07 25.27
C ILE D 258 -5.97 -7.41 25.24
N ARG D 259 -5.01 -7.60 26.15
CA ARG D 259 -4.44 -8.93 26.37
C ARG D 259 -3.74 -8.95 27.71
N GLN D 260 -3.41 -10.15 28.18
CA GLN D 260 -2.52 -10.30 29.32
C GLN D 260 -1.07 -10.12 28.86
N THR D 261 -0.23 -9.59 29.74
CA THR D 261 1.20 -9.52 29.46
C THR D 261 2.00 -9.70 30.74
N PHE D 262 3.23 -10.20 30.57
CA PHE D 262 4.05 -10.75 31.64
C PHE D 262 5.24 -9.85 31.95
N PRO D 263 5.49 -9.53 33.21
CA PRO D 263 6.64 -8.68 33.57
C PRO D 263 7.94 -9.49 33.54
N VAL D 264 9.00 -8.86 33.04
CA VAL D 264 10.31 -9.50 32.91
C VAL D 264 11.42 -8.47 33.08
N PRO D 265 12.62 -8.89 33.52
CA PRO D 265 13.73 -7.95 33.70
C PRO D 265 14.13 -7.20 32.43
N GLN D 266 14.77 -6.05 32.64
CA GLN D 266 15.27 -5.22 31.55
C GLN D 266 16.39 -5.92 30.76
N ASN D 267 17.27 -6.64 31.45
CA ASN D 267 18.47 -7.21 30.83
C ASN D 267 18.14 -8.50 30.08
N ILE D 268 17.67 -8.32 28.84
CA ILE D 268 17.31 -9.44 27.98
C ILE D 268 18.49 -10.39 27.80
N SER D 269 19.71 -9.86 27.77
CA SER D 269 20.92 -10.68 27.73
C SER D 269 21.08 -11.60 28.95
N GLN D 270 20.35 -11.33 30.03
CA GLN D 270 20.55 -12.07 31.27
C GLN D 270 19.26 -12.72 31.77
N ARG D 271 18.20 -12.71 30.96
CA ARG D 271 16.89 -13.17 31.42
C ARG D 271 16.84 -14.67 31.65
N CYS D 272 17.81 -15.43 31.14
CA CYS D 272 17.72 -16.89 31.16
C CYS D 272 17.95 -17.50 32.54
N PHE D 273 18.11 -16.69 33.58
CA PHE D 273 18.32 -17.18 34.93
C PHE D 273 17.18 -16.71 35.83
N ARG D 274 16.88 -17.53 36.84
CA ARG D 274 15.97 -17.15 37.92
C ARG D 274 16.63 -17.56 39.23
N GLY D 275 17.25 -16.61 39.91
CA GLY D 275 18.25 -16.95 40.91
C GLY D 275 19.38 -17.75 40.29
N ASN D 276 19.74 -18.85 40.94
CA ASN D 276 20.74 -19.76 40.39
C ASN D 276 20.18 -20.72 39.36
N HIS D 277 18.86 -20.85 39.28
CA HIS D 277 18.26 -21.76 38.30
C HIS D 277 18.37 -21.18 36.90
N ARG D 278 18.57 -22.06 35.92
CA ARG D 278 18.72 -21.69 34.52
C ARG D 278 17.60 -22.31 33.70
N ILE D 279 17.04 -21.51 32.79
CA ILE D 279 15.99 -21.94 31.89
C ILE D 279 16.62 -22.41 30.59
N SER D 280 16.06 -23.48 30.01
CA SER D 280 16.53 -24.01 28.74
C SER D 280 16.61 -22.91 27.69
N SER D 281 17.70 -22.94 26.90
CA SER D 281 17.85 -22.04 25.77
C SER D 281 16.69 -22.16 24.79
N THR D 282 16.15 -23.37 24.62
CA THR D 282 14.99 -23.59 23.74
C THR D 282 13.74 -22.86 24.20
N LEU D 283 13.73 -22.30 25.41
CA LEU D 283 12.62 -21.47 25.88
C LEU D 283 13.00 -20.01 26.10
N CYS D 284 14.17 -19.73 26.67
CA CYS D 284 14.56 -18.38 27.02
C CYS D 284 15.19 -17.61 25.87
N ASP D 285 15.56 -18.28 24.78
CA ASP D 285 15.95 -17.57 23.57
C ASP D 285 14.76 -16.83 22.99
N PRO D 286 14.77 -15.50 22.96
CA PRO D 286 13.60 -14.74 22.49
C PRO D 286 13.34 -14.84 21.00
N LYS D 287 14.22 -15.50 20.25
CA LYS D 287 14.05 -15.64 18.81
C LYS D 287 14.06 -17.10 18.33
N ASP D 288 13.96 -18.05 19.25
CA ASP D 288 13.65 -19.41 18.85
C ASP D 288 12.20 -19.45 18.35
N PRO D 289 11.95 -19.94 17.14
CA PRO D 289 10.57 -19.99 16.61
C PRO D 289 9.55 -20.66 17.51
N PHE D 290 9.95 -21.67 18.28
CA PHE D 290 9.02 -22.30 19.22
C PHE D 290 8.68 -21.34 20.37
N ALA D 291 9.69 -20.68 20.93
CA ALA D 291 9.45 -19.72 22.00
C ALA D 291 8.57 -18.56 21.54
N GLN D 292 8.60 -18.21 20.26
CA GLN D 292 7.70 -17.23 19.69
C GLN D 292 6.29 -17.76 19.43
N ASN D 293 6.04 -19.05 19.63
CA ASN D 293 4.75 -19.64 19.31
C ASN D 293 4.25 -20.54 20.45
N MET D 294 4.69 -20.27 21.67
CA MET D 294 4.13 -20.92 22.85
C MET D 294 2.75 -20.36 23.17
N GLU D 295 2.05 -21.06 24.07
CA GLU D 295 0.70 -20.70 24.50
C GLU D 295 0.66 -20.66 26.02
N ILE D 296 -0.17 -19.73 26.53
CA ILE D 296 -0.11 -19.34 27.94
C ILE D 296 -0.17 -20.52 28.89
N SER D 297 -0.90 -21.58 28.53
CA SER D 297 -0.96 -22.76 29.40
C SER D 297 0.42 -23.38 29.63
N ASN D 298 1.29 -23.33 28.62
CA ASN D 298 2.62 -23.91 28.74
C ASN D 298 3.45 -23.25 29.85
N LEU D 299 3.37 -21.93 29.96
CA LEU D 299 4.23 -21.17 30.86
C LEU D 299 3.92 -21.46 32.34
N TYR D 300 2.65 -21.64 32.68
CA TYR D 300 2.31 -22.07 34.03
C TYR D 300 2.75 -23.50 34.34
N ILE D 301 2.78 -24.37 33.32
CA ILE D 301 3.22 -25.74 33.52
C ILE D 301 4.67 -25.78 33.99
N TYR D 302 5.54 -25.01 33.32
CA TYR D 302 6.95 -24.99 33.72
C TYR D 302 7.09 -24.58 35.18
N ASP D 303 6.51 -23.45 35.57
CA ASP D 303 6.63 -22.98 36.94
C ASP D 303 6.04 -23.95 37.95
N THR D 304 5.05 -24.75 37.54
CA THR D 304 4.43 -25.68 38.48
C THR D 304 5.42 -26.73 38.95
N VAL D 305 6.23 -27.28 38.03
CA VAL D 305 7.21 -28.27 38.43
C VAL D 305 8.30 -27.62 39.27
N LEU D 306 8.65 -26.37 38.96
CA LEU D 306 9.66 -25.66 39.73
C LEU D 306 9.23 -25.49 41.18
N LEU D 307 7.96 -25.10 41.39
CA LEU D 307 7.43 -24.98 42.73
C LEU D 307 7.40 -26.33 43.45
N LEU D 308 6.95 -27.38 42.77
CA LEU D 308 6.92 -28.69 43.40
C LEU D 308 8.33 -29.13 43.82
N ALA D 309 9.31 -28.96 42.93
CA ALA D 309 10.70 -29.29 43.24
C ALA D 309 11.22 -28.52 44.44
N ASN D 310 10.93 -27.22 44.52
CA ASN D 310 11.33 -26.45 45.69
C ASN D 310 10.66 -26.94 46.97
N ALA D 311 9.37 -27.26 46.91
CA ALA D 311 8.68 -27.77 48.09
C ALA D 311 9.26 -29.10 48.56
N PHE D 312 9.58 -29.98 47.62
CA PHE D 312 10.27 -31.23 47.96
C PHE D 312 11.63 -30.97 48.59
N HIS D 313 12.43 -30.10 47.99
CA HIS D 313 13.76 -29.82 48.55
C HIS D 313 13.65 -29.23 49.96
N LYS D 314 12.72 -28.31 50.17
CA LYS D 314 12.47 -27.77 51.50
C LYS D 314 12.10 -28.86 52.50
N LYS D 315 11.16 -29.75 52.14
CA LYS D 315 10.74 -30.80 53.04
C LYS D 315 11.85 -31.80 53.35
N LEU D 316 12.70 -32.10 52.37
CA LEU D 316 13.87 -32.94 52.63
C LEU D 316 14.89 -32.26 53.52
N GLU D 317 15.19 -30.99 53.26
CA GLU D 317 16.11 -30.25 54.12
C GLU D 317 15.61 -30.22 55.57
N ASP D 318 14.32 -29.97 55.78
CA ASP D 318 13.74 -30.03 57.11
C ASP D 318 13.68 -31.44 57.69
N ARG D 319 13.94 -32.47 56.88
CA ARG D 319 13.84 -33.88 57.29
C ARG D 319 12.43 -34.26 57.73
N LYS D 320 11.43 -33.54 57.24
CA LYS D 320 10.03 -33.82 57.51
C LYS D 320 9.49 -34.95 56.64
N TRP D 321 10.32 -35.51 55.77
CA TRP D 321 9.88 -36.36 54.66
C TRP D 321 9.07 -37.57 55.16
N HIS D 322 8.25 -38.08 54.26
CA HIS D 322 7.47 -39.30 54.46
C HIS D 322 7.42 -40.07 53.15
N SER D 323 7.30 -41.38 53.26
CA SER D 323 7.35 -42.25 52.09
C SER D 323 6.08 -42.15 51.24
N MET D 324 6.23 -42.50 49.98
CA MET D 324 5.12 -42.78 49.07
C MET D 324 4.34 -44.02 49.51
N ALA D 325 3.12 -44.15 48.99
CA ALA D 325 2.26 -45.28 49.29
C ALA D 325 1.53 -45.71 48.02
N SER D 326 0.94 -46.90 48.09
CA SER D 326 0.02 -47.41 47.07
C SER D 326 -1.40 -47.41 47.62
N LEU D 327 -2.31 -46.74 46.90
CA LEU D 327 -3.68 -46.56 47.32
C LEU D 327 -4.61 -47.46 46.50
N SER D 328 -5.89 -47.47 46.87
CA SER D 328 -6.90 -48.19 46.12
C SER D 328 -8.22 -47.43 46.11
N CYS D 329 -9.02 -47.68 45.08
CA CYS D 329 -10.28 -47.00 44.83
C CYS D 329 -11.41 -48.03 44.82
N ILE D 330 -12.61 -47.57 45.21
CA ILE D 330 -13.81 -48.39 45.30
C ILE D 330 -13.61 -49.51 46.31
N ARG D 331 -12.97 -49.21 47.42
CA ARG D 331 -12.95 -50.10 48.57
C ARG D 331 -13.45 -49.35 49.80
N LYS D 332 -14.17 -50.07 50.66
CA LYS D 332 -14.47 -49.55 51.99
C LYS D 332 -13.21 -49.38 52.81
N ASN D 333 -12.16 -50.13 52.50
CA ASN D 333 -10.87 -50.02 53.16
C ASN D 333 -10.04 -48.84 52.67
N SER D 334 -10.49 -48.13 51.64
CA SER D 334 -9.72 -47.02 51.11
C SER D 334 -9.47 -45.96 52.18
N LYS D 335 -8.25 -45.46 52.22
CA LYS D 335 -7.84 -44.49 53.24
C LYS D 335 -6.90 -43.48 52.60
N PRO D 336 -6.85 -42.26 53.12
CA PRO D 336 -5.95 -41.25 52.55
C PRO D 336 -4.50 -41.53 52.87
N TRP D 337 -3.62 -41.06 51.99
CA TRP D 337 -2.19 -41.06 52.27
C TRP D 337 -1.87 -40.14 53.44
N GLN D 338 -1.26 -40.71 54.48
CA GLN D 338 -0.95 -39.96 55.69
C GLN D 338 0.04 -38.84 55.45
N GLY D 339 0.89 -38.98 54.43
CA GLY D 339 1.78 -37.90 54.05
C GLY D 339 1.09 -36.73 53.36
N GLY D 340 -0.15 -36.93 52.91
CA GLY D 340 -0.80 -35.94 52.08
C GLY D 340 -0.98 -34.59 52.76
N ARG D 341 -1.48 -34.60 54.00
CA ARG D 341 -1.88 -33.36 54.66
C ARG D 341 -0.69 -32.45 54.94
N SER D 342 0.41 -33.01 55.46
CA SER D 342 1.62 -32.21 55.67
C SER D 342 2.29 -31.81 54.35
N MET D 343 2.25 -32.67 53.34
CA MET D 343 2.78 -32.28 52.03
C MET D 343 2.02 -31.09 51.47
N LEU D 344 0.69 -31.15 51.53
CA LEU D 344 -0.14 -30.03 51.10
C LEU D 344 0.18 -28.77 51.88
N GLU D 345 0.21 -28.86 53.21
CA GLU D 345 0.52 -27.70 54.04
C GLU D 345 1.88 -27.09 53.69
N THR D 346 2.87 -27.93 53.39
CA THR D 346 4.17 -27.44 52.95
C THR D 346 4.10 -26.72 51.60
N ILE D 347 3.45 -27.36 50.61
CA ILE D 347 3.35 -26.76 49.28
C ILE D 347 2.59 -25.43 49.32
N LYS D 348 1.53 -25.37 50.12
CA LYS D 348 0.73 -24.16 50.21
C LYS D 348 1.50 -23.02 50.85
N LYS D 349 2.33 -23.32 51.85
CA LYS D 349 3.12 -22.31 52.56
C LYS D 349 4.46 -22.08 51.86
N GLY D 350 4.40 -21.37 50.74
CA GLY D 350 5.62 -21.03 50.03
C GLY D 350 5.32 -20.20 48.79
N GLY D 351 6.34 -20.04 47.96
CA GLY D 351 6.20 -19.35 46.70
C GLY D 351 7.52 -19.12 45.99
N VAL D 352 7.51 -19.00 44.67
CA VAL D 352 8.74 -18.91 43.87
C VAL D 352 8.50 -18.00 42.68
N SER D 353 9.60 -17.48 42.14
CA SER D 353 9.62 -16.75 40.87
C SER D 353 9.67 -17.72 39.69
N GLY D 354 9.32 -17.20 38.52
CA GLY D 354 9.35 -18.02 37.32
C GLY D 354 9.25 -17.19 36.06
N LEU D 355 8.83 -17.88 34.98
CA LEU D 355 8.54 -17.20 33.72
C LEU D 355 7.34 -16.27 33.81
N THR D 356 6.41 -16.57 34.72
CA THR D 356 5.14 -15.86 34.80
C THR D 356 5.14 -14.71 35.79
N GLY D 357 6.28 -14.39 36.39
CA GLY D 357 6.33 -13.52 37.54
C GLY D 357 6.46 -14.33 38.83
N GLU D 358 5.67 -13.99 39.83
CA GLU D 358 5.69 -14.68 41.10
C GLU D 358 4.46 -15.57 41.22
N LEU D 359 4.69 -16.83 41.57
CA LEU D 359 3.63 -17.82 41.77
C LEU D 359 3.56 -18.14 43.26
N GLU D 360 2.40 -17.94 43.85
CA GLU D 360 2.25 -18.03 45.29
C GLU D 360 0.79 -18.20 45.63
N PHE D 361 0.52 -18.62 46.86
CA PHE D 361 -0.85 -18.84 47.31
C PHE D 361 -1.08 -18.17 48.65
N GLY D 362 -2.21 -17.48 48.77
CA GLY D 362 -2.76 -17.15 50.07
C GLY D 362 -3.56 -18.32 50.60
N GLU D 363 -4.17 -18.11 51.77
CA GLU D 363 -5.04 -19.14 52.33
C GLU D 363 -6.21 -19.46 51.41
N ASN D 364 -6.61 -18.50 50.56
CA ASN D 364 -7.63 -18.72 49.55
C ASN D 364 -7.17 -19.63 48.41
N GLY D 365 -5.87 -19.89 48.30
CA GLY D 365 -5.39 -20.82 47.30
C GLY D 365 -5.53 -20.40 45.85
N GLY D 366 -5.32 -19.12 45.55
CA GLY D 366 -5.32 -18.68 44.16
C GLY D 366 -4.32 -17.58 43.85
N ASN D 367 -3.55 -17.77 42.78
CA ASN D 367 -2.54 -16.80 42.37
C ASN D 367 -3.21 -15.51 41.90
N PRO D 368 -2.93 -14.37 42.52
CA PRO D 368 -3.61 -13.12 42.17
C PRO D 368 -2.90 -12.24 41.14
N ASN D 369 -1.70 -12.62 40.70
CA ASN D 369 -0.75 -11.68 40.08
C ASN D 369 -0.96 -11.56 38.58
N VAL D 370 -2.10 -10.99 38.19
CA VAL D 370 -2.49 -10.86 36.79
C VAL D 370 -2.37 -9.38 36.39
N HIS D 371 -1.69 -9.12 35.28
CA HIS D 371 -1.59 -7.77 34.71
C HIS D 371 -2.20 -7.75 33.32
N PHE D 372 -3.24 -6.94 33.13
CA PHE D 372 -3.77 -6.67 31.80
C PHE D 372 -3.09 -5.46 31.17
N GLU D 373 -3.18 -5.36 29.86
CA GLU D 373 -2.58 -4.28 29.08
C GLU D 373 -3.61 -3.84 28.04
N ILE D 374 -3.61 -2.55 27.73
CA ILE D 374 -4.55 -2.00 26.75
C ILE D 374 -3.75 -1.33 25.64
N LEU D 375 -3.87 -1.87 24.44
CA LEU D 375 -3.32 -1.24 23.25
C LEU D 375 -4.29 -0.20 22.70
N GLY D 376 -4.01 0.27 21.49
CA GLY D 376 -4.85 1.24 20.81
C GLY D 376 -4.29 1.44 19.42
N THR D 377 -5.04 2.19 18.61
CA THR D 377 -4.58 2.43 17.24
C THR D 377 -4.97 3.82 16.78
N ASN D 378 -4.21 4.32 15.81
CA ASN D 378 -4.54 5.52 15.05
C ASN D 378 -4.05 5.33 13.62
N TYR D 379 -4.72 6.00 12.68
CA TYR D 379 -4.54 5.73 11.26
C TYR D 379 -4.39 7.03 10.48
N GLY D 380 -3.39 7.06 9.59
CA GLY D 380 -3.01 8.26 8.88
C GLY D 380 -1.51 8.36 8.66
N GLU D 381 -1.10 9.25 7.75
CA GLU D 381 0.30 9.29 7.31
C GLU D 381 1.28 9.67 8.41
N GLU D 382 0.80 10.07 9.59
CA GLU D 382 1.69 10.28 10.72
C GLU D 382 2.10 8.96 11.37
N LEU D 383 1.28 7.92 11.21
CA LEU D 383 1.54 6.60 11.77
C LEU D 383 1.43 5.48 10.75
N GLY D 384 0.96 5.78 9.53
CA GLY D 384 0.50 4.76 8.61
C GLY D 384 -0.75 4.10 9.13
N ARG D 385 -0.62 2.91 9.72
CA ARG D 385 -1.70 2.25 10.45
C ARG D 385 -1.09 1.75 11.77
N GLY D 386 -1.17 2.58 12.79
CA GLY D 386 -0.26 2.48 13.92
C GLY D 386 -0.87 1.79 15.12
N VAL D 387 -0.01 1.08 15.86
CA VAL D 387 -0.36 0.50 17.16
C VAL D 387 0.49 1.18 18.22
N ARG D 388 -0.16 1.69 19.26
CA ARG D 388 0.54 2.31 20.37
C ARG D 388 -0.08 1.91 21.71
N LYS D 389 0.79 1.64 22.69
CA LYS D 389 0.36 1.30 24.03
C LYS D 389 -0.33 2.49 24.69
N LEU D 390 -1.45 2.23 25.37
CA LEU D 390 -2.17 3.30 26.06
C LEU D 390 -2.24 3.15 27.58
N GLY D 391 -1.92 2.00 28.16
CA GLY D 391 -2.04 1.89 29.59
C GLY D 391 -1.84 0.47 30.09
N CYS D 392 -2.14 0.29 31.37
CA CYS D 392 -2.09 -1.00 32.06
C CYS D 392 -3.21 -1.05 33.09
N TRP D 393 -3.61 -2.27 33.46
CA TRP D 393 -4.68 -2.45 34.43
C TRP D 393 -4.34 -3.63 35.33
N ASN D 394 -4.50 -3.45 36.65
CA ASN D 394 -4.40 -4.54 37.59
C ASN D 394 -5.37 -4.29 38.74
N PRO D 395 -5.79 -5.34 39.45
CA PRO D 395 -6.97 -5.20 40.33
C PRO D 395 -6.71 -4.39 41.58
N VAL D 396 -5.45 -4.14 41.94
CA VAL D 396 -5.15 -3.29 43.08
C VAL D 396 -5.34 -1.81 42.76
N THR D 397 -5.18 -1.39 41.51
CA THR D 397 -4.97 0.02 41.23
C THR D 397 -5.95 0.57 40.20
N GLY D 398 -6.40 -0.28 39.29
CA GLY D 398 -7.22 0.23 38.21
C GLY D 398 -6.44 1.03 37.17
N LEU D 399 -7.20 1.60 36.24
CA LEU D 399 -6.67 2.04 34.96
C LEU D 399 -5.59 3.11 35.14
N ASN D 400 -4.41 2.85 34.59
CA ASN D 400 -3.33 3.83 34.50
C ASN D 400 -3.23 4.36 33.08
N GLY D 401 -3.12 5.67 32.95
CA GLY D 401 -3.23 6.35 31.68
C GLY D 401 -4.61 6.96 31.47
N SER D 402 -4.82 7.44 30.25
CA SER D 402 -6.15 7.84 29.82
C SER D 402 -6.25 7.74 28.31
N LEU D 403 -7.48 7.50 27.83
CA LEU D 403 -7.70 6.91 26.52
C LEU D 403 -8.37 7.84 25.52
N THR D 404 -9.07 8.87 25.97
CA THR D 404 -9.85 9.73 25.08
C THR D 404 -9.04 10.83 24.42
N ASP D 405 -7.71 10.73 24.41
CA ASP D 405 -6.88 11.83 23.93
C ASP D 405 -7.18 12.16 22.47
N LYS D 406 -6.99 11.17 21.59
CA LYS D 406 -6.90 11.31 20.13
C LYS D 406 -5.68 12.13 19.72
N LYS D 407 -5.49 13.30 20.33
CA LYS D 407 -4.24 14.03 20.23
C LYS D 407 -4.05 14.85 21.49
N LEU D 408 -2.82 15.25 21.75
CA LEU D 408 -2.60 16.46 22.52
C LEU D 408 -3.23 17.64 21.79
N GLU D 409 -4.12 18.36 22.49
CA GLU D 409 -4.99 19.31 21.81
C GLU D 409 -4.26 20.61 21.50
N ASN D 410 -3.06 20.49 20.93
CA ASN D 410 -2.29 21.66 20.52
C ASN D 410 -3.03 22.45 19.45
N ASN D 411 -3.26 23.72 19.73
CA ASN D 411 -3.76 24.67 18.75
C ASN D 411 -2.78 25.85 18.67
N MET D 412 -2.51 26.31 17.45
CA MET D 412 -1.46 27.31 17.21
C MET D 412 -1.88 28.72 17.59
N ARG D 413 -2.63 28.87 18.68
CA ARG D 413 -3.17 30.18 19.06
C ARG D 413 -2.06 31.19 19.33
N GLY D 414 -2.19 32.38 18.73
CA GLY D 414 -1.19 33.42 18.85
C GLY D 414 0.08 33.25 18.03
N VAL D 415 0.22 32.14 17.30
CA VAL D 415 1.36 32.00 16.41
C VAL D 415 1.16 32.86 15.18
N VAL D 416 2.21 33.57 14.77
CA VAL D 416 2.15 34.53 13.68
C VAL D 416 3.00 34.00 12.52
N LEU D 417 2.37 33.86 11.35
CA LEU D 417 3.02 33.35 10.16
C LEU D 417 2.78 34.30 9.00
N ARG D 418 3.81 34.50 8.17
CA ARG D 418 3.75 35.41 7.04
C ARG D 418 3.66 34.58 5.77
N VAL D 419 2.54 34.69 5.06
CA VAL D 419 2.17 33.72 4.02
C VAL D 419 2.29 34.36 2.65
N VAL D 420 3.22 33.87 1.85
CA VAL D 420 3.46 34.33 0.47
C VAL D 420 2.49 33.60 -0.45
N THR D 421 2.03 34.28 -1.49
CA THR D 421 1.14 33.63 -2.46
C THR D 421 1.39 34.17 -3.85
N VAL D 422 0.89 33.42 -4.85
CA VAL D 422 0.97 33.77 -6.25
C VAL D 422 -0.43 33.72 -6.84
N LEU D 423 -0.81 34.78 -7.55
CA LEU D 423 -2.19 34.92 -8.02
C LEU D 423 -2.44 34.02 -9.21
N GLU D 424 -3.55 33.27 -9.15
CA GLU D 424 -3.93 32.36 -10.22
C GLU D 424 -5.40 31.98 -10.05
N GLU D 425 -6.17 32.09 -11.12
CA GLU D 425 -7.59 31.78 -11.09
C GLU D 425 -7.78 30.26 -11.15
N PRO D 426 -8.75 29.71 -10.41
CA PRO D 426 -9.61 30.29 -9.37
C PRO D 426 -8.99 30.19 -7.98
N PHE D 427 -7.75 29.74 -7.93
CA PHE D 427 -7.10 29.42 -6.67
C PHE D 427 -6.88 30.65 -5.79
N VAL D 428 -6.57 31.82 -6.38
CA VAL D 428 -6.50 33.08 -5.66
C VAL D 428 -6.81 34.27 -6.58
N MET D 429 -7.82 35.06 -6.23
CA MET D 429 -8.14 36.28 -6.97
C MET D 429 -8.43 37.43 -6.01
N VAL D 430 -8.26 38.64 -6.52
CA VAL D 430 -8.55 39.85 -5.74
C VAL D 430 -10.05 40.01 -5.61
N SER D 431 -10.50 40.58 -4.48
CA SER D 431 -11.94 40.79 -4.33
C SER D 431 -12.32 42.12 -3.69
N GLU D 432 -11.59 42.55 -2.66
CA GLU D 432 -11.83 43.86 -2.05
C GLU D 432 -11.08 44.93 -2.83
N ASN D 433 -11.80 45.62 -3.73
CA ASN D 433 -11.26 46.75 -4.46
C ASN D 433 -11.52 48.08 -3.76
N VAL D 434 -12.00 48.07 -2.51
CA VAL D 434 -12.13 49.29 -1.75
C VAL D 434 -10.76 49.94 -1.53
N LEU D 435 -10.76 51.28 -1.51
CA LEU D 435 -9.58 52.13 -1.58
C LEU D 435 -8.83 52.00 -2.90
N GLY D 436 -9.35 51.20 -3.82
CA GLY D 436 -8.73 51.05 -5.12
C GLY D 436 -7.49 50.18 -5.13
N LYS D 437 -7.41 49.21 -4.24
CA LYS D 437 -6.22 48.40 -4.06
C LYS D 437 -6.62 46.95 -3.89
N PRO D 438 -5.71 46.01 -4.15
CA PRO D 438 -5.97 44.61 -3.78
C PRO D 438 -5.83 44.38 -2.28
N LYS D 439 -6.89 44.69 -1.52
CA LYS D 439 -6.79 44.72 -0.07
C LYS D 439 -7.13 43.37 0.57
N LYS D 440 -7.93 42.54 -0.07
CA LYS D 440 -8.16 41.18 0.40
C LYS D 440 -8.31 40.22 -0.77
N TYR D 441 -8.03 38.95 -0.49
CA TYR D 441 -8.05 37.87 -1.46
C TYR D 441 -9.02 36.78 -1.03
N GLN D 442 -9.64 36.12 -1.99
CA GLN D 442 -10.48 34.97 -1.71
C GLN D 442 -10.41 33.98 -2.86
N GLY D 443 -10.82 32.74 -2.56
CA GLY D 443 -10.71 31.62 -3.49
C GLY D 443 -10.41 30.32 -2.78
N PHE D 444 -10.47 29.20 -3.51
CA PHE D 444 -10.42 27.87 -2.90
C PHE D 444 -9.25 27.74 -1.94
N SER D 445 -8.05 28.15 -2.37
CA SER D 445 -6.87 27.97 -1.53
C SER D 445 -6.97 28.83 -0.29
N ILE D 446 -7.57 30.01 -0.42
CA ILE D 446 -7.78 30.89 0.71
C ILE D 446 -8.87 30.34 1.62
N ASP D 447 -9.91 29.73 1.05
CA ASP D 447 -10.89 29.02 1.86
C ASP D 447 -10.27 27.91 2.70
N VAL D 448 -9.36 27.13 2.12
CA VAL D 448 -8.70 26.06 2.89
C VAL D 448 -7.78 26.63 3.95
N LEU D 449 -7.07 27.71 3.63
CA LEU D 449 -6.27 28.37 4.65
C LEU D 449 -7.14 28.95 5.75
N ASP D 450 -8.26 29.58 5.40
CA ASP D 450 -9.14 30.12 6.43
C ASP D 450 -9.73 29.02 7.30
N ALA D 451 -10.00 27.85 6.72
CA ALA D 451 -10.45 26.70 7.51
C ALA D 451 -9.41 26.30 8.56
N LEU D 452 -8.14 26.31 8.17
CA LEU D 452 -7.09 26.09 9.16
C LEU D 452 -6.99 27.25 10.14
N SER D 453 -7.16 28.49 9.66
CA SER D 453 -7.07 29.63 10.55
C SER D 453 -8.16 29.60 11.61
N ASN D 454 -9.35 29.16 11.23
CA ASN D 454 -10.46 29.01 12.17
C ASN D 454 -10.24 27.88 13.15
N TYR D 455 -9.65 26.75 12.70
CA TYR D 455 -9.53 25.65 13.65
C TYR D 455 -8.30 25.81 14.55
N LEU D 456 -7.14 26.12 13.96
CA LEU D 456 -5.89 26.19 14.70
C LEU D 456 -5.65 27.56 15.34
N GLY D 457 -6.25 28.62 14.81
CA GLY D 457 -6.23 29.91 15.48
C GLY D 457 -4.93 30.69 15.42
N PHE D 458 -4.01 30.33 14.53
CA PHE D 458 -2.92 31.26 14.19
C PHE D 458 -3.49 32.51 13.51
N ASN D 459 -2.63 33.51 13.36
CA ASN D 459 -2.93 34.70 12.57
C ASN D 459 -1.82 34.96 11.56
N TYR D 460 -2.19 35.55 10.43
CA TYR D 460 -1.31 35.59 9.27
C TYR D 460 -1.57 36.85 8.45
N GLU D 461 -0.56 37.26 7.69
CA GLU D 461 -0.68 38.27 6.65
C GLU D 461 -0.27 37.71 5.30
N ILE D 462 -1.14 37.86 4.29
CA ILE D 462 -0.83 37.45 2.93
C ILE D 462 -0.03 38.54 2.22
N TYR D 463 0.89 38.14 1.35
CA TYR D 463 1.49 39.05 0.38
C TYR D 463 1.83 38.28 -0.90
N VAL D 464 1.92 39.02 -2.01
CA VAL D 464 2.05 38.45 -3.35
C VAL D 464 3.52 38.39 -3.76
N ALA D 465 3.91 37.24 -4.31
CA ALA D 465 5.30 37.00 -4.66
C ALA D 465 5.80 38.04 -5.66
N PRO D 466 7.05 38.50 -5.53
CA PRO D 466 7.45 39.76 -6.17
C PRO D 466 7.41 39.74 -7.69
N ASP D 467 7.47 38.57 -8.33
CA ASP D 467 7.54 38.54 -9.79
C ASP D 467 6.61 37.48 -10.39
N HIS D 468 5.52 37.16 -9.71
CA HIS D 468 4.40 36.41 -10.27
C HIS D 468 4.81 35.05 -10.85
N LYS D 469 5.88 34.44 -10.35
CA LYS D 469 6.29 33.15 -10.90
C LYS D 469 6.66 32.17 -9.78
N TYR D 470 6.31 30.91 -10.00
CA TYR D 470 6.87 29.80 -9.23
C TYR D 470 8.35 29.64 -9.55
N GLY D 471 9.10 29.11 -8.58
CA GLY D 471 10.54 29.13 -8.67
C GLY D 471 11.07 28.18 -9.72
N SER D 472 12.23 28.51 -10.27
CA SER D 472 13.08 27.62 -11.04
C SER D 472 14.50 27.76 -10.54
N PRO D 473 15.35 26.75 -10.74
CA PRO D 473 16.74 26.84 -10.29
C PRO D 473 17.56 27.68 -11.26
N GLN D 474 18.20 28.73 -10.73
CA GLN D 474 19.08 29.56 -11.52
C GLN D 474 20.48 28.93 -11.62
N GLU D 475 21.21 29.34 -12.64
CA GLU D 475 22.49 28.70 -12.94
C GLU D 475 23.52 28.91 -11.83
N ASP D 476 23.40 29.99 -11.07
CA ASP D 476 24.31 30.20 -9.95
C ASP D 476 23.96 29.37 -8.71
N GLY D 477 22.79 28.74 -8.68
CA GLY D 477 22.36 28.01 -7.51
C GLY D 477 21.37 28.71 -6.61
N THR D 478 20.88 29.88 -7.00
CA THR D 478 19.76 30.52 -6.32
C THR D 478 18.44 30.04 -6.90
N TRP D 479 17.36 30.39 -6.21
CA TRP D 479 16.01 30.12 -6.66
C TRP D 479 15.23 31.43 -6.72
N ASN D 480 14.52 31.64 -7.81
CA ASN D 480 13.66 32.80 -7.98
C ASN D 480 12.28 32.54 -7.39
N GLY D 481 11.44 33.56 -7.40
CA GLY D 481 10.00 33.38 -7.21
C GLY D 481 9.57 32.78 -5.89
N LEU D 482 8.41 32.12 -5.94
CA LEU D 482 7.77 31.57 -4.74
C LEU D 482 8.67 30.64 -3.94
N VAL D 483 9.61 29.95 -4.58
CA VAL D 483 10.50 29.10 -3.79
C VAL D 483 11.70 29.89 -3.28
N GLY D 484 12.12 30.91 -4.02
CA GLY D 484 13.18 31.77 -3.53
C GLY D 484 12.78 32.48 -2.26
N GLU D 485 11.53 32.97 -2.22
CA GLU D 485 11.06 33.69 -1.04
C GLU D 485 11.18 32.85 0.22
N LEU D 486 11.13 31.53 0.09
CA LEU D 486 11.29 30.63 1.22
C LEU D 486 12.75 30.23 1.47
N VAL D 487 13.56 30.19 0.41
CA VAL D 487 14.97 29.86 0.60
C VAL D 487 15.68 30.93 1.42
N PHE D 488 15.34 32.20 1.22
CA PHE D 488 15.91 33.30 2.00
C PHE D 488 15.13 33.62 3.27
N LYS D 489 14.14 32.80 3.63
CA LYS D 489 13.35 32.99 4.86
C LYS D 489 12.64 34.34 4.87
N ARG D 490 12.05 34.72 3.74
CA ARG D 490 11.18 35.90 3.72
C ARG D 490 9.73 35.56 4.05
N ALA D 491 9.36 34.28 3.99
CA ALA D 491 8.04 33.84 4.40
C ALA D 491 8.18 32.51 5.13
N ASP D 492 7.13 32.13 5.86
CA ASP D 492 7.13 30.85 6.57
C ASP D 492 6.18 29.83 5.97
N ILE D 493 5.23 30.24 5.15
CA ILE D 493 4.38 29.31 4.40
C ILE D 493 4.17 29.88 3.01
N GLY D 494 4.15 28.99 2.02
CA GLY D 494 3.67 29.34 0.69
C GLY D 494 2.44 28.52 0.35
N ILE D 495 1.49 29.15 -0.34
CA ILE D 495 0.28 28.44 -0.74
C ILE D 495 -0.29 29.03 -2.03
N SER D 496 -0.34 28.18 -3.06
CA SER D 496 -0.92 28.51 -4.36
C SER D 496 -1.09 27.22 -5.14
N ALA D 497 -1.13 27.30 -6.47
CA ALA D 497 -1.18 26.09 -7.30
C ALA D 497 0.14 25.32 -7.26
N LEU D 498 0.97 25.59 -6.25
CA LEU D 498 2.30 25.01 -6.15
C LEU D 498 2.24 23.50 -6.07
N THR D 499 2.91 22.83 -7.01
CA THR D 499 2.76 21.40 -7.25
C THR D 499 4.01 20.65 -6.82
N ILE D 500 3.83 19.57 -6.06
CA ILE D 500 4.94 18.78 -5.53
C ILE D 500 5.69 18.13 -6.69
N THR D 501 7.00 18.38 -6.76
CA THR D 501 7.86 17.76 -7.76
C THR D 501 9.24 17.54 -7.17
N PRO D 502 10.01 16.59 -7.69
CA PRO D 502 11.31 16.26 -7.10
C PRO D 502 12.36 17.37 -7.14
N ASP D 503 12.22 18.36 -8.02
CA ASP D 503 13.11 19.51 -7.96
C ASP D 503 12.88 20.35 -6.71
N ARG D 504 11.63 20.53 -6.31
CA ARG D 504 11.35 21.39 -5.16
C ARG D 504 11.62 20.71 -3.83
N GLU D 505 11.39 19.41 -3.74
CA GLU D 505 11.67 18.65 -2.52
C GLU D 505 13.12 18.73 -2.06
N ASN D 506 14.03 19.29 -2.86
CA ASN D 506 15.37 19.58 -2.37
C ASN D 506 15.41 20.75 -1.41
N VAL D 507 14.49 21.71 -1.52
CA VAL D 507 14.71 23.00 -0.89
C VAL D 507 13.50 23.52 -0.12
N VAL D 508 12.36 22.81 -0.20
CA VAL D 508 11.21 23.12 0.64
C VAL D 508 10.53 21.82 1.04
N ASP D 509 9.77 21.89 2.13
CA ASP D 509 9.05 20.76 2.68
C ASP D 509 7.55 20.90 2.43
N PHE D 510 6.95 19.90 1.80
CA PHE D 510 5.53 19.91 1.47
C PHE D 510 4.74 19.08 2.48
N THR D 511 3.52 19.55 2.78
CA THR D 511 2.53 18.73 3.47
C THR D 511 1.99 17.65 2.53
N THR D 512 1.20 16.74 3.12
CA THR D 512 0.32 15.87 2.33
C THR D 512 -0.53 16.70 1.37
N ARG D 513 -0.84 16.10 0.22
CA ARG D 513 -1.54 16.83 -0.84
C ARG D 513 -3.04 16.89 -0.57
N TYR D 514 -3.61 18.09 -0.77
CA TYR D 514 -5.01 18.34 -0.48
C TYR D 514 -5.91 18.17 -1.70
N MET D 515 -5.39 17.63 -2.81
CA MET D 515 -6.18 17.53 -4.04
C MET D 515 -5.48 16.59 -5.03
N ASP D 516 -5.87 16.63 -6.31
CA ASP D 516 -5.14 15.94 -7.36
C ASP D 516 -4.97 16.83 -8.58
N TYR D 517 -3.85 16.63 -9.27
CA TYR D 517 -3.48 17.38 -10.47
C TYR D 517 -3.67 16.49 -11.69
N SER D 518 -4.27 17.06 -12.74
CA SER D 518 -4.39 16.34 -14.01
C SER D 518 -4.39 17.32 -15.17
N VAL D 519 -3.94 16.83 -16.32
CA VAL D 519 -3.76 17.63 -17.53
C VAL D 519 -4.99 17.47 -18.42
N GLY D 520 -5.55 18.59 -18.86
CA GLY D 520 -6.77 18.55 -19.66
C GLY D 520 -6.62 19.22 -21.01
N VAL D 521 -7.72 19.32 -21.77
CA VAL D 521 -7.72 20.00 -23.05
C VAL D 521 -8.96 20.88 -23.12
N LEU D 522 -8.82 22.03 -23.78
CA LEU D 522 -9.93 22.95 -24.01
C LEU D 522 -10.29 22.95 -25.49
N LEU D 523 -11.58 22.87 -25.80
CA LEU D 523 -12.05 22.83 -27.18
C LEU D 523 -13.34 23.65 -27.29
N ARG D 524 -13.55 24.22 -28.47
CA ARG D 524 -14.75 25.01 -28.73
C ARG D 524 -15.97 24.12 -28.89
N THR D 525 -39.11 -0.77 -86.84
CA THR D 525 -38.31 -1.90 -86.39
C THR D 525 -38.51 -2.17 -84.90
N LEU D 526 -38.22 -3.40 -84.48
CA LEU D 526 -38.31 -3.76 -83.07
C LEU D 526 -37.39 -2.90 -82.21
N ALA D 527 -36.21 -2.57 -82.73
CA ALA D 527 -35.30 -1.70 -81.99
C ALA D 527 -35.84 -0.27 -81.87
N THR D 528 -36.40 0.27 -82.95
CA THR D 528 -36.97 1.61 -82.89
C THR D 528 -38.32 1.66 -82.20
N ARG D 529 -39.05 0.54 -82.13
CA ARG D 529 -40.18 0.42 -81.22
C ARG D 529 -39.72 0.44 -79.76
N MET D 530 -38.66 -0.31 -79.45
CA MET D 530 -38.15 -0.36 -78.09
C MET D 530 -37.47 0.94 -77.65
N MET D 531 -36.95 1.71 -78.59
CA MET D 531 -36.07 2.85 -78.29
C MET D 531 -36.65 3.80 -77.24
N MET D 532 -37.92 4.18 -77.36
CA MET D 532 -38.49 5.08 -76.35
C MET D 532 -38.58 4.44 -74.97
N GLY D 533 -39.00 3.18 -74.89
CA GLY D 533 -38.98 2.48 -73.60
C GLY D 533 -37.59 2.27 -73.04
N ALA D 534 -36.62 2.03 -73.92
CA ALA D 534 -35.22 1.94 -73.51
C ALA D 534 -34.67 3.26 -73.00
N TRP D 535 -35.03 4.36 -73.63
CA TRP D 535 -34.73 5.69 -73.09
C TRP D 535 -35.35 5.90 -71.71
N TRP D 536 -36.64 5.60 -71.57
CA TRP D 536 -37.31 5.73 -70.27
C TRP D 536 -36.63 4.87 -69.20
N LEU D 537 -36.29 3.62 -69.54
CA LEU D 537 -35.54 2.76 -68.64
C LEU D 537 -34.16 3.32 -68.29
N PHE D 538 -33.47 3.90 -69.28
CA PHE D 538 -32.18 4.52 -68.98
C PHE D 538 -32.33 5.71 -68.04
N ALA D 539 -33.40 6.50 -68.22
CA ALA D 539 -33.73 7.56 -67.27
C ALA D 539 -33.96 7.02 -65.86
N LEU D 540 -34.70 5.92 -65.75
CA LEU D 540 -34.87 5.26 -64.45
C LEU D 540 -33.55 4.74 -63.88
N ILE D 541 -32.69 4.18 -64.72
CA ILE D 541 -31.37 3.73 -64.30
C ILE D 541 -30.54 4.90 -63.77
N VAL D 542 -30.57 6.02 -64.48
CA VAL D 542 -29.87 7.23 -64.03
C VAL D 542 -30.42 7.71 -62.69
N ILE D 543 -31.75 7.78 -62.57
CA ILE D 543 -32.37 8.19 -61.31
C ILE D 543 -31.95 7.27 -60.16
N SER D 544 -31.94 5.96 -60.40
CA SER D 544 -31.55 5.01 -59.35
C SER D 544 -30.07 5.16 -58.98
N SER D 545 -29.20 5.28 -59.97
CA SER D 545 -27.78 5.49 -59.72
C SER D 545 -27.53 6.77 -58.93
N TYR D 546 -28.18 7.86 -59.34
CA TYR D 546 -28.09 9.12 -58.63
C TYR D 546 -28.61 8.99 -57.20
N THR D 547 -29.72 8.27 -57.00
CA THR D 547 -30.28 8.12 -55.67
C THR D 547 -29.35 7.32 -54.76
N ALA D 548 -28.79 6.22 -55.25
CA ALA D 548 -27.83 5.45 -54.47
C ALA D 548 -26.56 6.25 -54.17
N ASN D 549 -26.05 6.99 -55.16
CA ASN D 549 -24.89 7.85 -54.92
C ASN D 549 -25.20 8.91 -53.87
N LEU D 550 -26.36 9.56 -53.98
CA LEU D 550 -26.80 10.55 -53.00
C LEU D 550 -26.90 9.96 -51.60
N ALA D 551 -27.53 8.78 -51.48
CA ALA D 551 -27.61 8.11 -50.19
C ALA D 551 -26.23 7.82 -49.60
N ALA D 552 -25.32 7.31 -50.42
CA ALA D 552 -23.95 7.09 -49.92
C ALA D 552 -23.30 8.41 -49.52
N PHE D 553 -23.59 9.47 -50.27
CA PHE D 553 -23.10 10.81 -49.94
C PHE D 553 -23.70 11.31 -48.63
N LEU D 554 -25.00 11.08 -48.44
CA LEU D 554 -25.71 11.60 -47.28
C LEU D 554 -25.45 10.79 -46.01
N THR D 555 -25.33 9.46 -46.13
CA THR D 555 -25.43 8.60 -44.96
C THR D 555 -24.24 8.76 -44.01
N ILE D 556 -23.19 9.47 -44.42
CA ILE D 556 -22.16 9.89 -43.48
C ILE D 556 -22.72 10.82 -42.41
N THR D 557 -23.88 11.42 -42.66
CA THR D 557 -24.65 12.08 -41.61
C THR D 557 -24.87 11.15 -40.43
N ARG D 558 -24.66 11.69 -39.22
CA ARG D 558 -24.78 10.98 -37.95
C ARG D 558 -23.77 9.85 -37.77
N ILE D 559 -23.25 9.30 -38.87
CA ILE D 559 -22.00 8.55 -38.78
C ILE D 559 -20.88 9.43 -38.23
N GLU D 560 -20.68 10.59 -38.85
CA GLU D 560 -19.69 11.56 -38.39
C GLU D 560 -19.96 12.02 -36.97
N SER D 561 -19.10 11.63 -36.04
CA SER D 561 -19.30 11.87 -34.62
C SER D 561 -17.93 12.09 -33.99
N SER D 562 -17.88 12.98 -32.99
CA SER D 562 -16.62 13.27 -32.35
C SER D 562 -16.80 13.53 -30.86
N ILE D 563 -15.85 13.03 -30.07
CA ILE D 563 -15.82 13.14 -28.61
C ILE D 563 -14.35 13.28 -28.22
N GLN D 564 -13.57 12.28 -28.61
CA GLN D 564 -12.12 12.18 -28.37
C GLN D 564 -11.74 11.95 -26.92
N SER D 565 -10.72 11.12 -26.73
CA SER D 565 -9.79 11.14 -25.62
C SER D 565 -8.49 11.81 -26.08
N LEU D 566 -7.58 12.02 -25.14
CA LEU D 566 -6.29 12.60 -25.52
C LEU D 566 -5.60 11.73 -26.56
N GLN D 567 -5.75 10.41 -26.46
CA GLN D 567 -5.20 9.53 -27.47
C GLN D 567 -5.78 9.84 -28.84
N ASP D 568 -7.10 10.07 -28.91
CA ASP D 568 -7.75 10.41 -30.17
C ASP D 568 -7.28 11.77 -30.68
N LEU D 569 -7.15 12.76 -29.79
CA LEU D 569 -6.56 14.03 -30.17
C LEU D 569 -5.15 13.85 -30.72
N SER D 570 -4.42 12.85 -30.22
CA SER D 570 -3.10 12.55 -30.73
C SER D 570 -3.15 11.73 -32.02
N LYS D 571 -4.29 11.14 -32.35
CA LYS D 571 -4.43 10.37 -33.57
C LYS D 571 -5.15 11.13 -34.68
N GLN D 572 -6.04 12.06 -34.34
CA GLN D 572 -6.50 13.02 -35.33
C GLN D 572 -5.39 14.01 -35.65
N THR D 573 -5.56 14.73 -36.78
CA THR D 573 -4.62 15.78 -37.16
C THR D 573 -5.32 16.97 -37.80
N GLU D 574 -6.63 17.10 -37.62
CA GLU D 574 -7.37 18.24 -38.14
C GLU D 574 -7.36 19.45 -37.20
N ILE D 575 -7.12 19.25 -35.92
CA ILE D 575 -7.10 20.32 -34.93
C ILE D 575 -5.64 20.53 -34.50
N PRO D 576 -5.08 21.73 -34.68
CA PRO D 576 -3.79 22.04 -34.06
C PRO D 576 -3.94 22.34 -32.58
N TYR D 577 -2.91 21.98 -31.82
CA TYR D 577 -2.93 22.21 -30.38
C TYR D 577 -1.52 22.45 -29.87
N GLY D 578 -1.44 23.14 -28.75
CA GLY D 578 -0.17 23.53 -28.18
C GLY D 578 -0.32 24.05 -26.77
N THR D 579 0.68 24.81 -26.33
CA THR D 579 0.80 25.13 -24.91
C THR D 579 1.64 26.39 -24.76
N VAL D 580 1.69 26.90 -23.53
CA VAL D 580 2.58 28.00 -23.19
C VAL D 580 4.02 27.52 -23.17
N LEU D 581 4.88 28.20 -23.92
CA LEU D 581 6.26 27.78 -24.08
C LEU D 581 6.97 27.64 -22.75
N ASP D 582 7.77 26.59 -22.63
CA ASP D 582 8.64 26.32 -21.47
C ASP D 582 7.87 26.24 -20.16
N SER D 583 6.57 26.02 -20.21
CA SER D 583 5.83 25.72 -19.00
C SER D 583 6.20 24.33 -18.47
N ALA D 584 5.79 24.06 -17.23
CA ALA D 584 5.95 22.72 -16.69
C ALA D 584 5.23 21.68 -17.53
N VAL D 585 4.12 22.07 -18.17
CA VAL D 585 3.43 21.20 -19.10
C VAL D 585 4.30 20.93 -20.33
N TYR D 586 4.94 21.98 -20.86
CA TYR D 586 5.84 21.79 -22.00
C TYR D 586 6.97 20.82 -21.68
N GLU D 587 7.65 21.00 -20.56
CA GLU D 587 8.70 20.05 -20.17
C GLU D 587 8.15 18.66 -19.89
N HIS D 588 6.96 18.58 -19.30
CA HIS D 588 6.31 17.29 -19.06
C HIS D 588 6.00 16.56 -20.36
N VAL D 589 5.72 17.28 -21.43
CA VAL D 589 5.67 16.63 -22.74
C VAL D 589 7.06 16.30 -23.26
N ARG D 590 8.01 17.24 -23.13
CA ARG D 590 9.31 17.08 -23.75
C ARG D 590 10.08 15.88 -23.22
N MET D 591 9.89 15.53 -21.94
CA MET D 591 10.38 14.22 -21.50
C MET D 591 9.65 13.09 -22.20
N LYS D 592 8.31 13.09 -22.11
CA LYS D 592 7.52 11.98 -22.63
C LYS D 592 7.61 11.87 -24.14
N GLY D 593 7.98 12.95 -24.84
CA GLY D 593 8.20 12.93 -26.27
C GLY D 593 9.49 12.27 -26.72
N LEU D 594 10.40 11.96 -25.81
CA LEU D 594 11.72 11.50 -26.22
C LEU D 594 12.14 10.19 -25.57
N ASN D 595 11.70 9.97 -24.32
CA ASN D 595 12.09 8.78 -23.59
C ASN D 595 11.68 7.53 -24.37
N PRO D 596 12.63 6.70 -24.81
CA PRO D 596 12.27 5.51 -25.60
C PRO D 596 11.75 4.36 -24.77
N PHE D 597 11.76 4.48 -23.45
CA PHE D 597 11.34 3.41 -22.55
C PHE D 597 9.95 3.63 -21.98
N GLU D 598 9.25 4.67 -22.41
CA GLU D 598 7.92 4.96 -21.88
C GLU D 598 6.89 4.04 -22.52
N ARG D 599 5.91 3.64 -21.70
CA ARG D 599 4.95 2.61 -22.10
C ARG D 599 3.79 3.13 -22.93
N ASP D 600 3.55 4.44 -22.96
CA ASP D 600 2.52 5.02 -23.80
C ASP D 600 3.13 5.90 -24.88
N SER D 601 2.96 5.50 -26.13
CA SER D 601 3.51 6.20 -27.29
C SER D 601 2.75 7.48 -27.61
N MET D 602 1.59 7.70 -26.97
CA MET D 602 0.74 8.84 -27.25
C MET D 602 1.50 10.17 -27.27
N TYR D 603 2.27 10.44 -26.21
CA TYR D 603 2.87 11.75 -26.03
C TYR D 603 3.84 12.09 -27.17
N SER D 604 4.56 11.10 -27.70
CA SER D 604 5.51 11.37 -28.78
C SER D 604 4.81 12.02 -29.98
N GLN D 605 3.59 11.60 -30.28
CA GLN D 605 2.86 12.22 -31.39
C GLN D 605 2.49 13.65 -31.05
N MET D 606 2.13 13.90 -29.80
CA MET D 606 1.87 15.26 -29.37
C MET D 606 3.15 16.09 -29.44
N TRP D 607 4.29 15.49 -29.13
CA TRP D 607 5.55 16.21 -29.27
C TRP D 607 5.80 16.60 -30.73
N TRP D 608 5.41 15.75 -31.67
CA TRP D 608 5.44 16.09 -33.09
C TRP D 608 4.37 17.08 -33.51
N MET D 609 3.38 17.35 -32.67
CA MET D 609 2.55 18.53 -32.90
C MET D 609 3.17 19.79 -32.32
N ILE D 610 3.67 19.71 -31.09
CA ILE D 610 4.12 20.89 -30.36
C ILE D 610 5.44 21.43 -30.91
N ASN D 611 6.36 20.55 -31.26
CA ASN D 611 7.74 20.94 -31.52
C ASN D 611 7.96 21.54 -32.90
N ARG D 612 6.92 21.66 -33.73
CA ARG D 612 7.10 22.09 -35.11
C ARG D 612 7.73 23.47 -35.16
N SER D 613 8.69 23.63 -36.07
CA SER D 613 9.53 24.82 -36.22
C SER D 613 10.09 25.28 -34.88
N ASN D 614 10.81 24.35 -34.25
CA ASN D 614 11.37 24.53 -32.90
C ASN D 614 10.31 24.97 -31.90
N GLY D 615 9.11 24.41 -32.03
CA GLY D 615 8.02 24.78 -31.14
C GLY D 615 7.40 26.14 -31.38
N SER D 616 7.92 26.93 -32.33
CA SER D 616 7.43 28.28 -32.56
C SER D 616 6.14 28.33 -33.36
N GLU D 617 5.69 27.21 -33.91
CA GLU D 617 4.60 27.19 -34.87
C GLU D 617 3.22 27.15 -34.23
N ASN D 618 3.07 26.40 -33.14
CA ASN D 618 1.77 26.13 -32.55
C ASN D 618 1.59 26.63 -31.13
N ASN D 619 2.61 27.24 -30.53
CA ASN D 619 2.54 27.70 -29.15
C ASN D 619 2.32 29.21 -29.09
N VAL D 620 1.98 29.68 -27.89
CA VAL D 620 1.60 31.07 -27.66
C VAL D 620 2.26 31.56 -26.38
N LEU D 621 2.25 32.88 -26.20
CA LEU D 621 2.85 33.46 -25.00
C LEU D 621 2.01 33.25 -23.74
N GLU D 622 0.69 33.29 -23.86
CA GLU D 622 -0.15 33.24 -22.67
C GLU D 622 -1.46 32.53 -22.94
N SER D 623 -2.05 32.03 -21.85
CA SER D 623 -3.32 31.30 -21.91
C SER D 623 -4.42 32.13 -22.55
N GLN D 624 -4.44 33.44 -22.31
CA GLN D 624 -5.46 34.31 -22.89
C GLN D 624 -5.51 34.20 -24.41
N ALA D 625 -4.36 34.34 -25.07
CA ALA D 625 -4.33 34.26 -26.53
C ALA D 625 -4.71 32.87 -27.04
N GLY D 626 -4.30 31.83 -26.32
CA GLY D 626 -4.74 30.48 -26.63
C GLY D 626 -6.24 30.32 -26.60
N ILE D 627 -6.85 30.67 -25.46
CA ILE D 627 -8.30 30.56 -25.29
C ILE D 627 -9.03 31.33 -26.38
N GLN D 628 -8.59 32.57 -26.64
CA GLN D 628 -9.21 33.38 -27.67
C GLN D 628 -9.07 32.77 -29.06
N LYS D 629 -7.90 32.20 -29.37
CA LYS D 629 -7.74 31.49 -30.65
C LYS D 629 -8.65 30.28 -30.74
N VAL D 630 -8.85 29.56 -29.63
CA VAL D 630 -9.84 28.49 -29.61
C VAL D 630 -11.23 29.02 -29.89
N LYS D 631 -11.59 30.14 -29.27
CA LYS D 631 -12.94 30.68 -29.43
C LYS D 631 -13.16 31.28 -30.82
N TYR D 632 -12.10 31.77 -31.45
CA TYR D 632 -12.22 32.56 -32.68
C TYR D 632 -11.37 31.95 -33.79
N GLY D 633 -11.42 30.63 -33.94
CA GLY D 633 -10.68 29.97 -34.99
C GLY D 633 -10.80 28.46 -34.97
N ASN D 634 -9.73 27.76 -35.33
CA ASN D 634 -9.60 26.33 -35.10
C ASN D 634 -8.30 26.09 -34.32
N TYR D 635 -8.43 25.71 -33.05
CA TYR D 635 -7.28 25.47 -32.19
C TYR D 635 -7.75 24.63 -31.02
N ALA D 636 -6.79 24.00 -30.34
CA ALA D 636 -7.02 23.44 -29.01
C ALA D 636 -5.84 23.76 -28.12
N PHE D 637 -6.09 23.70 -26.81
CA PHE D 637 -5.18 24.31 -25.83
C PHE D 637 -5.02 23.38 -24.65
N VAL D 638 -3.79 23.27 -24.14
CA VAL D 638 -3.43 22.29 -23.13
C VAL D 638 -2.94 23.02 -21.89
N TRP D 639 -3.54 22.70 -20.75
CA TRP D 639 -3.27 23.40 -19.49
C TRP D 639 -3.87 22.56 -18.37
N ASP D 640 -3.92 23.11 -17.16
CA ASP D 640 -4.59 22.43 -16.06
C ASP D 640 -6.05 22.18 -16.41
N ALA D 641 -6.49 20.94 -16.22
CA ALA D 641 -7.93 20.65 -16.31
C ALA D 641 -8.73 21.47 -15.31
N ALA D 642 -8.21 21.57 -14.08
CA ALA D 642 -8.79 22.39 -13.01
C ALA D 642 -8.61 23.89 -13.21
N VAL D 643 -8.39 24.34 -14.44
CA VAL D 643 -8.61 25.74 -14.79
C VAL D 643 -9.40 25.86 -16.08
N LEU D 644 -9.11 24.98 -17.04
CA LEU D 644 -9.91 24.95 -18.26
C LEU D 644 -11.37 24.67 -17.96
N GLU D 645 -11.65 23.76 -17.01
CA GLU D 645 -13.03 23.55 -16.59
C GLU D 645 -13.66 24.83 -16.08
N TYR D 646 -12.91 25.57 -15.25
CA TYR D 646 -13.46 26.80 -14.67
C TYR D 646 -13.74 27.85 -15.74
N VAL D 647 -12.92 27.88 -16.80
CA VAL D 647 -13.21 28.77 -17.92
C VAL D 647 -14.48 28.33 -18.64
N ALA D 648 -14.59 27.04 -18.96
CA ALA D 648 -15.77 26.55 -19.66
C ALA D 648 -17.04 26.76 -18.85
N ILE D 649 -17.01 26.45 -17.56
CA ILE D 649 -18.20 26.54 -16.73
C ILE D 649 -18.62 27.98 -16.47
N ASN D 650 -17.84 28.97 -16.92
CA ASN D 650 -18.24 30.37 -16.82
C ASN D 650 -18.09 31.09 -18.15
N ASP D 651 -18.05 30.36 -19.26
CA ASP D 651 -18.21 30.95 -20.58
C ASP D 651 -19.67 31.33 -20.80
N PRO D 652 -20.00 32.61 -20.95
CA PRO D 652 -21.42 32.99 -21.08
C PRO D 652 -22.08 32.44 -22.34
N ASP D 653 -21.31 32.12 -23.38
CA ASP D 653 -21.85 31.52 -24.59
C ASP D 653 -22.03 30.01 -24.46
N CYS D 654 -21.55 29.41 -23.38
CA CYS D 654 -21.59 27.97 -23.16
C CYS D 654 -21.09 27.20 -24.39
N SER D 655 -19.93 27.63 -24.90
CA SER D 655 -19.44 27.20 -26.19
C SER D 655 -18.19 26.33 -26.09
N PHE D 656 -17.73 26.04 -24.87
CA PHE D 656 -16.52 25.25 -24.64
C PHE D 656 -16.86 23.92 -24.00
N TYR D 657 -16.13 22.88 -24.41
CA TYR D 657 -16.15 21.58 -23.75
C TYR D 657 -14.73 21.09 -23.54
N THR D 658 -14.60 20.10 -22.67
CA THR D 658 -13.29 19.61 -22.23
C THR D 658 -13.34 18.10 -22.06
N ILE D 659 -12.17 17.48 -22.10
CA ILE D 659 -12.03 16.03 -22.11
C ILE D 659 -11.12 15.61 -20.97
N GLY D 660 -11.42 14.46 -20.37
CA GLY D 660 -10.80 14.06 -19.12
C GLY D 660 -9.54 13.23 -19.28
N ASN D 661 -8.67 13.35 -18.27
CA ASN D 661 -7.54 12.45 -18.08
C ASN D 661 -7.22 12.42 -16.59
N THR D 662 -6.54 11.36 -16.15
CA THR D 662 -6.26 11.17 -14.72
C THR D 662 -4.77 10.89 -14.50
N VAL D 663 -3.97 11.96 -14.48
CA VAL D 663 -2.63 11.87 -13.90
C VAL D 663 -2.75 11.67 -12.40
N ALA D 664 -1.71 11.11 -11.79
CA ALA D 664 -1.70 10.85 -10.36
C ALA D 664 -0.31 11.11 -9.80
N ASP D 665 -0.16 10.76 -8.51
CA ASP D 665 0.97 11.13 -7.64
C ASP D 665 1.05 12.63 -7.39
N ARG D 666 1.12 13.43 -8.45
CA ARG D 666 1.19 14.87 -8.29
C ARG D 666 -0.10 15.42 -7.68
N GLY D 667 0.06 16.27 -6.68
CA GLY D 667 -1.05 17.10 -6.25
C GLY D 667 -0.55 18.32 -5.52
N TYR D 668 -1.44 19.31 -5.41
CA TYR D 668 -1.13 20.56 -4.75
C TYR D 668 -0.71 20.32 -3.29
N GLY D 669 -0.07 21.31 -2.69
CA GLY D 669 0.32 21.18 -1.30
C GLY D 669 0.69 22.52 -0.71
N ILE D 670 0.56 22.61 0.62
CA ILE D 670 1.18 23.69 1.37
C ILE D 670 2.68 23.43 1.44
N ALA D 671 3.47 24.47 1.25
CA ALA D 671 4.92 24.37 1.37
C ALA D 671 5.44 25.24 2.51
N LEU D 672 6.34 24.68 3.30
CA LEU D 672 6.93 25.33 4.47
C LEU D 672 8.44 25.44 4.31
N GLN D 673 9.04 26.36 5.08
CA GLN D 673 10.49 26.44 5.14
C GLN D 673 11.09 25.10 5.53
N HIS D 674 12.27 24.82 4.99
CA HIS D 674 12.90 23.52 5.22
C HIS D 674 13.25 23.37 6.69
N GLY D 675 12.70 22.32 7.31
CA GLY D 675 12.86 22.11 8.73
C GLY D 675 11.84 22.77 9.62
N SER D 676 10.75 23.31 9.05
CA SER D 676 9.75 23.97 9.87
C SER D 676 9.03 22.97 10.78
N PRO D 677 8.69 23.36 12.00
CA PRO D 677 8.04 22.42 12.94
C PRO D 677 6.58 22.16 12.67
N TYR D 678 5.89 23.04 11.95
CA TYR D 678 4.44 23.00 11.85
C TYR D 678 3.91 21.99 10.84
N ARG D 679 4.78 21.28 10.12
CA ARG D 679 4.33 20.41 9.04
C ARG D 679 3.33 19.36 9.54
N ASP D 680 3.62 18.76 10.69
CA ASP D 680 2.85 17.62 11.18
C ASP D 680 1.39 17.99 11.41
N VAL D 681 1.16 19.07 12.15
CA VAL D 681 -0.21 19.51 12.45
C VAL D 681 -1.01 19.75 11.18
N PHE D 682 -0.42 20.43 10.19
CA PHE D 682 -1.15 20.67 8.95
C PHE D 682 -1.41 19.37 8.19
N SER D 683 -0.43 18.45 8.19
CA SER D 683 -0.61 17.18 7.49
C SER D 683 -1.77 16.39 8.10
N GLN D 684 -1.80 16.32 9.43
CA GLN D 684 -2.89 15.66 10.12
C GLN D 684 -4.22 16.33 9.82
N ARG D 685 -4.32 17.65 10.02
CA ARG D 685 -5.62 18.28 9.93
C ARG D 685 -6.16 18.28 8.50
N ILE D 686 -5.28 18.28 7.50
CA ILE D 686 -5.72 18.04 6.13
C ILE D 686 -6.23 16.62 5.96
N LEU D 687 -5.48 15.63 6.45
CA LEU D 687 -5.89 14.24 6.30
C LEU D 687 -7.20 13.94 7.02
N GLU D 688 -7.48 14.62 8.12
CA GLU D 688 -8.82 14.57 8.72
C GLU D 688 -9.87 15.25 7.87
N LEU D 689 -9.63 16.51 7.47
CA LEU D 689 -10.63 17.24 6.70
C LEU D 689 -11.00 16.53 5.41
N GLN D 690 -10.10 15.72 4.86
CA GLN D 690 -10.41 14.96 3.65
C GLN D 690 -11.44 13.86 3.87
N GLN D 691 -11.64 13.39 5.10
CA GLN D 691 -12.64 12.37 5.37
C GLN D 691 -14.04 12.90 5.64
N ASN D 692 -14.17 14.11 6.21
CA ASN D 692 -15.48 14.61 6.59
C ASN D 692 -16.40 14.88 5.41
N GLY D 693 -15.83 15.10 4.21
CA GLY D 693 -16.55 15.74 3.13
C GLY D 693 -16.57 17.25 3.14
N ASP D 694 -16.10 17.88 4.23
CA ASP D 694 -15.92 19.33 4.23
C ASP D 694 -15.03 19.76 3.07
N MET D 695 -13.94 19.01 2.85
CA MET D 695 -13.09 19.24 1.69
C MET D 695 -13.92 19.17 0.41
N ASP D 696 -14.64 18.06 0.22
CA ASP D 696 -15.41 17.87 -1.01
C ASP D 696 -16.51 18.92 -1.15
N ILE D 697 -16.97 19.48 -0.04
CA ILE D 697 -17.94 20.58 -0.09
C ILE D 697 -17.28 21.85 -0.62
N LEU D 698 -16.10 22.19 -0.11
CA LEU D 698 -15.36 23.31 -0.68
C LEU D 698 -15.02 23.06 -2.15
N LYS D 699 -14.62 21.82 -2.48
CA LYS D 699 -14.33 21.38 -3.84
C LYS D 699 -15.55 21.35 -4.74
N HIS D 700 -16.75 21.51 -4.17
CA HIS D 700 -17.97 21.69 -4.94
C HIS D 700 -18.38 23.14 -5.07
N LYS D 701 -18.20 23.92 -3.99
CA LYS D 701 -18.59 25.33 -3.98
C LYS D 701 -18.10 26.05 -5.22
N TRP D 702 -16.82 25.87 -5.59
CA TRP D 702 -16.23 26.54 -6.74
C TRP D 702 -16.33 25.76 -8.03
N TRP D 703 -16.92 24.56 -8.01
CA TRP D 703 -16.92 23.66 -9.17
C TRP D 703 -18.31 23.08 -9.36
N PRO D 704 -19.27 23.93 -9.75
CA PRO D 704 -20.68 23.66 -9.43
C PRO D 704 -21.32 22.57 -10.28
N LYS D 705 -20.61 22.01 -11.27
CA LYS D 705 -21.16 20.97 -12.13
C LYS D 705 -22.48 21.40 -12.76
N ASN D 706 -23.56 20.68 -12.41
CA ASN D 706 -24.92 20.99 -12.87
C ASN D 706 -25.04 20.94 -14.38
N GLY D 707 -26.25 21.24 -14.89
CA GLY D 707 -26.54 21.21 -16.31
C GLY D 707 -26.12 22.42 -17.10
N GLN D 708 -25.36 23.34 -16.49
CA GLN D 708 -25.04 24.60 -17.16
C GLN D 708 -23.99 24.43 -18.25
N CYS D 709 -23.47 23.22 -18.41
CA CYS D 709 -22.39 22.95 -19.36
C CYS D 709 -22.86 23.13 -20.80
N ASP D 710 -21.90 23.23 -21.70
CA ASP D 710 -22.17 23.07 -23.13
C ASP D 710 -22.65 21.64 -23.39
#